data_8GBT
#
_entry.id   8GBT
#
_cell.length_a   178.300
_cell.length_b   189.000
_cell.length_c   209.000
_cell.angle_alpha   90.000
_cell.angle_beta   90.000
_cell.angle_gamma   90.000
#
_symmetry.space_group_name_H-M   'P 21 21 21'
#
loop_
_entity.id
_entity.type
_entity.pdbx_description
1 polymer 'Cytochrome c oxidase subunit 1'
2 polymer 'Cytochrome c oxidase subunit 2'
3 polymer 'Cytochrome c oxidase subunit 3'
4 polymer 'Cytochrome c oxidase subunit 4 isoform 1, mitochondrial'
5 polymer 'Cytochrome c oxidase subunit 5A, mitochondrial'
6 polymer 'Cytochrome c oxidase subunit 5B, mitochondrial'
7 polymer 'Cytochrome c oxidase subunit 6A2, mitochondrial'
8 polymer 'Cytochrome c oxidase subunit 6B1'
9 polymer 'Cytochrome c oxidase subunit 6C'
10 polymer 'Cytochrome c oxidase subunit 7A1, mitochondrial'
11 polymer 'Cytochrome c oxidase subunit 7B, mitochondrial'
12 polymer 'Cytochrome c oxidase subunit 7C, mitochondrial'
13 polymer 'Cytochrome c oxidase subunit 8B, mitochondrial'
14 non-polymer HEME-A
15 non-polymer 'COPPER (II) ION'
16 non-polymer 'MAGNESIUM ION'
17 non-polymer 'SODIUM ION'
18 non-polymer TRISTEAROYLGLYCEROL
19 non-polymer '(1R)-2-{[{[(2S)-2,3-DIHYDROXYPROPYL]OXY}(HYDROXY)PHOSPHORYL]OXY}-1-[(PALMITOYLOXY)METHYL]ETHYL (11E)-OCTADEC-11-ENOATE'
20 non-polymer 'CARBON MONOXIDE'
21 non-polymer 'DINUCLEAR COPPER ION'
22 non-polymer 'CHOLIC ACID'
23 non-polymer 'HYDROXIDE ION'
24 non-polymer CARDIOLIPIN
25 non-polymer '(7R,17E,20E)-4-HYDROXY-N,N,N-TRIMETHYL-9-OXO-7-[(PALMITOYLOXY)METHYL]-3,5,8-TRIOXA-4-PHOSPHAHEXACOSA-17,20-DIEN-1-AMINIUM 4-OXIDE'
26 non-polymer 'ZINC ION'
27 non-polymer '(1S)-2-{[(2-AMINOETHOXY)(HYDROXY)PHOSPHORYL]OXY}-1-[(STEAROYLOXY)METHYL]ETHYL (5E,8E,11E,14E)-ICOSA-5,8,11,14-TETRAENOATE'
28 non-polymer DECYL-BETA-D-MALTOPYRANOSIDE
29 non-polymer N-ACETYL-SERINE
30 water water
#
loop_
_entity_poly.entity_id
_entity_poly.type
_entity_poly.pdbx_seq_one_letter_code
_entity_poly.pdbx_strand_id
1 'polypeptide(L)'
;(FME)FINRWLFSTNHKDIGTLYLLFGAWAGMVGTALSLLIRAELGQPGTLLGDDQIYNVVVTAHAFVMIFFMVMPIMIG
GFGNWLVPLMIGAPDMAFPRMNNMSFWLLPPSFLLLLASSMVEAGAGTGWTVYPPLAGNLAHAGASVDLTIFSLHLAGVS
SILGAINFITTIINMKPPAMSQYQTPLFVWSVMITAVLLLLSLPVLAAGITMLLTDRNLNTTFFDPAGGGDPILYQHLFW
FFGHPEVYILILPGFGMISHIVTYYSGKKEPFGYMGMVWAMMSIGFLGFIVWAHHMFTVGMDVDTRAYFTSATMIIAIPT
GVKVFSWLATLHGGNIKWSPAMMWALGFIFLFTVGGLTGIVLANSSLDIVLHDTYYVVAHFHYVLSMGAVFAIMGGFVHW
FPLFSGYTLNDTWAKIHFAIMFVGVNMTFFPQHFLGLSGMPRRYSDYPDAYTMWNTISSMGSFISLTAVMLMVFIIWEAF
ASKREVLTVDLTTTNLEWLNGCPPPYHTFEEPTYVNLK
;
A,N
2 'polypeptide(L)'
;(FME)AYPMQLGFQDATSPIMEELLHFHDHTLMIVFLISSLVLYIISLMLTTKLTHTSTMDAQEVETIWTILPAIILILI
ALPSLRILYMMDEINNPSLTVKTMGHQWYWSYEYTDYEDLSFDSYMIPTSELKPGELRLLEVDNRVVLPMEMTIRMLVSS
EDVLHSWAVPSLGLKTDAIPGRLNQTTLMSSRPGLYYGQCSEICGSNHSFMPIVLELVPLKYFEKWSASML
;
B,O
3 'polypeptide(L)'
;MTHQTHAYHMVNPSPWPLTGALSALLMTSGLTMWFHFNSMTLLMIGLTTNMLTMYQWWRDVIRESTFQGHHTPAVQKGLR
YGMILFIISEVLFFTGFFWAFYHSSLAPTPELGGCWPPTGIHPLNPLEVPLLNTSVLLASGVSITWAHHSLMEGDRKHML
QALFITITLGVYFTLLQASEYYEAPFTISDGVYGSTFFVATGFHGLHVIIGSTFLIVCFFRQLKFHFTSNHHFGFEAAAW
YWHFVDVVWLFLYVSIYWWGS
;
C,P
4 'polypeptide(L)'
;AHGSVVKSEDYALPSYVDRRDYPLPDVAHVKNLSASQKALKEKEKASWSSLSIDEKVELYRLKFKESFAEMNRSTNEWKT
VVGAAMFFIGFTALLLIWEKHYVYGPIPHTFEEEWVAKQTKRMLDMKVAPIQGFSAKWDYDKNEWKK
;
D,Q
5 'polypeptide(L)'
;SHGSHETDEEFDARWVTYFNKPDIDAWELRKGMNTLVGYDLVPEPKIIDAALRACRRLNDFASAVRILEVVKDKAGPHKE
IYPYVIQELRPTLNELGISTPEELGLDKV
;
E,R
6 'polypeptide(L)'
;ASGGGVPTDEEQATGLEREVMLAARKGQDPYNILAPKATSGTKEDPNLVPSITNKRIVGCICEEDNSTVIWFWLHKGEAQ
RCPSCGTHYKLVPHQLAH
;
F,S
7 'polypeptide(L)'
;ASAAKGDHGG(TPO)GARTWRFLTFGLALPSVALCTLNSWLHSGHRERPAFIPYHHLRIRTKPFSWGDGNHTFFHNPRVN
PLPTGYEKP
;
G,T
8 'polypeptide(L)'
;AEDIQAKIKNYQTAPFDSRFPNQNQTRNCWQNYLDFHRCEKAMTAKGGDVSVCEWYRRVYKSLCPISWVSTWDDRRAEGT
FPGKI
;
H,U
9 'polypeptide(L)' (SAC)TALAKPQMRGLLARRLRFHIVGAFMVSLGFATFYKFAVAEKRKKAYADFYRNYDSMKDFEEMRKAGIFQSAK I,V
10 'polypeptide(L)' FENRVAEKQKLFQEDNGLPVHLKGGATDNILYRVTMTLCLGGTLYSLYCLGWASFPHKK J,W
11 'polypeptide(L)' IHQKRAPDFHDKYGNAVLASGATFCVAVWVYMATQIGIEWNPSPVGRVTPKEWREQ K,X
12 'polypeptide(L)' SHYEEGPGKNIPFSVENKWRLLAMMTLFFGSGFAAPFFIVRHQLLKK L,Y
13 'polypeptide(L)' ITAKPAKTPTSPKEQAIGLSVTFLSFLLPAGWVLYHLDNYKKSSAA M,Z
#
loop_
_chem_comp.id
_chem_comp.type
_chem_comp.name
_chem_comp.formula
CDL non-polymer CARDIOLIPIN 'C81 H156 O17 P2 -2'
CHD non-polymer 'CHOLIC ACID' 'C24 H40 O5'
CMO non-polymer 'CARBON MONOXIDE' 'C O'
CU non-polymer 'COPPER (II) ION' 'Cu 2'
CUA non-polymer 'DINUCLEAR COPPER ION' Cu2
DMU D-saccharide DECYL-BETA-D-MALTOPYRANOSIDE 'C22 H42 O11'
HEA non-polymer HEME-A 'C49 H56 Fe N4 O6'
MG non-polymer 'MAGNESIUM ION' 'Mg 2'
NA non-polymer 'SODIUM ION' 'Na 1'
OH non-polymer 'HYDROXIDE ION' 'H O -1'
PEK non-polymer '(1S)-2-{[(2-AMINOETHOXY)(HYDROXY)PHOSPHORYL]OXY}-1-[(STEAROYLOXY)METHYL]ETHYL (5E,8E,11E,14E)-ICOSA-5,8,11,14-TETRAENOATE' 'C43 H78 N O8 P'
PGV non-polymer '(1R)-2-{[{[(2S)-2,3-DIHYDROXYPROPYL]OXY}(HYDROXY)PHOSPHORYL]OXY}-1-[(PALMITOYLOXY)METHYL]ETHYL (11E)-OCTADEC-11-ENOATE' 'C40 H77 O10 P'
PSC non-polymer '(7R,17E,20E)-4-HYDROXY-N,N,N-TRIMETHYL-9-OXO-7-[(PALMITOYLOXY)METHYL]-3,5,8-TRIOXA-4-PHOSPHAHEXACOSA-17,20-DIEN-1-AMINIUM 4-OXIDE' 'C42 H81 N O8 P 1'
TGL non-polymer TRISTEAROYLGLYCEROL 'C57 H110 O6'
ZN non-polymer 'ZINC ION' 'Zn 2'
#
# COMPACT_ATOMS: atom_id res chain seq x y z
N FME A 1 -0.01 29.77 -45.01
CN FME A 1 -1.15 29.44 -44.40
O1 FME A 1 -2.22 30.02 -44.53
CA FME A 1 1.24 29.78 -44.29
CB FME A 1 2.38 30.48 -45.05
CG FME A 1 3.41 29.51 -45.58
SD FME A 1 2.63 28.08 -46.42
CE FME A 1 3.02 26.74 -45.30
C FME A 1 1.03 30.41 -42.94
O FME A 1 1.35 29.84 -41.91
N PHE A 2 0.42 31.60 -42.95
CA PHE A 2 0.13 32.24 -41.68
C PHE A 2 -0.54 31.24 -40.75
N ILE A 3 -1.60 30.57 -41.22
CA ILE A 3 -2.36 29.59 -40.40
C ILE A 3 -1.43 28.44 -40.01
N ASN A 4 -0.98 27.62 -40.96
CA ASN A 4 -0.13 26.45 -40.67
C ASN A 4 0.99 26.84 -39.70
N ARG A 5 1.47 28.09 -39.75
CA ARG A 5 2.65 28.49 -38.95
C ARG A 5 2.24 28.86 -37.52
N TRP A 6 1.12 29.60 -37.35
CA TRP A 6 0.77 30.41 -36.16
C TRP A 6 -0.53 29.94 -35.49
N LEU A 7 -1.39 29.19 -36.16
CA LEU A 7 -2.56 28.55 -35.49
C LEU A 7 -2.35 27.05 -35.31
N PHE A 8 -1.53 26.42 -36.17
CA PHE A 8 -1.33 24.96 -36.14
C PHE A 8 0.13 24.66 -35.76
N SER A 9 0.85 25.60 -35.11
CA SER A 9 2.28 25.38 -34.77
C SER A 9 2.46 24.05 -34.05
N THR A 10 3.56 23.37 -34.38
CA THR A 10 4.13 22.23 -33.62
C THR A 10 5.61 22.54 -33.47
N ASN A 11 5.93 23.79 -33.15
CA ASN A 11 7.30 24.32 -33.05
C ASN A 11 7.45 25.08 -31.74
N HIS A 12 8.24 24.54 -30.81
CA HIS A 12 8.47 25.12 -29.46
C HIS A 12 8.82 26.63 -29.54
N LYS A 13 9.52 27.07 -30.58
CA LYS A 13 9.98 28.48 -30.73
C LYS A 13 8.78 29.39 -31.00
N ASP A 14 7.96 29.03 -32.00
CA ASP A 14 6.78 29.82 -32.46
C ASP A 14 5.75 29.88 -31.32
N ILE A 15 5.54 28.75 -30.64
CA ILE A 15 4.57 28.66 -29.49
C ILE A 15 5.07 29.54 -28.34
N GLY A 16 6.37 29.52 -28.06
CA GLY A 16 7.00 30.44 -27.11
C GLY A 16 6.67 31.89 -27.42
N THR A 17 6.84 32.29 -28.69
CA THR A 17 6.59 33.67 -29.20
C THR A 17 5.11 34.03 -29.00
N LEU A 18 4.18 33.12 -29.32
CA LEU A 18 2.73 33.24 -29.01
C LEU A 18 2.56 33.57 -27.50
N TYR A 19 3.11 32.76 -26.61
CA TYR A 19 2.97 32.98 -25.14
C TYR A 19 3.46 34.37 -24.74
N LEU A 20 4.60 34.83 -25.26
CA LEU A 20 5.20 36.15 -24.94
C LEU A 20 4.24 37.28 -25.33
N LEU A 21 3.56 37.15 -26.48
CA LEU A 21 2.58 38.15 -26.98
C LEU A 21 1.36 38.16 -26.06
N PHE A 22 0.90 36.98 -25.66
CA PHE A 22 -0.25 36.85 -24.74
C PHE A 22 0.07 37.65 -23.47
N GLY A 23 1.11 37.24 -22.76
CA GLY A 23 1.53 37.84 -21.48
C GLY A 23 1.72 39.34 -21.59
N ALA A 24 2.39 39.81 -22.64
CA ALA A 24 2.65 41.24 -22.85
C ALA A 24 1.31 41.97 -22.93
N TRP A 25 0.34 41.43 -23.67
CA TRP A 25 -1.02 42.02 -23.82
C TRP A 25 -1.68 42.02 -22.44
N ALA A 26 -1.95 40.82 -21.93
CA ALA A 26 -2.59 40.58 -20.62
C ALA A 26 -1.96 41.54 -19.60
N GLY A 27 -0.64 41.69 -19.66
CA GLY A 27 0.14 42.59 -18.79
C GLY A 27 -0.42 44.00 -18.81
N MET A 28 -0.74 44.51 -20.00
CA MET A 28 -1.34 45.86 -20.13
C MET A 28 -2.70 45.85 -19.40
N VAL A 29 -3.53 44.83 -19.61
CA VAL A 29 -4.81 44.67 -18.85
C VAL A 29 -4.51 44.71 -17.35
N GLY A 30 -3.60 43.86 -16.88
CA GLY A 30 -3.22 43.71 -15.46
C GLY A 30 -2.82 45.05 -14.86
N THR A 31 -1.97 45.79 -15.57
CA THR A 31 -1.44 47.14 -15.22
C THR A 31 -2.56 48.16 -15.10
N ALA A 32 -3.50 48.21 -16.04
CA ALA A 32 -4.55 49.25 -16.08
C ALA A 32 -5.45 49.06 -14.85
N LEU A 33 -5.79 47.81 -14.55
CA LEU A 33 -6.52 47.46 -13.30
C LEU A 33 -5.73 47.99 -12.10
N SER A 34 -4.41 47.75 -12.05
CA SER A 34 -3.53 48.15 -10.92
C SER A 34 -3.58 49.67 -10.73
N LEU A 35 -3.76 50.46 -11.79
CA LEU A 35 -3.86 51.93 -11.69
C LEU A 35 -5.27 52.32 -11.23
N LEU A 36 -6.31 51.64 -11.73
CA LEU A 36 -7.72 51.81 -11.28
C LEU A 36 -7.85 51.54 -9.77
N ILE A 37 -7.08 50.58 -9.23
CA ILE A 37 -7.02 50.33 -7.76
C ILE A 37 -6.45 51.57 -7.05
N ARG A 38 -5.40 52.17 -7.59
CA ARG A 38 -4.61 53.21 -6.88
C ARG A 38 -5.22 54.61 -7.10
N ALA A 39 -5.99 54.80 -8.19
CA ALA A 39 -6.71 56.06 -8.48
C ALA A 39 -7.85 56.23 -7.47
N GLU A 40 -8.54 55.13 -7.16
CA GLU A 40 -9.66 55.03 -6.19
C GLU A 40 -9.13 55.39 -4.79
N LEU A 41 -7.90 54.96 -4.49
CA LEU A 41 -7.24 55.06 -3.16
C LEU A 41 -6.35 56.30 -3.07
N GLY A 42 -6.11 56.98 -4.19
CA GLY A 42 -5.14 58.09 -4.32
C GLY A 42 -5.56 59.34 -3.57
N GLN A 43 -6.85 59.47 -3.26
CA GLN A 43 -7.34 60.47 -2.28
C GLN A 43 -8.52 59.88 -1.51
N PRO A 44 -8.85 60.50 -0.35
CA PRO A 44 -10.02 60.13 0.43
C PRO A 44 -11.29 60.38 -0.38
N GLY A 45 -12.32 59.57 -0.12
CA GLY A 45 -13.59 59.59 -0.86
C GLY A 45 -13.68 58.38 -1.77
N THR A 46 -14.86 58.13 -2.33
CA THR A 46 -15.08 57.01 -3.28
C THR A 46 -15.08 57.63 -4.68
N LEU A 47 -14.25 57.09 -5.58
CA LEU A 47 -14.03 57.57 -6.96
C LEU A 47 -14.98 56.84 -7.93
N LEU A 48 -15.01 55.51 -7.89
CA LEU A 48 -15.90 54.71 -8.75
C LEU A 48 -17.35 54.79 -8.23
N GLY A 49 -17.55 55.23 -6.97
CA GLY A 49 -18.88 55.44 -6.36
C GLY A 49 -19.67 54.15 -6.29
N ASP A 50 -18.99 53.02 -6.47
CA ASP A 50 -19.58 51.66 -6.50
C ASP A 50 -18.48 50.69 -6.05
N ASP A 51 -18.55 50.26 -4.80
CA ASP A 51 -17.45 49.52 -4.13
C ASP A 51 -17.43 48.10 -4.68
N GLN A 52 -18.58 47.55 -5.07
CA GLN A 52 -18.66 46.22 -5.73
C GLN A 52 -17.76 46.21 -6.98
N ILE A 53 -17.70 47.32 -7.73
CA ILE A 53 -16.80 47.45 -8.93
C ILE A 53 -15.35 47.43 -8.44
N TYR A 54 -15.02 48.23 -7.43
CA TYR A 54 -13.63 48.27 -6.89
C TYR A 54 -13.17 46.83 -6.59
N ASN A 55 -14.04 46.00 -6.01
CA ASN A 55 -13.74 44.60 -5.60
C ASN A 55 -13.50 43.74 -6.84
N VAL A 56 -14.31 43.93 -7.88
CA VAL A 56 -14.15 43.27 -9.22
C VAL A 56 -12.74 43.59 -9.80
N VAL A 57 -12.39 44.88 -9.85
CA VAL A 57 -11.11 45.42 -10.40
C VAL A 57 -9.93 44.79 -9.65
N VAL A 58 -10.00 44.77 -8.32
CA VAL A 58 -8.99 44.13 -7.44
C VAL A 58 -8.85 42.64 -7.82
N THR A 59 -9.99 41.93 -7.90
CA THR A 59 -10.06 40.46 -8.12
C THR A 59 -9.48 40.12 -9.50
N ALA A 60 -9.95 40.84 -10.54
CA ALA A 60 -9.49 40.71 -11.94
C ALA A 60 -7.99 40.95 -11.99
N HIS A 61 -7.54 42.00 -11.32
CA HIS A 61 -6.12 42.44 -11.30
C HIS A 61 -5.19 41.26 -10.96
N ALA A 62 -5.52 40.48 -9.93
CA ALA A 62 -4.68 39.36 -9.43
C ALA A 62 -4.80 38.15 -10.34
N PHE A 63 -5.97 37.88 -10.92
CA PHE A 63 -6.13 36.73 -11.83
C PHE A 63 -5.29 37.00 -13.07
N VAL A 64 -5.54 38.12 -13.74
CA VAL A 64 -4.79 38.58 -14.96
C VAL A 64 -3.28 38.46 -14.69
N MET A 65 -2.78 39.14 -13.66
CA MET A 65 -1.33 39.30 -13.39
C MET A 65 -0.72 37.94 -13.03
N ILE A 66 -1.43 37.06 -12.33
CA ILE A 66 -0.89 35.73 -11.96
C ILE A 66 -0.97 34.80 -13.17
N PHE A 67 -2.18 34.50 -13.66
CA PHE A 67 -2.44 33.32 -14.54
C PHE A 67 -2.23 33.69 -16.01
N PHE A 68 -2.45 34.96 -16.38
CA PHE A 68 -2.43 35.44 -17.80
C PHE A 68 -1.24 36.36 -18.11
N MET A 69 -0.41 36.75 -17.14
CA MET A 69 0.85 37.49 -17.42
C MET A 69 2.07 36.70 -16.94
N VAL A 70 2.27 36.52 -15.63
CA VAL A 70 3.52 35.93 -15.05
C VAL A 70 3.68 34.47 -15.52
N MET A 71 2.65 33.63 -15.40
CA MET A 71 2.78 32.16 -15.67
C MET A 71 3.02 31.92 -17.16
N PRO A 72 2.25 32.52 -18.10
CA PRO A 72 2.52 32.37 -19.53
C PRO A 72 3.90 32.82 -20.03
N ILE A 73 4.38 33.98 -19.58
CA ILE A 73 5.69 34.56 -19.99
C ILE A 73 6.81 33.64 -19.49
N MET A 74 6.80 33.28 -18.21
CA MET A 74 7.90 32.49 -17.58
C MET A 74 7.89 31.05 -18.09
N ILE A 75 6.78 30.33 -17.95
CA ILE A 75 6.72 28.87 -18.23
C ILE A 75 6.38 28.66 -19.71
N GLY A 76 5.31 29.32 -20.19
CA GLY A 76 4.90 29.23 -21.59
C GLY A 76 5.94 29.85 -22.50
N GLY A 77 6.29 31.11 -22.24
CA GLY A 77 7.17 31.94 -23.09
C GLY A 77 8.63 31.49 -23.04
N PHE A 78 9.38 31.92 -22.03
CA PHE A 78 10.83 31.59 -21.88
C PHE A 78 11.01 30.08 -21.85
N GLY A 79 10.07 29.33 -21.26
CA GLY A 79 10.20 27.88 -21.05
C GLY A 79 10.24 27.12 -22.36
N ASN A 80 9.31 27.43 -23.28
CA ASN A 80 9.23 26.76 -24.62
C ASN A 80 10.40 27.17 -25.51
N TRP A 81 10.77 28.44 -25.53
CA TRP A 81 11.92 28.93 -26.31
C TRP A 81 13.19 28.19 -25.86
N LEU A 82 13.46 28.18 -24.55
CA LEU A 82 14.83 27.95 -24.00
C LEU A 82 15.06 26.48 -23.64
N VAL A 83 14.10 25.81 -23.00
CA VAL A 83 14.32 24.46 -22.45
C VAL A 83 14.89 23.57 -23.55
N PRO A 84 14.23 23.45 -24.74
CA PRO A 84 14.73 22.59 -25.83
C PRO A 84 16.13 23.01 -26.32
N LEU A 85 16.37 24.31 -26.45
CA LEU A 85 17.68 24.86 -26.91
C LEU A 85 18.78 24.55 -25.89
N MET A 86 18.46 24.61 -24.60
CA MET A 86 19.47 24.41 -23.53
C MET A 86 19.83 22.93 -23.36
N ILE A 87 19.03 21.99 -23.89
CA ILE A 87 19.30 20.52 -23.77
C ILE A 87 19.45 19.88 -25.15
N GLY A 88 19.64 20.68 -26.20
CA GLY A 88 19.92 20.16 -27.55
C GLY A 88 18.84 19.20 -28.04
N ALA A 89 17.58 19.49 -27.72
CA ALA A 89 16.36 18.78 -28.16
C ALA A 89 15.79 19.48 -29.39
N PRO A 90 15.31 18.73 -30.41
CA PRO A 90 14.75 19.34 -31.61
C PRO A 90 13.38 20.00 -31.38
N ASP A 91 12.64 19.53 -30.37
CA ASP A 91 11.39 20.17 -29.91
C ASP A 91 11.03 19.62 -28.54
N MET A 92 9.77 19.83 -28.14
CA MET A 92 9.13 19.24 -26.93
C MET A 92 8.61 17.82 -27.24
N ALA A 93 8.41 17.00 -26.20
CA ALA A 93 8.02 15.58 -26.29
C ALA A 93 6.68 15.46 -27.03
N PHE A 94 5.78 16.42 -26.80
CA PHE A 94 4.41 16.46 -27.38
C PHE A 94 4.21 17.81 -28.04
N PRO A 95 4.81 18.04 -29.25
CA PRO A 95 4.82 19.35 -29.90
C PRO A 95 3.43 19.91 -30.23
N ARG A 96 2.43 19.01 -30.36
CA ARG A 96 1.06 19.38 -30.77
C ARG A 96 0.20 19.60 -29.52
N MET A 97 0.35 18.75 -28.50
CA MET A 97 -0.39 18.99 -27.24
C MET A 97 0.05 20.36 -26.72
N ASN A 98 1.33 20.70 -26.92
CA ASN A 98 1.93 21.98 -26.50
C ASN A 98 1.15 23.16 -27.12
N ASN A 99 0.75 23.05 -28.36
CA ASN A 99 -0.05 24.12 -29.00
C ASN A 99 -1.35 24.28 -28.21
N MET A 100 -1.95 23.20 -27.69
CA MET A 100 -3.25 23.27 -26.98
C MET A 100 -3.06 23.96 -25.61
N SER A 101 -1.94 23.72 -24.92
CA SER A 101 -1.54 24.48 -23.71
C SER A 101 -1.70 25.98 -23.97
N PHE A 102 -1.29 26.45 -25.15
CA PHE A 102 -1.27 27.89 -25.49
C PHE A 102 -2.70 28.37 -25.82
N TRP A 103 -3.43 27.63 -26.68
CA TRP A 103 -4.71 28.11 -27.26
C TRP A 103 -5.84 28.09 -26.23
N LEU A 104 -5.71 27.30 -25.16
CA LEU A 104 -6.67 27.30 -24.04
C LEU A 104 -6.69 28.67 -23.32
N LEU A 105 -5.60 29.45 -23.38
CA LEU A 105 -5.46 30.66 -22.53
C LEU A 105 -6.32 31.81 -23.05
N PRO A 106 -6.34 32.12 -24.37
CA PRO A 106 -7.24 33.15 -24.87
C PRO A 106 -8.69 32.94 -24.41
N PRO A 107 -9.33 31.79 -24.73
CA PRO A 107 -10.64 31.47 -24.15
C PRO A 107 -10.68 31.59 -22.61
N SER A 108 -9.75 30.94 -21.89
CA SER A 108 -9.60 31.09 -20.41
C SER A 108 -9.72 32.58 -20.04
N PHE A 109 -9.02 33.46 -20.75
CA PHE A 109 -8.98 34.92 -20.46
C PHE A 109 -10.36 35.50 -20.79
N LEU A 110 -10.88 35.21 -21.99
CA LEU A 110 -12.19 35.73 -22.45
C LEU A 110 -13.24 35.54 -21.34
N LEU A 111 -13.34 34.31 -20.80
CA LEU A 111 -14.28 33.91 -19.73
C LEU A 111 -14.11 34.80 -18.50
N LEU A 112 -12.87 35.12 -18.12
CA LEU A 112 -12.60 36.06 -16.99
C LEU A 112 -13.10 37.45 -17.38
N LEU A 113 -12.64 38.01 -18.50
CA LEU A 113 -13.12 39.34 -18.97
C LEU A 113 -14.64 39.32 -18.95
N ALA A 114 -15.25 38.26 -19.49
CA ALA A 114 -16.71 38.02 -19.53
C ALA A 114 -17.37 38.13 -18.15
N SER A 115 -16.76 37.55 -17.11
CA SER A 115 -17.29 37.54 -15.72
C SER A 115 -17.47 38.96 -15.21
N SER A 116 -16.64 39.91 -15.66
CA SER A 116 -16.69 41.32 -15.19
C SER A 116 -17.72 42.11 -16.00
N MET A 117 -18.09 41.62 -17.18
CA MET A 117 -19.06 42.28 -18.11
C MET A 117 -20.50 42.03 -17.65
N VAL A 118 -20.79 40.78 -17.29
CA VAL A 118 -22.15 40.23 -16.98
C VAL A 118 -22.44 40.55 -15.53
N GLU A 119 -23.71 40.80 -15.20
CA GLU A 119 -24.16 41.07 -13.81
C GLU A 119 -23.29 42.19 -13.23
N ALA A 120 -22.86 42.07 -11.97
CA ALA A 120 -22.05 43.10 -11.28
C ALA A 120 -20.62 42.55 -11.09
N GLY A 121 -20.28 41.45 -11.78
CA GLY A 121 -18.92 40.91 -11.83
C GLY A 121 -18.58 40.14 -10.57
N ALA A 122 -17.42 39.49 -10.54
CA ALA A 122 -16.91 38.69 -9.40
C ALA A 122 -16.07 39.58 -8.46
N GLY A 123 -16.72 40.24 -7.51
CA GLY A 123 -16.07 41.08 -6.48
C GLY A 123 -15.84 40.30 -5.21
N THR A 124 -15.11 39.20 -5.34
CA THR A 124 -14.92 38.14 -4.33
C THR A 124 -13.54 38.23 -3.68
N GLY A 125 -12.58 38.93 -4.31
CA GLY A 125 -11.13 38.72 -4.14
C GLY A 125 -10.67 37.42 -4.79
N TRP A 126 -9.40 37.30 -5.16
CA TRP A 126 -8.91 36.20 -6.03
C TRP A 126 -8.93 34.86 -5.30
N THR A 127 -9.16 34.86 -3.98
CA THR A 127 -9.32 33.65 -3.14
C THR A 127 -10.67 32.96 -3.44
N VAL A 128 -11.68 33.72 -3.85
CA VAL A 128 -13.07 33.24 -4.19
C VAL A 128 -13.62 32.37 -3.05
N TYR A 129 -13.56 32.84 -1.80
CA TYR A 129 -14.13 32.17 -0.59
C TYR A 129 -15.65 32.24 -0.58
N PRO A 130 -16.33 31.10 -0.32
CA PRO A 130 -17.76 31.14 -0.03
C PRO A 130 -17.88 31.54 1.43
N PRO A 131 -19.04 32.00 1.93
CA PRO A 131 -20.25 32.17 1.13
C PRO A 131 -20.33 33.42 0.22
N LEU A 132 -19.39 34.36 0.33
CA LEU A 132 -19.47 35.59 -0.50
C LEU A 132 -19.57 35.15 -1.96
N ALA A 133 -18.73 34.18 -2.33
CA ALA A 133 -18.56 33.60 -3.69
C ALA A 133 -19.71 32.65 -4.04
N GLY A 134 -20.52 32.25 -3.04
CA GLY A 134 -21.72 31.39 -3.19
C GLY A 134 -22.82 32.02 -4.02
N ASN A 135 -23.94 31.30 -4.22
CA ASN A 135 -25.00 31.61 -5.23
C ASN A 135 -26.04 32.58 -4.66
N LEU A 136 -25.80 33.09 -3.46
CA LEU A 136 -26.75 33.93 -2.70
C LEU A 136 -26.22 35.36 -2.58
N ALA A 137 -24.94 35.53 -2.17
CA ALA A 137 -24.23 36.83 -2.07
C ALA A 137 -23.51 37.15 -3.38
N HIS A 138 -23.61 36.27 -4.38
CA HIS A 138 -22.99 36.44 -5.72
C HIS A 138 -23.80 35.63 -6.73
N ALA A 139 -25.11 35.90 -6.74
CA ALA A 139 -26.12 35.31 -7.65
C ALA A 139 -25.71 35.68 -9.07
N GLY A 140 -25.88 34.77 -10.03
CA GLY A 140 -25.60 35.03 -11.45
C GLY A 140 -24.35 34.30 -11.88
N ALA A 141 -23.83 34.64 -13.06
CA ALA A 141 -22.87 33.81 -13.83
C ALA A 141 -21.43 34.33 -13.68
N SER A 142 -21.20 35.54 -13.15
CA SER A 142 -19.86 36.14 -12.93
C SER A 142 -18.88 35.13 -12.32
N VAL A 143 -19.20 34.60 -11.13
CA VAL A 143 -18.31 33.68 -10.37
C VAL A 143 -18.20 32.35 -11.14
N ASP A 144 -19.29 31.86 -11.72
CA ASP A 144 -19.28 30.60 -12.53
C ASP A 144 -18.30 30.80 -13.70
N LEU A 145 -18.37 31.93 -14.40
CA LEU A 145 -17.43 32.28 -15.50
C LEU A 145 -15.99 32.37 -14.98
N THR A 146 -15.76 33.01 -13.83
CA THR A 146 -14.43 33.06 -13.15
C THR A 146 -13.90 31.62 -12.93
N ILE A 147 -14.76 30.71 -12.41
CA ILE A 147 -14.42 29.29 -12.08
C ILE A 147 -13.97 28.55 -13.35
N PHE A 148 -14.68 28.71 -14.45
CA PHE A 148 -14.37 28.06 -15.75
C PHE A 148 -13.08 28.66 -16.30
N SER A 149 -12.99 29.99 -16.37
CA SER A 149 -11.74 30.67 -16.76
C SER A 149 -10.57 29.95 -16.09
N LEU A 150 -10.70 29.68 -14.78
CA LEU A 150 -9.64 29.03 -13.96
C LEU A 150 -9.49 27.57 -14.41
N HIS A 151 -10.58 26.82 -14.58
CA HIS A 151 -10.54 25.42 -15.06
C HIS A 151 -9.65 25.32 -16.32
N LEU A 152 -9.92 26.15 -17.33
CA LEU A 152 -9.17 26.13 -18.63
C LEU A 152 -7.70 26.44 -18.40
N ALA A 153 -7.37 27.54 -17.73
CA ALA A 153 -5.97 27.86 -17.35
C ALA A 153 -5.37 26.64 -16.63
N GLY A 154 -6.14 25.98 -15.75
CA GLY A 154 -5.68 24.82 -14.97
C GLY A 154 -5.23 23.69 -15.89
N VAL A 155 -6.12 23.21 -16.77
CA VAL A 155 -5.86 22.08 -17.70
C VAL A 155 -4.64 22.43 -18.57
N SER A 156 -4.68 23.60 -19.22
CA SER A 156 -3.54 24.18 -19.98
C SER A 156 -2.23 23.94 -19.19
N SER A 157 -2.04 24.59 -18.05
CA SER A 157 -0.84 24.41 -17.20
C SER A 157 -0.55 22.93 -16.85
N ILE A 158 -1.57 22.09 -16.63
CA ILE A 158 -1.33 20.67 -16.29
C ILE A 158 -0.72 19.98 -17.51
N LEU A 159 -1.34 20.15 -18.67
CA LEU A 159 -0.85 19.57 -19.95
C LEU A 159 0.59 20.06 -20.25
N GLY A 160 0.91 21.33 -20.03
CA GLY A 160 2.27 21.88 -20.23
C GLY A 160 3.26 21.28 -19.25
N ALA A 161 2.83 21.02 -18.02
CA ALA A 161 3.69 20.46 -16.94
C ALA A 161 4.10 19.06 -17.36
N ILE A 162 3.18 18.31 -17.96
CA ILE A 162 3.45 16.92 -18.42
C ILE A 162 4.53 16.99 -19.51
N ASN A 163 4.39 17.95 -20.42
CA ASN A 163 5.29 18.20 -21.57
C ASN A 163 6.71 18.53 -21.07
N PHE A 164 6.85 19.51 -20.18
CA PHE A 164 8.18 20.00 -19.73
C PHE A 164 8.91 18.85 -19.06
N ILE A 165 8.23 18.15 -18.15
CA ILE A 165 8.81 17.03 -17.37
C ILE A 165 9.33 16.02 -18.38
N THR A 166 8.43 15.46 -19.18
CA THR A 166 8.71 14.43 -20.21
C THR A 166 9.89 14.87 -21.08
N THR A 167 9.86 16.13 -21.52
CA THR A 167 10.90 16.71 -22.42
C THR A 167 12.24 16.65 -21.69
N ILE A 168 12.28 17.25 -20.52
CA ILE A 168 13.50 17.41 -19.69
C ILE A 168 14.02 16.04 -19.24
N ILE A 169 13.13 15.10 -18.91
CA ILE A 169 13.53 13.75 -18.43
C ILE A 169 14.08 12.94 -19.61
N ASN A 170 13.47 13.03 -20.79
CA ASN A 170 13.62 11.97 -21.82
C ASN A 170 14.42 12.41 -23.05
N MET A 171 14.71 13.70 -23.25
CA MET A 171 15.15 14.21 -24.57
C MET A 171 16.45 15.00 -24.42
N LYS A 172 17.24 14.70 -23.40
CA LYS A 172 18.64 15.17 -23.28
C LYS A 172 19.49 14.30 -24.18
N PRO A 173 20.72 14.73 -24.52
CA PRO A 173 21.73 13.83 -25.05
C PRO A 173 21.79 12.57 -24.17
N PRO A 174 22.03 11.37 -24.75
CA PRO A 174 22.14 10.13 -23.97
C PRO A 174 23.25 10.21 -22.91
N ALA A 175 24.38 10.83 -23.26
CA ALA A 175 25.54 11.06 -22.37
C ALA A 175 25.18 11.95 -21.17
N MET A 176 24.10 12.74 -21.27
CA MET A 176 23.80 13.88 -20.36
C MET A 176 22.99 13.40 -19.15
N SER A 177 23.56 13.54 -17.95
CA SER A 177 22.88 13.33 -16.64
C SER A 177 22.03 14.57 -16.32
N GLN A 178 21.04 14.41 -15.44
CA GLN A 178 20.19 15.51 -14.95
C GLN A 178 21.08 16.57 -14.30
N TYR A 179 22.16 16.12 -13.64
CA TYR A 179 23.08 16.98 -12.86
C TYR A 179 24.07 17.68 -13.81
N GLN A 180 23.70 17.75 -15.09
CA GLN A 180 24.50 18.37 -16.17
C GLN A 180 23.62 19.30 -17.00
N THR A 181 22.35 19.49 -16.61
CA THR A 181 21.42 20.43 -17.29
C THR A 181 21.52 21.76 -16.56
N PRO A 182 21.44 22.90 -17.26
CA PRO A 182 21.49 24.22 -16.63
C PRO A 182 20.37 24.44 -15.60
N LEU A 183 20.56 25.43 -14.72
CA LEU A 183 19.65 25.74 -13.59
C LEU A 183 18.26 26.15 -14.08
N PHE A 184 18.13 26.82 -15.24
CA PHE A 184 16.80 27.30 -15.70
C PHE A 184 15.88 26.10 -15.95
N VAL A 185 16.44 25.02 -16.51
CA VAL A 185 15.69 23.79 -16.92
C VAL A 185 15.24 23.08 -15.65
N TRP A 186 16.17 22.81 -14.74
CA TRP A 186 15.87 22.36 -13.37
C TRP A 186 14.65 23.13 -12.88
N SER A 187 14.77 24.47 -12.83
CA SER A 187 13.73 25.39 -12.28
C SER A 187 12.38 25.08 -12.93
N VAL A 188 12.36 24.83 -14.23
CA VAL A 188 11.09 24.60 -14.97
C VAL A 188 10.60 23.18 -14.67
N MET A 189 11.49 22.20 -14.51
CA MET A 189 11.08 20.81 -14.19
C MET A 189 10.40 20.78 -12.83
N ILE A 190 10.98 21.47 -11.83
CA ILE A 190 10.44 21.51 -10.44
C ILE A 190 9.15 22.35 -10.40
N THR A 191 9.06 23.44 -11.16
CA THR A 191 7.81 24.23 -11.36
C THR A 191 6.76 23.36 -12.05
N ALA A 192 7.15 22.57 -13.04
CA ALA A 192 6.25 21.63 -13.75
C ALA A 192 5.63 20.66 -12.74
N VAL A 193 6.47 20.04 -11.90
CA VAL A 193 6.03 19.05 -10.87
C VAL A 193 5.09 19.73 -9.88
N LEU A 194 5.35 20.98 -9.48
CA LEU A 194 4.46 21.69 -8.54
C LEU A 194 3.07 21.82 -9.19
N LEU A 195 3.02 22.37 -10.40
CA LEU A 195 1.78 22.57 -11.19
C LEU A 195 1.02 21.24 -11.21
N LEU A 196 1.73 20.13 -11.41
CA LEU A 196 1.12 18.79 -11.63
C LEU A 196 0.34 18.39 -10.39
N LEU A 197 0.91 18.55 -9.20
CA LEU A 197 0.33 18.05 -7.93
C LEU A 197 -0.67 19.07 -7.35
N SER A 198 -0.47 20.36 -7.60
CA SER A 198 -1.24 21.49 -7.00
C SER A 198 -2.53 21.76 -7.79
N LEU A 199 -2.47 21.88 -9.12
CA LEU A 199 -3.62 22.42 -9.91
C LEU A 199 -4.80 21.46 -9.86
N PRO A 200 -4.60 20.13 -9.79
CA PRO A 200 -5.71 19.19 -9.58
C PRO A 200 -6.59 19.37 -8.32
N VAL A 201 -6.01 19.80 -7.21
CA VAL A 201 -6.76 20.09 -5.96
C VAL A 201 -7.53 21.41 -6.17
N LEU A 202 -6.94 22.39 -6.87
CA LEU A 202 -7.70 23.62 -7.18
C LEU A 202 -8.95 23.22 -7.95
N ALA A 203 -8.79 22.42 -9.02
CA ALA A 203 -9.89 21.99 -9.91
C ALA A 203 -10.98 21.29 -9.07
N ALA A 204 -10.57 20.41 -8.16
CA ALA A 204 -11.47 19.74 -7.16
C ALA A 204 -12.20 20.82 -6.35
N GLY A 205 -11.43 21.73 -5.74
CA GLY A 205 -11.91 22.80 -4.86
C GLY A 205 -13.00 23.62 -5.52
N ILE A 206 -12.73 24.16 -6.72
CA ILE A 206 -13.65 25.13 -7.38
C ILE A 206 -14.74 24.40 -8.18
N THR A 207 -14.65 23.09 -8.38
CA THR A 207 -15.77 22.26 -8.87
C THR A 207 -16.80 22.18 -7.74
N MET A 208 -16.37 21.69 -6.59
CA MET A 208 -17.20 21.62 -5.38
C MET A 208 -17.82 23.00 -5.15
N LEU A 209 -17.15 24.11 -5.52
CA LEU A 209 -17.77 25.45 -5.42
C LEU A 209 -18.83 25.63 -6.52
N LEU A 210 -18.52 25.21 -7.75
CA LEU A 210 -19.47 25.25 -8.90
C LEU A 210 -20.78 24.55 -8.50
N THR A 211 -20.69 23.34 -7.92
CA THR A 211 -21.83 22.43 -7.60
C THR A 211 -22.64 22.97 -6.40
N ASP A 212 -21.99 23.68 -5.48
CA ASP A 212 -22.69 24.39 -4.39
C ASP A 212 -23.57 25.46 -5.03
N ARG A 213 -23.04 26.16 -6.04
CA ARG A 213 -23.69 27.32 -6.69
C ARG A 213 -24.77 26.87 -7.70
N ASN A 214 -24.79 25.61 -8.13
CA ASN A 214 -25.60 25.18 -9.29
C ASN A 214 -26.23 23.78 -9.14
N LEU A 215 -25.76 22.92 -8.24
CA LEU A 215 -26.26 21.52 -8.15
C LEU A 215 -26.72 21.18 -6.72
N ASN A 216 -26.79 22.19 -5.85
CA ASN A 216 -27.38 22.08 -4.47
C ASN A 216 -26.63 21.02 -3.65
N THR A 217 -25.31 20.95 -3.82
CA THR A 217 -24.36 20.35 -2.83
C THR A 217 -24.11 21.37 -1.72
N THR A 218 -23.63 20.95 -0.56
CA THR A 218 -23.35 21.86 0.57
C THR A 218 -21.95 21.54 1.11
N PHE A 219 -20.98 21.37 0.21
CA PHE A 219 -19.55 21.18 0.57
C PHE A 219 -19.14 22.25 1.59
N PHE A 220 -19.62 23.49 1.37
CA PHE A 220 -19.12 24.73 2.02
C PHE A 220 -20.22 25.49 2.79
N ASP A 221 -21.47 25.00 2.74
CA ASP A 221 -22.68 25.66 3.28
C ASP A 221 -23.10 24.94 4.55
N PRO A 222 -22.90 25.54 5.73
CA PRO A 222 -23.13 24.86 7.01
C PRO A 222 -24.57 24.33 7.18
N ALA A 223 -25.52 24.89 6.43
CA ALA A 223 -26.94 24.50 6.37
C ALA A 223 -27.10 22.98 6.17
N GLY A 224 -26.33 22.42 5.24
CA GLY A 224 -26.36 20.97 4.92
C GLY A 224 -25.27 20.21 5.63
N GLY A 225 -24.47 20.89 6.47
CA GLY A 225 -23.32 20.35 7.21
C GLY A 225 -22.00 20.58 6.49
N GLY A 226 -21.94 21.62 5.66
CA GLY A 226 -20.70 22.06 4.98
C GLY A 226 -19.85 22.89 5.90
N ASP A 227 -18.78 23.45 5.37
CA ASP A 227 -17.72 24.17 6.13
C ASP A 227 -16.99 25.09 5.17
N PRO A 228 -17.14 26.42 5.32
CA PRO A 228 -16.38 27.36 4.48
C PRO A 228 -14.87 27.06 4.56
N ILE A 229 -14.41 26.54 5.69
CA ILE A 229 -12.97 26.28 5.95
C ILE A 229 -12.46 25.15 5.06
N LEU A 230 -13.29 24.15 4.74
CA LEU A 230 -12.88 23.09 3.78
C LEU A 230 -12.28 23.76 2.54
N TYR A 231 -12.98 24.75 1.98
CA TYR A 231 -12.57 25.45 0.74
C TYR A 231 -11.18 26.11 0.91
N GLN A 232 -10.98 26.88 1.98
CA GLN A 232 -9.70 27.60 2.23
C GLN A 232 -8.54 26.59 2.30
N HIS A 233 -8.73 25.43 2.92
CA HIS A 233 -7.67 24.36 2.98
C HIS A 233 -7.30 23.94 1.55
N LEU A 234 -8.32 23.57 0.78
CA LEU A 234 -8.19 23.09 -0.61
C LEU A 234 -7.61 24.21 -1.47
N PHE A 235 -8.24 25.37 -1.45
CA PHE A 235 -7.73 26.53 -2.21
C PHE A 235 -6.24 26.65 -1.90
N TRP A 236 -5.89 26.83 -0.64
CA TRP A 236 -4.50 27.19 -0.24
C TRP A 236 -3.52 26.02 -0.37
N PHE A 237 -4.03 24.77 -0.39
CA PHE A 237 -3.19 23.57 -0.61
C PHE A 237 -2.47 23.78 -1.92
N PHE A 238 -3.21 24.24 -2.92
CA PHE A 238 -2.74 24.75 -4.24
C PHE A 238 -2.10 26.12 -4.09
N GLY A 239 -2.79 27.00 -3.37
CA GLY A 239 -2.44 28.43 -3.25
C GLY A 239 -0.97 28.66 -2.96
N HIS A 240 -0.40 27.96 -1.98
CA HIS A 240 0.99 28.23 -1.57
C HIS A 240 1.95 27.76 -2.64
N PRO A 241 1.87 26.48 -3.09
CA PRO A 241 2.70 25.98 -4.19
C PRO A 241 2.69 26.91 -5.40
N GLU A 242 1.55 27.58 -5.65
CA GLU A 242 1.34 28.54 -6.77
C GLU A 242 2.34 29.70 -6.66
N VAL A 243 2.55 30.24 -5.45
CA VAL A 243 3.47 31.40 -5.24
C VAL A 243 4.89 30.94 -5.58
N TYR A 244 5.19 29.65 -5.40
CA TYR A 244 6.55 29.10 -5.60
C TYR A 244 6.69 28.80 -7.08
N ILE A 245 5.64 28.24 -7.68
CA ILE A 245 5.46 28.11 -9.16
C ILE A 245 5.77 29.46 -9.83
N LEU A 246 5.28 30.56 -9.27
CA LEU A 246 5.48 31.92 -9.84
C LEU A 246 6.94 32.39 -9.69
N ILE A 247 7.69 31.97 -8.67
CA ILE A 247 9.06 32.53 -8.48
C ILE A 247 10.15 31.59 -9.02
N LEU A 248 9.87 30.30 -9.23
CA LEU A 248 10.92 29.27 -9.42
C LEU A 248 11.60 29.47 -10.78
N PRO A 249 10.84 29.65 -11.90
CA PRO A 249 11.46 30.03 -13.17
C PRO A 249 12.24 31.35 -13.09
N GLY A 250 11.82 32.27 -12.22
CA GLY A 250 12.55 33.53 -11.97
C GLY A 250 13.96 33.30 -11.42
N PHE A 251 14.11 32.36 -10.48
CA PHE A 251 15.40 31.91 -9.88
C PHE A 251 16.34 31.34 -10.97
N GLY A 252 15.81 30.46 -11.82
CA GLY A 252 16.47 29.95 -13.04
C GLY A 252 17.07 31.09 -13.84
N MET A 253 16.24 32.00 -14.33
CA MET A 253 16.67 33.13 -15.21
C MET A 253 17.74 33.96 -14.48
N ILE A 254 17.52 34.31 -13.22
CA ILE A 254 18.51 35.14 -12.48
C ILE A 254 19.84 34.38 -12.49
N SER A 255 19.87 33.17 -11.94
CA SER A 255 21.04 32.23 -11.92
C SER A 255 21.85 32.38 -13.21
N HIS A 256 21.17 32.21 -14.35
CA HIS A 256 21.71 32.38 -15.72
C HIS A 256 22.27 33.79 -15.89
N ILE A 257 21.44 34.81 -15.69
CA ILE A 257 21.84 36.23 -15.95
C ILE A 257 23.05 36.56 -15.07
N VAL A 258 22.91 36.49 -13.75
CA VAL A 258 24.01 36.81 -12.79
C VAL A 258 25.29 36.08 -13.24
N THR A 259 25.17 34.83 -13.72
CA THR A 259 26.35 34.02 -14.15
C THR A 259 26.91 34.62 -15.43
N TYR A 260 26.09 34.82 -16.44
CA TYR A 260 26.51 35.31 -17.77
C TYR A 260 27.23 36.65 -17.65
N TYR A 261 26.66 37.60 -16.92
CA TYR A 261 27.12 39.01 -16.90
C TYR A 261 28.25 39.18 -15.88
N SER A 262 28.68 38.07 -15.26
CA SER A 262 29.89 38.01 -14.41
C SER A 262 31.05 37.39 -15.22
N GLY A 263 30.74 36.83 -16.40
CA GLY A 263 31.70 36.12 -17.25
C GLY A 263 32.21 34.87 -16.57
N LYS A 264 31.35 34.22 -15.77
CA LYS A 264 31.60 32.87 -15.20
C LYS A 264 31.15 31.82 -16.21
N LYS A 265 31.79 30.65 -16.19
CA LYS A 265 31.38 29.51 -17.05
C LYS A 265 30.19 28.82 -16.38
N GLU A 266 29.96 29.05 -15.08
CA GLU A 266 28.88 28.38 -14.32
C GLU A 266 28.53 29.13 -13.03
N PRO A 267 27.28 28.97 -12.51
CA PRO A 267 26.88 29.55 -11.24
C PRO A 267 27.61 28.81 -10.11
N PHE A 268 27.95 29.56 -9.07
CA PHE A 268 28.52 29.04 -7.82
C PHE A 268 27.51 28.05 -7.22
N GLY A 269 28.01 26.91 -6.76
CA GLY A 269 27.23 25.97 -5.92
C GLY A 269 26.04 25.37 -6.65
N TYR A 270 26.26 24.92 -7.88
CA TYR A 270 25.24 24.36 -8.81
C TYR A 270 24.41 23.29 -8.08
N MET A 271 25.05 22.27 -7.51
CA MET A 271 24.29 21.19 -6.81
C MET A 271 23.49 21.78 -5.64
N GLY A 272 24.06 22.76 -4.94
CA GLY A 272 23.35 23.53 -3.89
C GLY A 272 22.06 24.15 -4.40
N MET A 273 22.13 24.78 -5.58
CA MET A 273 20.99 25.49 -6.23
C MET A 273 19.88 24.51 -6.62
N VAL A 274 20.26 23.33 -7.11
CA VAL A 274 19.32 22.18 -7.32
C VAL A 274 18.70 21.82 -5.96
N TRP A 275 19.50 21.36 -5.00
CA TRP A 275 19.04 21.03 -3.63
C TRP A 275 18.10 22.12 -3.07
N ALA A 276 18.39 23.39 -3.30
CA ALA A 276 17.55 24.50 -2.80
C ALA A 276 16.19 24.50 -3.50
N MET A 277 16.19 24.33 -4.82
CA MET A 277 14.92 24.42 -5.59
C MET A 277 14.07 23.18 -5.35
N MET A 278 14.67 22.00 -5.14
CA MET A 278 13.93 20.76 -4.75
C MET A 278 13.39 20.93 -3.31
N SER A 279 14.20 21.51 -2.45
CA SER A 279 13.85 21.80 -1.04
C SER A 279 12.63 22.72 -1.00
N ILE A 280 12.67 23.84 -1.71
CA ILE A 280 11.55 24.84 -1.75
C ILE A 280 10.31 24.11 -2.30
N GLY A 281 10.47 23.49 -3.46
CA GLY A 281 9.43 22.66 -4.11
C GLY A 281 8.72 21.81 -3.08
N PHE A 282 9.48 21.14 -2.21
CA PHE A 282 8.97 20.11 -1.26
C PHE A 282 8.34 20.79 -0.02
N LEU A 283 9.03 21.74 0.60
CA LEU A 283 8.48 22.40 1.82
C LEU A 283 7.25 23.22 1.43
N GLY A 284 7.20 23.70 0.18
CA GLY A 284 6.05 24.43 -0.40
C GLY A 284 4.71 23.71 -0.27
N PHE A 285 4.71 22.38 -0.12
CA PHE A 285 3.48 21.54 -0.07
C PHE A 285 2.97 21.32 1.36
N ILE A 286 3.70 21.74 2.42
CA ILE A 286 3.35 21.38 3.82
C ILE A 286 3.12 22.63 4.69
N VAL A 287 2.89 23.82 4.11
CA VAL A 287 2.94 25.13 4.86
C VAL A 287 1.64 25.95 4.72
N TRP A 288 0.63 25.41 4.02
CA TRP A 288 -0.41 26.23 3.34
C TRP A 288 -1.20 27.09 4.33
N ALA A 289 -1.42 26.61 5.56
CA ALA A 289 -2.39 27.19 6.53
C ALA A 289 -1.79 28.38 7.28
N HIS A 290 -0.62 28.89 6.89
CA HIS A 290 -0.17 30.24 7.30
C HIS A 290 -1.11 31.27 6.66
N HIS A 291 -1.90 30.86 5.66
CA HIS A 291 -2.93 31.71 5.01
C HIS A 291 -4.23 31.67 5.82
N MET A 292 -4.28 30.92 6.93
CA MET A 292 -5.53 30.60 7.66
C MET A 292 -5.30 30.71 9.17
N PHE A 293 -4.47 31.69 9.57
CA PHE A 293 -3.95 31.87 10.96
C PHE A 293 -4.97 32.59 11.86
N THR A 294 -6.16 32.91 11.34
CA THR A 294 -7.26 33.66 12.03
C THR A 294 -8.61 32.94 11.92
N VAL A 295 -8.67 31.74 11.36
CA VAL A 295 -9.96 31.01 11.10
C VAL A 295 -10.34 30.18 12.33
N GLY A 296 -9.44 30.08 13.32
CA GLY A 296 -9.66 29.37 14.58
C GLY A 296 -9.30 27.89 14.53
N MET A 297 -8.17 27.53 13.90
CA MET A 297 -7.55 26.20 14.05
C MET A 297 -6.82 26.12 15.39
N ASP A 298 -6.43 24.91 15.80
CA ASP A 298 -5.77 24.60 17.10
C ASP A 298 -4.46 25.39 17.22
N VAL A 299 -4.12 25.79 18.44
CA VAL A 299 -2.82 26.45 18.80
C VAL A 299 -1.66 25.53 18.39
N ASP A 300 -1.84 24.21 18.39
CA ASP A 300 -0.75 23.26 18.05
C ASP A 300 -0.51 23.24 16.53
N THR A 301 -1.58 23.10 15.76
CA THR A 301 -1.57 23.23 14.29
C THR A 301 -0.94 24.58 13.89
N ARG A 302 -1.34 25.68 14.53
CA ARG A 302 -0.81 27.05 14.27
C ARG A 302 0.68 27.11 14.62
N ALA A 303 1.09 26.43 15.68
CA ALA A 303 2.52 26.31 16.07
C ALA A 303 3.28 25.56 14.97
N TYR A 304 2.75 24.42 14.51
CA TYR A 304 3.43 23.60 13.48
C TYR A 304 3.60 24.47 12.24
N PHE A 305 2.50 25.05 11.77
CA PHE A 305 2.44 25.71 10.45
C PHE A 305 3.40 26.90 10.44
N THR A 306 3.58 27.53 11.61
CA THR A 306 4.57 28.59 11.83
C THR A 306 5.96 27.99 11.68
N SER A 307 6.28 26.96 12.46
CA SER A 307 7.65 26.38 12.52
C SER A 307 8.04 25.86 11.13
N ALA A 308 7.11 25.27 10.38
CA ALA A 308 7.41 24.63 9.07
C ALA A 308 7.66 25.70 7.99
N THR A 309 6.88 26.79 7.98
CA THR A 309 7.04 27.94 7.05
C THR A 309 8.45 28.51 7.19
N MET A 310 9.02 28.51 8.39
CA MET A 310 10.29 29.24 8.69
C MET A 310 11.45 28.56 7.98
N ILE A 311 11.40 27.23 7.82
CA ILE A 311 12.53 26.41 7.32
C ILE A 311 12.83 26.77 5.85
N ILE A 312 11.81 27.10 5.06
CA ILE A 312 11.96 27.58 3.65
C ILE A 312 13.06 28.64 3.54
N ALA A 313 13.20 29.52 4.54
CA ALA A 313 14.24 30.58 4.57
C ALA A 313 15.62 29.95 4.29
N ILE A 314 15.89 28.75 4.83
CA ILE A 314 17.23 28.09 4.71
C ILE A 314 17.52 27.83 3.24
N PRO A 315 16.77 26.96 2.54
CA PRO A 315 17.06 26.66 1.13
C PRO A 315 17.08 27.96 0.32
N THR A 316 16.04 28.79 0.44
CA THR A 316 15.91 30.09 -0.28
C THR A 316 17.16 30.95 -0.06
N GLY A 317 17.67 30.99 1.17
CA GLY A 317 18.92 31.71 1.51
C GLY A 317 20.10 31.18 0.72
N VAL A 318 20.27 29.86 0.64
CA VAL A 318 21.38 29.23 -0.12
C VAL A 318 21.46 29.89 -1.49
N LYS A 319 20.31 30.13 -2.10
CA LYS A 319 20.24 30.73 -3.46
C LYS A 319 20.72 32.18 -3.38
N VAL A 320 20.17 32.99 -2.48
CA VAL A 320 20.59 34.42 -2.37
C VAL A 320 22.12 34.48 -2.32
N PHE A 321 22.72 33.68 -1.45
CA PHE A 321 24.17 33.72 -1.15
C PHE A 321 24.97 33.12 -2.30
N SER A 322 24.41 32.14 -3.02
CA SER A 322 25.04 31.53 -4.20
C SER A 322 25.11 32.57 -5.33
N TRP A 323 24.11 33.44 -5.45
CA TRP A 323 24.12 34.49 -6.50
C TRP A 323 25.22 35.50 -6.18
N LEU A 324 25.25 35.96 -4.93
CA LEU A 324 26.27 36.94 -4.47
C LEU A 324 27.65 36.32 -4.74
N ALA A 325 27.81 35.03 -4.44
CA ALA A 325 29.04 34.20 -4.66
C ALA A 325 29.35 34.08 -6.15
N THR A 326 28.35 34.06 -7.03
CA THR A 326 28.55 34.01 -8.49
C THR A 326 29.12 35.36 -8.94
N LEU A 327 28.62 36.47 -8.38
CA LEU A 327 29.14 37.84 -8.60
C LEU A 327 30.62 37.92 -8.19
N HIS A 328 31.00 37.26 -7.10
CA HIS A 328 32.36 37.35 -6.51
C HIS A 328 33.42 37.17 -7.58
N GLY A 329 34.25 38.19 -7.79
CA GLY A 329 35.41 38.09 -8.70
C GLY A 329 34.98 37.95 -10.14
N GLY A 330 33.83 38.56 -10.48
CA GLY A 330 33.32 38.62 -11.85
C GLY A 330 33.96 39.76 -12.62
N ASN A 331 34.10 39.60 -13.93
CA ASN A 331 34.27 40.71 -14.89
C ASN A 331 32.86 41.25 -15.20
N ILE A 332 32.29 42.04 -14.28
CA ILE A 332 30.89 42.54 -14.33
C ILE A 332 30.67 43.40 -15.58
N LYS A 333 29.68 43.06 -16.39
CA LYS A 333 29.19 43.90 -17.51
C LYS A 333 27.86 44.53 -17.09
N TRP A 334 27.82 45.85 -16.88
CA TRP A 334 26.63 46.55 -16.35
C TRP A 334 25.58 46.71 -17.46
N SER A 335 25.12 45.59 -18.02
CA SER A 335 24.03 45.52 -19.02
C SER A 335 22.69 45.82 -18.33
N PRO A 336 21.63 46.12 -19.10
CA PRO A 336 20.35 46.40 -18.46
C PRO A 336 19.98 45.15 -17.66
N ALA A 337 19.99 43.99 -18.31
CA ALA A 337 19.62 42.66 -17.75
C ALA A 337 20.25 42.47 -16.38
N MET A 338 21.52 42.85 -16.23
CA MET A 338 22.30 42.64 -14.98
C MET A 338 21.68 43.51 -13.89
N MET A 339 21.24 44.72 -14.23
CA MET A 339 20.59 45.64 -13.27
C MET A 339 19.27 45.04 -12.80
N TRP A 340 18.46 44.56 -13.73
CA TRP A 340 17.23 43.79 -13.44
C TRP A 340 17.55 42.68 -12.43
N ALA A 341 18.64 41.94 -12.67
CA ALA A 341 19.05 40.75 -11.88
C ALA A 341 19.48 41.18 -10.49
N LEU A 342 20.28 42.23 -10.38
CA LEU A 342 20.74 42.78 -9.08
C LEU A 342 19.54 43.40 -8.35
N GLY A 343 18.67 44.10 -9.06
CA GLY A 343 17.45 44.69 -8.47
C GLY A 343 16.63 43.64 -7.77
N PHE A 344 16.31 42.56 -8.50
CA PHE A 344 15.63 41.34 -7.98
C PHE A 344 16.32 40.91 -6.68
N ILE A 345 17.62 40.66 -6.75
CA ILE A 345 18.31 39.94 -5.64
C ILE A 345 17.98 40.63 -4.32
N PHE A 346 18.05 41.97 -4.30
CA PHE A 346 17.86 42.78 -3.07
C PHE A 346 16.37 42.90 -2.73
N LEU A 347 15.56 43.24 -3.73
CA LEU A 347 14.13 43.55 -3.50
C LEU A 347 13.36 42.27 -3.16
N PHE A 348 13.72 41.12 -3.73
CA PHE A 348 13.15 39.79 -3.37
C PHE A 348 13.46 39.47 -1.90
N THR A 349 14.69 39.76 -1.46
CA THR A 349 15.17 39.48 -0.10
C THR A 349 14.26 40.23 0.89
N VAL A 350 14.08 41.54 0.69
CA VAL A 350 13.18 42.39 1.53
C VAL A 350 11.80 41.70 1.61
N GLY A 351 11.22 41.41 0.44
CA GLY A 351 9.92 40.73 0.31
C GLY A 351 9.92 39.37 1.00
N GLY A 352 11.04 38.66 0.94
CA GLY A 352 11.19 37.35 1.59
C GLY A 352 11.23 37.48 3.10
N LEU A 353 11.74 38.61 3.60
CA LEU A 353 11.90 38.85 5.06
C LEU A 353 10.55 39.21 5.66
N THR A 354 9.78 40.13 5.06
CA THR A 354 8.43 40.50 5.54
C THR A 354 7.55 39.23 5.59
N GLY A 355 7.80 38.29 4.69
CA GLY A 355 7.14 36.96 4.70
C GLY A 355 7.45 36.18 5.96
N ILE A 356 8.71 36.27 6.42
CA ILE A 356 9.20 35.59 7.66
C ILE A 356 8.52 36.23 8.87
N VAL A 357 8.31 37.54 8.85
CA VAL A 357 7.55 38.26 9.90
C VAL A 357 6.15 37.66 9.99
N LEU A 358 5.48 37.46 8.83
CA LEU A 358 4.07 36.98 8.70
C LEU A 358 3.94 35.50 9.14
N ALA A 359 5.04 34.73 9.02
CA ALA A 359 5.15 33.30 9.38
C ALA A 359 4.70 33.05 10.84
N ASN A 360 4.85 34.04 11.72
CA ASN A 360 4.48 33.96 13.15
C ASN A 360 2.97 34.11 13.31
N SER A 361 2.27 33.01 13.58
CA SER A 361 0.79 32.98 13.78
C SER A 361 0.41 33.96 14.89
N SER A 362 1.32 34.30 15.80
CA SER A 362 1.11 35.31 16.86
C SER A 362 0.95 36.68 16.20
N LEU A 363 1.95 37.13 15.43
CA LEU A 363 1.93 38.46 14.77
C LEU A 363 0.94 38.48 13.62
N ASP A 364 0.74 37.35 12.91
CA ASP A 364 -0.13 37.36 11.72
C ASP A 364 -1.56 37.71 12.14
N ILE A 365 -1.90 37.54 13.42
CA ILE A 365 -3.19 37.98 14.00
C ILE A 365 -3.39 39.45 13.67
N VAL A 366 -2.35 40.26 13.92
CA VAL A 366 -2.42 41.75 13.83
C VAL A 366 -2.07 42.22 12.41
N LEU A 367 -1.47 41.35 11.58
CA LEU A 367 -1.02 41.70 10.21
C LEU A 367 -1.96 41.13 9.14
N HIS A 368 -2.64 40.00 9.36
CA HIS A 368 -3.53 39.36 8.35
C HIS A 368 -4.54 40.41 7.85
N ASP A 369 -4.88 40.35 6.56
CA ASP A 369 -5.84 41.27 5.88
C ASP A 369 -5.47 42.71 6.28
N THR A 370 -4.20 43.07 6.06
CA THR A 370 -3.68 44.46 6.11
C THR A 370 -2.68 44.66 4.98
N TYR A 371 -2.27 45.92 4.76
CA TYR A 371 -1.37 46.32 3.63
C TYR A 371 0.05 45.79 3.86
N TYR A 372 0.36 45.25 5.05
CA TYR A 372 1.66 44.55 5.29
C TYR A 372 1.70 43.29 4.42
N VAL A 373 0.57 42.59 4.32
CA VAL A 373 0.52 41.35 3.49
C VAL A 373 0.63 41.80 2.03
N VAL A 374 -0.04 42.88 1.65
CA VAL A 374 0.02 43.40 0.26
C VAL A 374 1.47 43.81 -0.03
N ALA A 375 2.10 44.52 0.90
CA ALA A 375 3.50 44.97 0.75
C ALA A 375 4.41 43.75 0.54
N HIS A 376 4.25 42.71 1.35
CA HIS A 376 5.10 41.49 1.28
C HIS A 376 5.07 40.92 -0.14
N PHE A 377 3.87 40.70 -0.70
CA PHE A 377 3.73 39.92 -1.94
C PHE A 377 4.00 40.80 -3.16
N HIS A 378 3.78 42.11 -3.09
CA HIS A 378 4.13 43.01 -4.23
C HIS A 378 5.66 43.13 -4.34
N TYR A 379 6.40 42.95 -3.24
CA TYR A 379 7.89 42.96 -3.26
C TYR A 379 8.36 41.72 -4.04
N VAL A 380 7.91 40.54 -3.64
CA VAL A 380 8.40 39.27 -4.26
C VAL A 380 7.79 39.07 -5.66
N LEU A 381 6.66 39.72 -6.00
CA LEU A 381 6.01 39.54 -7.34
C LEU A 381 6.35 40.71 -8.28
N SER A 382 6.05 41.95 -7.89
CA SER A 382 6.28 43.17 -8.73
C SER A 382 7.79 43.46 -8.83
N MET A 383 8.55 43.19 -7.77
CA MET A 383 10.00 43.47 -7.77
C MET A 383 10.80 42.16 -7.84
N GLY A 384 10.12 41.00 -7.83
CA GLY A 384 10.77 39.69 -7.91
C GLY A 384 10.49 39.03 -9.24
N ALA A 385 9.31 38.43 -9.37
CA ALA A 385 8.80 37.81 -10.62
C ALA A 385 8.97 38.77 -11.80
N VAL A 386 8.69 40.06 -11.62
CA VAL A 386 8.67 40.99 -12.78
C VAL A 386 10.11 41.37 -13.15
N PHE A 387 11.00 41.51 -12.16
CA PHE A 387 12.41 41.89 -12.41
C PHE A 387 13.13 40.75 -13.15
N ALA A 388 12.80 39.50 -12.82
CA ALA A 388 13.34 38.31 -13.51
C ALA A 388 12.81 38.29 -14.95
N ILE A 389 11.50 38.51 -15.12
CA ILE A 389 10.86 38.63 -16.46
C ILE A 389 11.58 39.70 -17.28
N MET A 390 11.75 40.93 -16.76
CA MET A 390 12.40 42.02 -17.53
C MET A 390 13.83 41.61 -17.89
N GLY A 391 14.59 41.12 -16.91
CA GLY A 391 16.00 40.72 -17.11
C GLY A 391 16.08 39.70 -18.21
N GLY A 392 15.38 38.57 -18.03
CA GLY A 392 15.24 37.51 -19.04
C GLY A 392 14.99 38.11 -20.41
N PHE A 393 13.96 38.98 -20.53
CA PHE A 393 13.50 39.60 -21.80
C PHE A 393 14.64 40.42 -22.42
N VAL A 394 15.27 41.36 -21.69
CA VAL A 394 16.32 42.21 -22.34
C VAL A 394 17.51 41.32 -22.67
N HIS A 395 17.82 40.31 -21.85
CA HIS A 395 19.00 39.44 -22.05
C HIS A 395 18.84 38.56 -23.31
N TRP A 396 17.66 37.96 -23.52
CA TRP A 396 17.41 36.94 -24.58
C TRP A 396 16.64 37.52 -25.77
N PHE A 397 16.11 38.75 -25.68
CA PHE A 397 15.34 39.38 -26.78
C PHE A 397 16.07 39.21 -28.12
N PRO A 398 17.42 39.40 -28.17
CA PRO A 398 18.14 39.34 -29.43
C PRO A 398 18.27 37.91 -29.96
N LEU A 399 18.26 36.92 -29.06
CA LEU A 399 18.18 35.47 -29.41
C LEU A 399 16.82 35.22 -30.06
N PHE A 400 15.74 35.72 -29.48
CA PHE A 400 14.38 35.48 -30.03
C PHE A 400 14.30 36.17 -31.39
N SER A 401 14.66 37.46 -31.45
CA SER A 401 14.27 38.43 -32.51
C SER A 401 15.33 38.54 -33.61
N GLY A 402 16.60 38.37 -33.26
CA GLY A 402 17.75 38.66 -34.13
C GLY A 402 18.18 40.13 -34.09
N TYR A 403 17.46 41.01 -33.40
CA TYR A 403 17.77 42.45 -33.30
C TYR A 403 18.24 42.73 -31.87
N THR A 404 18.85 43.89 -31.66
CA THR A 404 19.26 44.35 -30.32
C THR A 404 18.35 45.49 -29.85
N LEU A 405 18.19 45.59 -28.53
CA LEU A 405 17.60 46.76 -27.84
C LEU A 405 18.68 47.83 -27.74
N ASN A 406 18.25 49.07 -27.54
CA ASN A 406 19.10 50.22 -27.15
C ASN A 406 19.38 50.13 -25.65
N ASP A 407 20.61 49.75 -25.27
CA ASP A 407 21.00 49.53 -23.85
C ASP A 407 20.72 50.79 -23.03
N THR A 408 20.98 51.97 -23.56
CA THR A 408 20.83 53.25 -22.81
C THR A 408 19.35 53.40 -22.42
N TRP A 409 18.46 53.28 -23.42
CA TRP A 409 16.99 53.34 -23.21
C TRP A 409 16.56 52.29 -22.17
N ALA A 410 17.05 51.06 -22.28
CA ALA A 410 16.70 49.94 -21.35
C ALA A 410 17.16 50.30 -19.94
N LYS A 411 18.32 50.93 -19.81
CA LYS A 411 18.89 51.36 -18.51
C LYS A 411 17.98 52.45 -17.94
N ILE A 412 17.56 53.42 -18.76
CA ILE A 412 16.58 54.47 -18.34
C ILE A 412 15.33 53.73 -17.82
N HIS A 413 14.86 52.72 -18.56
CA HIS A 413 13.56 52.06 -18.28
C HIS A 413 13.62 51.39 -16.90
N PHE A 414 14.76 50.79 -16.56
CA PHE A 414 15.01 50.19 -15.23
C PHE A 414 14.88 51.26 -14.13
N ALA A 415 15.59 52.37 -14.30
CA ALA A 415 15.69 53.49 -13.32
C ALA A 415 14.30 54.09 -13.03
N ILE A 416 13.46 54.27 -14.06
CA ILE A 416 12.07 54.77 -13.85
C ILE A 416 11.28 53.68 -13.11
N MET A 417 11.39 52.42 -13.54
CA MET A 417 10.63 51.26 -12.99
C MET A 417 11.05 51.02 -11.53
N PHE A 418 12.33 51.26 -11.22
CA PHE A 418 12.91 50.98 -9.90
C PHE A 418 12.36 51.97 -8.87
N VAL A 419 12.31 53.26 -9.24
CA VAL A 419 11.73 54.35 -8.41
C VAL A 419 10.24 54.06 -8.16
N GLY A 420 9.49 53.74 -9.21
CA GLY A 420 8.01 53.65 -9.14
C GLY A 420 7.56 52.61 -8.14
N VAL A 421 7.88 51.34 -8.40
CA VAL A 421 7.43 50.19 -7.55
C VAL A 421 7.80 50.49 -6.10
N ASN A 422 8.92 51.16 -5.82
CA ASN A 422 9.42 51.36 -4.44
C ASN A 422 8.60 52.47 -3.76
N MET A 423 8.34 53.59 -4.43
CA MET A 423 7.44 54.65 -3.94
C MET A 423 6.00 54.09 -3.81
N THR A 424 5.64 53.10 -4.62
CA THR A 424 4.27 52.52 -4.63
C THR A 424 4.07 51.62 -3.40
N PHE A 425 5.00 50.71 -3.12
CA PHE A 425 4.76 49.54 -2.23
C PHE A 425 5.43 49.73 -0.87
N PHE A 426 6.56 50.43 -0.81
CA PHE A 426 7.25 50.56 0.49
C PHE A 426 6.27 51.09 1.53
N PRO A 427 5.54 52.20 1.29
CA PRO A 427 4.75 52.85 2.34
C PRO A 427 3.64 51.96 2.91
N GLN A 428 3.02 51.17 2.05
CA GLN A 428 2.00 50.14 2.39
C GLN A 428 2.45 49.29 3.59
N HIS A 429 3.75 49.15 3.83
CA HIS A 429 4.32 48.52 5.05
C HIS A 429 3.69 49.21 6.27
N PHE A 430 3.74 50.55 6.33
CA PHE A 430 3.21 51.38 7.44
C PHE A 430 1.69 51.19 7.54
N LEU A 431 1.00 51.41 6.42
CA LEU A 431 -0.46 51.14 6.30
C LEU A 431 -0.80 49.82 7.04
N GLY A 432 0.02 48.78 6.87
CA GLY A 432 -0.21 47.46 7.49
C GLY A 432 -0.10 47.49 9.01
N LEU A 433 1.07 47.89 9.51
CA LEU A 433 1.30 47.97 10.97
C LEU A 433 0.20 48.86 11.57
N SER A 434 -0.04 50.03 10.95
CA SER A 434 -0.99 51.07 11.42
C SER A 434 -2.43 50.58 11.26
N GLY A 435 -2.61 49.44 10.60
CA GLY A 435 -3.85 48.64 10.68
C GLY A 435 -4.85 48.96 9.58
N MET A 436 -4.41 49.42 8.40
CA MET A 436 -5.32 49.60 7.24
C MET A 436 -5.60 48.23 6.63
N PRO A 437 -6.85 47.73 6.62
CA PRO A 437 -7.17 46.46 5.99
C PRO A 437 -7.02 46.44 4.46
N ARG A 438 -6.76 45.25 3.92
CA ARG A 438 -6.85 44.93 2.47
C ARG A 438 -8.29 45.12 2.01
N ARG A 439 -8.48 45.29 0.69
CA ARG A 439 -9.79 45.17 -0.01
C ARG A 439 -10.71 46.33 0.39
N TYR A 440 -10.12 47.42 0.88
CA TYR A 440 -10.81 48.67 1.26
C TYR A 440 -10.72 49.65 0.08
N SER A 441 -11.87 50.24 -0.27
CA SER A 441 -12.06 51.25 -1.34
C SER A 441 -11.93 52.66 -0.75
N ASP A 442 -11.82 52.74 0.58
CA ASP A 442 -11.69 54.04 1.29
C ASP A 442 -11.22 53.77 2.72
N TYR A 443 -10.60 54.77 3.33
CA TYR A 443 -9.76 54.57 4.54
C TYR A 443 -10.01 55.71 5.53
N PRO A 444 -10.06 55.40 6.84
CA PRO A 444 -9.96 56.46 7.85
C PRO A 444 -8.92 57.51 7.40
N ASP A 445 -9.25 58.77 7.67
CA ASP A 445 -8.48 59.96 7.22
C ASP A 445 -6.99 59.79 7.55
N ALA A 446 -6.66 59.13 8.66
CA ALA A 446 -5.27 59.04 9.18
C ALA A 446 -4.34 58.48 8.09
N TYR A 447 -4.87 57.56 7.29
CA TYR A 447 -4.12 56.75 6.30
C TYR A 447 -3.86 57.51 5.01
N THR A 448 -4.09 58.83 4.95
CA THR A 448 -4.15 59.59 3.67
C THR A 448 -2.75 59.65 3.06
N MET A 449 -1.77 60.19 3.78
CA MET A 449 -0.46 60.52 3.18
C MET A 449 0.10 59.34 2.38
N TRP A 450 0.15 58.15 2.99
CA TRP A 450 0.82 56.94 2.42
C TRP A 450 0.04 56.47 1.19
N ASN A 451 -1.28 56.58 1.20
CA ASN A 451 -2.09 56.16 0.04
C ASN A 451 -1.80 57.13 -1.10
N THR A 452 -1.70 58.42 -0.79
CA THR A 452 -1.43 59.52 -1.77
C THR A 452 -0.07 59.27 -2.45
N ILE A 453 0.96 58.95 -1.64
CA ILE A 453 2.34 58.67 -2.11
C ILE A 453 2.36 57.35 -2.89
N SER A 454 1.81 56.28 -2.31
CA SER A 454 1.69 54.94 -2.93
C SER A 454 1.11 55.08 -4.35
N SER A 455 0.01 55.82 -4.47
CA SER A 455 -0.71 56.01 -5.75
C SER A 455 0.16 56.80 -6.74
N MET A 456 0.91 57.81 -6.28
CA MET A 456 1.77 58.62 -7.18
C MET A 456 2.82 57.66 -7.77
N GLY A 457 3.43 56.83 -6.93
CA GLY A 457 4.38 55.78 -7.33
C GLY A 457 3.84 54.93 -8.48
N SER A 458 2.57 54.56 -8.40
CA SER A 458 1.90 53.72 -9.43
C SER A 458 2.05 54.41 -10.79
N PHE A 459 1.84 55.72 -10.84
CA PHE A 459 1.83 56.54 -12.08
C PHE A 459 3.24 56.56 -12.69
N ILE A 460 4.27 56.57 -11.85
CA ILE A 460 5.70 56.52 -12.30
C ILE A 460 5.93 55.18 -13.03
N SER A 461 5.65 54.05 -12.36
CA SER A 461 5.76 52.67 -12.90
C SER A 461 5.08 52.57 -14.27
N LEU A 462 4.02 53.35 -14.51
CA LEU A 462 3.20 53.36 -15.75
C LEU A 462 3.98 54.02 -16.89
N THR A 463 4.68 55.12 -16.59
CA THR A 463 5.55 55.83 -17.56
C THR A 463 6.71 54.91 -17.96
N ALA A 464 7.06 53.95 -17.09
CA ALA A 464 8.05 52.89 -17.38
C ALA A 464 7.45 51.86 -18.35
N VAL A 465 6.22 51.45 -18.11
CA VAL A 465 5.55 50.45 -19.00
C VAL A 465 5.45 51.07 -20.39
N MET A 466 4.90 52.28 -20.49
CA MET A 466 4.70 52.99 -21.79
C MET A 466 6.04 53.12 -22.51
N LEU A 467 7.15 53.36 -21.80
CA LEU A 467 8.48 53.48 -22.43
C LEU A 467 8.95 52.12 -22.97
N MET A 468 8.75 51.06 -22.19
CA MET A 468 9.23 49.69 -22.56
C MET A 468 8.66 49.35 -23.93
N VAL A 469 7.37 49.62 -24.12
CA VAL A 469 6.66 49.42 -25.42
C VAL A 469 7.48 50.11 -26.52
N PHE A 470 7.67 51.42 -26.42
CA PHE A 470 8.43 52.25 -27.40
C PHE A 470 9.79 51.60 -27.67
N ILE A 471 10.46 51.11 -26.62
CA ILE A 471 11.83 50.52 -26.70
C ILE A 471 11.76 49.27 -27.58
N ILE A 472 10.84 48.35 -27.26
CA ILE A 472 10.55 47.18 -28.12
C ILE A 472 10.32 47.68 -29.55
N TRP A 473 9.63 48.81 -29.73
CA TRP A 473 9.35 49.38 -31.08
C TRP A 473 10.65 49.84 -31.75
N GLU A 474 11.44 50.66 -31.07
CA GLU A 474 12.71 51.21 -31.59
C GLU A 474 13.63 50.08 -32.08
N ALA A 475 13.70 48.94 -31.37
CA ALA A 475 14.59 47.79 -31.73
C ALA A 475 14.13 47.17 -33.05
N PHE A 476 12.83 46.95 -33.19
CA PHE A 476 12.20 46.45 -34.44
C PHE A 476 12.28 47.54 -35.53
N ALA A 477 12.18 48.81 -35.18
CA ALA A 477 12.23 49.89 -36.20
C ALA A 477 13.66 49.96 -36.76
N SER A 478 14.68 50.00 -35.91
CA SER A 478 16.08 50.27 -36.32
C SER A 478 16.71 49.03 -36.98
N LYS A 479 16.35 47.82 -36.55
CA LYS A 479 16.83 46.55 -37.18
C LYS A 479 18.36 46.50 -37.16
N ARG A 480 18.96 46.59 -35.98
CA ARG A 480 20.39 46.24 -35.78
C ARG A 480 20.48 44.74 -35.55
N GLU A 481 21.05 43.98 -36.49
CA GLU A 481 21.05 42.49 -36.45
C GLU A 481 22.23 42.04 -35.61
N VAL A 482 22.06 41.02 -34.78
CA VAL A 482 23.16 40.47 -33.94
C VAL A 482 24.25 39.99 -34.91
N LEU A 483 25.51 40.27 -34.62
CA LEU A 483 26.65 39.58 -35.28
C LEU A 483 27.06 38.43 -34.35
N THR A 484 27.60 38.82 -33.19
CA THR A 484 28.50 38.04 -32.32
C THR A 484 27.88 37.96 -30.93
N VAL A 485 28.11 36.86 -30.22
CA VAL A 485 27.65 36.68 -28.81
C VAL A 485 28.76 36.00 -28.01
N ASP A 486 29.10 36.56 -26.84
CA ASP A 486 30.13 36.02 -25.92
C ASP A 486 29.56 34.81 -25.17
N LEU A 487 30.45 33.92 -24.77
CA LEU A 487 30.19 32.84 -23.79
C LEU A 487 29.15 31.88 -24.38
N THR A 488 29.35 31.42 -25.61
CA THR A 488 28.49 30.39 -26.23
C THR A 488 28.98 29.02 -25.78
N THR A 489 30.20 28.93 -25.25
CA THR A 489 30.78 27.65 -24.75
C THR A 489 29.87 27.09 -23.67
N THR A 490 29.21 27.94 -22.89
CA THR A 490 28.49 27.51 -21.67
C THR A 490 27.04 27.98 -21.71
N ASN A 491 26.58 28.46 -22.87
CA ASN A 491 25.17 28.89 -23.10
C ASN A 491 24.74 28.39 -24.49
N LEU A 492 24.50 27.08 -24.58
CA LEU A 492 24.11 26.35 -25.81
C LEU A 492 23.00 27.09 -26.55
N GLU A 493 22.14 27.82 -25.85
CA GLU A 493 20.94 28.46 -26.47
C GLU A 493 21.38 29.42 -27.60
N TRP A 494 22.50 30.13 -27.42
CA TRP A 494 23.01 31.17 -28.36
C TRP A 494 23.72 30.51 -29.57
N LEU A 495 24.05 29.23 -29.46
CA LEU A 495 25.01 28.56 -30.36
C LEU A 495 24.44 28.38 -31.76
N ASN A 496 23.14 28.58 -32.00
CA ASN A 496 22.54 28.35 -33.35
C ASN A 496 22.30 29.70 -34.05
N GLY A 497 22.84 30.77 -33.49
CA GLY A 497 22.70 32.13 -34.05
C GLY A 497 21.40 32.77 -33.64
N CYS A 498 21.25 34.06 -33.98
CA CYS A 498 20.14 34.97 -33.60
C CYS A 498 19.48 35.53 -34.85
N PRO A 499 18.19 35.20 -35.13
CA PRO A 499 17.44 34.21 -34.36
C PRO A 499 17.75 32.79 -34.83
N PRO A 500 17.48 31.74 -34.03
CA PRO A 500 17.79 30.38 -34.43
C PRO A 500 16.83 29.95 -35.54
N PRO A 501 17.23 28.98 -36.37
CA PRO A 501 16.33 28.41 -37.37
C PRO A 501 15.06 27.75 -36.82
N TYR A 502 14.00 27.69 -37.66
CA TYR A 502 12.74 26.95 -37.41
C TYR A 502 13.05 25.61 -36.75
N HIS A 503 13.89 24.80 -37.40
CA HIS A 503 14.40 23.53 -36.84
C HIS A 503 15.86 23.66 -36.39
N THR A 504 16.10 23.51 -35.09
CA THR A 504 17.46 23.36 -34.50
C THR A 504 17.65 21.91 -34.05
N PHE A 505 18.89 21.43 -34.03
CA PHE A 505 19.26 20.02 -33.72
C PHE A 505 18.49 19.01 -34.58
N GLU A 506 18.24 19.35 -35.86
CA GLU A 506 17.93 18.34 -36.91
C GLU A 506 18.86 17.15 -36.63
N GLU A 507 20.13 17.45 -36.44
CA GLU A 507 21.19 16.46 -36.10
C GLU A 507 21.61 16.73 -34.67
N PRO A 508 21.37 15.78 -33.73
CA PRO A 508 21.51 16.05 -32.30
C PRO A 508 22.96 16.42 -31.94
N THR A 509 23.20 16.95 -30.75
CA THR A 509 24.56 17.26 -30.27
C THR A 509 25.37 15.97 -30.23
N TYR A 510 26.70 16.05 -30.29
CA TYR A 510 27.62 14.92 -30.01
C TYR A 510 28.16 15.09 -28.59
N VAL A 511 27.83 14.18 -27.66
CA VAL A 511 28.36 14.21 -26.25
C VAL A 511 28.90 12.82 -25.89
N ASN A 512 30.16 12.76 -25.41
CA ASN A 512 30.93 11.53 -25.10
C ASN A 512 30.56 10.97 -23.73
N LEU A 513 30.53 9.65 -23.60
CA LEU A 513 30.28 8.95 -22.32
C LEU A 513 31.59 8.87 -21.51
N LYS A 514 32.74 8.74 -22.16
CA LYS A 514 34.09 8.76 -21.50
C LYS A 514 34.21 7.57 -20.54
N FME B 1 -6.69 53.79 17.70
CN FME B 1 -7.71 53.14 18.22
O1 FME B 1 -7.69 52.55 19.31
CA FME B 1 -6.78 54.18 16.32
CB FME B 1 -7.80 55.28 16.12
CG FME B 1 -7.60 56.43 17.06
SD FME B 1 -8.92 57.58 16.78
CE FME B 1 -8.32 58.33 15.26
C FME B 1 -5.46 54.66 15.74
O FME B 1 -4.51 54.96 16.45
N ALA B 2 -5.47 54.72 14.41
CA ALA B 2 -4.33 55.24 13.67
C ALA B 2 -4.40 56.76 13.68
N TYR B 3 -3.24 57.41 13.85
CA TYR B 3 -3.07 58.88 13.70
C TYR B 3 -2.42 59.17 12.35
N PRO B 4 -2.48 60.42 11.87
CA PRO B 4 -1.75 60.80 10.67
C PRO B 4 -0.25 60.47 10.71
N MET B 5 0.23 59.86 9.62
CA MET B 5 1.66 59.65 9.30
C MET B 5 2.25 58.59 10.21
N GLN B 6 1.41 57.71 10.75
CA GLN B 6 1.88 56.63 11.64
C GLN B 6 2.70 55.63 10.81
N LEU B 7 3.83 55.19 11.37
CA LEU B 7 4.73 54.18 10.77
C LEU B 7 4.43 52.81 11.37
N GLY B 8 4.37 52.71 12.69
CA GLY B 8 4.39 51.43 13.41
C GLY B 8 3.01 51.01 13.89
N PHE B 9 2.97 50.06 14.82
CA PHE B 9 1.72 49.48 15.39
C PHE B 9 1.06 50.53 16.27
N GLN B 10 -0.27 50.50 16.32
CA GLN B 10 -1.09 51.27 17.29
C GLN B 10 -0.59 50.96 18.69
N ASP B 11 -0.55 52.00 19.53
CA ASP B 11 -0.21 51.92 20.97
C ASP B 11 -1.03 50.82 21.60
N ALA B 12 -0.39 49.95 22.39
CA ALA B 12 -0.99 48.69 22.87
C ALA B 12 -1.95 49.03 24.00
N THR B 13 -3.07 48.33 24.05
CA THR B 13 -4.18 48.54 24.99
C THR B 13 -4.29 47.32 25.93
N SER B 14 -3.54 46.26 25.67
CA SER B 14 -3.63 44.94 26.35
C SER B 14 -2.26 44.30 26.40
N PRO B 15 -1.99 43.43 27.41
CA PRO B 15 -0.65 42.87 27.63
C PRO B 15 -0.18 41.96 26.47
N ILE B 16 -1.13 41.28 25.81
CA ILE B 16 -0.87 40.47 24.58
C ILE B 16 -0.17 41.38 23.59
N MET B 17 -0.79 42.52 23.27
CA MET B 17 -0.34 43.45 22.20
C MET B 17 0.98 44.12 22.60
N GLU B 18 1.21 44.36 23.89
CA GLU B 18 2.53 44.79 24.39
C GLU B 18 3.58 43.78 23.92
N GLU B 19 3.32 42.50 24.18
CA GLU B 19 4.25 41.37 23.89
C GLU B 19 4.53 41.30 22.39
N LEU B 20 3.53 41.57 21.54
CA LEU B 20 3.67 41.56 20.06
C LEU B 20 4.56 42.72 19.62
N LEU B 21 4.35 43.93 20.16
CA LEU B 21 5.23 45.11 19.92
C LEU B 21 6.70 44.74 20.14
N HIS B 22 7.01 44.19 21.30
CA HIS B 22 8.39 43.82 21.71
C HIS B 22 8.90 42.72 20.77
N PHE B 23 8.06 41.72 20.48
CA PHE B 23 8.37 40.60 19.55
C PHE B 23 8.62 41.12 18.14
N HIS B 24 7.73 41.99 17.67
CA HIS B 24 7.88 42.68 16.37
C HIS B 24 9.22 43.43 16.33
N ASP B 25 9.58 44.09 17.44
CA ASP B 25 10.88 44.81 17.61
C ASP B 25 12.02 43.81 17.42
N HIS B 26 12.03 42.73 18.22
CA HIS B 26 12.98 41.59 18.12
C HIS B 26 13.15 41.19 16.64
N THR B 27 12.06 40.83 15.99
CA THR B 27 12.07 40.24 14.62
C THR B 27 12.58 41.29 13.61
N LEU B 28 12.04 42.50 13.66
CA LEU B 28 12.40 43.59 12.70
C LEU B 28 13.89 43.93 12.80
N MET B 29 14.44 43.85 14.02
CA MET B 29 15.88 44.08 14.35
C MET B 29 16.74 43.12 13.54
N ILE B 30 16.36 41.83 13.51
CA ILE B 30 17.04 40.77 12.71
C ILE B 30 16.86 41.08 11.21
N VAL B 31 15.64 41.49 10.83
CA VAL B 31 15.31 41.78 9.42
C VAL B 31 16.21 42.93 8.93
N PHE B 32 16.54 43.88 9.81
CA PHE B 32 17.51 44.97 9.50
C PHE B 32 18.93 44.39 9.39
N LEU B 33 19.35 43.54 10.34
CA LEU B 33 20.68 42.87 10.36
C LEU B 33 20.97 42.23 9.00
N ILE B 34 19.97 41.63 8.36
CA ILE B 34 20.13 40.74 7.17
C ILE B 34 20.02 41.55 5.89
N SER B 35 19.05 42.47 5.80
CA SER B 35 18.82 43.31 4.59
C SER B 35 20.01 44.25 4.41
N SER B 36 20.52 44.81 5.50
CA SER B 36 21.75 45.63 5.50
C SER B 36 22.92 44.79 4.95
N LEU B 37 23.12 43.60 5.50
CA LEU B 37 24.22 42.66 5.16
C LEU B 37 24.22 42.31 3.66
N VAL B 38 23.06 41.96 3.12
CA VAL B 38 22.91 41.56 1.68
C VAL B 38 23.27 42.77 0.82
N LEU B 39 22.75 43.95 1.17
CA LEU B 39 23.03 45.25 0.48
C LEU B 39 24.54 45.53 0.46
N TYR B 40 25.19 45.34 1.62
CA TYR B 40 26.64 45.56 1.78
C TYR B 40 27.38 44.58 0.88
N ILE B 41 27.06 43.28 0.96
CA ILE B 41 27.82 42.24 0.21
C ILE B 41 27.58 42.37 -1.31
N ILE B 42 26.41 42.84 -1.74
CA ILE B 42 26.17 43.21 -3.17
C ILE B 42 27.16 44.29 -3.57
N SER B 43 27.19 45.42 -2.86
CA SER B 43 28.07 46.58 -3.18
C SER B 43 29.54 46.14 -3.07
N LEU B 44 29.87 45.32 -2.08
CA LEU B 44 31.22 44.71 -2.00
C LEU B 44 31.52 44.00 -3.32
N MET B 45 30.64 43.11 -3.80
CA MET B 45 30.87 42.21 -4.97
C MET B 45 31.07 43.02 -6.26
N LEU B 46 30.55 44.24 -6.35
CA LEU B 46 30.41 45.00 -7.63
C LEU B 46 31.39 46.18 -7.73
N THR B 47 32.37 46.28 -6.83
CA THR B 47 33.22 47.50 -6.70
C THR B 47 34.70 47.12 -6.70
N THR B 48 35.15 46.27 -7.64
CA THR B 48 36.58 45.90 -7.68
C THR B 48 36.95 45.29 -9.02
N LYS B 49 37.88 45.94 -9.73
CA LYS B 49 38.42 45.49 -11.03
C LYS B 49 39.12 44.12 -10.88
N LEU B 50 39.44 43.69 -9.65
CA LEU B 50 40.01 42.35 -9.36
C LEU B 50 39.02 41.28 -9.80
N THR B 51 39.46 40.34 -10.65
CA THR B 51 38.64 39.21 -11.16
C THR B 51 39.17 37.90 -10.58
N HIS B 52 38.31 36.88 -10.60
CA HIS B 52 38.57 35.45 -10.33
C HIS B 52 37.40 34.69 -10.96
N THR B 53 37.51 34.38 -12.24
CA THR B 53 36.45 33.75 -13.07
C THR B 53 36.69 32.24 -13.15
N SER B 54 37.76 31.68 -12.58
CA SER B 54 38.01 30.20 -12.51
C SER B 54 36.97 29.57 -11.56
N THR B 55 36.97 28.25 -11.40
CA THR B 55 35.97 27.53 -10.57
C THR B 55 36.28 27.79 -9.10
N MET B 56 35.26 27.69 -8.25
CA MET B 56 35.32 27.90 -6.77
C MET B 56 34.69 26.67 -6.08
N ASP B 57 35.33 26.12 -5.05
CA ASP B 57 34.76 24.96 -4.29
C ASP B 57 33.49 25.45 -3.56
N ALA B 58 32.42 24.65 -3.62
CA ALA B 58 31.05 24.97 -3.13
C ALA B 58 30.86 24.42 -1.71
N GLN B 59 31.25 23.16 -1.49
CA GLN B 59 31.08 22.46 -0.18
C GLN B 59 32.20 22.92 0.76
N GLU B 60 32.04 24.10 1.38
CA GLU B 60 32.78 24.57 2.61
C GLU B 60 32.02 25.74 3.25
N VAL B 61 31.93 26.86 2.52
CA VAL B 61 31.19 28.09 2.93
C VAL B 61 29.72 27.73 3.14
N GLU B 62 29.19 26.76 2.40
CA GLU B 62 27.73 26.43 2.38
C GLU B 62 27.28 25.93 3.77
N THR B 63 28.20 25.58 4.67
CA THR B 63 27.89 25.29 6.10
C THR B 63 27.56 26.61 6.81
N ILE B 64 28.54 27.50 6.93
CA ILE B 64 28.37 28.84 7.56
C ILE B 64 26.95 29.29 7.26
N TRP B 65 26.55 29.30 5.99
CA TRP B 65 25.34 30.03 5.54
C TRP B 65 24.12 29.09 5.38
N THR B 66 24.14 27.92 6.01
CA THR B 66 22.94 27.09 6.28
C THR B 66 22.66 27.06 7.80
N ILE B 67 23.70 26.87 8.60
CA ILE B 67 23.60 26.71 10.09
C ILE B 67 23.21 28.06 10.70
N LEU B 68 23.93 29.14 10.36
CA LEU B 68 23.69 30.45 11.01
C LEU B 68 22.22 30.82 10.86
N PRO B 69 21.66 30.80 9.63
CA PRO B 69 20.24 31.14 9.45
C PRO B 69 19.29 30.26 10.28
N ALA B 70 19.63 28.99 10.52
CA ALA B 70 18.81 28.08 11.34
C ALA B 70 18.87 28.47 12.83
N ILE B 71 20.04 28.88 13.33
CA ILE B 71 20.16 29.39 14.73
C ILE B 71 19.40 30.73 14.82
N ILE B 72 19.46 31.56 13.77
CA ILE B 72 18.73 32.87 13.68
C ILE B 72 17.21 32.62 13.72
N LEU B 73 16.75 31.56 13.05
CA LEU B 73 15.30 31.25 12.96
C LEU B 73 14.78 30.82 14.34
N ILE B 74 15.52 29.97 15.07
CA ILE B 74 15.09 29.50 16.42
C ILE B 74 14.96 30.74 17.32
N LEU B 75 15.89 31.68 17.21
CA LEU B 75 15.84 32.99 17.93
C LEU B 75 14.54 33.73 17.64
N ILE B 76 13.90 33.49 16.49
CA ILE B 76 12.57 34.07 16.13
C ILE B 76 11.45 33.15 16.64
N ALA B 77 11.57 31.83 16.44
CA ALA B 77 10.48 30.83 16.65
C ALA B 77 10.07 30.79 18.12
N LEU B 78 11.04 30.64 19.04
CA LEU B 78 10.80 30.47 20.50
C LEU B 78 9.93 31.60 21.03
N PRO B 79 10.37 32.88 21.03
CA PRO B 79 9.50 33.97 21.50
C PRO B 79 8.12 33.99 20.81
N SER B 80 8.09 33.69 19.50
CA SER B 80 6.87 33.71 18.64
C SER B 80 5.87 32.72 19.23
N LEU B 81 6.30 31.49 19.40
CA LEU B 81 5.42 30.37 19.84
C LEU B 81 5.01 30.57 21.31
N ARG B 82 5.87 31.19 22.13
CA ARG B 82 5.53 31.51 23.54
C ARG B 82 4.27 32.40 23.52
N ILE B 83 4.33 33.47 22.72
CA ILE B 83 3.25 34.50 22.63
C ILE B 83 1.98 33.86 22.05
N LEU B 84 2.12 32.86 21.18
CA LEU B 84 0.97 32.16 20.56
C LEU B 84 0.22 31.40 21.66
N TYR B 85 0.95 30.57 22.42
CA TYR B 85 0.40 29.63 23.43
C TYR B 85 -0.15 30.43 24.61
N MET B 86 0.39 31.62 24.81
CA MET B 86 -0.11 32.64 25.77
C MET B 86 -1.51 33.12 25.30
N MET B 87 -1.66 33.38 24.01
CA MET B 87 -2.93 33.89 23.42
C MET B 87 -4.08 32.87 23.59
N ASP B 88 -3.79 31.59 23.87
CA ASP B 88 -4.83 30.57 24.19
C ASP B 88 -5.06 30.62 25.71
N GLU B 89 -4.45 29.69 26.46
CA GLU B 89 -4.39 29.66 27.95
C GLU B 89 -5.74 29.29 28.58
N ILE B 90 -5.68 28.68 29.78
CA ILE B 90 -6.78 28.64 30.79
C ILE B 90 -6.89 30.06 31.36
N ASN B 91 -7.85 30.86 30.91
CA ASN B 91 -7.91 32.32 31.20
C ASN B 91 -8.97 32.57 32.27
N ASN B 92 -10.07 31.81 32.22
CA ASN B 92 -11.21 31.87 33.20
C ASN B 92 -11.74 33.30 33.29
N PRO B 93 -12.71 33.65 32.40
CA PRO B 93 -13.18 35.02 32.23
C PRO B 93 -14.47 35.39 32.99
N SER B 94 -14.67 36.68 33.25
CA SER B 94 -15.80 37.22 34.05
C SER B 94 -17.08 37.28 33.22
N LEU B 95 -16.95 37.47 31.90
CA LEU B 95 -18.07 37.87 31.01
C LEU B 95 -17.88 37.24 29.64
N THR B 96 -18.98 36.94 28.95
CA THR B 96 -18.97 36.38 27.59
C THR B 96 -19.93 37.18 26.70
N VAL B 97 -19.35 37.88 25.74
CA VAL B 97 -20.10 38.67 24.73
C VAL B 97 -19.86 38.00 23.38
N LYS B 98 -20.97 37.73 22.68
CA LYS B 98 -20.98 37.22 21.28
C LYS B 98 -21.01 38.44 20.36
N THR B 99 -20.35 38.35 19.21
CA THR B 99 -20.50 39.31 18.09
C THR B 99 -20.94 38.51 16.86
N MET B 100 -21.83 39.05 16.05
CA MET B 100 -22.30 38.36 14.82
C MET B 100 -22.10 39.30 13.64
N GLY B 101 -21.34 38.88 12.66
CA GLY B 101 -21.18 39.63 11.40
C GLY B 101 -22.46 39.55 10.58
N HIS B 102 -22.82 40.65 9.94
CA HIS B 102 -23.86 40.74 8.90
C HIS B 102 -23.32 41.67 7.81
N GLN B 103 -23.82 41.53 6.59
CA GLN B 103 -23.71 42.54 5.50
C GLN B 103 -24.71 43.65 5.83
N TRP B 104 -24.24 44.86 6.19
CA TRP B 104 -22.89 45.17 6.64
C TRP B 104 -22.95 45.93 7.97
N TYR B 105 -22.90 45.18 9.06
CA TYR B 105 -22.89 45.71 10.45
C TYR B 105 -22.52 44.56 11.36
N TRP B 106 -22.13 44.87 12.59
CA TRP B 106 -21.95 43.86 13.67
C TRP B 106 -23.19 43.96 14.56
N SER B 107 -23.65 42.84 15.08
CA SER B 107 -24.60 42.78 16.20
C SER B 107 -23.88 42.20 17.42
N TYR B 108 -24.17 42.68 18.62
CA TYR B 108 -23.57 42.17 19.88
C TYR B 108 -24.69 41.56 20.74
N GLU B 109 -24.33 40.51 21.50
CA GLU B 109 -25.23 39.69 22.36
C GLU B 109 -24.52 39.43 23.70
N TYR B 110 -24.97 40.10 24.75
CA TYR B 110 -24.58 39.86 26.16
C TYR B 110 -25.68 39.00 26.74
N THR B 111 -25.48 37.69 26.87
CA THR B 111 -26.58 36.74 27.23
C THR B 111 -26.26 35.99 28.51
N ASP B 112 -25.26 36.43 29.28
CA ASP B 112 -24.86 35.78 30.55
C ASP B 112 -26.08 35.69 31.47
N TYR B 113 -26.82 36.81 31.63
CA TYR B 113 -27.91 37.04 32.64
C TYR B 113 -29.24 37.40 31.97
N GLU B 114 -29.26 38.41 31.08
CA GLU B 114 -30.48 38.86 30.34
C GLU B 114 -30.23 38.69 28.84
N ASP B 115 -31.27 38.86 28.03
CA ASP B 115 -31.18 38.77 26.55
C ASP B 115 -30.92 40.18 26.01
N LEU B 116 -29.70 40.70 26.22
CA LEU B 116 -29.27 42.03 25.73
C LEU B 116 -28.60 41.87 24.36
N SER B 117 -29.23 42.39 23.31
CA SER B 117 -28.71 42.35 21.92
C SER B 117 -28.93 43.69 21.21
N PHE B 118 -27.93 44.21 20.51
CA PHE B 118 -28.07 45.43 19.68
C PHE B 118 -27.21 45.35 18.41
N ASP B 119 -27.70 46.05 17.39
CA ASP B 119 -26.98 46.33 16.13
C ASP B 119 -26.06 47.54 16.33
N SER B 120 -24.90 47.51 15.68
CA SER B 120 -23.84 48.56 15.77
C SER B 120 -23.39 48.93 14.36
N TYR B 121 -23.98 49.99 13.81
CA TYR B 121 -23.79 50.47 12.41
C TYR B 121 -22.80 51.64 12.40
N MET B 122 -22.10 51.80 11.28
CA MET B 122 -21.21 52.96 11.03
C MET B 122 -22.07 54.22 10.95
N ILE B 123 -21.71 55.28 11.67
CA ILE B 123 -22.26 56.66 11.46
C ILE B 123 -21.94 57.02 10.01
N PRO B 124 -22.92 57.42 9.18
CA PRO B 124 -22.61 57.99 7.86
C PRO B 124 -21.73 59.23 8.04
N THR B 125 -21.15 59.69 6.94
CA THR B 125 -20.16 60.80 6.97
C THR B 125 -20.95 62.10 7.11
N SER B 126 -22.06 62.22 6.40
CA SER B 126 -22.94 63.42 6.41
C SER B 126 -23.53 63.65 7.79
N GLU B 127 -23.61 62.62 8.66
CA GLU B 127 -24.28 62.67 9.98
C GLU B 127 -23.26 62.78 11.14
N LEU B 128 -22.01 63.11 10.85
CA LEU B 128 -20.95 63.10 11.90
C LEU B 128 -21.07 64.37 12.76
N LYS B 129 -20.99 64.20 14.07
CA LYS B 129 -20.83 65.31 15.04
C LYS B 129 -19.39 65.82 14.89
N PRO B 130 -19.16 67.16 14.87
CA PRO B 130 -17.80 67.70 14.88
C PRO B 130 -16.82 67.00 15.83
N GLY B 131 -15.72 66.47 15.28
CA GLY B 131 -14.65 65.76 16.01
C GLY B 131 -14.78 64.25 15.93
N GLU B 132 -15.95 63.74 15.50
CA GLU B 132 -16.23 62.30 15.27
C GLU B 132 -15.50 61.88 13.98
N LEU B 133 -14.81 60.72 13.98
CA LEU B 133 -13.87 60.27 12.92
C LEU B 133 -14.60 59.62 11.73
N ARG B 134 -14.30 60.08 10.52
CA ARG B 134 -14.91 59.51 9.27
C ARG B 134 -14.55 58.02 9.18
N LEU B 135 -15.58 57.21 8.87
CA LEU B 135 -15.53 55.76 8.56
C LEU B 135 -15.34 54.88 9.80
N LEU B 136 -15.13 55.46 11.00
CA LEU B 136 -14.74 54.71 12.22
C LEU B 136 -15.84 54.69 13.30
N GLU B 137 -16.70 55.70 13.38
CA GLU B 137 -17.67 55.82 14.49
C GLU B 137 -18.86 54.89 14.23
N VAL B 138 -19.43 54.34 15.31
CA VAL B 138 -20.66 53.50 15.27
C VAL B 138 -21.79 54.21 16.02
N ASP B 139 -23.04 53.92 15.65
CA ASP B 139 -24.24 54.41 16.37
C ASP B 139 -24.16 53.86 17.79
N ASN B 140 -24.06 52.54 17.98
CA ASN B 140 -24.12 51.90 19.32
C ASN B 140 -22.80 51.18 19.57
N ARG B 141 -21.94 51.73 20.44
CA ARG B 141 -20.62 51.13 20.76
C ARG B 141 -20.77 49.85 21.59
N VAL B 142 -19.70 49.06 21.60
CA VAL B 142 -19.54 47.86 22.45
C VAL B 142 -19.01 48.35 23.78
N VAL B 143 -19.87 48.40 24.81
CA VAL B 143 -19.49 48.76 26.20
C VAL B 143 -19.06 47.49 26.95
N LEU B 144 -17.87 47.56 27.56
CA LEU B 144 -17.16 46.42 28.20
C LEU B 144 -16.50 46.95 29.46
N PRO B 145 -16.49 46.17 30.55
CA PRO B 145 -15.83 46.58 31.79
C PRO B 145 -14.32 46.44 31.57
N MET B 146 -13.58 47.46 31.98
CA MET B 146 -12.11 47.43 31.84
C MET B 146 -11.54 46.45 32.85
N GLU B 147 -10.28 46.07 32.66
CA GLU B 147 -9.47 45.27 33.59
C GLU B 147 -10.19 43.97 33.93
N MET B 148 -11.07 43.51 33.02
CA MET B 148 -11.82 42.23 33.14
C MET B 148 -11.48 41.36 31.93
N THR B 149 -11.14 40.10 32.18
CA THR B 149 -10.97 39.06 31.12
C THR B 149 -12.37 38.71 30.56
N ILE B 150 -12.66 39.16 29.36
CA ILE B 150 -13.96 38.91 28.67
C ILE B 150 -13.72 37.79 27.67
N ARG B 151 -14.68 36.90 27.48
CA ARG B 151 -14.69 35.95 26.34
C ARG B 151 -15.48 36.56 25.18
N MET B 152 -14.84 36.68 24.02
CA MET B 152 -15.47 37.06 22.74
C MET B 152 -15.68 35.76 21.94
N LEU B 153 -16.93 35.46 21.63
CA LEU B 153 -17.28 34.40 20.67
C LEU B 153 -17.74 35.08 19.37
N VAL B 154 -16.97 34.94 18.30
CA VAL B 154 -17.28 35.52 16.96
C VAL B 154 -17.95 34.44 16.07
N SER B 155 -19.00 34.85 15.36
CA SER B 155 -19.68 34.07 14.29
C SER B 155 -20.25 35.04 13.25
N SER B 156 -20.91 34.54 12.19
CA SER B 156 -21.63 35.32 11.15
C SER B 156 -23.01 34.73 10.92
N GLU B 157 -23.93 35.55 10.40
CA GLU B 157 -25.30 35.14 10.02
C GLU B 157 -25.40 35.13 8.49
N ASP B 158 -24.32 35.42 7.77
CA ASP B 158 -24.33 35.38 6.29
C ASP B 158 -22.97 34.86 5.78
N VAL B 159 -22.02 35.77 5.56
CA VAL B 159 -20.74 35.48 4.86
C VAL B 159 -19.60 35.67 5.87
N LEU B 160 -18.36 35.40 5.43
CA LEU B 160 -17.15 35.62 6.23
C LEU B 160 -17.06 37.11 6.50
N HIS B 161 -16.92 37.50 7.77
CA HIS B 161 -16.39 38.81 8.20
C HIS B 161 -15.13 38.51 9.01
N SER B 162 -14.58 39.49 9.73
CA SER B 162 -13.45 39.25 10.65
C SER B 162 -13.37 40.38 11.66
N TRP B 163 -13.47 40.01 12.93
CA TRP B 163 -13.61 40.94 14.08
C TRP B 163 -12.22 41.30 14.59
N ALA B 164 -11.80 42.54 14.34
CA ALA B 164 -10.44 43.00 14.60
C ALA B 164 -10.48 44.23 15.51
N VAL B 165 -9.54 44.32 16.45
CA VAL B 165 -9.16 45.58 17.16
C VAL B 165 -7.64 45.59 17.28
N PRO B 166 -6.91 46.23 16.34
CA PRO B 166 -5.43 46.26 16.40
C PRO B 166 -4.90 46.65 17.79
N SER B 167 -5.46 47.72 18.37
CA SER B 167 -5.07 48.33 19.67
C SER B 167 -4.95 47.26 20.74
N LEU B 168 -5.80 46.22 20.65
CA LEU B 168 -5.88 45.09 21.63
C LEU B 168 -5.26 43.80 21.06
N GLY B 169 -4.84 43.78 19.79
CA GLY B 169 -4.24 42.61 19.15
C GLY B 169 -5.26 41.50 18.98
N LEU B 170 -6.44 41.87 18.51
CA LEU B 170 -7.56 40.93 18.24
C LEU B 170 -7.82 40.94 16.74
N LYS B 171 -7.74 39.78 16.12
CA LYS B 171 -8.34 39.48 14.80
C LYS B 171 -8.85 38.04 14.86
N THR B 172 -10.17 37.88 14.84
CA THR B 172 -10.86 36.57 14.77
C THR B 172 -11.90 36.59 13.66
N ASP B 173 -11.74 35.70 12.69
CA ASP B 173 -12.64 35.57 11.52
C ASP B 173 -14.02 35.16 12.06
N ALA B 174 -15.05 35.81 11.54
CA ALA B 174 -16.47 35.46 11.76
C ALA B 174 -16.89 34.48 10.65
N ILE B 175 -17.18 33.21 11.02
CA ILE B 175 -17.58 32.13 10.08
C ILE B 175 -18.96 31.59 10.45
N PRO B 176 -19.93 31.59 9.50
CA PRO B 176 -21.25 31.02 9.74
C PRO B 176 -21.19 29.56 10.22
N GLY B 177 -22.06 29.19 11.18
CA GLY B 177 -22.11 27.85 11.78
C GLY B 177 -20.86 27.52 12.59
N ARG B 178 -20.01 28.52 12.83
CA ARG B 178 -18.80 28.37 13.67
C ARG B 178 -18.80 29.48 14.72
N LEU B 179 -18.37 29.10 15.92
CA LEU B 179 -18.26 29.95 17.12
C LEU B 179 -16.76 30.03 17.49
N ASN B 180 -16.05 31.02 16.93
CA ASN B 180 -14.62 31.22 17.26
C ASN B 180 -14.53 32.06 18.52
N GLN B 181 -13.61 31.69 19.39
CA GLN B 181 -13.40 32.29 20.73
C GLN B 181 -12.06 33.04 20.71
N THR B 182 -12.03 34.20 21.33
CA THR B 182 -10.82 35.02 21.61
C THR B 182 -11.06 35.73 22.93
N THR B 183 -10.03 35.95 23.74
CA THR B 183 -10.20 36.64 25.04
C THR B 183 -9.69 38.08 24.88
N LEU B 184 -10.29 38.98 25.67
CA LEU B 184 -10.11 40.45 25.59
C LEU B 184 -9.76 40.93 27.01
N MET B 185 -8.78 41.82 27.16
CA MET B 185 -8.38 42.35 28.48
C MET B 185 -7.78 43.74 28.28
N SER B 186 -8.63 44.76 28.19
CA SER B 186 -8.19 46.17 28.14
C SER B 186 -7.60 46.55 29.49
N SER B 187 -6.38 47.09 29.48
CA SER B 187 -5.58 47.47 30.68
C SER B 187 -5.95 48.89 31.12
N ARG B 188 -6.85 49.53 30.36
CA ARG B 188 -7.19 50.97 30.46
C ARG B 188 -8.60 51.20 29.94
N PRO B 189 -9.26 52.30 30.34
CA PRO B 189 -10.53 52.67 29.74
C PRO B 189 -10.24 53.29 28.37
N GLY B 190 -11.28 53.73 27.66
CA GLY B 190 -11.13 54.55 26.43
C GLY B 190 -12.04 54.07 25.33
N LEU B 191 -11.98 54.75 24.20
CA LEU B 191 -12.54 54.22 22.94
C LEU B 191 -11.39 53.54 22.19
N TYR B 192 -11.65 52.40 21.54
CA TYR B 192 -10.65 51.57 20.81
C TYR B 192 -11.29 50.97 19.55
N TYR B 193 -10.77 51.32 18.37
CA TYR B 193 -11.46 51.21 17.06
C TYR B 193 -10.89 50.06 16.21
N GLY B 194 -11.75 49.46 15.41
CA GLY B 194 -11.39 48.34 14.51
C GLY B 194 -12.29 48.31 13.30
N GLN B 195 -11.95 47.53 12.28
CA GLN B 195 -12.76 47.39 11.04
C GLN B 195 -12.84 45.92 10.58
N CYS B 196 -13.90 45.57 9.87
CA CYS B 196 -14.06 44.23 9.26
C CYS B 196 -12.76 43.91 8.54
N SER B 197 -12.26 42.70 8.73
CA SER B 197 -10.98 42.22 8.14
C SER B 197 -11.24 40.91 7.38
N GLU B 198 -12.39 40.79 6.72
CA GLU B 198 -12.57 39.87 5.56
C GLU B 198 -13.62 40.47 4.61
N ILE B 199 -13.32 40.33 3.33
CA ILE B 199 -14.14 40.91 2.23
C ILE B 199 -15.49 40.21 2.31
N CYS B 200 -16.50 40.99 2.67
CA CYS B 200 -17.88 40.58 2.97
C CYS B 200 -18.83 41.14 1.90
N GLY B 201 -18.27 41.74 0.84
CA GLY B 201 -19.03 42.30 -0.30
C GLY B 201 -18.83 43.80 -0.45
N SER B 202 -19.85 44.50 -0.98
CA SER B 202 -19.86 45.93 -1.39
C SER B 202 -19.33 46.83 -0.27
N ASN B 203 -19.85 46.65 0.94
CA ASN B 203 -19.61 47.60 2.08
C ASN B 203 -18.67 47.00 3.12
N HIS B 204 -17.58 46.35 2.72
CA HIS B 204 -16.56 45.71 3.60
C HIS B 204 -15.78 46.80 4.34
N SER B 205 -15.64 47.96 3.69
CA SER B 205 -14.82 49.12 4.12
C SER B 205 -15.53 49.89 5.27
N PHE B 206 -16.82 49.60 5.49
CA PHE B 206 -17.80 50.46 6.21
C PHE B 206 -18.64 49.69 7.22
N MET B 207 -18.08 48.69 7.90
CA MET B 207 -18.73 48.07 9.08
C MET B 207 -17.72 47.96 10.23
N PRO B 208 -17.46 49.11 10.90
CA PRO B 208 -16.43 49.20 11.93
C PRO B 208 -16.90 48.83 13.33
N ILE B 209 -15.94 48.87 14.26
CA ILE B 209 -16.03 48.22 15.58
C ILE B 209 -15.49 49.22 16.58
N VAL B 210 -16.29 49.64 17.57
CA VAL B 210 -15.80 50.55 18.63
C VAL B 210 -16.02 49.90 19.99
N LEU B 211 -14.92 49.75 20.73
CA LEU B 211 -14.93 49.33 22.15
C LEU B 211 -14.88 50.58 23.03
N GLU B 212 -15.94 50.81 23.80
CA GLU B 212 -15.99 51.76 24.95
C GLU B 212 -15.69 50.99 26.23
N LEU B 213 -14.47 51.12 26.76
CA LEU B 213 -14.04 50.42 27.99
C LEU B 213 -14.19 51.38 29.17
N VAL B 214 -15.23 51.16 29.99
CA VAL B 214 -15.52 51.95 31.22
C VAL B 214 -15.33 50.98 32.37
N PRO B 215 -15.57 51.39 33.62
CA PRO B 215 -15.50 50.45 34.75
C PRO B 215 -16.79 49.64 34.94
N LEU B 216 -16.70 48.55 35.71
CA LEU B 216 -17.78 47.57 35.96
C LEU B 216 -19.07 48.31 36.33
N LYS B 217 -19.01 49.16 37.38
CA LYS B 217 -20.12 50.01 37.86
C LYS B 217 -20.95 50.49 36.68
N TYR B 218 -20.32 51.21 35.76
CA TYR B 218 -20.98 51.97 34.67
C TYR B 218 -21.42 51.04 33.54
N PHE B 219 -20.71 49.91 33.40
CA PHE B 219 -21.12 48.78 32.50
C PHE B 219 -22.49 48.25 32.97
N GLU B 220 -22.61 47.80 34.24
CA GLU B 220 -23.86 47.22 34.83
C GLU B 220 -25.06 48.08 34.47
N LYS B 221 -24.92 49.38 34.69
CA LYS B 221 -26.02 50.37 34.52
C LYS B 221 -26.37 50.44 33.03
N TRP B 222 -25.36 50.49 32.17
CA TRP B 222 -25.55 50.53 30.68
C TRP B 222 -26.31 49.27 30.24
N SER B 223 -25.85 48.08 30.64
CA SER B 223 -26.49 46.79 30.28
C SER B 223 -28.00 46.91 30.50
N ALA B 224 -28.42 47.35 31.70
CA ALA B 224 -29.85 47.34 32.14
C ALA B 224 -30.64 48.38 31.36
N SER B 225 -29.98 49.41 30.83
CA SER B 225 -30.61 50.52 30.06
C SER B 225 -30.75 50.14 28.58
N MET B 226 -30.13 49.04 28.15
CA MET B 226 -30.13 48.58 26.73
C MET B 226 -31.10 47.43 26.50
N LEU B 227 -31.72 46.90 27.56
CA LEU B 227 -32.71 45.79 27.45
C LEU B 227 -33.96 46.35 26.76
N HIS C 3 17.48 16.48 -43.52
CA HIS C 3 17.13 15.13 -42.99
C HIS C 3 17.59 15.00 -41.53
N GLN C 4 16.72 14.52 -40.65
CA GLN C 4 16.97 14.41 -39.17
C GLN C 4 17.74 13.12 -38.82
N THR C 5 18.65 13.20 -37.86
CA THR C 5 19.45 12.05 -37.36
C THR C 5 19.26 11.89 -35.85
N HIS C 6 18.14 12.40 -35.30
CA HIS C 6 17.58 12.00 -33.99
C HIS C 6 16.41 11.06 -34.25
N ALA C 7 15.83 10.46 -33.20
CA ALA C 7 14.77 9.44 -33.32
C ALA C 7 13.44 10.00 -32.82
N TYR C 8 13.38 11.31 -32.61
CA TYR C 8 12.18 12.01 -32.07
C TYR C 8 11.27 12.38 -33.22
N HIS C 9 10.00 12.60 -32.89
CA HIS C 9 8.90 12.82 -33.86
C HIS C 9 8.64 14.32 -33.97
N MET C 10 9.04 14.96 -35.07
CA MET C 10 8.59 16.34 -35.41
C MET C 10 7.22 16.19 -36.06
N VAL C 11 6.20 16.78 -35.43
CA VAL C 11 4.76 16.53 -35.74
C VAL C 11 4.28 17.54 -36.79
N ASN C 12 3.43 17.08 -37.71
CA ASN C 12 2.82 17.88 -38.81
C ASN C 12 1.96 18.97 -38.19
N PRO C 13 2.04 20.22 -38.67
CA PRO C 13 1.11 21.27 -38.24
C PRO C 13 -0.31 20.69 -38.18
N SER C 14 -0.97 20.81 -37.03
CA SER C 14 -2.26 20.15 -36.71
C SER C 14 -3.22 21.20 -36.18
N PRO C 15 -4.47 21.23 -36.70
CA PRO C 15 -5.50 22.16 -36.26
C PRO C 15 -6.18 21.80 -34.93
N TRP C 16 -6.02 20.55 -34.48
CA TRP C 16 -6.82 19.92 -33.40
C TRP C 16 -6.55 20.58 -32.04
N PRO C 17 -5.30 21.00 -31.73
CA PRO C 17 -5.06 21.85 -30.55
C PRO C 17 -5.98 23.08 -30.50
N LEU C 18 -6.23 23.74 -31.64
CA LEU C 18 -7.15 24.92 -31.75
C LEU C 18 -8.60 24.48 -31.55
N THR C 19 -9.08 23.49 -32.31
CA THR C 19 -10.48 22.98 -32.23
C THR C 19 -10.71 22.44 -30.81
N GLY C 20 -9.65 21.94 -30.16
CA GLY C 20 -9.68 21.53 -28.75
C GLY C 20 -9.91 22.72 -27.84
N ALA C 21 -9.14 23.78 -28.00
CA ALA C 21 -9.27 24.98 -27.14
C ALA C 21 -10.67 25.58 -27.36
N LEU C 22 -11.10 25.67 -28.62
CA LEU C 22 -12.36 26.38 -28.96
C LEU C 22 -13.53 25.57 -28.40
N SER C 23 -13.49 24.24 -28.55
CA SER C 23 -14.52 23.32 -28.01
C SER C 23 -14.54 23.43 -26.48
N ALA C 24 -13.38 23.64 -25.86
CA ALA C 24 -13.24 23.88 -24.41
C ALA C 24 -13.97 25.17 -24.02
N LEU C 25 -13.95 26.20 -24.88
CA LEU C 25 -14.72 27.47 -24.65
C LEU C 25 -16.23 27.19 -24.72
N LEU C 26 -16.65 26.51 -25.80
CA LEU C 26 -18.07 26.23 -26.11
C LEU C 26 -18.69 25.45 -24.95
N MET C 27 -17.94 24.58 -24.29
CA MET C 27 -18.46 23.70 -23.22
C MET C 27 -18.62 24.48 -21.91
N THR C 28 -17.64 25.31 -21.55
CA THR C 28 -17.69 26.16 -20.34
C THR C 28 -18.77 27.24 -20.53
N SER C 29 -18.75 27.96 -21.66
CA SER C 29 -19.81 28.93 -22.03
C SER C 29 -21.16 28.22 -22.02
N GLY C 30 -21.21 27.01 -22.58
CA GLY C 30 -22.42 26.17 -22.64
C GLY C 30 -22.98 25.85 -21.26
N LEU C 31 -22.15 25.33 -20.36
CA LEU C 31 -22.51 25.07 -18.94
C LEU C 31 -23.09 26.35 -18.33
N THR C 32 -22.39 27.49 -18.49
CA THR C 32 -22.85 28.81 -17.99
C THR C 32 -24.24 29.07 -18.57
N MET C 33 -24.38 28.97 -19.90
CA MET C 33 -25.66 29.22 -20.62
C MET C 33 -26.71 28.28 -20.02
N TRP C 34 -26.32 27.06 -19.66
CA TRP C 34 -27.26 26.02 -19.17
C TRP C 34 -27.69 26.30 -17.73
N PHE C 35 -26.74 26.50 -16.82
CA PHE C 35 -27.01 26.70 -15.36
C PHE C 35 -27.81 27.97 -15.16
N HIS C 36 -27.58 28.99 -15.97
CA HIS C 36 -27.98 30.39 -15.64
C HIS C 36 -29.08 30.93 -16.56
N PHE C 37 -29.16 30.52 -17.82
CA PHE C 37 -30.10 31.11 -18.81
C PHE C 37 -30.82 29.97 -19.55
N ASN C 38 -31.03 28.86 -18.84
CA ASN C 38 -31.66 27.58 -19.28
C ASN C 38 -31.62 27.41 -20.82
N SER C 39 -30.49 26.95 -21.33
CA SER C 39 -30.26 26.64 -22.77
C SER C 39 -29.06 25.72 -22.91
N MET C 40 -29.15 24.68 -23.76
CA MET C 40 -28.05 23.70 -23.97
C MET C 40 -27.40 23.88 -25.35
N THR C 41 -28.11 24.45 -26.32
CA THR C 41 -27.60 24.74 -27.67
C THR C 41 -26.06 24.75 -27.64
N LEU C 42 -25.46 25.64 -26.86
CA LEU C 42 -23.99 25.84 -26.82
C LEU C 42 -23.30 24.56 -26.36
N LEU C 43 -23.72 24.07 -25.19
CA LEU C 43 -23.22 22.78 -24.61
C LEU C 43 -23.32 21.68 -25.65
N MET C 44 -24.45 21.58 -26.36
CA MET C 44 -24.63 20.62 -27.47
C MET C 44 -23.48 20.82 -28.45
N ILE C 45 -23.37 22.01 -29.02
CA ILE C 45 -22.29 22.36 -29.98
C ILE C 45 -20.94 21.98 -29.36
N GLY C 46 -20.66 22.43 -28.14
CA GLY C 46 -19.39 22.17 -27.44
C GLY C 46 -19.01 20.69 -27.43
N LEU C 47 -19.93 19.84 -27.00
CA LEU C 47 -19.69 18.37 -26.84
C LEU C 47 -19.33 17.73 -28.20
N THR C 48 -19.80 18.29 -29.30
CA THR C 48 -19.63 17.72 -30.66
C THR C 48 -18.20 17.99 -31.14
N THR C 49 -17.81 19.27 -31.19
CA THR C 49 -16.47 19.76 -31.59
C THR C 49 -15.41 19.06 -30.73
N ASN C 50 -15.75 18.72 -29.47
CA ASN C 50 -14.84 18.03 -28.53
C ASN C 50 -14.63 16.58 -28.96
N MET C 51 -15.71 15.81 -29.16
CA MET C 51 -15.65 14.42 -29.67
C MET C 51 -14.88 14.44 -30.99
N LEU C 52 -15.34 15.25 -31.96
CA LEU C 52 -14.70 15.38 -33.30
C LEU C 52 -13.18 15.62 -33.14
N THR C 53 -12.78 16.58 -32.30
CA THR C 53 -11.37 16.92 -32.01
C THR C 53 -10.65 15.66 -31.47
N MET C 54 -11.18 15.06 -30.41
CA MET C 54 -10.58 13.88 -29.72
C MET C 54 -10.38 12.75 -30.73
N TYR C 55 -11.40 12.51 -31.57
CA TYR C 55 -11.39 11.47 -32.64
C TYR C 55 -10.18 11.67 -33.55
N GLN C 56 -10.16 12.80 -34.25
CA GLN C 56 -9.17 13.12 -35.31
C GLN C 56 -7.78 13.20 -34.67
N TRP C 57 -7.67 13.75 -33.47
CA TRP C 57 -6.36 13.90 -32.79
C TRP C 57 -5.78 12.50 -32.58
N TRP C 58 -6.55 11.59 -31.97
CA TRP C 58 -6.02 10.23 -31.66
C TRP C 58 -5.93 9.40 -32.94
N ARG C 59 -6.71 9.78 -33.96
CA ARG C 59 -6.64 9.15 -35.31
C ARG C 59 -5.25 9.39 -35.88
N ASP C 60 -4.83 10.65 -35.89
CA ASP C 60 -3.51 11.08 -36.39
C ASP C 60 -2.42 10.33 -35.60
N VAL C 61 -2.58 10.13 -34.29
CA VAL C 61 -1.52 9.47 -33.45
C VAL C 61 -1.33 8.04 -33.97
N ILE C 62 -2.41 7.34 -34.27
CA ILE C 62 -2.37 5.94 -34.77
C ILE C 62 -1.75 5.96 -36.16
N ARG C 63 -2.24 6.85 -37.02
CA ARG C 63 -1.67 7.11 -38.37
C ARG C 63 -0.16 7.30 -38.26
N GLU C 64 0.25 8.17 -37.33
CA GLU C 64 1.67 8.56 -37.06
C GLU C 64 2.48 7.33 -36.61
N SER C 65 1.87 6.44 -35.83
CA SER C 65 2.56 5.32 -35.12
C SER C 65 2.41 4.00 -35.88
N THR C 66 1.19 3.46 -35.93
CA THR C 66 0.88 2.13 -36.54
C THR C 66 1.30 2.13 -38.01
N PHE C 67 1.16 3.26 -38.72
CA PHE C 67 1.24 3.34 -40.21
C PHE C 67 2.49 4.05 -40.72
N GLN C 68 2.93 5.12 -40.08
CA GLN C 68 4.12 5.87 -40.55
C GLN C 68 5.34 5.48 -39.69
N GLY C 69 5.12 4.80 -38.58
CA GLY C 69 6.18 4.27 -37.70
C GLY C 69 7.12 5.36 -37.21
N HIS C 70 6.58 6.40 -36.58
CA HIS C 70 7.37 7.49 -35.93
C HIS C 70 7.63 7.17 -34.46
N HIS C 71 7.02 6.10 -33.95
CA HIS C 71 7.11 5.73 -32.52
C HIS C 71 8.32 4.82 -32.34
N THR C 72 9.51 5.43 -32.42
CA THR C 72 10.83 4.83 -32.06
C THR C 72 10.84 4.50 -30.56
N PRO C 73 11.79 3.69 -30.07
CA PRO C 73 11.86 3.39 -28.64
C PRO C 73 11.84 4.65 -27.77
N ALA C 74 12.48 5.73 -28.25
CA ALA C 74 12.58 7.02 -27.54
C ALA C 74 11.19 7.66 -27.44
N VAL C 75 10.52 7.88 -28.57
CA VAL C 75 9.17 8.52 -28.60
C VAL C 75 8.22 7.75 -27.68
N GLN C 76 8.41 6.41 -27.63
CA GLN C 76 7.62 5.45 -26.82
C GLN C 76 7.81 5.76 -25.34
N LYS C 77 9.06 5.71 -24.85
CA LYS C 77 9.44 6.13 -23.47
C LYS C 77 8.65 7.38 -23.07
N GLY C 78 8.82 8.47 -23.81
CA GLY C 78 8.14 9.75 -23.61
C GLY C 78 6.68 9.54 -23.28
N LEU C 79 5.97 8.72 -24.06
CA LEU C 79 4.50 8.55 -23.90
C LEU C 79 4.18 7.87 -22.58
N ARG C 80 5.07 7.00 -22.09
CA ARG C 80 4.94 6.29 -20.79
C ARG C 80 4.92 7.32 -19.67
N TYR C 81 6.02 8.08 -19.56
CA TYR C 81 6.14 9.24 -18.62
C TYR C 81 4.86 10.08 -18.75
N GLY C 82 4.56 10.52 -19.97
CA GLY C 82 3.41 11.41 -20.22
C GLY C 82 2.17 10.88 -19.51
N MET C 83 1.93 9.58 -19.62
CA MET C 83 0.69 8.88 -19.17
C MET C 83 0.74 8.62 -17.66
N ILE C 84 1.87 8.18 -17.14
CA ILE C 84 2.06 8.10 -15.67
C ILE C 84 1.79 9.49 -15.11
N LEU C 85 2.45 10.53 -15.62
CA LEU C 85 2.33 11.91 -15.09
C LEU C 85 0.85 12.26 -15.12
N PHE C 86 0.14 11.84 -16.16
CA PHE C 86 -1.30 12.17 -16.33
C PHE C 86 -2.09 11.48 -15.22
N ILE C 87 -1.83 10.20 -14.95
CA ILE C 87 -2.57 9.45 -13.89
C ILE C 87 -2.35 10.14 -12.54
N ILE C 88 -1.10 10.55 -12.28
CA ILE C 88 -0.68 11.24 -11.04
C ILE C 88 -1.55 12.50 -10.85
N SER C 89 -1.80 13.27 -11.91
CA SER C 89 -2.63 14.49 -11.79
C SER C 89 -4.06 14.10 -11.40
N GLU C 90 -4.56 12.96 -11.88
CA GLU C 90 -5.92 12.44 -11.52
C GLU C 90 -5.95 12.02 -10.04
N VAL C 91 -4.87 11.39 -9.57
CA VAL C 91 -4.76 10.92 -8.16
C VAL C 91 -4.95 12.12 -7.23
N LEU C 92 -4.22 13.21 -7.48
CA LEU C 92 -4.34 14.48 -6.73
C LEU C 92 -5.76 15.07 -6.87
N PHE C 93 -6.37 14.93 -8.05
CA PHE C 93 -7.74 15.44 -8.33
C PHE C 93 -8.75 14.73 -7.44
N PHE C 94 -8.73 13.40 -7.38
CA PHE C 94 -9.64 12.60 -6.49
C PHE C 94 -9.37 12.95 -5.03
N THR C 95 -8.10 13.20 -4.69
CA THR C 95 -7.62 13.50 -3.32
C THR C 95 -8.38 14.71 -2.75
N GLY C 96 -8.87 15.61 -3.60
CA GLY C 96 -9.73 16.72 -3.18
C GLY C 96 -11.04 16.22 -2.57
N PHE C 97 -11.64 15.21 -3.20
CA PHE C 97 -13.02 14.76 -2.88
C PHE C 97 -12.97 13.82 -1.68
N PHE C 98 -11.84 13.15 -1.47
CA PHE C 98 -11.61 12.28 -0.30
C PHE C 98 -11.42 13.16 0.93
N TRP C 99 -10.59 14.20 0.77
CA TRP C 99 -10.34 15.25 1.78
C TRP C 99 -11.68 15.79 2.26
N ALA C 100 -12.51 16.23 1.31
CA ALA C 100 -13.84 16.83 1.58
C ALA C 100 -14.69 15.86 2.41
N PHE C 101 -14.75 14.58 1.99
CA PHE C 101 -15.49 13.50 2.67
C PHE C 101 -14.95 13.32 4.09
N TYR C 102 -13.66 13.01 4.22
CA TYR C 102 -12.98 12.85 5.53
C TYR C 102 -13.16 14.09 6.39
N HIS C 103 -13.07 15.28 5.80
CA HIS C 103 -13.27 16.57 6.52
C HIS C 103 -14.62 16.57 7.22
N SER C 104 -15.67 16.27 6.47
CA SER C 104 -17.07 16.38 6.94
C SER C 104 -17.45 15.15 7.79
N SER C 105 -16.96 13.95 7.46
CA SER C 105 -17.35 12.70 8.16
C SER C 105 -16.63 12.62 9.51
N LEU C 106 -15.41 13.12 9.62
CA LEU C 106 -14.68 13.01 10.91
C LEU C 106 -15.20 14.06 11.90
N ALA C 107 -15.89 15.11 11.45
CA ALA C 107 -16.31 16.22 12.32
C ALA C 107 -17.71 16.71 11.94
N PRO C 108 -18.74 15.88 12.16
CA PRO C 108 -20.09 16.28 11.77
C PRO C 108 -20.57 17.47 12.62
N THR C 109 -21.23 18.43 11.96
CA THR C 109 -21.73 19.71 12.56
C THR C 109 -23.06 19.51 13.30
N PRO C 110 -23.40 20.45 14.22
CA PRO C 110 -24.74 20.55 14.77
C PRO C 110 -25.90 20.34 13.78
N GLU C 111 -25.82 20.91 12.58
CA GLU C 111 -26.92 20.86 11.57
C GLU C 111 -27.24 19.42 11.15
N LEU C 112 -26.26 18.51 11.27
CA LEU C 112 -26.33 17.07 10.86
C LEU C 112 -26.75 16.18 12.03
N GLY C 113 -26.87 16.74 13.23
CA GLY C 113 -27.14 15.99 14.48
C GLY C 113 -25.85 15.63 15.18
N GLY C 114 -24.77 16.37 14.91
CA GLY C 114 -23.42 16.17 15.47
C GLY C 114 -22.95 14.73 15.37
N CYS C 115 -23.26 14.04 14.28
CA CYS C 115 -23.04 12.57 14.13
C CYS C 115 -23.00 12.17 12.64
N TRP C 116 -22.23 11.13 12.32
CA TRP C 116 -22.12 10.53 10.96
C TRP C 116 -22.55 9.07 11.00
N PRO C 117 -23.38 8.59 10.04
CA PRO C 117 -23.95 9.44 9.00
C PRO C 117 -25.00 10.36 9.61
N PRO C 118 -25.33 11.49 8.94
CA PRO C 118 -26.21 12.51 9.52
C PRO C 118 -27.57 11.92 9.92
N THR C 119 -28.16 12.45 10.99
CA THR C 119 -29.59 12.26 11.28
C THR C 119 -30.34 12.32 9.95
N GLY C 120 -31.09 11.27 9.60
CA GLY C 120 -32.07 11.32 8.50
C GLY C 120 -31.58 10.71 7.21
N ILE C 121 -30.32 10.28 7.12
CA ILE C 121 -29.76 9.53 5.96
C ILE C 121 -29.85 8.03 6.24
N HIS C 122 -30.57 7.29 5.38
CA HIS C 122 -30.69 5.82 5.43
C HIS C 122 -29.67 5.24 4.43
N PRO C 123 -28.40 5.07 4.87
CA PRO C 123 -27.31 4.72 3.94
C PRO C 123 -27.47 3.35 3.27
N LEU C 124 -26.75 3.14 2.16
CA LEU C 124 -26.63 1.84 1.45
C LEU C 124 -25.91 0.81 2.34
N ASN C 125 -26.17 -0.47 2.11
CA ASN C 125 -25.44 -1.57 2.80
C ASN C 125 -24.23 -1.96 1.95
N PRO C 126 -23.00 -1.91 2.51
CA PRO C 126 -21.81 -2.29 1.75
C PRO C 126 -21.69 -3.78 1.33
N LEU C 127 -22.42 -4.71 1.96
CA LEU C 127 -22.33 -6.16 1.66
C LEU C 127 -23.34 -6.54 0.56
N GLU C 128 -24.30 -5.66 0.23
CA GLU C 128 -25.20 -5.84 -0.95
C GLU C 128 -24.42 -5.45 -2.21
N VAL C 129 -24.94 -4.57 -3.06
CA VAL C 129 -24.43 -4.35 -4.45
C VAL C 129 -23.02 -3.77 -4.43
N PRO C 130 -22.68 -2.82 -3.51
CA PRO C 130 -21.31 -2.32 -3.41
C PRO C 130 -20.23 -3.41 -3.35
N LEU C 131 -20.49 -4.52 -2.65
CA LEU C 131 -19.58 -5.68 -2.61
C LEU C 131 -19.52 -6.31 -4.00
N LEU C 132 -20.66 -6.34 -4.71
CA LEU C 132 -20.73 -6.84 -6.11
C LEU C 132 -19.84 -5.97 -6.98
N ASN C 133 -20.07 -4.66 -6.99
CA ASN C 133 -19.28 -3.66 -7.76
C ASN C 133 -17.77 -3.93 -7.58
N THR C 134 -17.35 -4.12 -6.33
CA THR C 134 -15.93 -4.36 -5.96
C THR C 134 -15.41 -5.64 -6.62
N SER C 135 -16.10 -6.77 -6.45
CA SER C 135 -15.76 -8.08 -7.07
C SER C 135 -15.70 -7.96 -8.60
N VAL C 136 -16.57 -7.16 -9.19
CA VAL C 136 -16.66 -7.00 -10.68
C VAL C 136 -15.37 -6.32 -11.15
N LEU C 137 -14.98 -5.21 -10.52
CA LEU C 137 -13.79 -4.41 -10.92
C LEU C 137 -12.50 -5.16 -10.59
N LEU C 138 -12.42 -5.80 -9.42
CA LEU C 138 -11.25 -6.63 -9.04
C LEU C 138 -11.10 -7.78 -10.06
N ALA C 139 -12.22 -8.32 -10.53
CA ALA C 139 -12.23 -9.48 -11.46
C ALA C 139 -11.70 -9.00 -12.81
N SER C 140 -12.11 -7.81 -13.25
CA SER C 140 -11.68 -7.16 -14.53
C SER C 140 -10.18 -6.85 -14.48
N GLY C 141 -9.62 -6.70 -13.27
CA GLY C 141 -8.17 -6.49 -13.04
C GLY C 141 -7.36 -7.73 -13.36
N VAL C 142 -7.89 -8.92 -13.00
CA VAL C 142 -7.33 -10.24 -13.40
C VAL C 142 -7.48 -10.41 -14.91
N SER C 143 -8.69 -10.20 -15.44
CA SER C 143 -9.02 -10.56 -16.85
C SER C 143 -8.21 -9.67 -17.81
N ILE C 144 -7.91 -8.41 -17.46
CA ILE C 144 -7.10 -7.52 -18.34
C ILE C 144 -5.66 -7.99 -18.32
N THR C 145 -5.15 -8.30 -17.14
CA THR C 145 -3.78 -8.83 -16.90
C THR C 145 -3.57 -10.05 -17.79
N TRP C 146 -4.63 -10.85 -18.01
CA TRP C 146 -4.60 -12.06 -18.86
C TRP C 146 -4.56 -11.61 -20.33
N ALA C 147 -5.39 -10.65 -20.70
CA ALA C 147 -5.36 -10.02 -22.05
C ALA C 147 -3.93 -9.60 -22.36
N HIS C 148 -3.27 -8.89 -21.44
CA HIS C 148 -1.89 -8.35 -21.65
C HIS C 148 -0.90 -9.50 -21.88
N HIS C 149 -0.92 -10.53 -21.04
CA HIS C 149 -0.05 -11.73 -21.17
C HIS C 149 -0.36 -12.43 -22.51
N SER C 150 -1.64 -12.56 -22.87
CA SER C 150 -2.03 -13.16 -24.17
C SER C 150 -1.42 -12.35 -25.33
N LEU C 151 -1.41 -11.02 -25.25
CA LEU C 151 -0.89 -10.17 -26.35
C LEU C 151 0.62 -10.39 -26.51
N MET C 152 1.36 -10.59 -25.41
CA MET C 152 2.83 -10.70 -25.48
C MET C 152 3.23 -12.12 -25.92
N GLU C 153 2.49 -13.14 -25.49
CA GLU C 153 2.63 -14.54 -25.98
C GLU C 153 2.07 -14.68 -27.40
N GLY C 154 1.71 -13.58 -28.06
CA GLY C 154 1.23 -13.54 -29.46
C GLY C 154 -0.06 -14.31 -29.68
N ASP C 155 -0.90 -14.47 -28.64
CA ASP C 155 -2.21 -15.16 -28.73
C ASP C 155 -3.31 -14.14 -29.04
N ARG C 156 -3.74 -14.06 -30.31
CA ARG C 156 -4.82 -13.14 -30.76
C ARG C 156 -6.13 -13.55 -30.11
N LYS C 157 -6.67 -14.71 -30.47
CA LYS C 157 -8.00 -15.17 -29.98
C LYS C 157 -8.17 -14.81 -28.50
N HIS C 158 -7.17 -15.13 -27.65
CA HIS C 158 -7.26 -15.02 -26.17
C HIS C 158 -7.08 -13.59 -25.68
N MET C 159 -6.20 -12.83 -26.33
CA MET C 159 -6.11 -11.37 -26.11
C MET C 159 -7.52 -10.81 -26.20
N LEU C 160 -8.22 -11.10 -27.29
CA LEU C 160 -9.54 -10.49 -27.55
C LEU C 160 -10.54 -11.01 -26.52
N GLN C 161 -10.65 -12.34 -26.39
CA GLN C 161 -11.59 -13.01 -25.45
C GLN C 161 -11.48 -12.36 -24.07
N ALA C 162 -10.26 -12.29 -23.53
CA ALA C 162 -9.94 -11.75 -22.19
C ALA C 162 -10.29 -10.25 -22.13
N LEU C 163 -10.06 -9.52 -23.22
CA LEU C 163 -10.24 -8.04 -23.28
C LEU C 163 -11.75 -7.76 -23.30
N PHE C 164 -12.53 -8.70 -23.85
CA PHE C 164 -14.00 -8.59 -23.99
C PHE C 164 -14.61 -8.74 -22.59
N ILE C 165 -14.27 -9.85 -21.93
CA ILE C 165 -14.66 -10.11 -20.51
C ILE C 165 -14.48 -8.81 -19.74
N THR C 166 -13.27 -8.24 -19.81
CA THR C 166 -12.90 -6.99 -19.10
C THR C 166 -14.00 -5.94 -19.37
N ILE C 167 -14.18 -5.56 -20.65
CA ILE C 167 -15.11 -4.47 -21.07
C ILE C 167 -16.48 -4.80 -20.49
N THR C 168 -16.91 -6.05 -20.66
CA THR C 168 -18.20 -6.61 -20.15
C THR C 168 -18.33 -6.37 -18.65
N LEU C 169 -17.29 -6.72 -17.87
CA LEU C 169 -17.30 -6.51 -16.41
C LEU C 169 -17.36 -5.01 -16.12
N GLY C 170 -16.55 -4.22 -16.82
CA GLY C 170 -16.55 -2.75 -16.75
C GLY C 170 -17.92 -2.15 -17.03
N VAL C 171 -18.62 -2.66 -18.05
CA VAL C 171 -20.00 -2.22 -18.43
C VAL C 171 -21.00 -2.70 -17.36
N TYR C 172 -20.82 -3.92 -16.85
CA TYR C 172 -21.65 -4.53 -15.77
C TYR C 172 -21.68 -3.56 -14.59
N PHE C 173 -20.48 -3.20 -14.13
CA PHE C 173 -20.24 -2.20 -13.07
C PHE C 173 -21.17 -1.00 -13.32
N THR C 174 -21.09 -0.43 -14.53
CA THR C 174 -21.70 0.88 -14.87
C THR C 174 -23.21 0.80 -14.64
N LEU C 175 -23.85 -0.28 -15.12
CA LEU C 175 -25.31 -0.54 -14.96
C LEU C 175 -25.64 -0.71 -13.48
N LEU C 176 -24.89 -1.54 -12.77
CA LEU C 176 -25.10 -1.75 -11.30
C LEU C 176 -25.09 -0.38 -10.62
N GLN C 177 -24.12 0.47 -10.97
CA GLN C 177 -23.94 1.79 -10.32
C GLN C 177 -25.15 2.67 -10.66
N ALA C 178 -25.52 2.73 -11.95
CA ALA C 178 -26.70 3.50 -12.41
C ALA C 178 -27.94 3.03 -11.64
N SER C 179 -28.04 1.72 -11.39
CA SER C 179 -29.11 1.07 -10.59
C SER C 179 -29.10 1.65 -9.17
N GLU C 180 -27.96 1.49 -8.49
CA GLU C 180 -27.73 1.97 -7.10
C GLU C 180 -28.10 3.44 -6.99
N TYR C 181 -27.70 4.25 -7.98
CA TYR C 181 -27.95 5.70 -7.98
C TYR C 181 -29.46 5.89 -7.88
N TYR C 182 -30.20 5.38 -8.86
CA TYR C 182 -31.68 5.46 -8.94
C TYR C 182 -32.27 4.93 -7.61
N GLU C 183 -31.88 3.74 -7.18
CA GLU C 183 -32.54 3.09 -6.02
C GLU C 183 -32.16 3.77 -4.70
N ALA C 184 -31.18 4.66 -4.67
CA ALA C 184 -30.63 5.23 -3.40
C ALA C 184 -31.63 6.20 -2.77
N PRO C 185 -31.90 6.05 -1.46
CA PRO C 185 -32.95 6.83 -0.81
C PRO C 185 -32.52 8.27 -0.53
N PHE C 186 -31.24 8.59 -0.79
CA PHE C 186 -30.66 9.93 -0.56
C PHE C 186 -30.22 10.51 -1.91
N THR C 187 -30.07 11.84 -1.96
CA THR C 187 -29.71 12.60 -3.17
C THR C 187 -28.48 13.48 -2.92
N ILE C 188 -27.89 13.98 -4.01
CA ILE C 188 -26.86 15.05 -4.04
C ILE C 188 -27.34 16.27 -3.24
N SER C 189 -28.65 16.50 -3.20
CA SER C 189 -29.29 17.62 -2.49
C SER C 189 -29.44 17.30 -0.98
N ASP C 190 -29.11 16.09 -0.53
CA ASP C 190 -29.33 15.68 0.88
C ASP C 190 -28.07 16.01 1.70
N GLY C 191 -27.74 17.32 1.75
CA GLY C 191 -26.64 17.87 2.55
C GLY C 191 -25.28 17.32 2.15
N VAL C 192 -24.29 17.43 3.04
CA VAL C 192 -22.87 17.05 2.79
C VAL C 192 -22.77 15.54 2.53
N TYR C 193 -23.68 14.71 3.07
CA TYR C 193 -23.65 13.24 2.82
C TYR C 193 -23.86 13.03 1.33
N GLY C 194 -25.01 13.47 0.83
CA GLY C 194 -25.32 13.45 -0.61
C GLY C 194 -24.21 14.04 -1.43
N SER C 195 -23.69 15.20 -1.04
CA SER C 195 -22.64 15.95 -1.79
C SER C 195 -21.39 15.07 -1.95
N THR C 196 -20.71 14.74 -0.85
CA THR C 196 -19.51 13.88 -0.84
C THR C 196 -19.79 12.56 -1.57
N PHE C 197 -20.97 11.95 -1.37
CA PHE C 197 -21.27 10.61 -1.93
C PHE C 197 -21.39 10.65 -3.45
N PHE C 198 -22.27 11.50 -4.00
CA PHE C 198 -22.61 11.52 -5.44
C PHE C 198 -21.55 12.26 -6.26
N VAL C 199 -20.84 13.23 -5.71
CA VAL C 199 -19.80 13.96 -6.51
C VAL C 199 -18.59 13.04 -6.69
N ALA C 200 -18.19 12.30 -5.67
CA ALA C 200 -17.03 11.38 -5.72
C ALA C 200 -17.35 10.17 -6.63
N THR C 201 -18.30 9.32 -6.22
CA THR C 201 -18.67 8.08 -6.97
C THR C 201 -18.98 8.44 -8.42
N GLY C 202 -19.54 9.63 -8.64
CA GLY C 202 -19.97 10.15 -9.95
C GLY C 202 -18.78 10.42 -10.84
N PHE C 203 -17.74 11.05 -10.28
CA PHE C 203 -16.47 11.34 -11.01
C PHE C 203 -15.76 10.02 -11.27
N HIS C 204 -15.81 9.11 -10.30
CA HIS C 204 -15.21 7.76 -10.44
C HIS C 204 -15.93 6.95 -11.52
N GLY C 205 -17.27 6.95 -11.48
CA GLY C 205 -18.12 6.33 -12.51
C GLY C 205 -17.79 6.88 -13.88
N LEU C 206 -17.62 8.21 -13.97
CA LEU C 206 -17.24 8.93 -15.21
C LEU C 206 -15.90 8.38 -15.72
N HIS C 207 -14.97 8.10 -14.81
CA HIS C 207 -13.64 7.55 -15.16
C HIS C 207 -13.82 6.09 -15.65
N VAL C 208 -14.74 5.31 -15.07
CA VAL C 208 -14.99 3.87 -15.45
C VAL C 208 -15.47 3.81 -16.90
N ILE C 209 -16.26 4.78 -17.35
CA ILE C 209 -16.75 4.91 -18.75
C ILE C 209 -15.60 5.33 -19.68
N ILE C 210 -14.79 6.31 -19.28
CA ILE C 210 -13.61 6.76 -20.09
C ILE C 210 -12.72 5.54 -20.27
N GLY C 211 -12.58 4.74 -19.22
CA GLY C 211 -11.78 3.50 -19.22
C GLY C 211 -12.37 2.42 -20.12
N SER C 212 -13.65 2.12 -19.96
CA SER C 212 -14.41 1.16 -20.81
C SER C 212 -14.26 1.55 -22.29
N THR C 213 -14.40 2.85 -22.60
CA THR C 213 -14.26 3.44 -23.96
C THR C 213 -12.83 3.18 -24.46
N PHE C 214 -11.84 3.58 -23.67
CA PHE C 214 -10.40 3.39 -23.98
C PHE C 214 -10.15 1.91 -24.32
N LEU C 215 -10.65 0.97 -23.51
CA LEU C 215 -10.46 -0.49 -23.74
C LEU C 215 -11.11 -0.89 -25.06
N ILE C 216 -12.33 -0.40 -25.32
CA ILE C 216 -13.10 -0.70 -26.56
C ILE C 216 -12.27 -0.21 -27.75
N VAL C 217 -11.63 0.96 -27.61
CA VAL C 217 -10.75 1.48 -28.69
C VAL C 217 -9.60 0.49 -28.92
N CYS C 218 -8.97 -0.01 -27.85
CA CYS C 218 -7.85 -1.00 -27.93
C CYS C 218 -8.35 -2.33 -28.50
N PHE C 219 -9.62 -2.66 -28.28
CA PHE C 219 -10.24 -3.89 -28.80
C PHE C 219 -10.25 -3.86 -30.33
N PHE C 220 -10.91 -2.85 -30.92
CA PHE C 220 -11.09 -2.69 -32.39
C PHE C 220 -9.74 -2.47 -33.06
N ARG C 221 -8.82 -1.76 -32.40
CA ARG C 221 -7.42 -1.62 -32.90
C ARG C 221 -6.82 -3.02 -33.02
N GLN C 222 -7.06 -3.89 -32.03
CA GLN C 222 -6.50 -5.26 -31.99
C GLN C 222 -7.17 -6.09 -33.09
N LEU C 223 -8.49 -5.98 -33.25
CA LEU C 223 -9.26 -6.64 -34.33
C LEU C 223 -8.58 -6.38 -35.68
N LYS C 224 -8.01 -5.18 -35.88
CA LYS C 224 -7.41 -4.74 -37.16
C LYS C 224 -5.89 -4.91 -37.15
N PHE C 225 -5.35 -5.60 -36.13
CA PHE C 225 -3.95 -6.08 -36.03
C PHE C 225 -2.93 -4.94 -35.79
N HIS C 226 -3.35 -3.80 -35.23
CA HIS C 226 -2.47 -2.62 -34.96
C HIS C 226 -1.33 -3.00 -34.01
N PHE C 227 -1.66 -3.73 -32.95
CA PHE C 227 -0.71 -4.09 -31.86
C PHE C 227 0.14 -5.24 -32.36
N THR C 228 1.46 -5.14 -32.19
CA THR C 228 2.43 -6.27 -32.27
C THR C 228 2.55 -6.96 -30.90
N SER C 229 3.28 -8.08 -30.89
CA SER C 229 3.68 -8.86 -29.69
C SER C 229 4.42 -7.95 -28.71
N ASN C 230 5.21 -6.99 -29.21
CA ASN C 230 6.24 -6.26 -28.43
C ASN C 230 6.07 -4.72 -28.46
N HIS C 231 5.08 -4.19 -29.17
CA HIS C 231 4.79 -2.74 -29.28
C HIS C 231 3.28 -2.56 -29.26
N HIS C 232 2.72 -1.99 -28.20
CA HIS C 232 1.25 -1.85 -28.05
C HIS C 232 0.94 -0.83 -26.95
N PHE C 233 1.52 0.37 -27.02
CA PHE C 233 1.53 1.31 -25.87
C PHE C 233 0.11 1.73 -25.52
N GLY C 234 -0.73 1.95 -26.52
CA GLY C 234 -2.15 2.31 -26.33
C GLY C 234 -2.88 1.30 -25.46
N PHE C 235 -2.52 0.02 -25.55
CA PHE C 235 -3.11 -1.04 -24.69
C PHE C 235 -2.51 -0.94 -23.30
N GLU C 236 -1.20 -0.72 -23.20
CA GLU C 236 -0.50 -0.66 -21.89
C GLU C 236 -1.15 0.43 -21.05
N ALA C 237 -1.26 1.64 -21.62
CA ALA C 237 -1.82 2.85 -20.99
C ALA C 237 -3.26 2.59 -20.51
N ALA C 238 -4.06 1.92 -21.34
CA ALA C 238 -5.47 1.61 -21.01
C ALA C 238 -5.50 0.66 -19.80
N ALA C 239 -4.61 -0.35 -19.79
CA ALA C 239 -4.49 -1.30 -18.67
C ALA C 239 -4.08 -0.52 -17.40
N TRP C 240 -3.10 0.37 -17.53
CA TRP C 240 -2.67 1.28 -16.44
C TRP C 240 -3.87 2.07 -15.91
N TYR C 241 -4.63 2.68 -16.83
CA TYR C 241 -5.77 3.55 -16.51
C TYR C 241 -6.89 2.73 -15.89
N TRP C 242 -7.00 1.45 -16.27
CA TRP C 242 -8.05 0.56 -15.71
C TRP C 242 -7.74 0.18 -14.26
N HIS C 243 -6.46 -0.04 -13.90
CA HIS C 243 -6.02 -0.32 -12.51
C HIS C 243 -6.24 0.92 -11.62
N PHE C 244 -5.91 2.10 -12.13
CA PHE C 244 -6.22 3.40 -11.49
C PHE C 244 -7.70 3.48 -11.10
N VAL C 245 -8.58 3.16 -12.03
CA VAL C 245 -10.05 3.25 -11.88
C VAL C 245 -10.53 2.20 -10.86
N ASP C 246 -10.01 0.97 -11.01
CA ASP C 246 -10.23 -0.17 -10.08
C ASP C 246 -9.80 0.27 -8.67
N VAL C 247 -8.60 0.82 -8.52
CA VAL C 247 -7.96 1.17 -7.21
C VAL C 247 -8.71 2.33 -6.54
N VAL C 248 -9.06 3.37 -7.30
CA VAL C 248 -9.84 4.53 -6.80
C VAL C 248 -11.14 3.95 -6.25
N TRP C 249 -11.70 2.93 -6.89
CA TRP C 249 -12.97 2.32 -6.42
C TRP C 249 -12.78 1.73 -5.02
N LEU C 250 -11.68 1.02 -4.76
CA LEU C 250 -11.44 0.34 -3.46
C LEU C 250 -11.49 1.38 -2.33
N PHE C 251 -10.83 2.53 -2.52
CA PHE C 251 -10.78 3.62 -1.50
C PHE C 251 -12.19 4.14 -1.25
N LEU C 252 -12.94 4.43 -2.33
CA LEU C 252 -14.35 4.87 -2.24
C LEU C 252 -15.14 3.85 -1.42
N TYR C 253 -15.00 2.55 -1.74
CA TYR C 253 -15.69 1.43 -1.05
C TYR C 253 -15.27 1.44 0.42
N VAL C 254 -13.97 1.47 0.72
CA VAL C 254 -13.53 1.38 2.14
C VAL C 254 -13.86 2.68 2.87
N SER C 255 -13.81 3.84 2.21
CA SER C 255 -13.90 5.16 2.89
C SER C 255 -15.36 5.58 3.07
N ILE C 256 -16.18 5.53 2.00
CA ILE C 256 -17.53 6.18 1.92
C ILE C 256 -18.64 5.17 2.24
N TYR C 257 -18.51 3.92 1.76
CA TYR C 257 -19.56 2.87 1.81
C TYR C 257 -19.45 2.07 3.11
N TRP C 258 -18.23 1.76 3.55
CA TRP C 258 -17.96 0.91 4.73
C TRP C 258 -17.89 1.81 5.94
N TRP C 259 -16.71 2.42 6.17
CA TRP C 259 -16.37 3.24 7.35
C TRP C 259 -17.48 4.28 7.60
N GLY C 260 -17.75 5.15 6.61
CA GLY C 260 -18.78 6.21 6.71
C GLY C 260 -20.17 5.65 6.44
N SER C 261 -20.63 4.72 7.29
CA SER C 261 -21.99 4.13 7.24
C SER C 261 -22.43 3.77 8.66
N SER D 4 38.01 43.51 -40.46
CA SER D 4 37.08 44.25 -41.39
C SER D 4 35.63 43.85 -41.10
N VAL D 5 34.99 43.02 -41.94
CA VAL D 5 33.51 42.87 -42.01
C VAL D 5 33.10 41.47 -41.54
N VAL D 6 32.42 41.41 -40.39
CA VAL D 6 31.89 40.17 -39.75
C VAL D 6 30.45 40.00 -40.24
N LYS D 7 30.00 38.75 -40.32
CA LYS D 7 28.70 38.38 -40.95
C LYS D 7 27.89 37.47 -40.00
N SER D 8 26.56 37.63 -40.04
CA SER D 8 25.57 36.91 -39.18
C SER D 8 25.67 35.40 -39.42
N GLU D 9 26.02 35.02 -40.65
CA GLU D 9 26.03 33.62 -41.17
C GLU D 9 27.36 32.94 -40.84
N ASP D 10 28.20 33.59 -40.02
CA ASP D 10 29.47 33.03 -39.47
C ASP D 10 29.30 32.77 -37.97
N TYR D 11 28.09 32.45 -37.51
CA TYR D 11 27.83 32.19 -36.07
C TYR D 11 28.63 30.97 -35.62
N ALA D 12 28.68 29.91 -36.45
CA ALA D 12 29.31 28.60 -36.11
C ALA D 12 30.85 28.67 -36.20
N LEU D 13 31.38 29.71 -36.83
CA LEU D 13 32.85 29.94 -36.94
C LEU D 13 33.32 30.60 -35.66
N PRO D 14 34.62 30.46 -35.30
CA PRO D 14 35.19 31.22 -34.20
C PRO D 14 35.16 32.72 -34.55
N SER D 15 34.90 33.57 -33.55
CA SER D 15 34.78 35.04 -33.69
C SER D 15 35.79 35.75 -32.77
N TYR D 16 35.97 37.06 -32.98
CA TYR D 16 36.84 37.93 -32.15
C TYR D 16 35.96 38.70 -31.15
N VAL D 17 36.42 38.72 -29.89
CA VAL D 17 35.91 39.61 -28.80
C VAL D 17 37.09 40.32 -28.15
N ASP D 18 36.79 41.48 -27.56
CA ASP D 18 37.68 42.19 -26.62
C ASP D 18 37.11 41.93 -25.21
N ARG D 19 37.78 41.12 -24.40
CA ARG D 19 37.35 40.82 -23.01
C ARG D 19 38.59 40.77 -22.11
N ARG D 20 38.49 41.31 -20.90
CA ARG D 20 39.63 41.38 -19.94
C ARG D 20 40.05 39.97 -19.54
N ASP D 21 39.13 39.01 -19.65
CA ASP D 21 39.29 37.61 -19.17
C ASP D 21 39.32 36.67 -20.38
N TYR D 22 39.43 37.19 -21.59
CA TYR D 22 39.75 36.41 -22.81
C TYR D 22 40.67 37.26 -23.68
N PRO D 23 41.86 37.61 -23.15
CA PRO D 23 42.79 38.53 -23.82
C PRO D 23 43.30 38.11 -25.22
N LEU D 24 43.47 36.80 -25.44
CA LEU D 24 43.88 36.25 -26.75
C LEU D 24 42.69 35.53 -27.35
N PRO D 25 41.92 36.20 -28.24
CA PRO D 25 40.76 35.59 -28.88
C PRO D 25 41.20 34.50 -29.87
N ASP D 26 40.23 33.71 -30.33
CA ASP D 26 40.42 32.52 -31.20
C ASP D 26 40.90 32.94 -32.60
N VAL D 27 40.74 34.20 -32.98
CA VAL D 27 41.05 34.70 -34.35
C VAL D 27 41.63 36.13 -34.29
N ALA D 28 42.46 36.47 -35.28
CA ALA D 28 43.00 37.84 -35.51
C ALA D 28 41.85 38.77 -35.94
N HIS D 29 41.88 40.02 -35.46
CA HIS D 29 40.97 41.12 -35.86
C HIS D 29 41.00 41.27 -37.39
N VAL D 30 42.18 41.18 -37.98
CA VAL D 30 42.43 41.47 -39.43
C VAL D 30 43.11 40.25 -40.05
N LYS D 31 42.38 39.50 -40.90
CA LYS D 31 42.88 38.25 -41.53
C LYS D 31 43.13 38.44 -43.02
N ASN D 32 42.95 39.64 -43.56
CA ASN D 32 43.20 39.96 -44.99
C ASN D 32 44.31 41.00 -45.08
N LEU D 33 45.43 40.68 -45.76
CA LEU D 33 46.65 41.50 -45.76
C LEU D 33 46.98 42.07 -47.16
N SER D 34 46.93 43.40 -47.26
CA SER D 34 47.61 44.21 -48.31
C SER D 34 49.06 43.74 -48.47
N ALA D 35 49.71 44.13 -49.57
CA ALA D 35 51.14 43.88 -49.84
C ALA D 35 51.97 44.45 -48.69
N SER D 36 51.66 45.66 -48.25
CA SER D 36 52.32 46.38 -47.12
C SER D 36 52.24 45.57 -45.82
N GLN D 37 51.05 45.04 -45.52
CA GLN D 37 50.78 44.30 -44.26
C GLN D 37 51.47 42.94 -44.35
N LYS D 38 51.56 42.35 -45.55
CA LYS D 38 52.25 41.05 -45.78
C LYS D 38 53.75 41.24 -45.50
N ALA D 39 54.34 42.31 -46.04
CA ALA D 39 55.77 42.67 -45.91
C ALA D 39 56.09 42.93 -44.43
N LEU D 40 55.16 43.56 -43.71
CA LEU D 40 55.26 43.82 -42.25
C LEU D 40 55.31 42.49 -41.49
N LYS D 41 54.47 41.52 -41.87
CA LYS D 41 54.37 40.18 -41.22
C LYS D 41 55.66 39.37 -41.47
N GLU D 42 56.32 39.58 -42.61
CA GLU D 42 57.62 38.93 -42.94
C GLU D 42 58.70 39.52 -42.03
N LYS D 43 58.69 40.85 -41.89
CA LYS D 43 59.58 41.67 -41.01
C LYS D 43 59.41 41.26 -39.55
N GLU D 44 58.30 40.59 -39.22
CA GLU D 44 57.94 40.08 -37.86
C GLU D 44 58.75 38.82 -37.57
N LYS D 45 59.18 38.09 -38.60
CA LYS D 45 59.98 36.85 -38.39
C LYS D 45 61.40 37.27 -37.95
N ALA D 46 61.79 38.51 -38.27
CA ALA D 46 63.09 39.11 -37.90
C ALA D 46 63.07 39.46 -36.40
N SER D 47 64.20 39.96 -35.88
CA SER D 47 64.34 40.50 -34.50
C SER D 47 63.40 41.70 -34.41
N TRP D 48 62.68 41.86 -33.31
CA TRP D 48 61.66 42.92 -33.12
C TRP D 48 62.33 44.28 -32.81
N SER D 49 63.60 44.29 -32.36
CA SER D 49 64.46 45.50 -32.25
C SER D 49 64.42 46.30 -33.55
N SER D 50 64.41 45.60 -34.69
CA SER D 50 64.37 46.16 -36.07
C SER D 50 63.08 46.95 -36.29
N LEU D 51 61.94 46.41 -35.86
CA LEU D 51 60.61 47.07 -36.00
C LEU D 51 60.66 48.44 -35.32
N SER D 52 60.11 49.45 -36.00
CA SER D 52 59.88 50.82 -35.46
C SER D 52 58.68 50.78 -34.50
N ILE D 53 58.40 51.90 -33.83
CA ILE D 53 57.21 52.02 -32.95
C ILE D 53 55.98 51.93 -33.86
N ASP D 54 55.91 52.74 -34.94
CA ASP D 54 54.75 52.82 -35.88
C ASP D 54 54.44 51.44 -36.51
N GLU D 55 55.43 50.56 -36.65
CA GLU D 55 55.25 49.21 -37.24
C GLU D 55 54.73 48.23 -36.18
N LYS D 56 55.14 48.43 -34.93
CA LYS D 56 54.77 47.52 -33.80
C LYS D 56 53.30 47.75 -33.43
N VAL D 57 52.89 49.02 -33.27
CA VAL D 57 51.46 49.44 -33.16
C VAL D 57 50.70 48.77 -34.30
N GLU D 58 51.24 48.89 -35.52
CA GLU D 58 50.55 48.41 -36.75
C GLU D 58 50.34 46.90 -36.61
N LEU D 59 51.24 46.20 -35.91
CA LEU D 59 51.20 44.72 -35.74
C LEU D 59 50.13 44.38 -34.70
N TYR D 60 50.15 45.07 -33.56
CA TYR D 60 49.08 44.98 -32.52
C TYR D 60 47.71 45.15 -33.20
N ARG D 61 47.59 46.15 -34.07
CA ARG D 61 46.32 46.62 -34.66
C ARG D 61 45.86 45.70 -35.79
N LEU D 62 46.72 44.80 -36.27
CA LEU D 62 46.30 43.67 -37.14
C LEU D 62 45.65 42.60 -36.24
N LYS D 63 46.25 42.31 -35.08
CA LYS D 63 45.90 41.16 -34.22
C LYS D 63 44.64 41.43 -33.37
N PHE D 64 44.48 42.66 -32.86
CA PHE D 64 43.43 43.05 -31.87
C PHE D 64 42.75 44.34 -32.34
N LYS D 65 41.45 44.46 -32.08
CA LYS D 65 40.64 45.64 -32.49
C LYS D 65 41.00 46.77 -31.52
N GLU D 66 40.73 46.53 -30.24
CA GLU D 66 40.85 47.52 -29.14
C GLU D 66 41.92 47.07 -28.13
N SER D 67 42.64 48.03 -27.58
CA SER D 67 43.56 47.82 -26.43
C SER D 67 42.73 47.68 -25.14
N PHE D 68 43.34 47.13 -24.09
CA PHE D 68 42.75 47.06 -22.73
C PHE D 68 42.27 48.45 -22.28
N ALA D 69 43.05 49.51 -22.53
CA ALA D 69 42.69 50.90 -22.18
C ALA D 69 41.42 51.29 -22.95
N GLU D 70 41.30 50.86 -24.21
CA GLU D 70 40.19 51.26 -25.10
C GLU D 70 38.92 50.55 -24.64
N MET D 71 39.03 49.33 -24.16
CA MET D 71 37.83 48.52 -23.88
C MET D 71 37.36 48.76 -22.44
N ASN D 72 38.25 49.15 -21.51
CA ASN D 72 37.89 49.47 -20.10
C ASN D 72 37.71 50.98 -19.93
N ARG D 73 37.62 51.74 -21.03
CA ARG D 73 37.32 53.19 -20.98
C ARG D 73 35.92 53.34 -20.34
N SER D 74 35.77 54.31 -19.44
CA SER D 74 34.46 54.74 -18.88
C SER D 74 33.80 55.72 -19.87
N THR D 75 32.51 55.94 -19.72
CA THR D 75 31.71 56.87 -20.58
C THR D 75 30.74 57.66 -19.71
N ASN D 76 30.02 58.57 -20.34
CA ASN D 76 29.03 59.46 -19.66
C ASN D 76 27.61 58.94 -19.89
N GLU D 77 27.46 57.68 -20.32
CA GLU D 77 26.13 57.05 -20.48
C GLU D 77 25.30 57.39 -19.23
N TRP D 78 25.88 57.36 -18.02
CA TRP D 78 25.11 57.49 -16.74
C TRP D 78 24.35 58.83 -16.71
N LYS D 79 24.99 59.92 -17.17
CA LYS D 79 24.41 61.29 -17.18
C LYS D 79 23.11 61.21 -17.97
N THR D 80 23.20 60.86 -19.25
CA THR D 80 22.03 60.63 -20.13
C THR D 80 21.01 59.78 -19.36
N VAL D 81 21.44 58.66 -18.78
CA VAL D 81 20.54 57.67 -18.11
C VAL D 81 19.79 58.33 -16.95
N VAL D 82 20.49 58.74 -15.90
CA VAL D 82 19.93 59.49 -14.73
C VAL D 82 19.10 60.68 -15.25
N GLY D 83 19.69 61.51 -16.13
CA GLY D 83 19.06 62.73 -16.68
C GLY D 83 17.73 62.45 -17.36
N ALA D 84 17.68 61.43 -18.22
CA ALA D 84 16.48 61.04 -19.01
C ALA D 84 15.40 60.49 -18.07
N ALA D 85 15.79 59.76 -17.03
CA ALA D 85 14.89 59.14 -16.01
C ALA D 85 14.19 60.26 -15.24
N MET D 86 14.97 61.24 -14.80
CA MET D 86 14.46 62.42 -14.06
C MET D 86 13.50 63.20 -14.96
N PHE D 87 13.81 63.39 -16.25
CA PHE D 87 12.87 64.02 -17.21
C PHE D 87 11.54 63.25 -17.22
N PHE D 88 11.59 61.92 -17.19
CA PHE D 88 10.38 61.08 -17.39
C PHE D 88 9.58 61.02 -16.09
N ILE D 89 10.28 60.98 -14.95
CA ILE D 89 9.65 61.07 -13.61
C ILE D 89 8.99 62.44 -13.52
N GLY D 90 9.71 63.49 -13.95
CA GLY D 90 9.15 64.84 -14.12
C GLY D 90 7.84 64.79 -14.88
N PHE D 91 7.86 64.20 -16.07
CA PHE D 91 6.71 64.14 -16.99
C PHE D 91 5.49 63.52 -16.27
N THR D 92 5.74 62.52 -15.42
CA THR D 92 4.68 61.82 -14.64
C THR D 92 3.92 62.85 -13.79
N ALA D 93 4.65 63.78 -13.16
CA ALA D 93 4.06 64.87 -12.35
C ALA D 93 2.90 65.50 -13.11
N LEU D 94 3.01 65.65 -14.43
CA LEU D 94 1.97 66.30 -15.27
C LEU D 94 0.73 65.41 -15.34
N LEU D 95 0.90 64.11 -15.59
CA LEU D 95 -0.23 63.14 -15.49
C LEU D 95 -0.96 63.39 -14.17
N LEU D 96 -0.21 63.50 -13.08
CA LEU D 96 -0.77 63.54 -11.70
C LEU D 96 -1.50 64.86 -11.47
N ILE D 97 -1.03 65.95 -12.06
CA ILE D 97 -1.74 67.27 -12.01
C ILE D 97 -3.08 67.06 -12.70
N TRP D 98 -3.05 66.67 -13.97
CA TRP D 98 -4.28 66.44 -14.75
C TRP D 98 -5.28 65.63 -13.93
N GLU D 99 -4.84 64.58 -13.22
CA GLU D 99 -5.71 63.66 -12.41
C GLU D 99 -6.41 64.49 -11.32
N LYS D 100 -5.65 65.25 -10.53
CA LYS D 100 -6.18 66.12 -9.46
C LYS D 100 -7.16 67.12 -10.09
N HIS D 101 -6.81 67.74 -11.21
CA HIS D 101 -7.62 68.83 -11.81
C HIS D 101 -8.90 68.26 -12.40
N TYR D 102 -8.81 67.25 -13.28
CA TYR D 102 -9.93 66.84 -14.16
C TYR D 102 -10.71 65.63 -13.61
N VAL D 103 -10.09 64.73 -12.83
CA VAL D 103 -10.70 63.42 -12.39
C VAL D 103 -11.23 63.53 -10.96
N TYR D 104 -10.47 64.15 -10.05
CA TYR D 104 -10.67 64.02 -8.58
C TYR D 104 -11.63 65.07 -8.06
N GLY D 105 -12.73 64.60 -7.46
CA GLY D 105 -13.72 65.43 -6.76
C GLY D 105 -13.13 66.06 -5.52
N PRO D 106 -13.91 66.84 -4.74
CA PRO D 106 -13.41 67.44 -3.51
C PRO D 106 -13.25 66.33 -2.46
N ILE D 107 -12.33 66.52 -1.50
CA ILE D 107 -12.12 65.57 -0.36
C ILE D 107 -13.22 65.81 0.68
N PRO D 108 -13.53 64.80 1.53
CA PRO D 108 -14.53 64.96 2.59
C PRO D 108 -14.31 66.18 3.51
N HIS D 109 -15.42 66.78 3.95
CA HIS D 109 -15.46 67.99 4.81
C HIS D 109 -14.67 67.78 6.11
N THR D 110 -14.26 66.55 6.41
CA THR D 110 -13.52 66.17 7.64
C THR D 110 -12.03 66.51 7.53
N PHE D 111 -11.59 67.18 6.46
CA PHE D 111 -10.20 67.70 6.34
C PHE D 111 -10.14 69.22 6.49
N GLU D 112 -11.30 69.88 6.66
CA GLU D 112 -11.39 71.33 6.93
C GLU D 112 -10.64 71.61 8.23
N GLU D 113 -9.77 72.64 8.23
CA GLU D 113 -8.93 73.08 9.38
C GLU D 113 -9.72 72.94 10.69
N GLU D 114 -10.96 73.42 10.67
CA GLU D 114 -11.85 73.53 11.86
C GLU D 114 -12.10 72.12 12.40
N TRP D 115 -12.68 71.25 11.57
CA TRP D 115 -12.94 69.83 11.92
C TRP D 115 -11.69 69.19 12.53
N VAL D 116 -10.56 69.23 11.80
CA VAL D 116 -9.25 68.62 12.16
C VAL D 116 -8.90 69.01 13.61
N ALA D 117 -8.99 70.30 13.93
CA ALA D 117 -8.62 70.87 15.25
C ALA D 117 -9.53 70.29 16.35
N LYS D 118 -10.84 70.26 16.12
CA LYS D 118 -11.83 69.66 17.05
C LYS D 118 -11.51 68.17 17.23
N GLN D 119 -11.41 67.45 16.11
CA GLN D 119 -11.08 66.00 16.02
C GLN D 119 -9.79 65.73 16.78
N THR D 120 -8.76 66.54 16.53
CA THR D 120 -7.46 66.49 17.25
C THR D 120 -7.71 66.61 18.76
N LYS D 121 -8.61 67.49 19.20
CA LYS D 121 -8.89 67.65 20.66
C LYS D 121 -9.63 66.42 21.18
N ARG D 122 -10.64 65.95 20.43
CA ARG D 122 -11.42 64.75 20.81
C ARG D 122 -10.47 63.57 20.95
N MET D 123 -9.59 63.40 19.96
CA MET D 123 -8.54 62.34 19.94
C MET D 123 -7.69 62.48 21.20
N LEU D 124 -7.31 63.71 21.57
CA LEU D 124 -6.49 64.01 22.79
C LEU D 124 -7.35 63.70 24.01
N ASP D 125 -8.65 63.97 23.96
CA ASP D 125 -9.59 63.76 25.10
C ASP D 125 -9.68 62.26 25.39
N MET D 126 -9.73 61.43 24.35
CA MET D 126 -9.83 59.94 24.49
C MET D 126 -8.43 59.31 24.46
N LYS D 127 -7.39 60.09 24.75
CA LYS D 127 -5.98 59.67 25.02
C LYS D 127 -5.51 58.59 24.03
N VAL D 128 -5.70 58.87 22.74
CA VAL D 128 -5.18 58.08 21.58
C VAL D 128 -3.66 57.99 21.70
N ALA D 129 -3.11 56.77 21.63
CA ALA D 129 -1.65 56.50 21.70
C ALA D 129 -1.05 57.38 22.80
N PRO D 130 -1.36 57.06 24.07
CA PRO D 130 -0.90 57.87 25.19
C PRO D 130 0.49 57.48 25.71
N ILE D 131 1.02 56.33 25.27
CA ILE D 131 2.38 55.82 25.65
C ILE D 131 3.44 56.42 24.71
N GLN D 132 3.22 56.45 23.39
CA GLN D 132 4.24 56.89 22.40
C GLN D 132 3.66 57.69 21.25
N GLY D 133 2.56 57.22 20.66
CA GLY D 133 2.10 57.61 19.32
C GLY D 133 1.68 59.06 19.18
N PHE D 134 0.79 59.56 20.05
CA PHE D 134 -0.02 60.79 19.77
C PHE D 134 -0.18 61.62 21.05
N SER D 135 -1.16 61.31 21.90
CA SER D 135 -1.43 62.04 23.17
C SER D 135 -0.18 62.11 24.05
N ALA D 136 0.73 61.13 23.94
CA ALA D 136 2.06 61.13 24.60
C ALA D 136 2.82 62.40 24.19
N LYS D 137 2.52 62.93 23.01
CA LYS D 137 3.21 64.11 22.43
C LYS D 137 2.45 65.37 22.85
N TRP D 138 1.61 65.27 23.89
CA TRP D 138 0.77 66.41 24.37
C TRP D 138 0.97 66.62 25.87
N ASP D 139 1.19 67.88 26.28
CA ASP D 139 1.28 68.31 27.71
C ASP D 139 -0.13 68.71 28.16
N TYR D 140 -0.77 67.87 28.98
CA TYR D 140 -2.15 68.05 29.47
C TYR D 140 -2.21 69.19 30.49
N ASP D 141 -1.09 69.49 31.16
CA ASP D 141 -0.95 70.61 32.14
C ASP D 141 -0.95 71.93 31.36
N LYS D 142 0.12 72.23 30.63
CA LYS D 142 0.34 73.55 29.98
C LYS D 142 -0.48 73.63 28.67
N ASN D 143 -1.25 72.57 28.37
CA ASN D 143 -2.31 72.51 27.33
C ASN D 143 -1.75 72.89 25.94
N GLU D 144 -0.57 72.37 25.61
CA GLU D 144 0.14 72.55 24.32
C GLU D 144 0.87 71.26 23.94
N TRP D 145 1.35 71.18 22.70
CA TRP D 145 2.27 70.10 22.25
C TRP D 145 3.60 70.21 23.02
N LYS D 146 4.55 69.35 22.73
CA LYS D 146 5.82 69.22 23.50
C LYS D 146 6.99 69.61 22.61
N LYS D 147 7.86 70.47 23.13
CA LYS D 147 9.25 70.69 22.63
C LYS D 147 10.19 69.96 23.61
N HIS E 5 45.94 20.09 -2.96
CA HIS E 5 46.45 20.07 -4.37
C HIS E 5 47.96 20.28 -4.40
N GLU E 6 48.40 21.55 -4.48
CA GLU E 6 49.76 21.97 -4.94
C GLU E 6 50.23 23.18 -4.14
N THR E 7 51.54 23.27 -3.85
CA THR E 7 52.16 24.47 -3.20
C THR E 7 52.01 25.68 -4.14
N ASP E 8 52.52 26.84 -3.74
CA ASP E 8 52.68 28.01 -4.65
C ASP E 8 53.69 27.62 -5.74
N GLU E 9 54.82 27.00 -5.38
CA GLU E 9 56.00 26.78 -6.28
C GLU E 9 55.64 25.73 -7.34
N GLU E 10 54.73 24.81 -7.04
CA GLU E 10 54.32 23.70 -7.96
C GLU E 10 53.46 24.27 -9.10
N PHE E 11 52.55 25.20 -8.77
CA PHE E 11 51.71 25.95 -9.75
C PHE E 11 52.68 26.63 -10.71
N ASP E 12 53.41 27.63 -10.19
CA ASP E 12 54.40 28.44 -10.94
C ASP E 12 55.29 27.52 -11.82
N ALA E 13 55.61 26.31 -11.35
CA ALA E 13 56.41 25.30 -12.08
C ALA E 13 55.69 24.91 -13.38
N ARG E 14 54.50 24.33 -13.24
CA ARG E 14 53.68 23.78 -14.34
C ARG E 14 53.47 24.81 -15.45
N TRP E 15 53.25 26.09 -15.11
CA TRP E 15 52.95 27.15 -16.10
C TRP E 15 54.21 27.53 -16.88
N VAL E 16 55.34 27.72 -16.19
CA VAL E 16 56.68 27.88 -16.83
C VAL E 16 56.89 26.70 -17.80
N THR E 17 56.71 25.46 -17.34
CA THR E 17 56.88 24.24 -18.19
C THR E 17 55.97 24.30 -19.42
N TYR E 18 54.69 24.62 -19.21
CA TYR E 18 53.65 24.67 -20.26
C TYR E 18 54.12 25.60 -21.39
N PHE E 19 54.61 26.79 -21.05
CA PHE E 19 54.90 27.89 -22.03
C PHE E 19 56.26 27.68 -22.68
N ASN E 20 57.16 27.00 -21.97
CA ASN E 20 58.55 26.75 -22.43
C ASN E 20 58.59 25.51 -23.33
N LYS E 21 57.52 24.71 -23.37
CA LYS E 21 57.42 23.58 -24.33
C LYS E 21 57.77 24.09 -25.72
N PRO E 22 58.77 23.48 -26.41
CA PRO E 22 59.41 24.12 -27.56
C PRO E 22 58.52 24.21 -28.80
N ASP E 23 57.71 23.17 -29.02
CA ASP E 23 56.82 23.01 -30.20
C ASP E 23 55.39 23.44 -29.84
N ILE E 24 55.21 24.20 -28.75
CA ILE E 24 53.89 24.84 -28.39
C ILE E 24 53.36 25.53 -29.65
N ASP E 25 52.06 25.37 -29.95
CA ASP E 25 51.37 26.08 -31.06
C ASP E 25 50.53 27.22 -30.45
N ALA E 26 49.93 28.06 -31.29
CA ALA E 26 49.22 29.28 -30.85
C ALA E 26 47.99 28.90 -30.01
N TRP E 27 47.27 27.85 -30.41
CA TRP E 27 46.02 27.42 -29.72
C TRP E 27 46.35 27.15 -28.25
N GLU E 28 47.57 26.66 -28.02
CA GLU E 28 48.09 26.32 -26.68
C GLU E 28 48.47 27.62 -25.98
N LEU E 29 49.24 28.50 -26.64
CA LEU E 29 49.67 29.79 -26.03
C LEU E 29 48.43 30.58 -25.57
N ARG E 30 47.39 30.64 -26.41
CA ARG E 30 46.12 31.36 -26.11
C ARG E 30 45.43 30.67 -24.92
N LYS E 31 45.29 29.34 -24.98
CA LYS E 31 44.60 28.56 -23.93
C LYS E 31 45.29 28.80 -22.58
N GLY E 32 46.61 28.72 -22.54
CA GLY E 32 47.35 28.91 -21.29
C GLY E 32 46.96 30.23 -20.65
N MET E 33 47.12 31.32 -21.42
CA MET E 33 46.96 32.72 -20.95
C MET E 33 45.51 32.98 -20.55
N ASN E 34 44.58 32.61 -21.43
CA ASN E 34 43.11 32.77 -21.23
C ASN E 34 42.66 32.02 -19.98
N THR E 35 43.32 30.90 -19.66
CA THR E 35 43.14 30.15 -18.40
C THR E 35 43.73 30.98 -17.27
N LEU E 36 45.02 31.29 -17.38
CA LEU E 36 45.84 31.88 -16.29
C LEU E 36 45.18 33.17 -15.77
N VAL E 37 44.44 33.91 -16.60
CA VAL E 37 43.84 35.22 -16.17
C VAL E 37 42.66 34.99 -15.24
N GLY E 38 42.13 33.76 -15.18
CA GLY E 38 40.93 33.38 -14.41
C GLY E 38 41.21 33.09 -12.94
N TYR E 39 42.48 33.03 -12.54
CA TYR E 39 42.92 32.78 -11.14
C TYR E 39 43.06 34.09 -10.37
N ASP E 40 42.84 34.03 -9.05
CA ASP E 40 43.12 35.16 -8.12
C ASP E 40 44.64 35.30 -7.99
N LEU E 41 45.32 35.79 -9.03
CA LEU E 41 46.75 36.17 -9.02
C LEU E 41 47.14 36.90 -10.31
N VAL E 42 47.96 37.94 -10.16
CA VAL E 42 48.91 38.37 -11.22
C VAL E 42 49.93 37.25 -11.30
N PRO E 43 50.33 36.80 -12.50
CA PRO E 43 51.30 35.70 -12.63
C PRO E 43 52.73 36.11 -12.28
N GLU E 44 53.52 35.13 -11.81
CA GLU E 44 54.97 35.31 -11.51
C GLU E 44 55.69 35.74 -12.79
N PRO E 45 56.53 36.79 -12.72
CA PRO E 45 57.29 37.25 -13.89
C PRO E 45 57.94 36.12 -14.70
N LYS E 46 58.41 35.06 -14.04
CA LYS E 46 59.07 33.91 -14.72
C LYS E 46 58.07 33.12 -15.55
N ILE E 47 56.76 33.30 -15.31
CA ILE E 47 55.69 32.76 -16.22
C ILE E 47 55.56 33.67 -17.42
N ILE E 48 55.34 34.97 -17.17
CA ILE E 48 55.20 35.99 -18.26
C ILE E 48 56.40 35.80 -19.18
N ASP E 49 57.60 35.66 -18.60
CA ASP E 49 58.89 35.44 -19.33
C ASP E 49 58.74 34.24 -20.27
N ALA E 50 58.45 33.08 -19.71
CA ALA E 50 58.24 31.82 -20.47
C ALA E 50 57.22 32.09 -21.59
N ALA E 51 56.15 32.82 -21.28
CA ALA E 51 55.02 33.08 -22.19
C ALA E 51 55.45 34.05 -23.30
N LEU E 52 56.25 35.05 -22.93
CA LEU E 52 56.75 36.06 -23.87
C LEU E 52 57.65 35.35 -24.87
N ARG E 53 58.55 34.48 -24.38
CA ARG E 53 59.50 33.70 -25.22
C ARG E 53 58.69 32.88 -26.21
N ALA E 54 57.66 32.18 -25.74
CA ALA E 54 56.73 31.40 -26.58
C ALA E 54 56.24 32.28 -27.75
N CYS E 55 55.81 33.51 -27.47
CA CYS E 55 55.31 34.47 -28.49
C CYS E 55 56.38 34.63 -29.58
N ARG E 56 57.64 34.79 -29.18
CA ARG E 56 58.81 34.87 -30.12
C ARG E 56 58.88 33.60 -30.98
N ARG E 57 58.90 32.41 -30.36
CA ARG E 57 59.05 31.12 -31.09
C ARG E 57 57.89 30.95 -32.06
N LEU E 58 56.79 31.69 -31.87
CA LEU E 58 55.58 31.66 -32.74
C LEU E 58 55.55 32.90 -33.64
N ASN E 59 56.61 33.74 -33.57
CA ASN E 59 56.76 35.00 -34.34
C ASN E 59 55.47 35.80 -34.20
N ASP E 60 55.07 36.07 -32.97
CA ASP E 60 53.83 36.82 -32.67
C ASP E 60 54.15 37.92 -31.67
N PHE E 61 54.54 39.08 -32.19
CA PHE E 61 54.81 40.29 -31.39
C PHE E 61 53.54 40.76 -30.67
N ALA E 62 52.40 40.82 -31.36
CA ALA E 62 51.18 41.48 -30.85
C ALA E 62 50.71 40.74 -29.58
N SER E 63 50.61 39.42 -29.62
CA SER E 63 50.20 38.62 -28.43
C SER E 63 51.12 38.92 -27.23
N ALA E 64 52.41 39.12 -27.48
CA ALA E 64 53.40 39.45 -26.44
C ALA E 64 53.05 40.79 -25.79
N VAL E 65 52.62 41.79 -26.57
CA VAL E 65 52.24 43.14 -26.03
C VAL E 65 50.98 42.97 -25.18
N ARG E 66 50.02 42.17 -25.67
CA ARG E 66 48.71 41.90 -25.01
C ARG E 66 48.93 41.25 -23.64
N ILE E 67 49.78 40.22 -23.60
CA ILE E 67 50.12 39.50 -22.34
C ILE E 67 50.60 40.51 -21.28
N LEU E 68 51.28 41.58 -21.70
CA LEU E 68 51.76 42.63 -20.77
C LEU E 68 50.56 43.41 -20.24
N GLU E 69 49.71 43.95 -21.11
CA GLU E 69 48.44 44.62 -20.72
C GLU E 69 47.69 43.81 -19.65
N VAL E 70 47.49 42.51 -19.91
CA VAL E 70 46.71 41.59 -19.04
C VAL E 70 47.31 41.60 -17.63
N VAL E 71 48.64 41.51 -17.52
CA VAL E 71 49.35 41.60 -16.22
C VAL E 71 48.89 42.88 -15.51
N LYS E 72 49.03 44.03 -16.20
CA LYS E 72 48.68 45.36 -15.62
C LYS E 72 47.21 45.32 -15.21
N ASP E 73 46.38 44.68 -16.05
CA ASP E 73 44.91 44.61 -15.82
C ASP E 73 44.65 43.77 -14.58
N LYS E 74 45.29 42.62 -14.45
CA LYS E 74 45.08 41.66 -13.35
C LYS E 74 45.48 42.27 -12.00
N ALA E 75 46.37 43.25 -12.04
CA ALA E 75 46.81 43.99 -10.84
C ALA E 75 45.62 44.73 -10.23
N GLY E 76 44.65 45.16 -11.04
CA GLY E 76 43.49 45.94 -10.56
C GLY E 76 43.97 47.21 -9.87
N PRO E 77 43.60 47.46 -8.59
CA PRO E 77 43.97 48.69 -7.89
C PRO E 77 45.40 48.72 -7.30
N HIS E 78 46.16 47.64 -7.49
CA HIS E 78 47.50 47.43 -6.88
C HIS E 78 48.56 47.91 -7.86
N LYS E 79 48.86 49.21 -7.84
CA LYS E 79 49.58 49.94 -8.90
C LYS E 79 51.09 49.79 -8.72
N GLU E 80 51.50 48.93 -7.78
CA GLU E 80 52.92 48.59 -7.53
C GLU E 80 53.25 47.28 -8.25
N ILE E 81 52.26 46.56 -8.75
CA ILE E 81 52.50 45.19 -9.26
C ILE E 81 53.08 45.32 -10.66
N TYR E 82 52.42 46.06 -11.55
CA TYR E 82 52.89 46.18 -12.95
C TYR E 82 54.33 46.67 -12.93
N PRO E 83 54.65 47.82 -12.29
CA PRO E 83 56.03 48.31 -12.22
C PRO E 83 57.06 47.23 -11.83
N TYR E 84 56.76 46.44 -10.81
CA TYR E 84 57.65 45.34 -10.35
C TYR E 84 57.83 44.34 -11.50
N VAL E 85 56.71 43.88 -12.05
CA VAL E 85 56.71 42.79 -13.07
C VAL E 85 57.44 43.27 -14.33
N ILE E 86 57.45 44.58 -14.61
CA ILE E 86 58.17 45.15 -15.80
C ILE E 86 59.67 45.21 -15.48
N GLN E 87 60.02 45.43 -14.22
CA GLN E 87 61.44 45.45 -13.77
C GLN E 87 62.05 44.06 -13.92
N GLU E 88 61.35 43.01 -13.51
CA GLU E 88 61.84 41.61 -13.56
C GLU E 88 61.91 41.12 -15.01
N LEU E 89 61.11 41.71 -15.90
CA LEU E 89 61.05 41.30 -17.34
C LEU E 89 62.03 42.14 -18.17
N ARG E 90 62.52 43.26 -17.65
CA ARG E 90 63.36 44.24 -18.40
C ARG E 90 64.33 43.44 -19.28
N PRO E 91 65.30 42.67 -18.72
CA PRO E 91 66.17 41.81 -19.53
C PRO E 91 65.56 41.08 -20.73
N THR E 92 64.46 40.36 -20.52
CA THR E 92 63.75 39.59 -21.56
C THR E 92 63.24 40.55 -22.64
N LEU E 93 62.66 41.68 -22.22
CA LEU E 93 62.04 42.68 -23.14
C LEU E 93 63.14 43.20 -24.05
N ASN E 94 64.19 43.80 -23.49
CA ASN E 94 65.30 44.43 -24.25
C ASN E 94 65.84 43.45 -25.29
N GLU E 95 65.99 42.18 -24.88
CA GLU E 95 66.62 41.08 -25.68
C GLU E 95 65.75 40.78 -26.91
N LEU E 96 64.44 40.61 -26.73
CA LEU E 96 63.47 40.23 -27.81
C LEU E 96 62.92 41.50 -28.48
N GLY E 97 63.27 42.68 -27.99
CA GLY E 97 62.82 43.97 -28.54
C GLY E 97 61.32 44.15 -28.36
N ILE E 98 60.76 43.59 -27.27
CA ILE E 98 59.31 43.66 -26.95
C ILE E 98 59.02 45.01 -26.29
N SER E 99 58.46 45.97 -27.05
CA SER E 99 57.99 47.27 -26.54
C SER E 99 56.86 47.07 -25.51
N THR E 100 56.81 47.86 -24.45
CA THR E 100 55.68 47.85 -23.48
C THR E 100 54.49 48.54 -24.13
N PRO E 101 53.27 48.38 -23.59
CA PRO E 101 52.11 49.09 -24.13
C PRO E 101 52.23 50.62 -23.95
N GLU E 102 52.92 51.03 -22.89
CA GLU E 102 53.15 52.46 -22.54
C GLU E 102 54.15 53.04 -23.55
N GLU E 103 55.10 52.22 -24.00
CA GLU E 103 56.09 52.60 -25.03
C GLU E 103 55.37 52.76 -26.37
N LEU E 104 54.35 51.95 -26.66
CA LEU E 104 53.63 51.99 -27.95
C LEU E 104 52.48 53.02 -27.89
N GLY E 105 52.20 53.58 -26.71
CA GLY E 105 51.16 54.61 -26.53
C GLY E 105 49.75 54.02 -26.50
N LEU E 106 49.61 52.71 -26.24
CA LEU E 106 48.30 51.99 -26.24
C LEU E 106 47.60 52.12 -24.87
N ASP E 107 48.25 52.76 -23.89
CA ASP E 107 47.68 53.03 -22.54
C ASP E 107 46.89 54.34 -22.56
N LYS E 108 47.28 55.30 -23.41
CA LYS E 108 46.51 56.55 -23.63
C LYS E 108 45.21 56.15 -24.33
N VAL E 109 44.05 56.55 -23.80
CA VAL E 109 42.71 56.18 -24.32
C VAL E 109 42.26 57.19 -25.37
N ALA F 1 -5.12 -23.16 -25.00
CA ALA F 1 -4.21 -22.09 -24.49
C ALA F 1 -2.89 -22.06 -25.30
N SER F 2 -2.98 -21.94 -26.64
CA SER F 2 -1.84 -21.74 -27.59
C SER F 2 -2.34 -21.47 -29.01
N GLY F 3 -1.84 -20.40 -29.66
CA GLY F 3 -2.21 -20.00 -31.03
C GLY F 3 -1.70 -18.61 -31.39
N GLY F 4 -1.32 -18.38 -32.66
CA GLY F 4 -0.66 -17.13 -33.11
C GLY F 4 -1.65 -16.03 -33.43
N GLY F 5 -1.31 -15.16 -34.41
CA GLY F 5 -2.21 -14.15 -35.00
C GLY F 5 -1.81 -12.72 -34.66
N VAL F 6 -0.82 -12.56 -33.77
CA VAL F 6 -0.32 -11.22 -33.33
C VAL F 6 0.98 -10.97 -34.10
N PRO F 7 1.05 -9.92 -34.93
CA PRO F 7 2.28 -9.59 -35.65
C PRO F 7 3.48 -9.33 -34.74
N THR F 8 4.69 -9.43 -35.31
CA THR F 8 5.96 -9.12 -34.63
C THR F 8 6.46 -7.77 -35.16
N ASP F 9 7.33 -7.07 -34.44
CA ASP F 9 7.99 -5.85 -34.97
C ASP F 9 8.68 -6.26 -36.27
N GLU F 10 9.45 -7.36 -36.24
CA GLU F 10 10.13 -7.98 -37.40
C GLU F 10 9.21 -7.96 -38.63
N GLU F 11 7.98 -8.47 -38.52
CA GLU F 11 6.97 -8.50 -39.63
C GLU F 11 6.48 -7.10 -39.98
N GLN F 12 6.05 -6.30 -39.00
CA GLN F 12 5.04 -5.23 -39.20
C GLN F 12 5.58 -3.82 -38.85
N ALA F 13 6.65 -3.70 -38.08
CA ALA F 13 7.31 -2.40 -37.83
C ALA F 13 7.58 -1.73 -39.19
N THR F 14 7.61 -0.41 -39.20
CA THR F 14 7.76 0.38 -40.47
C THR F 14 8.52 1.68 -40.17
N GLY F 15 8.71 2.50 -41.21
CA GLY F 15 9.36 3.82 -41.12
C GLY F 15 10.58 3.81 -40.24
N LEU F 16 10.76 4.89 -39.47
CA LEU F 16 11.94 5.18 -38.61
C LEU F 16 12.06 4.13 -37.49
N GLU F 17 10.93 3.68 -36.91
CA GLU F 17 10.94 2.62 -35.87
C GLU F 17 11.61 1.39 -36.46
N ARG F 18 11.35 1.09 -37.75
CA ARG F 18 11.92 -0.09 -38.43
C ARG F 18 13.43 0.10 -38.53
N GLU F 19 13.86 1.24 -39.08
CA GLU F 19 15.26 1.52 -39.43
C GLU F 19 16.14 1.54 -38.16
N VAL F 20 15.61 2.03 -37.04
CA VAL F 20 16.31 1.97 -35.72
C VAL F 20 16.51 0.48 -35.38
N MET F 21 15.44 -0.31 -35.55
CA MET F 21 15.39 -1.76 -35.22
C MET F 21 16.37 -2.55 -36.08
N LEU F 22 16.50 -2.22 -37.37
CA LEU F 22 17.46 -2.89 -38.30
C LEU F 22 18.89 -2.45 -37.94
N ALA F 23 19.14 -1.15 -37.76
CA ALA F 23 20.47 -0.61 -37.37
C ALA F 23 20.96 -1.27 -36.06
N ALA F 24 20.07 -1.47 -35.08
CA ALA F 24 20.40 -1.98 -33.73
C ALA F 24 20.96 -3.41 -33.82
N ARG F 25 20.42 -4.22 -34.74
CA ARG F 25 20.85 -5.62 -35.06
C ARG F 25 22.33 -5.61 -35.44
N LYS F 26 22.70 -4.78 -36.42
CA LYS F 26 24.07 -4.65 -36.99
C LYS F 26 24.95 -3.85 -36.02
N GLY F 27 24.45 -3.53 -34.82
CA GLY F 27 25.18 -2.79 -33.77
C GLY F 27 25.51 -1.37 -34.22
N GLN F 28 24.52 -0.63 -34.72
CA GLN F 28 24.73 0.76 -35.19
C GLN F 28 23.66 1.69 -34.62
N ASP F 29 23.89 2.99 -34.76
CA ASP F 29 23.14 4.03 -34.02
C ASP F 29 23.04 5.28 -34.89
N PRO F 30 22.51 5.12 -36.12
CA PRO F 30 22.43 6.23 -37.07
C PRO F 30 21.59 7.41 -36.55
N TYR F 31 20.82 7.21 -35.47
CA TYR F 31 19.87 8.21 -34.91
C TYR F 31 20.27 8.61 -33.47
N ASN F 32 21.50 8.28 -33.08
CA ASN F 32 22.13 8.78 -31.83
C ASN F 32 21.21 8.49 -30.64
N ILE F 33 20.68 7.28 -30.57
CA ILE F 33 19.87 6.81 -29.41
C ILE F 33 20.79 6.43 -28.24
N LEU F 34 22.09 6.25 -28.50
CA LEU F 34 23.11 5.75 -27.54
C LEU F 34 24.24 6.78 -27.35
N ALA F 35 24.72 6.97 -26.13
CA ALA F 35 25.91 7.79 -25.82
C ALA F 35 27.12 7.16 -26.49
N PRO F 36 27.80 7.87 -27.42
CA PRO F 36 28.99 7.33 -28.07
C PRO F 36 30.16 7.24 -27.08
N LYS F 37 30.93 6.14 -27.18
CA LYS F 37 32.09 5.82 -26.32
C LYS F 37 33.30 6.64 -26.81
N ALA F 38 33.93 7.39 -25.90
CA ALA F 38 35.10 8.26 -26.16
C ALA F 38 36.35 7.44 -26.52
N THR F 39 37.19 8.00 -27.38
CA THR F 39 38.60 7.56 -27.57
C THR F 39 39.43 8.31 -26.52
N SER F 40 40.76 8.26 -26.64
CA SER F 40 41.72 8.94 -25.73
C SER F 40 41.81 10.42 -26.06
N GLY F 41 41.29 10.83 -27.22
CA GLY F 41 41.18 12.24 -27.64
C GLY F 41 42.53 12.93 -27.78
N THR F 42 43.59 12.17 -28.11
CA THR F 42 44.89 12.75 -28.51
C THR F 42 44.81 13.16 -29.99
N LYS F 43 45.82 13.85 -30.49
CA LYS F 43 45.85 14.34 -31.89
C LYS F 43 45.75 13.17 -32.86
N GLU F 44 46.36 12.01 -32.54
CA GLU F 44 46.43 10.81 -33.42
C GLU F 44 45.18 9.95 -33.26
N ASP F 45 44.55 10.00 -32.08
CA ASP F 45 43.37 9.18 -31.72
C ASP F 45 42.18 10.09 -31.40
N PRO F 46 41.80 11.03 -32.30
CA PRO F 46 40.80 12.02 -31.98
C PRO F 46 39.40 11.38 -31.95
N ASN F 47 38.48 11.93 -31.14
CA ASN F 47 37.08 11.46 -31.05
C ASN F 47 36.43 11.61 -32.42
N LEU F 48 36.09 10.49 -33.05
CA LEU F 48 35.40 10.50 -34.36
C LEU F 48 33.96 10.92 -34.10
N VAL F 49 33.58 12.10 -34.59
CA VAL F 49 32.21 12.69 -34.53
C VAL F 49 31.58 12.51 -35.89
N PRO F 50 30.64 11.56 -36.06
CA PRO F 50 29.85 11.47 -37.28
C PRO F 50 29.01 12.74 -37.39
N SER F 51 28.91 13.30 -38.60
CA SER F 51 27.92 14.35 -38.99
C SER F 51 27.37 14.00 -40.37
N ILE F 52 26.38 14.75 -40.84
CA ILE F 52 25.84 14.58 -42.21
C ILE F 52 25.89 15.93 -42.94
N THR F 53 26.44 16.96 -42.30
CA THR F 53 26.92 18.18 -43.00
C THR F 53 28.40 18.34 -42.64
N ASN F 54 28.93 19.57 -42.78
CA ASN F 54 30.36 19.90 -42.57
C ASN F 54 30.52 20.53 -41.18
N LYS F 55 29.53 20.38 -40.29
CA LYS F 55 29.66 20.81 -38.87
C LYS F 55 28.58 20.20 -37.98
N ARG F 56 28.94 19.96 -36.72
CA ARG F 56 28.07 19.35 -35.69
C ARG F 56 28.47 19.90 -34.33
N ILE F 57 27.49 20.34 -33.53
CA ILE F 57 27.72 20.84 -32.16
C ILE F 57 28.21 19.66 -31.30
N VAL F 58 29.48 19.71 -30.90
CA VAL F 58 30.06 18.77 -29.90
C VAL F 58 29.89 19.38 -28.51
N GLY F 59 29.36 18.61 -27.57
CA GLY F 59 29.38 18.92 -26.13
C GLY F 59 30.44 18.07 -25.43
N CYS F 60 31.26 18.70 -24.59
CA CYS F 60 32.40 18.05 -23.88
C CYS F 60 32.19 18.17 -22.37
N ILE F 61 32.13 17.03 -21.69
CA ILE F 61 32.12 16.91 -20.21
C ILE F 61 33.56 16.62 -19.75
N CYS F 62 34.41 17.65 -19.80
CA CYS F 62 35.89 17.56 -19.74
C CYS F 62 36.36 16.60 -18.64
N GLU F 63 35.82 16.78 -17.43
CA GLU F 63 35.98 15.83 -16.29
C GLU F 63 34.59 15.37 -15.84
N GLU F 64 34.49 14.11 -15.44
CA GLU F 64 33.25 13.43 -15.00
C GLU F 64 32.63 14.21 -13.85
N ASP F 65 31.29 14.32 -13.84
CA ASP F 65 30.49 14.83 -12.68
C ASP F 65 30.41 16.36 -12.73
N ASN F 66 31.40 17.06 -13.29
CA ASN F 66 31.23 18.44 -13.82
C ASN F 66 29.78 18.64 -14.26
N SER F 67 29.14 19.71 -13.81
CA SER F 67 27.72 20.02 -14.09
C SER F 67 27.60 20.81 -15.40
N THR F 68 28.71 21.39 -15.88
CA THR F 68 28.73 22.35 -17.01
C THR F 68 29.31 21.66 -18.23
N VAL F 69 28.56 21.61 -19.33
CA VAL F 69 29.07 21.06 -20.61
C VAL F 69 29.64 22.23 -21.42
N ILE F 70 30.81 22.02 -22.01
CA ILE F 70 31.46 22.97 -22.96
C ILE F 70 30.99 22.55 -24.35
N TRP F 71 30.28 23.47 -25.02
CA TRP F 71 29.72 23.30 -26.38
C TRP F 71 30.52 24.13 -27.38
N PHE F 72 30.79 23.57 -28.55
CA PHE F 72 31.42 24.29 -29.69
C PHE F 72 31.04 23.54 -30.95
N TRP F 73 31.07 24.23 -32.09
CA TRP F 73 30.87 23.62 -33.43
C TRP F 73 32.15 22.90 -33.85
N LEU F 74 32.01 21.65 -34.32
CA LEU F 74 33.08 20.88 -34.98
C LEU F 74 32.84 20.95 -36.49
N HIS F 75 33.74 21.61 -37.23
CA HIS F 75 33.67 21.72 -38.72
C HIS F 75 34.50 20.63 -39.38
N LYS F 76 34.16 20.29 -40.63
CA LYS F 76 34.93 19.32 -41.44
C LYS F 76 36.39 19.76 -41.50
N GLY F 77 37.32 18.82 -41.34
CA GLY F 77 38.75 19.08 -41.55
C GLY F 77 39.57 18.77 -40.32
N GLU F 78 40.71 19.44 -40.19
CA GLU F 78 41.75 19.11 -39.18
C GLU F 78 41.12 19.12 -37.78
N ALA F 79 41.31 18.02 -37.03
CA ALA F 79 40.68 17.77 -35.71
C ALA F 79 40.78 19.00 -34.81
N GLN F 80 39.65 19.56 -34.38
CA GLN F 80 39.60 20.70 -33.45
C GLN F 80 39.62 20.16 -32.00
N ARG F 81 39.78 21.06 -31.03
CA ARG F 81 40.01 20.71 -29.60
C ARG F 81 38.96 21.40 -28.73
N CYS F 82 38.50 20.74 -27.68
CA CYS F 82 37.70 21.38 -26.62
C CYS F 82 38.45 22.62 -26.13
N PRO F 83 37.82 23.80 -26.07
CA PRO F 83 38.49 24.99 -25.55
C PRO F 83 38.86 24.91 -24.07
N SER F 84 38.45 23.84 -23.38
CA SER F 84 38.40 23.74 -21.90
C SER F 84 39.48 22.77 -21.39
N CYS F 85 39.56 21.56 -21.95
CA CYS F 85 40.58 20.54 -21.59
C CYS F 85 41.44 20.13 -22.80
N GLY F 86 41.03 20.50 -24.02
CA GLY F 86 41.82 20.28 -25.24
C GLY F 86 41.78 18.85 -25.75
N THR F 87 40.80 18.03 -25.36
CA THR F 87 40.62 16.70 -25.99
C THR F 87 40.20 16.95 -27.45
N HIS F 88 40.65 16.08 -28.36
CA HIS F 88 40.54 16.18 -29.84
C HIS F 88 39.27 15.47 -30.34
N TYR F 89 38.64 16.06 -31.36
CA TYR F 89 37.38 15.62 -32.01
C TYR F 89 37.57 15.90 -33.50
N LYS F 90 37.03 15.03 -34.37
CA LYS F 90 37.27 15.07 -35.84
C LYS F 90 36.01 14.57 -36.56
N LEU F 91 35.54 15.30 -37.56
CA LEU F 91 34.23 15.03 -38.20
C LEU F 91 34.42 13.93 -39.24
N VAL F 92 33.83 12.74 -39.01
CA VAL F 92 33.82 11.65 -40.02
C VAL F 92 32.47 11.74 -40.71
N PRO F 93 32.38 12.46 -41.83
CA PRO F 93 31.08 12.90 -42.32
C PRO F 93 30.38 11.71 -42.99
N HIS F 94 29.08 11.86 -43.19
CA HIS F 94 28.31 11.44 -44.40
C HIS F 94 27.69 10.04 -44.21
N GLN F 95 27.21 9.48 -45.34
CA GLN F 95 26.32 8.29 -45.48
C GLN F 95 25.43 8.24 -44.24
N LEU F 96 25.65 7.33 -43.27
CA LEU F 96 24.79 7.25 -42.06
C LEU F 96 23.33 7.00 -42.50
N ALA F 97 22.84 7.73 -43.51
CA ALA F 97 21.58 7.48 -44.28
C ALA F 97 21.85 7.58 -45.80
N HIS F 98 21.64 6.50 -46.56
CA HIS F 98 22.13 6.24 -47.95
C HIS F 98 21.40 7.09 -49.00
N ALA G 1 -0.15 -11.32 2.81
CA ALA G 1 -0.23 -12.81 2.74
C ALA G 1 0.29 -13.31 1.38
N SER G 2 0.23 -14.63 1.14
CA SER G 2 0.54 -15.33 -0.14
C SER G 2 -0.76 -15.79 -0.82
N ALA G 3 -1.85 -15.93 -0.05
CA ALA G 3 -3.27 -16.14 -0.46
C ALA G 3 -3.72 -17.58 -0.14
N ALA G 4 -2.94 -18.58 -0.57
CA ALA G 4 -3.04 -20.04 -0.23
C ALA G 4 -3.10 -20.92 -1.49
N LYS G 5 -2.20 -20.71 -2.45
CA LYS G 5 -2.22 -21.35 -3.81
C LYS G 5 -0.77 -21.67 -4.22
N GLY G 6 -0.28 -21.29 -5.41
CA GLY G 6 1.05 -21.77 -5.88
C GLY G 6 1.60 -21.06 -7.10
N ASP G 7 1.28 -21.57 -8.32
CA ASP G 7 2.04 -21.46 -9.61
C ASP G 7 3.38 -20.71 -9.43
N HIS G 8 3.76 -19.87 -10.42
CA HIS G 8 5.09 -19.22 -10.62
C HIS G 8 5.99 -20.06 -11.55
N GLY G 9 5.56 -21.26 -11.95
CA GLY G 9 6.35 -22.23 -12.74
C GLY G 9 6.63 -21.72 -14.13
N GLY G 10 5.89 -22.20 -15.13
CA GLY G 10 5.84 -21.62 -16.48
C GLY G 10 4.80 -20.51 -16.56
N TPO G 11 5.24 -19.24 -16.45
CA TPO G 11 4.35 -18.09 -16.50
CB TPO G 11 5.00 -16.82 -15.92
CG2 TPO G 11 5.80 -16.00 -16.91
OG1 TPO G 11 3.94 -15.96 -15.40
P TPO G 11 3.46 -16.02 -13.86
O1P TPO G 11 4.55 -15.32 -13.07
O2P TPO G 11 2.13 -15.28 -13.79
O3P TPO G 11 3.35 -17.50 -13.53
C TPO G 11 3.81 -17.98 -17.93
O TPO G 11 4.43 -17.40 -18.82
N GLY G 12 2.65 -18.61 -18.14
CA GLY G 12 1.81 -18.28 -19.28
C GLY G 12 0.84 -17.17 -18.91
N ALA G 13 0.18 -16.62 -19.91
CA ALA G 13 -1.19 -16.06 -19.80
C ALA G 13 -2.05 -17.14 -19.16
N ARG G 14 -1.80 -18.40 -19.55
CA ARG G 14 -2.52 -19.61 -19.06
C ARG G 14 -2.83 -19.48 -17.57
N THR G 15 -1.90 -18.93 -16.78
CA THR G 15 -2.08 -18.80 -15.31
C THR G 15 -3.16 -17.75 -15.02
N TRP G 16 -3.09 -16.60 -15.69
CA TRP G 16 -4.05 -15.47 -15.52
C TRP G 16 -5.41 -15.88 -16.11
N ARG G 17 -5.39 -16.66 -17.18
CA ARG G 17 -6.60 -17.26 -17.76
C ARG G 17 -7.20 -18.24 -16.74
N PHE G 18 -6.35 -19.01 -16.06
CA PHE G 18 -6.75 -19.97 -15.00
C PHE G 18 -7.30 -19.21 -13.78
N LEU G 19 -6.73 -18.06 -13.44
CA LEU G 19 -7.23 -17.26 -12.29
C LEU G 19 -8.53 -16.55 -12.66
N THR G 20 -8.72 -16.19 -13.94
CA THR G 20 -9.92 -15.44 -14.42
C THR G 20 -11.16 -16.32 -14.23
N PHE G 21 -11.12 -17.57 -14.70
CA PHE G 21 -12.25 -18.53 -14.68
C PHE G 21 -12.30 -19.29 -13.35
N GLY G 22 -11.14 -19.40 -12.68
CA GLY G 22 -10.94 -20.26 -11.50
C GLY G 22 -11.22 -19.55 -10.19
N LEU G 23 -11.25 -18.22 -10.17
CA LEU G 23 -11.42 -17.43 -8.91
C LEU G 23 -12.12 -16.10 -9.20
N ALA G 24 -11.62 -15.31 -10.15
CA ALA G 24 -12.13 -13.95 -10.49
C ALA G 24 -13.64 -14.02 -10.73
N LEU G 25 -14.07 -14.83 -11.70
CA LEU G 25 -15.50 -14.82 -12.09
C LEU G 25 -16.34 -15.59 -11.07
N PRO G 26 -16.02 -16.83 -10.65
CA PRO G 26 -16.78 -17.48 -9.58
C PRO G 26 -17.13 -16.50 -8.44
N SER G 27 -16.16 -15.65 -8.04
CA SER G 27 -16.28 -14.62 -6.98
C SER G 27 -17.36 -13.61 -7.37
N VAL G 28 -17.35 -13.19 -8.64
CA VAL G 28 -18.38 -12.26 -9.20
C VAL G 28 -19.76 -12.91 -9.01
N ALA G 29 -19.89 -14.21 -9.30
CA ALA G 29 -21.17 -14.98 -9.30
C ALA G 29 -21.66 -15.22 -7.87
N LEU G 30 -20.75 -15.42 -6.93
CA LEU G 30 -21.09 -15.56 -5.49
C LEU G 30 -21.65 -14.23 -4.97
N CYS G 31 -20.91 -13.13 -5.18
CA CYS G 31 -21.38 -11.77 -4.82
C CYS G 31 -22.70 -11.47 -5.52
N THR G 32 -22.93 -12.01 -6.73
CA THR G 32 -24.19 -11.85 -7.50
C THR G 32 -25.29 -12.73 -6.87
N LEU G 33 -24.94 -13.95 -6.48
CA LEU G 33 -25.85 -14.82 -5.70
C LEU G 33 -26.30 -14.00 -4.49
N ASN G 34 -25.37 -13.69 -3.59
CA ASN G 34 -25.61 -12.94 -2.34
C ASN G 34 -26.48 -11.70 -2.64
N SER G 35 -26.13 -10.91 -3.66
CA SER G 35 -26.67 -9.54 -3.88
C SER G 35 -28.11 -9.61 -4.41
N TRP G 36 -28.33 -10.39 -5.46
CA TRP G 36 -29.66 -10.51 -6.13
C TRP G 36 -30.43 -11.63 -5.43
N LEU G 37 -30.70 -11.40 -4.14
CA LEU G 37 -31.23 -12.35 -3.11
C LEU G 37 -31.37 -11.64 -1.76
N HIS G 38 -30.51 -10.67 -1.44
CA HIS G 38 -30.70 -9.71 -0.32
C HIS G 38 -31.65 -8.59 -0.77
N SER G 39 -31.51 -8.16 -2.02
CA SER G 39 -32.34 -7.11 -2.69
C SER G 39 -33.83 -7.37 -2.41
N GLY G 40 -34.62 -6.30 -2.30
CA GLY G 40 -36.07 -6.36 -2.03
C GLY G 40 -36.58 -5.07 -1.42
N HIS G 41 -36.81 -4.06 -2.27
CA HIS G 41 -37.30 -2.69 -1.94
C HIS G 41 -37.36 -2.48 -0.42
N ARG G 42 -36.28 -1.97 0.18
CA ARG G 42 -36.27 -1.55 1.62
C ARG G 42 -37.54 -0.74 1.91
N GLU G 43 -38.51 -1.34 2.61
CA GLU G 43 -39.76 -0.64 3.02
C GLU G 43 -39.36 0.82 3.27
N ARG G 44 -39.78 1.73 2.39
CA ARG G 44 -39.20 3.09 2.22
C ARG G 44 -39.17 3.87 3.55
N PRO G 45 -38.24 4.85 3.66
CA PRO G 45 -38.09 5.61 4.90
C PRO G 45 -39.24 6.61 5.09
N ALA G 46 -39.47 7.02 6.34
CA ALA G 46 -40.54 7.97 6.74
C ALA G 46 -40.00 9.40 6.58
N PHE G 47 -40.88 10.34 6.18
CA PHE G 47 -40.50 11.74 5.86
C PHE G 47 -40.63 12.64 7.09
N ILE G 48 -39.50 13.04 7.64
CA ILE G 48 -39.37 14.18 8.58
C ILE G 48 -38.76 15.32 7.77
N PRO G 49 -39.33 16.54 7.77
CA PRO G 49 -38.82 17.62 6.92
C PRO G 49 -37.63 18.32 7.59
N TYR G 50 -36.52 17.59 7.77
CA TYR G 50 -35.23 18.14 8.29
C TYR G 50 -34.71 19.21 7.33
N HIS G 51 -34.06 20.24 7.86
CA HIS G 51 -33.59 21.41 7.07
C HIS G 51 -32.19 21.18 6.48
N HIS G 52 -31.50 20.10 6.84
CA HIS G 52 -30.13 19.75 6.39
C HIS G 52 -30.15 18.73 5.23
N LEU G 53 -31.34 18.44 4.69
CA LEU G 53 -31.58 17.56 3.50
C LEU G 53 -32.56 18.27 2.56
N ARG G 54 -32.77 17.70 1.36
CA ARG G 54 -33.61 18.30 0.29
C ARG G 54 -33.35 19.80 0.24
N ILE G 55 -32.07 20.16 0.07
CA ILE G 55 -31.56 21.55 -0.04
C ILE G 55 -31.97 22.06 -1.41
N ARG G 56 -32.31 23.35 -1.50
CA ARG G 56 -32.74 23.99 -2.77
C ARG G 56 -32.30 25.46 -2.76
N THR G 57 -30.98 25.71 -2.83
CA THR G 57 -30.39 27.07 -2.86
C THR G 57 -30.53 27.69 -4.24
N LYS G 58 -30.82 26.90 -5.28
CA LYS G 58 -31.04 27.40 -6.67
C LYS G 58 -31.67 26.29 -7.51
N PRO G 59 -32.77 26.55 -8.26
CA PRO G 59 -33.50 25.47 -8.93
C PRO G 59 -32.57 24.76 -9.92
N PHE G 60 -32.63 23.43 -9.95
CA PHE G 60 -31.90 22.60 -10.94
C PHE G 60 -32.27 23.11 -12.33
N SER G 61 -31.37 22.92 -13.31
CA SER G 61 -31.49 23.43 -14.70
C SER G 61 -32.38 22.51 -15.56
N TRP G 62 -33.28 21.74 -14.93
CA TRP G 62 -34.12 20.73 -15.64
C TRP G 62 -35.38 20.41 -14.83
N GLY G 63 -36.41 19.92 -15.53
CA GLY G 63 -37.74 19.69 -14.95
C GLY G 63 -38.27 20.97 -14.37
N ASP G 64 -38.95 20.88 -13.22
CA ASP G 64 -39.43 22.07 -12.45
C ASP G 64 -38.24 22.62 -11.66
N GLY G 65 -37.05 22.03 -11.80
CA GLY G 65 -35.84 22.44 -11.08
C GLY G 65 -35.97 22.15 -9.60
N ASN G 66 -36.82 21.19 -9.25
CA ASN G 66 -37.04 20.76 -7.85
C ASN G 66 -36.77 19.24 -7.71
N HIS G 67 -36.65 18.52 -8.82
CA HIS G 67 -36.34 17.05 -8.86
C HIS G 67 -34.87 16.84 -9.25
N THR G 68 -34.11 16.13 -8.41
CA THR G 68 -32.73 15.65 -8.68
C THR G 68 -32.75 14.73 -9.92
N PHE G 69 -31.58 14.32 -10.38
CA PHE G 69 -31.38 13.80 -11.76
C PHE G 69 -31.83 12.34 -11.84
N PHE G 70 -31.55 11.55 -10.80
CA PHE G 70 -31.99 10.13 -10.66
C PHE G 70 -33.09 10.08 -9.60
N HIS G 71 -34.09 10.96 -9.72
CA HIS G 71 -35.23 11.06 -8.76
C HIS G 71 -36.03 9.77 -8.85
N ASN G 72 -36.05 9.00 -7.76
CA ASN G 72 -36.96 7.85 -7.59
C ASN G 72 -38.08 8.30 -6.66
N PRO G 73 -39.33 8.42 -7.15
CA PRO G 73 -40.47 8.82 -6.32
C PRO G 73 -40.69 7.90 -5.13
N ARG G 74 -40.23 6.66 -5.22
CA ARG G 74 -40.58 5.59 -4.25
C ARG G 74 -39.73 5.74 -2.98
N VAL G 75 -38.50 6.32 -3.06
CA VAL G 75 -37.53 6.42 -1.92
C VAL G 75 -37.01 7.86 -1.70
N ASN G 76 -37.19 8.79 -2.65
CA ASN G 76 -36.66 10.18 -2.59
C ASN G 76 -37.83 11.16 -2.56
N PRO G 77 -38.20 11.71 -1.39
CA PRO G 77 -39.19 12.78 -1.32
C PRO G 77 -38.66 14.14 -1.80
N LEU G 78 -39.54 15.05 -2.26
CA LEU G 78 -39.21 16.48 -2.52
C LEU G 78 -39.14 17.17 -1.15
N PRO G 79 -38.80 18.48 -1.06
CA PRO G 79 -38.64 19.15 0.23
C PRO G 79 -39.96 19.20 1.03
N THR G 80 -41.08 19.05 0.32
CA THR G 80 -42.45 19.04 0.87
C THR G 80 -42.98 17.60 1.04
N GLY G 81 -42.11 16.59 1.10
CA GLY G 81 -42.49 15.17 1.34
C GLY G 81 -42.69 14.41 0.05
N TYR G 82 -43.17 13.17 0.11
CA TYR G 82 -43.27 12.24 -1.05
C TYR G 82 -44.38 12.69 -2.01
N GLU G 83 -44.25 12.32 -3.29
CA GLU G 83 -45.24 12.56 -4.38
C GLU G 83 -46.23 11.38 -4.50
N LYS G 84 -47.25 11.54 -5.34
CA LYS G 84 -48.22 10.47 -5.73
C LYS G 84 -47.48 9.16 -6.01
N LYS H 7 -27.41 25.72 44.96
CA LYS H 7 -26.68 24.40 45.02
C LYS H 7 -25.54 24.42 44.00
N ILE H 8 -24.51 25.25 44.26
CA ILE H 8 -23.22 25.31 43.50
C ILE H 8 -23.33 26.39 42.39
N LYS H 9 -24.01 27.51 42.68
CA LYS H 9 -24.40 28.60 41.73
C LYS H 9 -23.37 29.74 41.78
N ASN H 10 -23.82 30.99 41.98
CA ASN H 10 -23.06 32.24 41.68
C ASN H 10 -22.44 32.16 40.28
N TYR H 11 -23.27 32.26 39.24
CA TYR H 11 -22.86 32.24 37.82
C TYR H 11 -22.48 33.67 37.42
N GLN H 12 -21.34 33.84 36.74
CA GLN H 12 -21.00 35.06 35.99
C GLN H 12 -21.08 34.76 34.49
N THR H 13 -20.37 33.73 34.05
CA THR H 13 -20.34 33.19 32.66
C THR H 13 -19.85 31.74 32.71
N ALA H 14 -19.94 31.05 31.56
CA ALA H 14 -19.48 29.66 31.44
C ALA H 14 -18.02 29.58 31.84
N PRO H 15 -17.64 28.63 32.73
CA PRO H 15 -16.23 28.43 33.07
C PRO H 15 -15.49 27.76 31.91
N PHE H 16 -14.16 27.87 31.89
CA PHE H 16 -13.30 27.07 30.99
C PHE H 16 -13.76 25.61 31.08
N ASP H 17 -13.69 24.90 29.97
CA ASP H 17 -14.13 23.47 29.91
C ASP H 17 -13.08 22.67 29.13
N SER H 18 -12.41 21.74 29.81
CA SER H 18 -11.30 20.92 29.25
C SER H 18 -11.77 20.09 28.04
N ARG H 19 -13.07 19.84 27.89
CA ARG H 19 -13.61 19.09 26.72
C ARG H 19 -13.50 19.96 25.47
N PHE H 20 -13.56 21.28 25.62
CA PHE H 20 -13.62 22.24 24.48
C PHE H 20 -12.50 23.26 24.62
N PRO H 21 -11.23 22.81 24.58
CA PRO H 21 -10.11 23.66 24.96
C PRO H 21 -9.57 24.61 23.90
N ASN H 22 -10.00 24.48 22.63
CA ASN H 22 -9.43 25.20 21.47
C ASN H 22 -10.27 26.44 21.14
N GLN H 23 -10.04 27.10 20.01
CA GLN H 23 -10.70 28.40 19.68
C GLN H 23 -12.11 28.15 19.20
N ASN H 24 -12.36 26.95 18.66
CA ASN H 24 -13.69 26.56 18.11
C ASN H 24 -14.58 26.08 19.26
N GLN H 25 -15.66 26.80 19.56
CA GLN H 25 -16.58 26.52 20.71
C GLN H 25 -17.95 26.11 20.18
N THR H 26 -18.07 25.98 18.86
CA THR H 26 -19.30 25.53 18.16
C THR H 26 -19.92 24.40 18.97
N ARG H 27 -19.08 23.45 19.37
CA ARG H 27 -19.54 22.17 19.95
C ARG H 27 -19.87 22.35 21.44
N ASN H 28 -19.24 23.31 22.11
CA ASN H 28 -19.50 23.61 23.54
C ASN H 28 -20.93 24.13 23.68
N CYS H 29 -21.31 25.14 22.88
CA CYS H 29 -22.72 25.57 22.69
C CYS H 29 -23.61 24.34 22.47
N TRP H 30 -23.34 23.56 21.42
CA TRP H 30 -24.11 22.37 21.01
C TRP H 30 -24.33 21.44 22.23
N GLN H 31 -23.26 20.87 22.76
CA GLN H 31 -23.35 19.87 23.85
C GLN H 31 -24.22 20.41 24.99
N ASN H 32 -23.95 21.61 25.49
CA ASN H 32 -24.64 22.13 26.71
C ASN H 32 -26.12 22.36 26.41
N TYR H 33 -26.50 22.62 25.16
CA TYR H 33 -27.92 22.75 24.75
C TYR H 33 -28.66 21.42 24.86
N LEU H 34 -28.07 20.35 24.33
CA LEU H 34 -28.65 18.98 24.40
C LEU H 34 -28.72 18.54 25.85
N ASP H 35 -27.57 18.49 26.53
CA ASP H 35 -27.46 18.14 27.98
C ASP H 35 -28.63 18.79 28.71
N PHE H 36 -28.99 20.05 28.39
CA PHE H 36 -30.16 20.74 28.97
C PHE H 36 -31.47 20.03 28.57
N HIS H 37 -31.86 20.10 27.30
CA HIS H 37 -33.16 19.58 26.81
C HIS H 37 -33.26 18.06 27.00
N ARG H 38 -32.14 17.35 27.16
CA ARG H 38 -32.11 15.92 27.57
C ARG H 38 -32.54 15.82 29.04
N CYS H 39 -31.81 16.48 29.94
CA CYS H 39 -32.16 16.67 31.36
C CYS H 39 -33.65 17.05 31.46
N GLU H 40 -34.00 18.28 31.06
CA GLU H 40 -35.37 18.84 31.16
C GLU H 40 -36.43 17.79 30.80
N LYS H 41 -36.20 16.94 29.80
CA LYS H 41 -37.16 15.89 29.38
C LYS H 41 -37.21 14.79 30.46
N ALA H 42 -36.05 14.26 30.85
CA ALA H 42 -35.87 13.18 31.84
C ALA H 42 -36.61 13.50 33.14
N MET H 43 -36.56 14.74 33.64
CA MET H 43 -37.18 15.14 34.93
C MET H 43 -38.70 15.19 34.80
N THR H 44 -39.25 16.10 33.97
CA THR H 44 -40.73 16.29 33.79
C THR H 44 -41.42 14.94 33.65
N ALA H 45 -40.91 14.06 32.78
CA ALA H 45 -41.56 12.81 32.31
C ALA H 45 -41.32 11.64 33.30
N LYS H 46 -40.62 11.85 34.42
CA LYS H 46 -40.39 10.82 35.47
C LYS H 46 -40.39 11.44 36.88
N GLY H 47 -41.42 12.23 37.20
CA GLY H 47 -41.68 12.76 38.56
C GLY H 47 -40.42 13.26 39.23
N GLY H 48 -40.06 14.53 38.97
CA GLY H 48 -38.87 15.22 39.49
C GLY H 48 -38.98 16.72 39.26
N ASP H 49 -37.86 17.46 39.22
CA ASP H 49 -37.85 18.93 39.00
C ASP H 49 -36.70 19.34 38.07
N VAL H 50 -36.98 20.33 37.19
CA VAL H 50 -36.09 20.90 36.13
C VAL H 50 -34.95 21.71 36.76
N SER H 51 -35.11 22.10 38.03
CA SER H 51 -34.11 22.76 38.91
C SER H 51 -32.67 22.28 38.62
N VAL H 52 -32.46 20.96 38.43
CA VAL H 52 -31.10 20.34 38.34
C VAL H 52 -30.49 20.61 36.96
N CYS H 53 -31.31 20.94 35.96
CA CYS H 53 -30.88 21.16 34.55
C CYS H 53 -30.47 22.62 34.32
N GLU H 54 -30.43 23.44 35.37
CA GLU H 54 -30.29 24.92 35.28
C GLU H 54 -28.90 25.26 34.73
N TRP H 55 -27.85 24.67 35.30
CA TRP H 55 -26.44 24.84 34.87
C TRP H 55 -26.35 24.77 33.35
N TYR H 56 -26.85 23.68 32.77
CA TYR H 56 -26.79 23.39 31.31
C TYR H 56 -27.48 24.52 30.52
N ARG H 57 -28.56 25.12 31.04
CA ARG H 57 -29.26 26.22 30.35
C ARG H 57 -28.41 27.50 30.42
N ARG H 58 -27.85 27.82 31.59
CA ARG H 58 -26.99 29.02 31.78
C ARG H 58 -25.88 29.04 30.74
N VAL H 59 -25.13 27.92 30.66
CA VAL H 59 -23.92 27.73 29.82
C VAL H 59 -24.27 27.85 28.33
N TYR H 60 -25.41 27.28 27.91
CA TYR H 60 -25.83 27.31 26.49
C TYR H 60 -26.36 28.73 26.19
N LYS H 61 -27.05 29.36 27.13
CA LYS H 61 -27.57 30.75 26.97
C LYS H 61 -26.39 31.72 26.77
N SER H 62 -25.29 31.47 27.50
CA SER H 62 -24.06 32.31 27.52
C SER H 62 -23.35 32.22 26.17
N LEU H 63 -23.14 31.00 25.67
CA LEU H 63 -22.21 30.71 24.54
C LEU H 63 -22.98 30.73 23.20
N CYS H 64 -24.19 30.20 23.17
CA CYS H 64 -24.95 30.00 21.92
C CYS H 64 -25.46 31.36 21.43
N PRO H 65 -25.19 31.72 20.15
CA PRO H 65 -25.91 32.81 19.49
C PRO H 65 -27.44 32.69 19.66
N ILE H 66 -28.14 33.81 19.85
CA ILE H 66 -29.63 33.82 19.98
C ILE H 66 -30.25 33.15 18.75
N SER H 67 -29.84 33.55 17.54
CA SER H 67 -30.38 32.99 16.26
C SER H 67 -30.21 31.47 16.21
N TRP H 68 -29.16 30.91 16.81
CA TRP H 68 -28.92 29.44 16.84
C TRP H 68 -29.94 28.78 17.78
N VAL H 69 -30.13 29.34 18.96
CA VAL H 69 -31.03 28.78 20.00
C VAL H 69 -32.48 28.93 19.49
N SER H 70 -32.83 30.16 19.11
CA SER H 70 -34.10 30.51 18.45
C SER H 70 -34.47 29.42 17.44
N THR H 71 -33.56 29.13 16.49
CA THR H 71 -33.74 28.18 15.35
C THR H 71 -33.94 26.74 15.89
N TRP H 72 -33.05 26.28 16.78
CA TRP H 72 -33.08 24.92 17.38
C TRP H 72 -34.40 24.69 18.15
N ASP H 73 -34.79 25.68 18.95
CA ASP H 73 -36.10 25.70 19.66
C ASP H 73 -37.22 25.54 18.60
N ASP H 74 -37.24 26.36 17.54
CA ASP H 74 -38.30 26.30 16.49
C ASP H 74 -38.40 24.87 15.92
N ARG H 75 -37.27 24.15 15.86
CA ARG H 75 -37.15 22.83 15.21
C ARG H 75 -37.55 21.72 16.17
N ARG H 76 -37.11 21.77 17.42
CA ARG H 76 -37.63 20.87 18.48
C ARG H 76 -39.17 20.92 18.44
N ALA H 77 -39.76 22.11 18.40
CA ALA H 77 -41.21 22.33 18.19
C ALA H 77 -41.67 21.57 16.94
N GLU H 78 -41.02 21.85 15.81
CA GLU H 78 -41.34 21.32 14.46
C GLU H 78 -41.09 19.80 14.39
N GLY H 79 -40.20 19.28 15.24
CA GLY H 79 -39.83 17.85 15.33
C GLY H 79 -38.70 17.48 14.38
N THR H 80 -38.16 18.48 13.67
CA THR H 80 -37.10 18.38 12.63
C THR H 80 -35.73 18.66 13.25
N PHE H 81 -35.60 18.57 14.58
CA PHE H 81 -34.31 18.84 15.27
C PHE H 81 -33.41 17.63 15.12
N PRO H 82 -32.23 17.75 14.45
CA PRO H 82 -31.42 16.59 14.09
C PRO H 82 -30.72 15.90 15.27
N GLY H 83 -30.73 16.52 16.46
CA GLY H 83 -30.06 15.97 17.65
C GLY H 83 -30.89 14.94 18.38
N LYS H 84 -30.25 13.85 18.85
CA LYS H 84 -30.91 12.80 19.66
C LYS H 84 -31.17 13.37 21.05
N ILE H 85 -32.43 13.72 21.33
CA ILE H 85 -32.90 14.26 22.64
C ILE H 85 -33.57 13.11 23.41
N THR I 2 67.35 51.59 -8.29
CA THR I 2 66.85 51.21 -6.93
C THR I 2 65.61 50.30 -7.11
N ALA I 3 65.89 49.03 -7.39
CA ALA I 3 64.89 47.97 -7.68
C ALA I 3 63.69 48.11 -6.73
N LEU I 4 62.50 47.78 -7.21
CA LEU I 4 61.25 47.71 -6.40
C LEU I 4 61.22 46.37 -5.65
N ALA I 5 60.53 46.34 -4.51
CA ALA I 5 60.31 45.14 -3.69
C ALA I 5 59.17 44.33 -4.31
N LYS I 6 59.37 43.03 -4.45
CA LYS I 6 58.29 42.08 -4.84
C LYS I 6 57.10 42.35 -3.93
N PRO I 7 55.96 42.83 -4.48
CA PRO I 7 54.76 43.04 -3.67
C PRO I 7 53.87 41.78 -3.62
N GLN I 8 52.92 41.74 -2.68
CA GLN I 8 51.92 40.66 -2.55
C GLN I 8 51.19 40.54 -3.90
N MET I 9 51.15 39.35 -4.52
CA MET I 9 50.65 39.20 -5.92
C MET I 9 49.55 38.14 -6.06
N ARG I 10 49.45 37.17 -5.14
CA ARG I 10 48.39 36.14 -5.11
C ARG I 10 47.32 36.49 -4.07
N GLY I 11 46.09 35.99 -4.28
CA GLY I 11 44.96 36.11 -3.35
C GLY I 11 44.54 37.55 -3.11
N LEU I 12 44.68 38.44 -4.10
CA LEU I 12 44.42 39.89 -3.93
C LEU I 12 42.90 40.14 -3.74
N LEU I 13 42.06 39.26 -4.31
CA LEU I 13 40.59 39.30 -4.18
C LEU I 13 40.19 38.61 -2.87
N ALA I 14 40.78 37.47 -2.57
CA ALA I 14 40.53 36.75 -1.30
C ALA I 14 40.87 37.67 -0.13
N ARG I 15 42.03 38.31 -0.20
CA ARG I 15 42.55 39.26 0.82
C ARG I 15 41.55 40.41 0.94
N ARG I 16 41.03 40.91 -0.18
CA ARG I 16 40.05 42.04 -0.18
C ARG I 16 38.78 41.58 0.55
N LEU I 17 38.36 40.33 0.34
CA LEU I 17 37.11 39.80 0.95
C LEU I 17 37.33 39.64 2.46
N ARG I 18 38.32 38.82 2.87
CA ARG I 18 38.71 38.54 4.28
C ARG I 18 38.55 39.84 5.11
N PHE I 19 39.17 40.93 4.63
CA PHE I 19 39.14 42.31 5.17
C PHE I 19 37.69 42.78 5.31
N HIS I 20 37.01 43.00 4.18
CA HIS I 20 35.73 43.75 4.10
C HIS I 20 34.57 42.97 4.74
N ILE I 21 34.56 41.65 4.66
CA ILE I 21 33.41 40.82 5.17
C ILE I 21 33.21 41.15 6.64
N VAL I 22 34.32 41.27 7.39
CA VAL I 22 34.35 41.65 8.82
C VAL I 22 33.65 43.00 8.98
N GLY I 23 33.97 43.99 8.14
CA GLY I 23 33.31 45.31 8.10
C GLY I 23 31.83 45.25 7.74
N ALA I 24 31.36 44.14 7.13
CA ALA I 24 29.93 43.90 6.81
C ALA I 24 29.20 43.44 8.08
N PHE I 25 29.80 42.49 8.80
CA PHE I 25 29.32 41.97 10.11
C PHE I 25 29.21 43.14 11.09
N MET I 26 30.12 44.12 11.08
CA MET I 26 30.11 45.30 12.02
C MET I 26 28.95 46.25 11.68
N VAL I 27 28.90 46.72 10.43
CA VAL I 27 27.86 47.66 9.91
C VAL I 27 26.47 46.98 9.98
N SER I 28 26.42 45.65 9.96
CA SER I 28 25.17 44.88 10.12
C SER I 28 24.76 44.94 11.59
N LEU I 29 25.59 44.40 12.48
CA LEU I 29 25.36 44.36 13.95
C LEU I 29 25.05 45.78 14.42
N GLY I 30 25.76 46.78 13.90
CA GLY I 30 25.56 48.20 14.24
C GLY I 30 24.11 48.60 14.04
N PHE I 31 23.67 48.56 12.78
CA PHE I 31 22.28 48.83 12.29
C PHE I 31 21.24 48.20 13.22
N ALA I 32 21.47 46.95 13.64
CA ALA I 32 20.56 46.16 14.50
C ALA I 32 20.72 46.60 15.97
N THR I 33 21.95 46.96 16.38
CA THR I 33 22.27 47.45 17.74
C THR I 33 21.75 48.87 17.92
N PHE I 34 21.72 49.66 16.84
CA PHE I 34 21.10 51.00 16.82
C PHE I 34 19.59 50.85 17.08
N TYR I 35 18.99 49.81 16.51
CA TYR I 35 17.53 49.54 16.58
C TYR I 35 17.19 49.15 18.02
N LYS I 36 17.99 48.28 18.65
CA LYS I 36 17.77 47.86 20.06
C LYS I 36 17.88 49.10 20.97
N PHE I 37 19.00 49.83 20.90
CA PHE I 37 19.25 51.08 21.67
C PHE I 37 18.08 52.07 21.46
N ALA I 38 17.95 52.60 20.24
CA ALA I 38 17.24 53.88 19.99
C ALA I 38 15.73 53.68 19.75
N VAL I 39 15.24 52.45 19.56
CA VAL I 39 13.80 52.20 19.27
C VAL I 39 13.22 51.12 20.20
N ALA I 40 13.84 49.93 20.24
CA ALA I 40 13.33 48.74 20.95
C ALA I 40 13.30 48.99 22.47
N GLU I 41 14.45 49.29 23.08
CA GLU I 41 14.58 49.52 24.54
C GLU I 41 13.91 50.82 24.95
N LYS I 42 13.75 51.77 24.04
CA LYS I 42 12.95 52.99 24.28
C LYS I 42 11.52 52.55 24.54
N ARG I 43 11.00 51.67 23.68
CA ARG I 43 9.61 51.17 23.74
C ARG I 43 9.42 50.48 25.09
N LYS I 44 10.34 49.62 25.49
CA LYS I 44 10.23 48.81 26.73
C LYS I 44 10.11 49.74 27.94
N LYS I 45 10.81 50.89 27.88
CA LYS I 45 10.90 51.91 28.97
C LYS I 45 9.63 52.78 28.95
N ALA I 46 9.18 53.22 27.77
CA ALA I 46 7.95 54.03 27.60
C ALA I 46 6.80 53.31 28.28
N TYR I 47 6.56 52.04 27.93
CA TYR I 47 5.43 51.23 28.47
C TYR I 47 5.63 51.09 29.98
N ALA I 48 6.75 50.49 30.41
CA ALA I 48 7.09 50.36 31.84
C ALA I 48 6.78 51.70 32.56
N ASP I 49 7.50 52.78 32.20
CA ASP I 49 7.31 54.14 32.80
C ASP I 49 5.82 54.39 32.93
N PHE I 50 5.12 54.53 31.80
CA PHE I 50 3.67 54.86 31.73
C PHE I 50 2.90 54.17 32.86
N TYR I 51 2.91 52.84 32.89
CA TYR I 51 2.03 51.99 33.73
C TYR I 51 2.44 52.03 35.22
N ARG I 52 3.70 52.38 35.54
CA ARG I 52 4.26 52.40 36.93
C ARG I 52 3.35 53.22 37.85
N ASN I 53 2.96 54.42 37.40
CA ASN I 53 2.28 55.43 38.24
C ASN I 53 0.86 55.64 37.71
N TYR I 54 0.40 54.75 36.82
CA TYR I 54 -0.89 54.90 36.10
C TYR I 54 -2.03 54.50 37.05
N ASP I 55 -3.02 55.38 37.15
CA ASP I 55 -4.30 55.22 37.90
C ASP I 55 -5.42 55.11 36.87
N SER I 56 -5.90 53.90 36.59
CA SER I 56 -6.89 53.64 35.53
C SER I 56 -8.18 54.43 35.80
N MET I 57 -8.58 54.59 37.08
CA MET I 57 -9.83 55.30 37.46
C MET I 57 -9.72 56.80 37.16
N LYS I 58 -8.54 57.42 37.40
CA LYS I 58 -8.31 58.86 37.16
C LYS I 58 -8.34 59.15 35.65
N ASP I 59 -7.75 58.27 34.84
CA ASP I 59 -7.78 58.35 33.37
C ASP I 59 -9.26 58.37 32.95
N PHE I 60 -10.03 57.38 33.39
CA PHE I 60 -11.46 57.24 33.04
C PHE I 60 -12.20 58.52 33.45
N GLU I 61 -12.00 58.92 34.70
CA GLU I 61 -12.65 60.12 35.29
C GLU I 61 -12.42 61.31 34.33
N GLU I 62 -11.18 61.48 33.86
CA GLU I 62 -10.78 62.59 32.94
C GLU I 62 -11.58 62.46 31.62
N MET I 63 -11.58 61.25 31.03
CA MET I 63 -12.34 60.89 29.80
C MET I 63 -13.84 61.15 29.99
N ARG I 64 -14.39 60.78 31.16
CA ARG I 64 -15.83 60.89 31.53
C ARG I 64 -16.22 62.38 31.54
N LYS I 65 -15.35 63.23 32.08
CA LYS I 65 -15.60 64.69 32.18
C LYS I 65 -15.51 65.34 30.80
N ALA I 66 -14.59 64.89 29.95
CA ALA I 66 -14.42 65.41 28.56
C ALA I 66 -15.67 65.10 27.71
N GLY I 67 -16.47 64.12 28.12
CA GLY I 67 -17.78 63.77 27.53
C GLY I 67 -17.66 62.77 26.38
N ILE I 68 -16.61 61.93 26.38
CA ILE I 68 -16.25 61.03 25.23
C ILE I 68 -17.08 59.74 25.27
N PHE I 69 -17.85 59.47 26.34
CA PHE I 69 -18.50 58.14 26.57
C PHE I 69 -20.01 58.19 26.30
N GLN I 70 -20.56 57.08 25.80
CA GLN I 70 -22.01 56.82 25.63
C GLN I 70 -22.63 56.28 26.93
N SER I 71 -21.90 55.42 27.64
CA SER I 71 -22.42 54.60 28.76
C SER I 71 -22.47 55.44 30.03
N ALA I 72 -21.45 56.29 30.22
CA ALA I 72 -21.15 57.00 31.48
C ALA I 72 -20.95 58.51 31.22
N LYS I 73 -21.98 59.32 31.47
CA LYS I 73 -21.97 60.80 31.28
C LYS I 73 -21.14 61.46 32.39
N PHE J 1 -10.80 -11.99 -39.33
CA PHE J 1 -10.50 -10.70 -40.00
C PHE J 1 -9.14 -10.80 -40.70
N GLU J 2 -8.86 -9.82 -41.56
CA GLU J 2 -7.60 -9.73 -42.34
C GLU J 2 -6.75 -8.57 -41.79
N ASN J 3 -5.47 -8.86 -41.49
CA ASN J 3 -4.42 -7.82 -41.28
C ASN J 3 -4.29 -7.03 -42.57
N ARG J 4 -4.62 -5.74 -42.57
CA ARG J 4 -4.40 -4.87 -43.76
C ARG J 4 -3.55 -3.67 -43.35
N VAL J 5 -2.72 -3.83 -42.32
CA VAL J 5 -1.94 -2.69 -41.74
C VAL J 5 -1.01 -2.15 -42.83
N ALA J 6 -0.34 -3.06 -43.55
CA ALA J 6 0.78 -2.76 -44.45
C ALA J 6 0.26 -2.00 -45.68
N GLU J 7 -1.02 -2.17 -46.03
CA GLU J 7 -1.68 -1.37 -47.09
C GLU J 7 -1.82 0.08 -46.62
N LYS J 8 -2.46 0.26 -45.46
CA LYS J 8 -2.67 1.56 -44.76
C LYS J 8 -1.32 2.26 -44.58
N GLN J 9 -0.31 1.50 -44.14
CA GLN J 9 1.10 1.95 -44.08
C GLN J 9 1.49 2.64 -45.39
N LYS J 10 1.26 2.00 -46.54
CA LYS J 10 1.81 2.48 -47.84
C LYS J 10 0.98 3.66 -48.35
N LEU J 11 -0.30 3.75 -47.99
CA LEU J 11 -1.14 4.95 -48.26
C LEU J 11 -0.57 6.13 -47.46
N PHE J 12 -0.30 5.93 -46.17
CA PHE J 12 0.01 7.02 -45.21
C PHE J 12 1.48 7.44 -45.30
N GLN J 13 2.33 6.65 -45.97
CA GLN J 13 3.79 6.90 -46.17
C GLN J 13 4.08 7.46 -47.58
N GLU J 14 3.10 7.40 -48.49
CA GLU J 14 3.15 8.03 -49.83
C GLU J 14 3.70 9.45 -49.69
N ASP J 15 4.56 9.89 -50.61
CA ASP J 15 5.34 11.16 -50.51
C ASP J 15 4.59 12.33 -51.18
N ASN J 16 3.26 12.47 -50.99
CA ASN J 16 2.39 13.44 -51.70
C ASN J 16 2.28 14.76 -50.92
N GLY J 17 2.96 14.88 -49.76
CA GLY J 17 3.15 16.15 -49.03
C GLY J 17 1.89 16.71 -48.36
N LEU J 18 0.79 15.95 -48.26
CA LEU J 18 -0.39 16.27 -47.41
C LEU J 18 -0.01 16.14 -45.93
N PRO J 19 -0.52 17.00 -45.02
CA PRO J 19 -0.31 16.79 -43.59
C PRO J 19 -1.09 15.52 -43.15
N VAL J 20 -0.66 14.90 -42.07
CA VAL J 20 -1.14 13.56 -41.63
C VAL J 20 -2.65 13.56 -41.48
N HIS J 21 -3.26 14.66 -41.03
CA HIS J 21 -4.72 14.76 -40.74
C HIS J 21 -5.55 14.76 -42.03
N LEU J 22 -4.92 14.87 -43.21
CA LEU J 22 -5.59 14.89 -44.55
C LEU J 22 -5.11 13.75 -45.45
N LYS J 23 -4.19 12.92 -44.96
CA LYS J 23 -3.40 12.02 -45.82
C LYS J 23 -4.25 10.80 -46.22
N GLY J 24 -5.41 10.61 -45.58
CA GLY J 24 -6.25 9.40 -45.72
C GLY J 24 -7.47 9.60 -46.61
N GLY J 25 -7.43 10.54 -47.55
CA GLY J 25 -8.49 10.71 -48.56
C GLY J 25 -9.32 11.96 -48.32
N ALA J 26 -10.45 12.07 -48.99
CA ALA J 26 -11.29 13.29 -49.04
C ALA J 26 -12.13 13.39 -47.77
N THR J 27 -12.41 12.26 -47.13
CA THR J 27 -13.21 12.15 -45.88
C THR J 27 -12.61 13.01 -44.77
N ASP J 28 -11.29 12.90 -44.59
CA ASP J 28 -10.46 13.76 -43.71
C ASP J 28 -10.78 15.23 -44.01
N ASN J 29 -10.61 15.66 -45.25
CA ASN J 29 -10.90 17.06 -45.67
C ASN J 29 -12.31 17.44 -45.18
N ILE J 30 -13.32 16.62 -45.48
CA ILE J 30 -14.75 16.90 -45.17
C ILE J 30 -14.91 17.06 -43.65
N LEU J 31 -14.52 16.03 -42.90
CA LEU J 31 -14.63 15.94 -41.43
C LEU J 31 -13.95 17.17 -40.81
N TYR J 32 -12.79 17.58 -41.39
CA TYR J 32 -11.90 18.66 -40.89
C TYR J 32 -12.60 20.01 -41.06
N ARG J 33 -13.34 20.17 -42.16
CA ARG J 33 -14.05 21.43 -42.46
C ARG J 33 -15.33 21.48 -41.63
N VAL J 34 -16.08 20.39 -41.52
CA VAL J 34 -17.24 20.29 -40.57
C VAL J 34 -16.79 20.75 -39.17
N THR J 35 -15.65 20.25 -38.66
CA THR J 35 -15.15 20.53 -37.29
C THR J 35 -14.97 22.03 -37.15
N MET J 36 -14.11 22.58 -38.00
CA MET J 36 -13.67 23.99 -37.99
C MET J 36 -14.89 24.90 -38.16
N THR J 37 -15.83 24.52 -39.03
CA THR J 37 -17.07 25.29 -39.26
C THR J 37 -17.86 25.36 -37.95
N LEU J 38 -18.11 24.21 -37.33
CA LEU J 38 -18.89 24.14 -36.06
C LEU J 38 -18.18 25.00 -35.00
N CYS J 39 -16.87 24.81 -34.81
CA CYS J 39 -16.03 25.56 -33.80
C CYS J 39 -16.22 27.07 -33.98
N LEU J 40 -16.07 27.58 -35.20
CA LEU J 40 -16.01 29.04 -35.47
C LEU J 40 -17.44 29.59 -35.45
N GLY J 41 -18.41 28.79 -35.89
CA GLY J 41 -19.85 29.05 -35.68
C GLY J 41 -20.11 29.26 -34.21
N GLY J 42 -19.91 28.21 -33.40
CA GLY J 42 -20.15 28.19 -31.94
C GLY J 42 -19.42 29.30 -31.21
N THR J 43 -18.20 29.63 -31.67
CA THR J 43 -17.36 30.70 -31.09
C THR J 43 -18.00 32.04 -31.42
N LEU J 44 -18.48 32.22 -32.65
CA LEU J 44 -19.20 33.48 -33.01
C LEU J 44 -20.43 33.55 -32.12
N TYR J 45 -21.24 32.49 -32.14
CA TYR J 45 -22.51 32.42 -31.36
C TYR J 45 -22.23 32.73 -29.88
N SER J 46 -21.12 32.26 -29.32
CA SER J 46 -20.82 32.40 -27.87
C SER J 46 -20.48 33.85 -27.55
N LEU J 47 -19.68 34.53 -28.37
CA LEU J 47 -19.37 35.99 -28.21
C LEU J 47 -20.67 36.77 -28.27
N TYR J 48 -21.52 36.51 -29.26
CA TYR J 48 -22.87 37.11 -29.40
C TYR J 48 -23.62 36.93 -28.07
N CYS J 49 -23.84 35.66 -27.66
CA CYS J 49 -24.46 35.26 -26.36
C CYS J 49 -23.92 36.15 -25.25
N LEU J 50 -22.58 36.31 -25.20
CA LEU J 50 -21.87 37.06 -24.14
C LEU J 50 -22.27 38.53 -24.21
N GLY J 51 -22.45 39.05 -25.44
CA GLY J 51 -22.98 40.41 -25.73
C GLY J 51 -24.35 40.61 -25.10
N TRP J 52 -25.23 39.61 -25.26
CA TRP J 52 -26.60 39.61 -24.68
C TRP J 52 -26.53 39.70 -23.15
N ALA J 53 -25.70 38.87 -22.50
CA ALA J 53 -25.62 38.73 -21.03
C ALA J 53 -24.93 39.95 -20.37
N SER J 54 -24.22 40.79 -21.13
CA SER J 54 -23.43 41.94 -20.59
C SER J 54 -24.33 43.14 -20.28
N PHE J 55 -25.47 43.27 -20.95
CA PHE J 55 -26.52 44.29 -20.68
C PHE J 55 -27.73 43.62 -20.01
N PRO J 56 -28.45 44.35 -19.13
CA PRO J 56 -29.61 43.78 -18.43
C PRO J 56 -30.93 43.81 -19.21
N HIS J 57 -31.88 42.94 -18.83
CA HIS J 57 -33.26 42.83 -19.39
C HIS J 57 -34.28 42.80 -18.23
N LYS J 58 -35.43 43.47 -18.41
CA LYS J 58 -36.45 43.64 -17.33
C LYS J 58 -37.47 42.50 -17.40
N ALA K 6 36.13 60.94 -31.78
CA ALA K 6 34.76 60.68 -32.34
C ALA K 6 33.72 60.73 -31.21
N PRO K 7 33.64 61.85 -30.42
CA PRO K 7 32.92 61.86 -29.14
C PRO K 7 31.43 61.49 -29.27
N ASP K 8 30.91 60.71 -28.31
CA ASP K 8 29.60 59.99 -28.37
C ASP K 8 28.46 60.94 -27.97
N PHE K 9 27.21 60.52 -28.21
CA PHE K 9 25.97 61.24 -27.82
C PHE K 9 26.12 61.80 -26.40
N HIS K 10 26.66 60.98 -25.49
CA HIS K 10 26.74 61.29 -24.04
C HIS K 10 27.83 62.34 -23.80
N ASP K 11 28.91 62.32 -24.59
CA ASP K 11 30.04 63.30 -24.51
C ASP K 11 29.49 64.71 -24.82
N LYS K 12 28.62 64.84 -25.82
CA LYS K 12 27.98 66.13 -26.17
C LYS K 12 26.91 66.47 -25.14
N TYR K 13 25.95 65.58 -24.94
CA TYR K 13 24.60 65.89 -24.38
C TYR K 13 24.44 65.42 -22.93
N GLY K 14 25.21 64.42 -22.50
CA GLY K 14 25.22 63.94 -21.10
C GLY K 14 24.84 65.05 -20.13
N ASN K 15 25.59 66.15 -20.16
CA ASN K 15 25.46 67.28 -19.20
C ASN K 15 24.15 68.01 -19.42
N ALA K 16 23.88 68.46 -20.66
CA ALA K 16 22.64 69.16 -21.03
C ALA K 16 21.43 68.31 -20.58
N VAL K 17 21.48 66.99 -20.79
CA VAL K 17 20.38 66.06 -20.40
C VAL K 17 20.26 66.03 -18.87
N LEU K 18 21.36 65.75 -18.16
CA LEU K 18 21.36 65.60 -16.68
C LEU K 18 20.72 66.83 -16.03
N ALA K 19 21.14 68.03 -16.43
CA ALA K 19 20.71 69.33 -15.86
C ALA K 19 19.26 69.64 -16.23
N SER K 20 18.95 69.77 -17.52
CA SER K 20 17.58 70.14 -17.96
C SER K 20 16.65 68.94 -17.72
N GLY K 21 17.22 67.77 -17.39
CA GLY K 21 16.50 66.64 -16.79
C GLY K 21 16.11 66.94 -15.36
N ALA K 22 17.08 66.88 -14.43
CA ALA K 22 16.94 67.12 -12.97
C ALA K 22 16.06 68.35 -12.69
N THR K 23 16.31 69.48 -13.35
CA THR K 23 15.67 70.81 -13.08
C THR K 23 14.17 70.76 -13.40
N PHE K 24 13.77 70.16 -14.52
CA PHE K 24 12.35 70.00 -14.93
C PHE K 24 11.62 69.16 -13.87
N CYS K 25 12.25 68.06 -13.42
CA CYS K 25 11.68 67.09 -12.44
C CYS K 25 11.31 67.81 -11.12
N VAL K 26 12.32 68.32 -10.43
CA VAL K 26 12.17 68.94 -9.08
C VAL K 26 11.16 70.08 -9.21
N ALA K 27 11.20 70.83 -10.30
CA ALA K 27 10.26 71.95 -10.55
C ALA K 27 8.83 71.42 -10.52
N VAL K 28 8.48 70.53 -11.44
CA VAL K 28 7.05 70.12 -11.66
C VAL K 28 6.54 69.34 -10.44
N TRP K 29 7.38 68.56 -9.76
CA TRP K 29 6.97 67.79 -8.55
C TRP K 29 6.74 68.74 -7.36
N VAL K 30 7.62 69.73 -7.20
CA VAL K 30 7.54 70.78 -6.14
C VAL K 30 6.24 71.58 -6.34
N TYR K 31 5.94 71.95 -7.58
CA TYR K 31 4.66 72.63 -7.95
C TYR K 31 3.50 71.75 -7.46
N MET K 32 3.45 70.50 -7.92
CA MET K 32 2.31 69.57 -7.69
C MET K 32 2.11 69.34 -6.19
N ALA K 33 3.19 69.05 -5.47
CA ALA K 33 3.10 68.76 -4.02
C ALA K 33 2.44 69.94 -3.30
N THR K 34 2.69 71.18 -3.71
CA THR K 34 2.39 72.39 -2.91
C THR K 34 1.30 73.28 -3.54
N GLN K 35 1.11 73.24 -4.87
CA GLN K 35 0.37 74.30 -5.59
C GLN K 35 -1.00 73.85 -6.12
N ILE K 36 -1.51 72.64 -5.84
CA ILE K 36 -2.83 72.23 -6.43
C ILE K 36 -3.80 71.67 -5.35
N GLY K 37 -3.48 71.86 -4.07
CA GLY K 37 -4.40 71.57 -2.95
C GLY K 37 -4.60 70.09 -2.71
N ILE K 38 -3.66 69.25 -3.16
CA ILE K 38 -3.52 67.86 -2.65
C ILE K 38 -3.44 67.97 -1.14
N GLU K 39 -4.34 67.32 -0.41
CA GLU K 39 -4.31 67.23 1.06
C GLU K 39 -3.46 66.01 1.43
N TRP K 40 -2.29 66.26 2.00
CA TRP K 40 -1.35 65.22 2.44
C TRP K 40 -1.77 64.74 3.82
N ASN K 41 -2.52 65.56 4.57
CA ASN K 41 -3.00 65.24 5.94
C ASN K 41 -1.84 64.71 6.80
N PRO K 42 -0.85 65.57 7.09
CA PRO K 42 0.27 65.21 7.94
C PRO K 42 -0.08 65.26 9.44
N SER K 43 0.89 64.95 10.30
CA SER K 43 0.71 64.94 11.78
C SER K 43 0.20 66.29 12.25
N PRO K 44 -0.96 66.33 12.96
CA PRO K 44 -1.34 67.50 13.76
C PRO K 44 -0.31 67.90 14.83
N VAL K 45 0.50 66.94 15.30
CA VAL K 45 1.42 67.15 16.47
C VAL K 45 2.36 68.29 16.11
N GLY K 46 2.18 69.45 16.73
CA GLY K 46 3.10 70.58 16.60
C GLY K 46 2.64 71.63 15.60
N ARG K 47 1.57 71.40 14.84
CA ARG K 47 1.10 72.41 13.85
C ARG K 47 -0.41 72.70 13.98
N VAL K 48 -1.17 71.96 14.81
CA VAL K 48 -2.62 72.22 15.02
C VAL K 48 -2.86 72.66 16.45
N THR K 49 -3.51 73.82 16.67
CA THR K 49 -4.06 74.25 17.98
C THR K 49 -5.40 73.56 18.21
N PRO K 50 -5.47 72.51 19.07
CA PRO K 50 -6.72 71.79 19.33
C PRO K 50 -7.82 72.73 19.85
N LYS K 51 -9.05 72.48 19.40
CA LYS K 51 -10.24 73.36 19.58
C LYS K 51 -11.37 72.51 20.17
N GLU K 52 -12.15 73.05 21.11
CA GLU K 52 -13.25 72.33 21.79
C GLU K 52 -14.19 71.73 20.75
N TRP K 53 -14.79 70.57 21.05
CA TRP K 53 -15.62 69.81 20.08
C TRP K 53 -17.07 69.64 20.55
N ARG K 54 -17.31 69.58 21.86
CA ARG K 54 -18.68 69.37 22.43
C ARG K 54 -19.47 70.68 22.36
N HIS L 2 8.15 26.02 -47.88
CA HIS L 2 8.69 26.00 -46.49
C HIS L 2 8.53 27.38 -45.83
N TYR L 3 8.74 27.45 -44.51
CA TYR L 3 8.69 28.68 -43.66
C TYR L 3 10.01 29.45 -43.75
N GLU L 4 9.96 30.79 -43.84
CA GLU L 4 11.11 31.73 -43.92
C GLU L 4 11.78 31.94 -42.54
N GLU L 5 13.09 32.16 -42.52
CA GLU L 5 13.89 32.21 -41.26
C GLU L 5 14.68 33.52 -41.17
N GLY L 6 15.24 33.83 -40.00
CA GLY L 6 16.12 34.99 -39.83
C GLY L 6 15.36 36.19 -39.29
N PRO L 7 16.06 37.32 -39.02
CA PRO L 7 15.47 38.50 -38.37
C PRO L 7 14.25 39.14 -39.06
N GLY L 8 13.17 39.35 -38.29
CA GLY L 8 11.92 39.97 -38.74
C GLY L 8 11.02 38.99 -39.50
N LYS L 9 11.31 37.69 -39.46
CA LYS L 9 10.61 36.62 -40.24
C LYS L 9 9.98 35.54 -39.33
N ASN L 10 10.59 35.23 -38.18
CA ASN L 10 10.06 34.27 -37.17
C ASN L 10 9.02 34.94 -36.24
N ILE L 11 8.14 35.78 -36.77
CA ILE L 11 7.11 36.48 -35.95
C ILE L 11 5.82 36.57 -36.75
N PRO L 12 4.65 36.60 -36.07
CA PRO L 12 3.35 36.64 -36.75
C PRO L 12 2.97 38.05 -37.23
N PHE L 13 3.89 39.02 -37.17
CA PHE L 13 3.63 40.41 -37.63
C PHE L 13 4.82 40.91 -38.44
N SER L 14 4.53 41.68 -39.51
CA SER L 14 5.55 42.32 -40.37
C SER L 14 6.19 43.52 -39.64
N VAL L 15 7.53 43.59 -39.68
CA VAL L 15 8.36 44.74 -39.18
C VAL L 15 8.99 45.46 -40.38
N GLU L 16 8.41 45.26 -41.57
CA GLU L 16 8.93 45.73 -42.89
C GLU L 16 8.91 47.26 -42.90
N ASN L 17 7.76 47.84 -42.51
CA ASN L 17 7.54 49.30 -42.37
C ASN L 17 7.45 49.64 -40.87
N LYS L 18 8.37 50.50 -40.38
CA LYS L 18 8.51 50.84 -38.94
C LYS L 18 7.33 51.72 -38.49
N TRP L 19 6.47 52.21 -39.38
CA TRP L 19 5.32 53.09 -39.03
C TRP L 19 4.02 52.30 -39.02
N ARG L 20 3.81 51.47 -40.03
CA ARG L 20 2.81 50.37 -39.98
C ARG L 20 3.05 49.62 -38.65
N LEU L 21 4.31 49.39 -38.28
CA LEU L 21 4.65 48.62 -37.06
C LEU L 21 4.11 49.38 -35.85
N LEU L 22 4.51 50.64 -35.70
CA LEU L 22 4.00 51.53 -34.62
C LEU L 22 2.46 51.47 -34.60
N ALA L 23 1.81 51.58 -35.76
CA ALA L 23 0.33 51.49 -35.88
C ALA L 23 -0.17 50.17 -35.26
N MET L 24 0.42 49.04 -35.67
CA MET L 24 0.13 47.67 -35.13
C MET L 24 0.34 47.67 -33.61
N MET L 25 1.55 47.97 -33.14
CA MET L 25 1.95 47.88 -31.70
C MET L 25 0.97 48.70 -30.86
N THR L 26 0.53 49.84 -31.39
CA THR L 26 -0.25 50.87 -30.68
C THR L 26 -1.67 50.33 -30.46
N LEU L 27 -2.26 49.63 -31.44
CA LEU L 27 -3.61 49.02 -31.29
C LEU L 27 -3.55 47.85 -30.31
N PHE L 28 -2.42 47.12 -30.31
CA PHE L 28 -2.20 45.89 -29.52
C PHE L 28 -2.19 46.25 -28.03
N PHE L 29 -1.09 46.84 -27.56
CA PHE L 29 -0.94 47.29 -26.15
C PHE L 29 -2.07 48.29 -25.84
N GLY L 30 -2.29 49.24 -26.77
CA GLY L 30 -3.39 50.22 -26.68
C GLY L 30 -4.67 49.57 -26.19
N SER L 31 -5.26 48.69 -27.00
CA SER L 31 -6.55 48.01 -26.71
C SER L 31 -6.46 47.28 -25.36
N GLY L 32 -5.32 46.63 -25.08
CA GLY L 32 -5.08 45.91 -23.82
C GLY L 32 -5.26 46.78 -22.58
N PHE L 33 -4.67 47.98 -22.60
CA PHE L 33 -4.59 48.92 -21.45
C PHE L 33 -5.91 49.70 -21.30
N ALA L 34 -6.66 49.87 -22.40
CA ALA L 34 -7.98 50.56 -22.46
C ALA L 34 -9.07 49.70 -21.84
N ALA L 35 -8.99 48.39 -22.03
CA ALA L 35 -10.09 47.43 -21.78
C ALA L 35 -10.69 47.66 -20.40
N PRO L 36 -9.91 47.57 -19.30
CA PRO L 36 -10.47 47.75 -17.96
C PRO L 36 -11.23 49.09 -17.76
N PHE L 37 -10.76 50.18 -18.37
CA PHE L 37 -11.39 51.53 -18.25
C PHE L 37 -12.80 51.43 -18.84
N PHE L 38 -12.93 50.74 -19.97
CA PHE L 38 -14.20 50.59 -20.72
C PHE L 38 -15.11 49.57 -20.02
N ILE L 39 -14.53 48.62 -19.26
CA ILE L 39 -15.33 47.63 -18.47
C ILE L 39 -15.95 48.41 -17.31
N VAL L 40 -15.12 49.15 -16.58
CA VAL L 40 -15.50 50.01 -15.41
C VAL L 40 -16.64 50.95 -15.81
N ARG L 41 -16.42 51.76 -16.85
CA ARG L 41 -17.49 52.55 -17.54
C ARG L 41 -18.72 51.68 -17.73
N HIS L 42 -18.59 50.57 -18.44
CA HIS L 42 -19.71 49.66 -18.79
C HIS L 42 -20.48 49.30 -17.52
N GLN L 43 -19.79 49.05 -16.41
CA GLN L 43 -20.41 48.62 -15.13
C GLN L 43 -21.08 49.84 -14.46
N LEU L 44 -20.58 51.05 -14.70
CA LEU L 44 -21.14 52.29 -14.13
C LEU L 44 -22.44 52.65 -14.87
N LEU L 45 -22.58 52.27 -16.15
CA LEU L 45 -23.64 52.75 -17.07
C LEU L 45 -24.86 51.81 -17.08
N LYS L 46 -24.65 50.49 -16.89
CA LYS L 46 -25.75 49.57 -16.50
C LYS L 46 -26.50 50.18 -15.31
N LYS L 47 -25.77 50.42 -14.21
CA LYS L 47 -26.29 50.95 -12.91
C LYS L 47 -25.15 50.93 -11.88
N ILE M 1 27.81 41.14 -26.48
CA ILE M 1 27.00 41.07 -27.73
C ILE M 1 27.37 42.28 -28.59
N THR M 2 27.51 42.07 -29.90
CA THR M 2 27.89 43.09 -30.90
C THR M 2 27.01 42.93 -32.13
N ALA M 3 26.43 44.02 -32.63
CA ALA M 3 25.51 44.00 -33.78
C ALA M 3 26.12 44.83 -34.93
N LYS M 4 25.56 44.68 -36.12
CA LYS M 4 25.87 45.59 -37.26
C LYS M 4 25.01 46.84 -37.08
N PRO M 5 25.32 47.96 -37.79
CA PRO M 5 24.56 49.20 -37.65
C PRO M 5 23.08 49.01 -38.01
N ALA M 6 22.22 49.89 -37.52
CA ALA M 6 20.78 49.93 -37.86
C ALA M 6 20.60 49.82 -39.38
N LYS M 7 19.87 48.80 -39.84
CA LYS M 7 19.54 48.64 -41.29
C LYS M 7 18.65 49.79 -41.72
N THR M 8 17.67 50.18 -40.87
CA THR M 8 16.76 51.34 -41.08
C THR M 8 16.88 52.30 -39.90
N PRO M 9 17.94 53.13 -39.82
CA PRO M 9 18.18 53.96 -38.65
C PRO M 9 16.91 54.74 -38.29
N THR M 10 16.67 54.89 -36.99
CA THR M 10 15.57 55.70 -36.44
C THR M 10 16.19 57.01 -35.94
N SER M 11 15.93 58.11 -36.64
CA SER M 11 16.52 59.45 -36.34
C SER M 11 15.96 59.95 -35.02
N PRO M 12 16.63 60.91 -34.35
CA PRO M 12 16.11 61.52 -33.13
C PRO M 12 14.65 62.00 -33.22
N LYS M 13 14.27 62.56 -34.36
CA LYS M 13 12.92 63.11 -34.65
C LYS M 13 11.91 61.95 -34.79
N GLU M 14 12.31 60.88 -35.49
CA GLU M 14 11.48 59.66 -35.70
C GLU M 14 11.13 59.04 -34.34
N GLN M 15 12.06 59.12 -33.38
CA GLN M 15 11.90 58.56 -32.03
C GLN M 15 10.96 59.43 -31.19
N ALA M 16 11.07 60.75 -31.30
CA ALA M 16 10.14 61.72 -30.68
C ALA M 16 8.71 61.38 -31.09
N ILE M 17 8.51 61.11 -32.37
CA ILE M 17 7.18 60.72 -32.95
C ILE M 17 6.73 59.43 -32.28
N GLY M 18 7.48 58.34 -32.47
CA GLY M 18 7.11 56.98 -32.01
C GLY M 18 6.77 56.95 -30.53
N LEU M 19 7.62 57.58 -29.71
CA LEU M 19 7.42 57.76 -28.25
C LEU M 19 6.10 58.51 -28.00
N SER M 20 5.87 59.64 -28.68
CA SER M 20 4.65 60.49 -28.54
C SER M 20 3.41 59.64 -28.85
N VAL M 21 3.39 59.03 -30.02
CA VAL M 21 2.31 58.13 -30.46
C VAL M 21 2.10 57.07 -29.38
N THR M 22 3.20 56.45 -28.92
CA THR M 22 3.18 55.34 -27.92
C THR M 22 2.50 55.85 -26.64
N PHE M 23 3.10 56.86 -26.00
CA PHE M 23 2.56 57.57 -24.80
C PHE M 23 1.07 57.92 -25.02
N LEU M 24 0.69 58.50 -26.16
CA LEU M 24 -0.70 59.02 -26.35
C LEU M 24 -1.71 57.87 -26.43
N SER M 25 -1.31 56.70 -26.96
CA SER M 25 -2.20 55.53 -27.19
C SER M 25 -2.66 54.88 -25.87
N PHE M 26 -1.86 55.01 -24.81
CA PHE M 26 -2.21 54.59 -23.42
C PHE M 26 -3.02 55.69 -22.69
N LEU M 27 -2.78 56.96 -23.00
CA LEU M 27 -3.27 58.08 -22.17
C LEU M 27 -4.65 58.54 -22.64
N LEU M 28 -4.82 58.91 -23.91
CA LEU M 28 -6.08 59.51 -24.39
C LEU M 28 -7.25 58.60 -24.00
N PRO M 29 -7.29 57.30 -24.39
CA PRO M 29 -8.51 56.50 -24.19
C PRO M 29 -8.78 56.33 -22.69
N ALA M 30 -7.73 56.16 -21.88
CA ALA M 30 -7.88 56.05 -20.41
C ALA M 30 -8.48 57.35 -19.91
N GLY M 31 -7.78 58.46 -20.19
CA GLY M 31 -8.19 59.84 -19.85
C GLY M 31 -9.62 60.13 -20.25
N TRP M 32 -10.03 59.73 -21.45
CA TRP M 32 -11.42 59.99 -21.90
C TRP M 32 -12.39 59.38 -20.87
N VAL M 33 -12.18 58.11 -20.51
CA VAL M 33 -13.05 57.38 -19.54
C VAL M 33 -12.97 58.08 -18.20
N LEU M 34 -11.75 58.24 -17.68
CA LEU M 34 -11.49 58.80 -16.33
C LEU M 34 -12.13 60.20 -16.23
N TYR M 35 -11.99 61.02 -17.29
CA TYR M 35 -12.48 62.42 -17.37
C TYR M 35 -14.00 62.50 -17.29
N HIS M 36 -14.70 61.50 -17.84
CA HIS M 36 -16.18 61.49 -18.02
C HIS M 36 -16.85 60.69 -16.90
N LEU M 37 -16.18 60.48 -15.77
CA LEU M 37 -16.69 59.61 -14.67
C LEU M 37 -17.99 60.22 -14.11
N ASP M 38 -17.94 61.49 -13.69
CA ASP M 38 -19.08 62.24 -13.10
C ASP M 38 -20.37 61.91 -13.84
N ASN M 39 -20.31 61.75 -15.17
CA ASN M 39 -21.49 61.61 -16.06
C ASN M 39 -21.89 60.14 -16.23
N TYR M 40 -21.11 59.20 -15.64
CA TYR M 40 -21.44 57.76 -15.53
C TYR M 40 -22.05 57.51 -14.14
N LYS M 41 -21.34 57.93 -13.10
CA LYS M 41 -21.77 57.86 -11.68
C LYS M 41 -23.20 58.41 -11.54
N LYS M 42 -23.52 59.53 -12.20
CA LYS M 42 -24.89 60.10 -12.25
C LYS M 42 -25.38 60.15 -13.70
N SER M 43 -25.95 59.03 -14.18
CA SER M 43 -26.56 58.87 -15.53
C SER M 43 -28.06 59.17 -15.45
N FME N 1 31.06 -43.02 9.20
CN FME N 1 30.65 -41.85 9.68
O1 FME N 1 30.69 -41.51 10.86
CA FME N 1 30.33 -43.69 8.13
CB FME N 1 30.68 -45.19 8.04
CG FME N 1 29.67 -46.03 7.23
SD FME N 1 29.06 -45.20 5.73
CE FME N 1 28.25 -46.55 4.87
C FME N 1 28.84 -43.52 8.38
O FME N 1 28.12 -42.99 7.53
N PHE N 2 28.42 -43.96 9.57
CA PHE N 2 27.01 -44.04 9.95
C PHE N 2 26.54 -42.65 10.44
N ILE N 3 27.18 -42.13 11.48
CA ILE N 3 26.92 -40.76 11.98
C ILE N 3 26.74 -39.82 10.77
N ASN N 4 27.67 -39.85 9.82
CA ASN N 4 27.68 -38.93 8.64
C ASN N 4 26.41 -39.12 7.81
N ARG N 5 25.96 -40.37 7.67
CA ARG N 5 24.79 -40.73 6.84
C ARG N 5 23.49 -40.31 7.55
N TRP N 6 23.32 -40.67 8.83
CA TRP N 6 22.00 -40.68 9.52
C TRP N 6 21.87 -39.57 10.58
N LEU N 7 22.99 -38.90 10.91
CA LEU N 7 23.00 -37.75 11.85
C LEU N 7 23.33 -36.46 11.08
N PHE N 8 24.04 -36.55 9.94
CA PHE N 8 24.50 -35.36 9.18
C PHE N 8 24.01 -35.44 7.74
N SER N 9 22.89 -36.12 7.47
CA SER N 9 22.34 -36.32 6.11
C SER N 9 22.20 -34.96 5.39
N THR N 10 22.42 -34.96 4.08
CA THR N 10 22.03 -33.88 3.14
C THR N 10 21.26 -34.53 1.99
N ASN N 11 20.46 -35.54 2.31
CA ASN N 11 19.86 -36.49 1.34
C ASN N 11 18.36 -36.66 1.62
N HIS N 12 17.55 -36.35 0.60
CA HIS N 12 16.06 -36.28 0.68
C HIS N 12 15.48 -37.64 1.06
N LYS N 13 16.05 -38.72 0.50
CA LYS N 13 15.63 -40.12 0.80
C LYS N 13 15.90 -40.39 2.29
N ASP N 14 17.18 -40.42 2.69
CA ASP N 14 17.61 -40.80 4.07
C ASP N 14 16.81 -39.95 5.08
N ILE N 15 16.58 -38.67 4.76
CA ILE N 15 15.79 -37.76 5.64
C ILE N 15 14.33 -38.22 5.64
N GLY N 16 13.77 -38.59 4.49
CA GLY N 16 12.41 -39.16 4.37
C GLY N 16 12.24 -40.44 5.16
N THR N 17 13.30 -41.25 5.26
CA THR N 17 13.36 -42.54 6.01
C THR N 17 13.30 -42.23 7.52
N LEU N 18 14.09 -41.24 7.98
CA LEU N 18 14.14 -40.80 9.39
C LEU N 18 12.75 -40.30 9.80
N TYR N 19 12.11 -39.52 8.94
CA TYR N 19 10.75 -39.00 9.15
C TYR N 19 9.81 -40.19 9.36
N LEU N 20 9.93 -41.21 8.50
CA LEU N 20 9.00 -42.38 8.47
C LEU N 20 9.14 -43.17 9.78
N LEU N 21 10.38 -43.39 10.24
CA LEU N 21 10.68 -44.11 11.50
C LEU N 21 10.15 -43.31 12.69
N PHE N 22 10.40 -42.01 12.70
CA PHE N 22 9.86 -41.07 13.71
C PHE N 22 8.33 -41.23 13.74
N GLY N 23 7.68 -41.10 12.58
CA GLY N 23 6.21 -41.18 12.43
C GLY N 23 5.63 -42.48 12.98
N ALA N 24 6.16 -43.62 12.49
CA ALA N 24 5.92 -44.99 13.01
C ALA N 24 5.88 -44.98 14.55
N TRP N 25 7.04 -44.73 15.19
CA TRP N 25 7.21 -44.71 16.68
C TRP N 25 6.09 -43.88 17.32
N ALA N 26 6.00 -42.61 16.96
CA ALA N 26 4.96 -41.66 17.44
C ALA N 26 3.56 -42.30 17.35
N GLY N 27 3.30 -43.00 16.24
CA GLY N 27 2.03 -43.71 15.99
C GLY N 27 1.71 -44.67 17.11
N MET N 28 2.70 -45.48 17.49
CA MET N 28 2.58 -46.45 18.60
C MET N 28 2.18 -45.68 19.87
N VAL N 29 2.83 -44.55 20.16
CA VAL N 29 2.53 -43.74 21.39
C VAL N 29 1.05 -43.31 21.32
N GLY N 30 0.66 -42.62 20.25
CA GLY N 30 -0.70 -42.05 20.09
C GLY N 30 -1.76 -43.14 20.06
N THR N 31 -1.42 -44.30 19.51
CA THR N 31 -2.26 -45.51 19.51
C THR N 31 -2.47 -45.90 20.96
N ALA N 32 -1.37 -46.15 21.67
CA ALA N 32 -1.37 -46.61 23.07
C ALA N 32 -2.22 -45.63 23.88
N LEU N 33 -2.16 -44.35 23.52
CA LEU N 33 -2.96 -43.29 24.17
C LEU N 33 -4.45 -43.45 23.80
N SER N 34 -4.76 -43.77 22.55
CA SER N 34 -6.16 -43.96 22.08
C SER N 34 -6.85 -45.04 22.91
N LEU N 35 -6.13 -46.12 23.21
CA LEU N 35 -6.65 -47.32 23.93
C LEU N 35 -6.90 -46.95 25.40
N LEU N 36 -5.91 -46.35 26.06
CA LEU N 36 -6.05 -45.82 27.45
C LEU N 36 -7.32 -44.96 27.54
N ILE N 37 -7.60 -44.18 26.49
CA ILE N 37 -8.82 -43.33 26.42
C ILE N 37 -10.05 -44.25 26.43
N ARG N 38 -10.07 -45.27 25.57
CA ARG N 38 -11.29 -46.08 25.36
C ARG N 38 -11.44 -47.07 26.53
N ALA N 39 -10.32 -47.48 27.12
CA ALA N 39 -10.26 -48.22 28.41
C ALA N 39 -11.08 -47.48 29.48
N GLU N 40 -10.74 -46.20 29.76
CA GLU N 40 -11.42 -45.36 30.79
C GLU N 40 -12.93 -45.23 30.50
N LEU N 41 -13.34 -45.35 29.23
CA LEU N 41 -14.76 -45.27 28.80
C LEU N 41 -15.35 -46.65 28.47
N GLY N 42 -14.57 -47.73 28.62
CA GLY N 42 -14.97 -49.10 28.31
C GLY N 42 -16.18 -49.54 29.09
N GLN N 43 -16.17 -49.30 30.41
CA GLN N 43 -17.30 -49.60 31.34
C GLN N 43 -17.59 -48.39 32.23
N PRO N 44 -18.85 -48.21 32.67
CA PRO N 44 -19.21 -47.12 33.58
C PRO N 44 -18.33 -47.06 34.84
N GLY N 45 -18.25 -45.88 35.44
CA GLY N 45 -17.37 -45.58 36.58
C GLY N 45 -16.00 -45.13 36.12
N THR N 46 -15.11 -44.87 37.08
CA THR N 46 -13.71 -44.47 36.83
C THR N 46 -12.87 -45.74 36.64
N LEU N 47 -11.63 -45.58 36.17
CA LEU N 47 -10.63 -46.66 36.01
C LEU N 47 -9.27 -46.07 36.44
N LEU N 48 -8.87 -44.98 35.78
CA LEU N 48 -7.63 -44.23 36.11
C LEU N 48 -7.77 -43.55 37.48
N GLY N 49 -8.98 -43.12 37.83
CA GLY N 49 -9.30 -42.55 39.16
C GLY N 49 -9.12 -41.05 39.17
N ASP N 50 -7.96 -40.58 38.73
CA ASP N 50 -7.65 -39.14 38.50
C ASP N 50 -8.17 -38.75 37.11
N ASP N 51 -9.12 -37.82 37.07
CA ASP N 51 -9.70 -37.30 35.80
C ASP N 51 -8.74 -36.28 35.17
N GLN N 52 -7.77 -35.76 35.92
CA GLN N 52 -6.65 -35.00 35.31
C GLN N 52 -5.85 -35.97 34.43
N ILE N 53 -5.53 -37.18 34.90
CA ILE N 53 -4.72 -38.16 34.11
C ILE N 53 -5.40 -38.42 32.76
N TYR N 54 -6.74 -38.48 32.72
CA TYR N 54 -7.53 -38.65 31.47
C TYR N 54 -7.34 -37.42 30.59
N ASN N 55 -7.78 -36.23 31.05
CA ASN N 55 -7.63 -34.95 30.33
C ASN N 55 -6.22 -34.84 29.74
N VAL N 56 -5.18 -35.17 30.52
CA VAL N 56 -3.77 -35.27 30.05
C VAL N 56 -3.70 -36.25 28.88
N VAL N 57 -4.12 -37.49 29.10
CA VAL N 57 -4.01 -38.60 28.09
C VAL N 57 -4.62 -38.09 26.78
N VAL N 58 -5.85 -37.58 26.85
CA VAL N 58 -6.63 -37.08 25.68
C VAL N 58 -5.74 -36.09 24.94
N THR N 59 -5.32 -35.04 25.66
CA THR N 59 -4.44 -33.95 25.17
C THR N 59 -3.24 -34.56 24.43
N ALA N 60 -2.43 -35.37 25.12
CA ALA N 60 -1.21 -36.01 24.55
C ALA N 60 -1.57 -36.80 23.27
N HIS N 61 -2.72 -37.46 23.27
CA HIS N 61 -3.21 -38.25 22.12
C HIS N 61 -3.19 -37.34 20.89
N ALA N 62 -3.99 -36.26 20.94
CA ALA N 62 -4.26 -35.32 19.83
C ALA N 62 -2.93 -34.77 19.26
N PHE N 63 -2.05 -34.25 20.13
CA PHE N 63 -0.74 -33.68 19.73
C PHE N 63 0.15 -34.75 19.10
N VAL N 64 0.12 -36.00 19.58
CA VAL N 64 1.06 -37.04 19.06
C VAL N 64 0.64 -37.44 17.65
N MET N 65 -0.67 -37.70 17.44
CA MET N 65 -1.18 -38.21 16.14
C MET N 65 -1.03 -37.14 15.06
N ILE N 66 -1.36 -35.88 15.38
CA ILE N 66 -1.36 -34.71 14.44
C ILE N 66 0.09 -34.30 14.15
N PHE N 67 0.80 -33.79 15.16
CA PHE N 67 2.10 -33.10 14.98
C PHE N 67 3.23 -34.09 14.80
N PHE N 68 3.13 -35.28 15.40
CA PHE N 68 4.27 -36.22 15.55
C PHE N 68 4.07 -37.48 14.67
N MET N 69 2.89 -37.65 14.08
CA MET N 69 2.57 -38.89 13.34
C MET N 69 2.13 -38.53 11.93
N VAL N 70 0.95 -37.92 11.77
CA VAL N 70 0.30 -37.68 10.45
C VAL N 70 1.10 -36.67 9.65
N MET N 71 1.54 -35.58 10.28
CA MET N 71 2.31 -34.52 9.58
C MET N 71 3.69 -35.05 9.22
N PRO N 72 4.50 -35.58 10.16
CA PRO N 72 5.82 -36.08 9.79
C PRO N 72 5.83 -37.16 8.70
N ILE N 73 4.85 -38.07 8.70
CA ILE N 73 4.83 -39.26 7.79
C ILE N 73 4.57 -38.76 6.37
N MET N 74 3.54 -37.92 6.23
CA MET N 74 3.05 -37.43 4.92
C MET N 74 4.02 -36.40 4.31
N ILE N 75 4.19 -35.25 4.96
CA ILE N 75 5.03 -34.13 4.43
C ILE N 75 6.51 -34.50 4.57
N GLY N 76 6.93 -34.97 5.75
CA GLY N 76 8.34 -35.27 6.05
C GLY N 76 8.87 -36.48 5.29
N GLY N 77 8.16 -37.60 5.38
CA GLY N 77 8.54 -38.90 4.77
C GLY N 77 8.35 -38.90 3.26
N PHE N 78 7.11 -39.13 2.81
CA PHE N 78 6.71 -39.20 1.38
C PHE N 78 7.12 -37.93 0.65
N GLY N 79 6.96 -36.78 1.32
CA GLY N 79 7.29 -35.46 0.77
C GLY N 79 8.74 -35.39 0.35
N ASN N 80 9.66 -35.65 1.28
CA ASN N 80 11.12 -35.69 0.99
C ASN N 80 11.46 -36.87 0.09
N TRP N 81 10.82 -38.03 0.29
CA TRP N 81 11.06 -39.24 -0.53
C TRP N 81 10.73 -38.96 -2.00
N LEU N 82 9.52 -38.47 -2.28
CA LEU N 82 8.88 -38.53 -3.62
C LEU N 82 9.13 -37.24 -4.44
N VAL N 83 8.96 -36.05 -3.86
CA VAL N 83 8.90 -34.78 -4.64
C VAL N 83 10.12 -34.65 -5.56
N PRO N 84 11.37 -34.87 -5.07
CA PRO N 84 12.54 -34.75 -5.94
C PRO N 84 12.58 -35.81 -7.05
N LEU N 85 12.14 -37.05 -6.74
CA LEU N 85 12.07 -38.22 -7.67
C LEU N 85 10.95 -38.02 -8.69
N MET N 86 9.91 -37.29 -8.31
CA MET N 86 8.72 -37.00 -9.15
C MET N 86 9.04 -35.88 -10.16
N ILE N 87 9.94 -34.95 -9.85
CA ILE N 87 10.23 -33.79 -10.76
C ILE N 87 11.67 -33.86 -11.28
N GLY N 88 12.35 -35.00 -11.15
CA GLY N 88 13.71 -35.22 -11.69
C GLY N 88 14.72 -34.18 -11.21
N ALA N 89 14.75 -33.93 -9.90
CA ALA N 89 15.67 -32.98 -9.22
C ALA N 89 16.59 -33.74 -8.26
N PRO N 90 17.88 -33.36 -8.19
CA PRO N 90 18.90 -34.22 -7.59
C PRO N 90 18.80 -34.27 -6.06
N ASP N 91 18.14 -33.28 -5.47
CA ASP N 91 17.71 -33.27 -4.04
C ASP N 91 16.76 -32.09 -3.87
N MET N 92 16.31 -31.84 -2.65
CA MET N 92 15.65 -30.58 -2.24
C MET N 92 16.63 -29.40 -2.45
N ALA N 93 16.11 -28.16 -2.43
CA ALA N 93 16.82 -26.88 -2.68
C ALA N 93 17.82 -26.56 -1.55
N PHE N 94 17.47 -26.96 -0.33
CA PHE N 94 18.22 -26.66 0.90
C PHE N 94 18.41 -27.95 1.70
N PRO N 95 19.27 -28.89 1.24
CA PRO N 95 19.44 -30.20 1.89
C PRO N 95 19.75 -30.08 3.38
N ARG N 96 20.65 -29.15 3.75
CA ARG N 96 21.17 -28.98 5.12
C ARG N 96 20.04 -28.43 6.02
N MET N 97 19.37 -27.36 5.60
CA MET N 97 18.22 -26.84 6.36
C MET N 97 17.25 -28.01 6.61
N ASN N 98 17.11 -28.89 5.60
CA ASN N 98 16.10 -29.97 5.56
C ASN N 98 16.29 -30.88 6.77
N ASN N 99 17.55 -31.23 7.03
CA ASN N 99 17.93 -32.19 8.10
C ASN N 99 17.60 -31.58 9.46
N MET N 100 17.71 -30.26 9.60
CA MET N 100 17.33 -29.58 10.87
C MET N 100 15.80 -29.63 11.03
N SER N 101 15.05 -29.48 9.93
CA SER N 101 13.58 -29.54 9.97
C SER N 101 13.16 -30.86 10.61
N PHE N 102 13.93 -31.95 10.36
CA PHE N 102 13.71 -33.28 11.01
C PHE N 102 14.17 -33.26 12.47
N TRP N 103 15.48 -33.02 12.68
CA TRP N 103 16.15 -33.17 13.99
C TRP N 103 15.55 -32.21 15.02
N LEU N 104 14.72 -31.25 14.61
CA LEU N 104 13.95 -30.40 15.54
C LEU N 104 12.79 -31.20 16.18
N LEU N 105 12.35 -32.32 15.58
CA LEU N 105 11.09 -33.03 15.95
C LEU N 105 11.26 -33.94 17.17
N PRO N 106 12.32 -34.78 17.25
CA PRO N 106 12.56 -35.57 18.46
C PRO N 106 12.67 -34.70 19.71
N PRO N 107 13.49 -33.63 19.75
CA PRO N 107 13.45 -32.65 20.84
C PRO N 107 12.03 -32.11 21.09
N SER N 108 11.28 -31.83 20.04
CA SER N 108 9.89 -31.37 20.21
C SER N 108 9.13 -32.45 20.99
N PHE N 109 9.22 -33.71 20.55
CA PHE N 109 8.48 -34.87 21.16
C PHE N 109 8.92 -35.04 22.62
N LEU N 110 10.24 -35.01 22.85
CA LEU N 110 10.89 -34.99 24.18
C LEU N 110 10.13 -34.03 25.11
N LEU N 111 9.97 -32.77 24.71
CA LEU N 111 9.38 -31.69 25.53
C LEU N 111 7.89 -31.96 25.80
N LEU N 112 7.19 -32.68 24.92
CA LEU N 112 5.74 -33.02 25.12
C LEU N 112 5.60 -34.15 26.14
N LEU N 113 6.33 -35.26 25.95
CA LEU N 113 6.36 -36.39 26.92
C LEU N 113 6.69 -35.82 28.30
N ALA N 114 7.68 -34.92 28.35
CA ALA N 114 8.13 -34.19 29.56
C ALA N 114 6.96 -33.44 30.25
N SER N 115 6.05 -32.85 29.47
CA SER N 115 4.84 -32.10 29.94
C SER N 115 3.93 -33.05 30.72
N SER N 116 3.93 -34.32 30.34
CA SER N 116 3.08 -35.40 30.93
C SER N 116 3.76 -35.98 32.18
N MET N 117 5.10 -35.98 32.22
CA MET N 117 5.92 -36.53 33.36
C MET N 117 5.77 -35.59 34.57
N VAL N 118 6.14 -34.32 34.40
CA VAL N 118 6.31 -33.32 35.50
C VAL N 118 4.94 -32.72 35.82
N GLU N 119 4.83 -32.10 37.01
CA GLU N 119 3.57 -31.62 37.64
C GLU N 119 2.44 -32.60 37.33
N ALA N 120 1.20 -32.13 37.27
CA ALA N 120 -0.01 -32.97 37.06
C ALA N 120 -0.28 -33.15 35.57
N GLY N 121 0.69 -32.77 34.71
CA GLY N 121 0.54 -32.80 33.24
C GLY N 121 -0.33 -31.65 32.71
N ALA N 122 -0.33 -31.49 31.39
CA ALA N 122 -1.20 -30.54 30.65
C ALA N 122 -2.52 -31.23 30.30
N GLY N 123 -3.56 -31.02 31.12
CA GLY N 123 -4.92 -31.59 30.95
C GLY N 123 -5.89 -30.50 30.52
N THR N 124 -5.70 -30.04 29.28
CA THR N 124 -6.25 -28.79 28.69
C THR N 124 -7.18 -29.10 27.50
N GLY N 125 -6.92 -30.20 26.80
CA GLY N 125 -7.31 -30.43 25.40
C GLY N 125 -6.22 -29.89 24.48
N TRP N 126 -6.19 -30.35 23.21
CA TRP N 126 -5.18 -29.89 22.21
C TRP N 126 -5.38 -28.41 21.90
N THR N 127 -6.58 -27.85 22.10
CA THR N 127 -6.90 -26.42 21.91
C THR N 127 -6.05 -25.54 22.84
N VAL N 128 -5.84 -26.00 24.07
CA VAL N 128 -5.00 -25.32 25.11
C VAL N 128 -5.59 -23.92 25.40
N TYR N 129 -6.91 -23.77 25.45
CA TYR N 129 -7.62 -22.49 25.70
C TYR N 129 -7.24 -21.96 27.09
N PRO N 130 -6.98 -20.64 27.22
CA PRO N 130 -6.98 -19.99 28.52
C PRO N 130 -8.44 -19.72 28.86
N PRO N 131 -8.81 -19.52 30.14
CA PRO N 131 -7.87 -19.47 31.27
C PRO N 131 -7.53 -20.82 31.94
N LEU N 132 -7.99 -21.95 31.39
CA LEU N 132 -7.66 -23.30 31.93
C LEU N 132 -6.15 -23.58 31.79
N ALA N 133 -5.50 -23.08 30.72
CA ALA N 133 -4.08 -23.33 30.41
C ALA N 133 -3.20 -22.27 31.09
N GLY N 134 -3.84 -21.39 31.86
CA GLY N 134 -3.22 -20.22 32.51
C GLY N 134 -2.80 -20.53 33.93
N ASN N 135 -1.66 -19.96 34.36
CA ASN N 135 -0.89 -20.35 35.57
C ASN N 135 -1.75 -20.47 36.84
N LEU N 136 -3.00 -19.98 36.88
CA LEU N 136 -3.91 -20.31 38.02
C LEU N 136 -4.37 -21.77 37.85
N ALA N 137 -5.37 -22.03 37.00
CA ALA N 137 -5.96 -23.37 36.80
C ALA N 137 -4.91 -24.41 36.35
N HIS N 138 -3.75 -24.00 35.83
CA HIS N 138 -2.69 -24.91 35.32
C HIS N 138 -1.31 -24.33 35.64
N ALA N 139 -0.95 -24.21 36.93
CA ALA N 139 0.40 -23.84 37.44
C ALA N 139 1.46 -24.84 36.96
N GLY N 140 2.72 -24.41 36.94
CA GLY N 140 3.86 -25.32 36.75
C GLY N 140 4.11 -25.69 35.29
N ALA N 141 5.35 -26.14 35.01
CA ALA N 141 5.99 -26.20 33.68
C ALA N 141 5.16 -26.98 32.66
N SER N 142 4.14 -27.73 33.07
CA SER N 142 3.38 -28.66 32.19
C SER N 142 3.04 -28.00 30.85
N VAL N 143 2.20 -26.96 30.88
CA VAL N 143 1.76 -26.20 29.66
C VAL N 143 2.98 -25.55 28.98
N ASP N 144 3.88 -24.91 29.72
CA ASP N 144 5.01 -24.11 29.15
C ASP N 144 5.91 -25.05 28.32
N LEU N 145 6.01 -26.31 28.75
CA LEU N 145 6.75 -27.38 28.03
C LEU N 145 6.02 -27.76 26.74
N THR N 146 4.69 -27.85 26.80
CA THR N 146 3.78 -28.02 25.63
C THR N 146 4.06 -26.89 24.63
N ILE N 147 3.88 -25.63 25.07
CA ILE N 147 4.04 -24.41 24.22
C ILE N 147 5.38 -24.51 23.46
N PHE N 148 6.47 -24.84 24.16
CA PHE N 148 7.82 -24.96 23.58
C PHE N 148 7.91 -26.14 22.60
N SER N 149 7.13 -27.20 22.83
CA SER N 149 7.02 -28.33 21.87
C SER N 149 6.50 -27.79 20.54
N LEU N 150 5.37 -27.09 20.58
CA LEU N 150 4.67 -26.54 19.39
C LEU N 150 5.53 -25.49 18.67
N HIS N 151 6.28 -24.65 19.40
CA HIS N 151 7.29 -23.71 18.84
C HIS N 151 8.27 -24.52 18.00
N LEU N 152 8.81 -25.60 18.56
CA LEU N 152 9.86 -26.42 17.89
C LEU N 152 9.26 -27.14 16.67
N ALA N 153 8.02 -27.62 16.80
CA ALA N 153 7.23 -28.28 15.74
C ALA N 153 6.96 -27.27 14.62
N GLY N 154 6.48 -26.09 14.99
CA GLY N 154 6.16 -25.01 14.06
C GLY N 154 7.36 -24.60 13.23
N VAL N 155 8.56 -24.59 13.81
CA VAL N 155 9.77 -24.11 13.09
C VAL N 155 10.24 -25.19 12.11
N SER N 156 10.24 -26.46 12.53
CA SER N 156 10.47 -27.67 11.67
C SER N 156 9.65 -27.52 10.38
N SER N 157 8.34 -27.32 10.56
CA SER N 157 7.28 -27.31 9.52
C SER N 157 7.45 -26.11 8.59
N ILE N 158 7.74 -24.90 9.12
CA ILE N 158 7.91 -23.65 8.31
C ILE N 158 9.18 -23.80 7.46
N LEU N 159 10.25 -24.32 8.05
CA LEU N 159 11.53 -24.58 7.34
C LEU N 159 11.32 -25.73 6.37
N GLY N 160 10.31 -26.56 6.63
CA GLY N 160 9.85 -27.59 5.68
C GLY N 160 9.20 -26.95 4.48
N ALA N 161 8.21 -26.09 4.74
CA ALA N 161 7.37 -25.34 3.77
C ALA N 161 8.26 -24.57 2.77
N ILE N 162 9.21 -23.80 3.30
CA ILE N 162 10.17 -22.96 2.52
C ILE N 162 10.91 -23.88 1.53
N ASN N 163 11.48 -24.96 2.06
CA ASN N 163 12.21 -25.99 1.29
C ASN N 163 11.31 -26.51 0.14
N PHE N 164 10.08 -26.87 0.46
CA PHE N 164 9.16 -27.61 -0.45
C PHE N 164 8.74 -26.65 -1.57
N ILE N 165 8.31 -25.44 -1.23
CA ILE N 165 7.91 -24.44 -2.26
C ILE N 165 9.13 -24.17 -3.13
N THR N 166 10.21 -23.71 -2.53
CA THR N 166 11.49 -23.39 -3.22
C THR N 166 11.89 -24.53 -4.17
N THR N 167 11.79 -25.79 -3.72
CA THR N 167 12.22 -27.00 -4.48
C THR N 167 11.30 -27.23 -5.70
N ILE N 168 10.00 -27.28 -5.43
CA ILE N 168 8.92 -27.63 -6.42
C ILE N 168 8.80 -26.51 -7.46
N ILE N 169 9.12 -25.27 -7.09
CA ILE N 169 9.05 -24.05 -7.98
C ILE N 169 10.27 -24.03 -8.89
N ASN N 170 11.46 -24.25 -8.33
CA ASN N 170 12.76 -23.82 -8.93
C ASN N 170 13.54 -24.97 -9.57
N MET N 171 13.26 -26.23 -9.20
CA MET N 171 14.16 -27.39 -9.49
C MET N 171 13.49 -28.40 -10.45
N LYS N 172 12.38 -28.00 -11.08
CA LYS N 172 11.77 -28.66 -12.27
C LYS N 172 12.75 -28.66 -13.44
N PRO N 173 12.70 -29.63 -14.38
CA PRO N 173 13.30 -29.44 -15.70
C PRO N 173 12.95 -28.09 -16.32
N PRO N 174 13.92 -27.44 -17.00
CA PRO N 174 13.72 -26.14 -17.64
C PRO N 174 12.45 -26.00 -18.49
N ALA N 175 12.01 -27.10 -19.10
CA ALA N 175 10.82 -27.13 -19.99
C ALA N 175 9.55 -27.44 -19.20
N MET N 176 9.61 -28.21 -18.12
CA MET N 176 8.41 -28.72 -17.41
C MET N 176 7.76 -27.53 -16.68
N SER N 177 6.50 -27.22 -17.00
CA SER N 177 5.69 -26.16 -16.34
C SER N 177 4.99 -26.75 -15.11
N GLN N 178 4.40 -25.89 -14.28
CA GLN N 178 3.81 -26.33 -13.00
C GLN N 178 2.64 -27.26 -13.33
N TYR N 179 1.97 -27.04 -14.46
CA TYR N 179 0.76 -27.80 -14.86
C TYR N 179 1.16 -29.10 -15.56
N GLN N 180 2.43 -29.49 -15.49
CA GLN N 180 2.95 -30.82 -15.94
C GLN N 180 3.62 -31.57 -14.77
N THR N 181 3.49 -31.07 -13.54
CA THR N 181 3.99 -31.76 -12.32
C THR N 181 2.88 -32.69 -11.86
N PRO N 182 3.19 -33.85 -11.25
CA PRO N 182 2.15 -34.74 -10.75
C PRO N 182 1.30 -34.07 -9.66
N LEU N 183 0.11 -34.61 -9.36
CA LEU N 183 -0.83 -34.03 -8.37
C LEU N 183 -0.21 -34.09 -6.97
N PHE N 184 0.50 -35.17 -6.62
CA PHE N 184 1.12 -35.31 -5.28
C PHE N 184 1.98 -34.06 -5.02
N VAL N 185 2.89 -33.71 -5.94
CA VAL N 185 3.71 -32.46 -5.90
C VAL N 185 2.80 -31.23 -5.65
N TRP N 186 1.70 -31.09 -6.40
CA TRP N 186 0.73 -29.97 -6.20
C TRP N 186 0.21 -29.99 -4.75
N SER N 187 -0.14 -31.16 -4.21
CA SER N 187 -0.74 -31.32 -2.86
C SER N 187 0.27 -30.91 -1.79
N VAL N 188 1.57 -31.06 -2.06
CA VAL N 188 2.66 -30.71 -1.10
C VAL N 188 2.90 -29.21 -1.19
N MET N 189 2.98 -28.66 -2.40
CA MET N 189 3.11 -27.20 -2.61
C MET N 189 2.03 -26.46 -1.81
N ILE N 190 0.75 -26.71 -2.10
CA ILE N 190 -0.37 -25.98 -1.45
C ILE N 190 -0.31 -26.22 0.06
N THR N 191 -0.03 -27.44 0.48
CA THR N 191 0.13 -27.78 1.93
C THR N 191 1.18 -26.86 2.56
N ALA N 192 2.40 -26.88 2.01
CA ALA N 192 3.55 -26.04 2.41
C ALA N 192 3.10 -24.58 2.56
N VAL N 193 2.24 -24.09 1.66
CA VAL N 193 1.82 -22.66 1.70
C VAL N 193 0.90 -22.45 2.91
N LEU N 194 -0.08 -23.32 3.13
CA LEU N 194 -0.94 -23.24 4.34
C LEU N 194 -0.04 -23.27 5.58
N LEU N 195 0.96 -24.15 5.62
CA LEU N 195 1.95 -24.25 6.73
C LEU N 195 2.57 -22.87 6.95
N LEU N 196 3.05 -22.24 5.88
CA LEU N 196 3.87 -20.99 5.89
C LEU N 196 3.07 -19.80 6.42
N LEU N 197 1.74 -19.77 6.26
CA LEU N 197 0.88 -18.62 6.65
C LEU N 197 0.16 -18.89 7.98
N SER N 198 -0.06 -20.15 8.33
CA SER N 198 -0.93 -20.55 9.47
C SER N 198 -0.08 -20.66 10.74
N LEU N 199 1.06 -21.35 10.66
CA LEU N 199 1.90 -21.67 11.85
C LEU N 199 2.37 -20.39 12.54
N PRO N 200 2.82 -19.35 11.81
CA PRO N 200 3.24 -18.11 12.46
C PRO N 200 2.17 -17.50 13.38
N VAL N 201 0.89 -17.62 13.02
CA VAL N 201 -0.24 -17.04 13.80
C VAL N 201 -0.41 -17.84 15.10
N LEU N 202 -0.21 -19.16 15.06
CA LEU N 202 -0.21 -20.04 16.26
C LEU N 202 0.98 -19.68 17.13
N ALA N 203 2.17 -19.57 16.53
CA ALA N 203 3.45 -19.20 17.19
C ALA N 203 3.27 -17.89 17.95
N ALA N 204 2.49 -16.96 17.40
CA ALA N 204 2.11 -15.71 18.07
C ALA N 204 1.24 -16.05 19.30
N GLY N 205 0.10 -16.70 19.07
CA GLY N 205 -0.92 -16.97 20.10
C GLY N 205 -0.35 -17.67 21.33
N ILE N 206 0.41 -18.74 21.12
CA ILE N 206 0.96 -19.59 22.22
C ILE N 206 2.04 -18.77 22.94
N THR N 207 2.82 -17.98 22.20
CA THR N 207 3.81 -17.02 22.77
C THR N 207 3.06 -15.99 23.61
N MET N 208 1.84 -15.60 23.21
CA MET N 208 1.03 -14.61 23.98
C MET N 208 0.51 -15.32 25.23
N LEU N 209 0.17 -16.61 25.14
CA LEU N 209 -0.16 -17.41 26.33
C LEU N 209 1.10 -17.57 27.20
N LEU N 210 2.28 -17.73 26.57
CA LEU N 210 3.57 -17.96 27.28
C LEU N 210 3.91 -16.74 28.14
N THR N 211 3.80 -15.54 27.59
CA THR N 211 3.95 -14.29 28.36
C THR N 211 2.87 -14.24 29.46
N ASP N 212 1.59 -14.39 29.12
CA ASP N 212 0.49 -14.38 30.12
C ASP N 212 0.85 -15.25 31.33
N ARG N 213 1.48 -16.40 31.12
CA ARG N 213 1.76 -17.41 32.18
C ARG N 213 3.08 -17.15 32.90
N ASN N 214 3.90 -16.17 32.45
CA ASN N 214 5.30 -16.03 32.95
C ASN N 214 5.80 -14.56 32.98
N LEU N 215 5.31 -13.63 32.16
CA LEU N 215 5.78 -12.21 32.18
C LEU N 215 4.66 -11.27 32.60
N ASN N 216 3.53 -11.79 33.08
CA ASN N 216 2.40 -10.99 33.62
C ASN N 216 1.82 -10.06 32.56
N THR N 217 1.83 -10.47 31.27
CA THR N 217 0.93 -9.92 30.23
C THR N 217 -0.49 -10.35 30.59
N THR N 218 -1.52 -9.73 30.02
CA THR N 218 -2.93 -10.04 30.31
C THR N 218 -3.73 -10.03 29.00
N PHE N 219 -3.18 -10.68 27.97
CA PHE N 219 -3.78 -10.77 26.62
C PHE N 219 -5.15 -11.43 26.72
N PHE N 220 -5.26 -12.47 27.56
CA PHE N 220 -6.46 -13.34 27.64
C PHE N 220 -7.13 -13.24 29.03
N ASP N 221 -6.57 -12.41 29.92
CA ASP N 221 -7.05 -12.22 31.33
C ASP N 221 -7.95 -10.99 31.39
N PRO N 222 -9.27 -11.14 31.64
CA PRO N 222 -10.18 -9.99 31.61
C PRO N 222 -9.79 -8.97 32.69
N ALA N 223 -9.15 -9.49 33.75
CA ALA N 223 -8.60 -8.75 34.92
C ALA N 223 -7.75 -7.55 34.47
N GLY N 224 -6.98 -7.70 33.40
CA GLY N 224 -6.14 -6.64 32.79
C GLY N 224 -6.70 -6.12 31.48
N GLY N 225 -8.01 -6.27 31.26
CA GLY N 225 -8.68 -5.91 30.00
C GLY N 225 -8.49 -6.93 28.89
N GLY N 226 -7.89 -8.09 29.20
CA GLY N 226 -7.77 -9.22 28.25
C GLY N 226 -9.12 -9.83 27.88
N ASP N 227 -9.06 -10.87 27.02
CA ASP N 227 -10.22 -11.59 26.44
C ASP N 227 -9.73 -12.98 26.03
N PRO N 228 -10.22 -14.05 26.70
CA PRO N 228 -9.93 -15.43 26.27
C PRO N 228 -10.21 -15.64 24.77
N ILE N 229 -11.34 -15.11 24.28
CA ILE N 229 -11.82 -15.19 22.87
C ILE N 229 -10.68 -14.90 21.88
N LEU N 230 -9.81 -13.94 22.20
CA LEU N 230 -8.69 -13.55 21.30
C LEU N 230 -7.86 -14.79 21.00
N TYR N 231 -7.68 -15.67 21.98
CA TYR N 231 -6.86 -16.89 21.82
C TYR N 231 -7.53 -17.82 20.81
N GLN N 232 -8.86 -17.96 20.90
CA GLN N 232 -9.66 -18.91 20.06
C GLN N 232 -9.56 -18.52 18.59
N HIS N 233 -9.69 -17.22 18.31
CA HIS N 233 -9.47 -16.59 16.97
C HIS N 233 -8.08 -16.91 16.43
N LEU N 234 -7.04 -16.69 17.25
CA LEU N 234 -5.62 -16.89 16.84
C LEU N 234 -5.35 -18.38 16.67
N PHE N 235 -5.93 -19.20 17.55
CA PHE N 235 -5.65 -20.65 17.61
C PHE N 235 -6.23 -21.27 16.35
N TRP N 236 -7.48 -20.93 16.09
CA TRP N 236 -8.29 -21.53 15.00
C TRP N 236 -7.95 -20.92 13.65
N PHE N 237 -7.39 -19.71 13.61
CA PHE N 237 -6.92 -19.08 12.34
C PHE N 237 -5.90 -20.03 11.71
N PHE N 238 -5.02 -20.59 12.55
CA PHE N 238 -4.12 -21.72 12.26
C PHE N 238 -4.90 -23.04 12.14
N GLY N 239 -5.78 -23.23 13.12
CA GLY N 239 -6.42 -24.52 13.43
C GLY N 239 -7.07 -25.13 12.21
N HIS N 240 -7.89 -24.37 11.50
CA HIS N 240 -8.57 -24.89 10.29
C HIS N 240 -7.54 -25.22 9.21
N PRO N 241 -6.75 -24.26 8.70
CA PRO N 241 -5.70 -24.60 7.74
C PRO N 241 -4.99 -25.91 8.10
N GLU N 242 -4.63 -26.11 9.38
CA GLU N 242 -4.03 -27.39 9.89
C GLU N 242 -4.84 -28.60 9.40
N VAL N 243 -6.15 -28.67 9.65
CA VAL N 243 -6.97 -29.86 9.26
C VAL N 243 -6.86 -30.07 7.73
N TYR N 244 -6.71 -29.00 6.94
CA TYR N 244 -6.53 -29.13 5.47
C TYR N 244 -5.06 -29.43 5.18
N ILE N 245 -4.13 -28.90 5.97
CA ILE N 245 -2.72 -29.39 5.95
C ILE N 245 -2.71 -30.91 6.13
N LEU N 246 -3.58 -31.43 7.02
CA LEU N 246 -3.54 -32.84 7.47
C LEU N 246 -4.07 -33.79 6.38
N ILE N 247 -5.02 -33.36 5.54
CA ILE N 247 -5.64 -34.27 4.53
C ILE N 247 -5.08 -34.04 3.12
N LEU N 248 -4.50 -32.87 2.80
CA LEU N 248 -4.24 -32.50 1.38
C LEU N 248 -3.30 -33.51 0.73
N PRO N 249 -2.08 -33.72 1.27
CA PRO N 249 -1.20 -34.77 0.74
C PRO N 249 -1.89 -36.14 0.57
N GLY N 250 -2.86 -36.47 1.45
CA GLY N 250 -3.71 -37.66 1.32
C GLY N 250 -4.44 -37.69 -0.01
N PHE N 251 -5.14 -36.59 -0.33
CA PHE N 251 -5.70 -36.26 -1.65
C PHE N 251 -4.64 -36.51 -2.74
N GLY N 252 -3.41 -36.09 -2.48
CA GLY N 252 -2.29 -36.26 -3.44
C GLY N 252 -2.01 -37.72 -3.71
N MET N 253 -1.91 -38.54 -2.66
CA MET N 253 -1.52 -39.97 -2.76
C MET N 253 -2.72 -40.79 -3.29
N ILE N 254 -3.96 -40.46 -2.91
CA ILE N 254 -5.16 -41.16 -3.45
C ILE N 254 -5.15 -40.96 -4.96
N SER N 255 -5.01 -39.71 -5.41
CA SER N 255 -4.90 -39.31 -6.84
C SER N 255 -3.94 -40.26 -7.58
N HIS N 256 -2.78 -40.56 -6.97
CA HIS N 256 -1.70 -41.42 -7.55
C HIS N 256 -2.03 -42.93 -7.43
N ILE N 257 -2.64 -43.36 -6.34
CA ILE N 257 -2.96 -44.80 -6.12
C ILE N 257 -4.08 -45.15 -7.09
N VAL N 258 -5.21 -44.45 -6.96
CA VAL N 258 -6.44 -44.67 -7.78
C VAL N 258 -6.05 -44.73 -9.26
N THR N 259 -5.20 -43.81 -9.70
CA THR N 259 -4.77 -43.65 -11.12
C THR N 259 -3.87 -44.82 -11.51
N TYR N 260 -2.96 -45.22 -10.61
CA TYR N 260 -1.97 -46.31 -10.85
C TYR N 260 -2.73 -47.62 -11.07
N TYR N 261 -3.59 -47.98 -10.11
CA TYR N 261 -4.17 -49.33 -9.96
C TYR N 261 -5.41 -49.46 -10.84
N SER N 262 -5.80 -48.39 -11.54
CA SER N 262 -6.86 -48.41 -12.59
C SER N 262 -6.20 -48.51 -13.98
N GLY N 263 -4.87 -48.44 -14.02
CA GLY N 263 -4.08 -48.54 -15.26
C GLY N 263 -4.38 -47.43 -16.25
N LYS N 264 -4.49 -46.18 -15.77
CA LYS N 264 -4.55 -44.95 -16.61
C LYS N 264 -3.17 -44.31 -16.65
N LYS N 265 -2.89 -43.49 -17.68
CA LYS N 265 -1.60 -42.79 -17.84
C LYS N 265 -1.63 -41.47 -17.03
N GLU N 266 -2.82 -41.02 -16.60
CA GLU N 266 -2.99 -39.81 -15.75
C GLU N 266 -4.35 -39.84 -15.09
N PRO N 267 -4.53 -39.13 -13.95
CA PRO N 267 -5.82 -39.06 -13.29
C PRO N 267 -6.76 -38.16 -14.08
N PHE N 268 -8.07 -38.30 -13.87
CA PHE N 268 -9.11 -37.57 -14.62
C PHE N 268 -9.17 -36.12 -14.13
N GLY N 269 -9.32 -35.18 -15.07
CA GLY N 269 -9.62 -33.76 -14.80
C GLY N 269 -8.48 -32.98 -14.16
N TYR N 270 -7.22 -33.36 -14.42
CA TYR N 270 -6.01 -32.84 -13.72
C TYR N 270 -6.17 -31.37 -13.31
N MET N 271 -6.50 -30.48 -14.26
CA MET N 271 -6.56 -29.01 -14.00
C MET N 271 -7.65 -28.70 -12.95
N GLY N 272 -8.75 -29.46 -12.97
CA GLY N 272 -9.79 -29.40 -11.92
C GLY N 272 -9.30 -29.88 -10.57
N MET N 273 -8.60 -31.02 -10.54
CA MET N 273 -8.00 -31.58 -9.29
C MET N 273 -7.10 -30.51 -8.68
N VAL N 274 -6.40 -29.77 -9.54
CA VAL N 274 -5.44 -28.71 -9.09
C VAL N 274 -6.26 -27.53 -8.57
N TRP N 275 -7.18 -27.03 -9.38
CA TRP N 275 -8.15 -25.95 -9.00
C TRP N 275 -8.69 -26.24 -7.60
N ALA N 276 -9.25 -27.43 -7.42
CA ALA N 276 -9.89 -27.94 -6.18
C ALA N 276 -8.96 -27.72 -4.97
N MET N 277 -7.69 -28.12 -5.09
CA MET N 277 -6.74 -28.09 -3.94
C MET N 277 -6.42 -26.64 -3.58
N MET N 278 -6.27 -25.79 -4.60
CA MET N 278 -5.98 -24.34 -4.42
C MET N 278 -7.15 -23.72 -3.66
N SER N 279 -8.36 -23.97 -4.15
CA SER N 279 -9.62 -23.41 -3.62
C SER N 279 -9.77 -23.85 -2.16
N ILE N 280 -9.73 -25.15 -1.91
CA ILE N 280 -9.77 -25.71 -0.52
C ILE N 280 -8.74 -24.97 0.32
N GLY N 281 -7.54 -24.78 -0.23
CA GLY N 281 -6.46 -24.02 0.41
C GLY N 281 -6.95 -22.66 0.86
N PHE N 282 -7.49 -21.88 -0.10
CA PHE N 282 -7.85 -20.44 0.04
C PHE N 282 -9.06 -20.26 0.95
N LEU N 283 -10.12 -21.05 0.71
CA LEU N 283 -11.36 -21.04 1.53
C LEU N 283 -11.08 -21.57 2.95
N GLY N 284 -10.09 -22.45 3.11
CA GLY N 284 -9.55 -22.92 4.41
C GLY N 284 -9.15 -21.77 5.34
N PHE N 285 -8.96 -20.56 4.82
CA PHE N 285 -8.43 -19.42 5.61
C PHE N 285 -9.56 -18.55 6.14
N ILE N 286 -10.73 -18.55 5.52
CA ILE N 286 -11.83 -17.59 5.88
C ILE N 286 -12.99 -18.30 6.59
N VAL N 287 -12.72 -19.41 7.31
CA VAL N 287 -13.79 -20.24 7.94
C VAL N 287 -13.52 -20.46 9.43
N TRP N 288 -12.36 -20.05 9.98
CA TRP N 288 -11.84 -20.45 11.31
C TRP N 288 -12.93 -20.50 12.39
N ALA N 289 -13.93 -19.62 12.37
CA ALA N 289 -14.85 -19.40 13.51
C ALA N 289 -16.05 -20.37 13.54
N HIS N 290 -16.07 -21.44 12.74
CA HIS N 290 -17.10 -22.52 12.87
C HIS N 290 -16.74 -23.44 14.06
N HIS N 291 -15.56 -23.21 14.67
CA HIS N 291 -15.14 -23.78 15.97
C HIS N 291 -15.56 -22.87 17.14
N MET N 292 -16.41 -21.85 16.92
CA MET N 292 -16.69 -20.78 17.93
C MET N 292 -18.17 -20.36 17.90
N PHE N 293 -19.06 -21.27 17.47
CA PHE N 293 -20.50 -20.99 17.26
C PHE N 293 -21.22 -20.87 18.62
N THR N 294 -20.55 -21.12 19.74
CA THR N 294 -21.16 -21.12 21.11
C THR N 294 -20.48 -20.11 22.06
N VAL N 295 -19.44 -19.39 21.61
CA VAL N 295 -18.73 -18.36 22.43
C VAL N 295 -19.55 -17.06 22.45
N GLY N 296 -20.64 -16.97 21.69
CA GLY N 296 -21.56 -15.80 21.69
C GLY N 296 -21.07 -14.65 20.84
N MET N 297 -20.60 -14.91 19.61
CA MET N 297 -20.35 -13.87 18.59
C MET N 297 -21.69 -13.39 18.04
N ASP N 298 -21.70 -12.30 17.25
CA ASP N 298 -22.89 -11.71 16.58
C ASP N 298 -23.57 -12.80 15.73
N VAL N 299 -24.88 -12.68 15.46
CA VAL N 299 -25.60 -13.64 14.59
C VAL N 299 -25.14 -13.44 13.15
N ASP N 300 -24.96 -12.18 12.75
CA ASP N 300 -24.51 -11.80 11.37
C ASP N 300 -23.20 -12.51 11.04
N THR N 301 -22.27 -12.58 12.00
CA THR N 301 -20.95 -13.24 11.84
C THR N 301 -21.16 -14.76 11.72
N ARG N 302 -21.86 -15.37 12.68
CA ARG N 302 -22.17 -16.83 12.71
C ARG N 302 -22.86 -17.22 11.40
N ALA N 303 -23.71 -16.34 10.88
CA ALA N 303 -24.34 -16.46 9.54
C ALA N 303 -23.23 -16.54 8.49
N TYR N 304 -22.32 -15.55 8.46
CA TYR N 304 -21.25 -15.50 7.42
C TYR N 304 -20.53 -16.85 7.42
N PHE N 305 -19.97 -17.24 8.58
CA PHE N 305 -19.02 -18.37 8.74
C PHE N 305 -19.70 -19.71 8.42
N THR N 306 -21.00 -19.85 8.67
CA THR N 306 -21.78 -21.00 8.17
C THR N 306 -21.62 -21.04 6.65
N SER N 307 -22.12 -20.01 5.99
CA SER N 307 -22.19 -19.89 4.51
C SER N 307 -20.84 -20.25 3.88
N ALA N 308 -19.76 -19.61 4.34
CA ALA N 308 -18.40 -19.72 3.79
C ALA N 308 -17.91 -21.16 3.90
N THR N 309 -18.21 -21.82 5.01
CA THR N 309 -17.71 -23.17 5.33
C THR N 309 -18.28 -24.12 4.29
N MET N 310 -19.57 -23.99 3.98
CA MET N 310 -20.33 -24.93 3.11
C MET N 310 -19.69 -24.93 1.71
N ILE N 311 -19.19 -23.79 1.25
CA ILE N 311 -18.69 -23.66 -0.13
C ILE N 311 -17.54 -24.67 -0.34
N ILE N 312 -16.74 -24.96 0.68
CA ILE N 312 -15.64 -25.96 0.63
C ILE N 312 -16.18 -27.30 0.10
N ALA N 313 -17.44 -27.62 0.37
CA ALA N 313 -18.08 -28.85 -0.14
C ALA N 313 -17.86 -28.93 -1.66
N ILE N 314 -17.93 -27.81 -2.37
CA ILE N 314 -17.93 -27.81 -3.86
C ILE N 314 -16.56 -28.26 -4.38
N PRO N 315 -15.46 -27.50 -4.19
CA PRO N 315 -14.16 -27.98 -4.68
C PRO N 315 -13.87 -29.40 -4.18
N THR N 316 -14.20 -29.71 -2.92
CA THR N 316 -13.92 -31.03 -2.30
C THR N 316 -14.65 -32.11 -3.13
N GLY N 317 -15.90 -31.84 -3.49
CA GLY N 317 -16.70 -32.77 -4.29
C GLY N 317 -16.02 -33.09 -5.61
N VAL N 318 -15.64 -32.06 -6.35
CA VAL N 318 -14.99 -32.17 -7.69
C VAL N 318 -13.87 -33.22 -7.63
N LYS N 319 -13.15 -33.31 -6.50
CA LYS N 319 -12.02 -34.27 -6.31
C LYS N 319 -12.60 -35.68 -6.08
N VAL N 320 -13.62 -35.81 -5.24
CA VAL N 320 -14.31 -37.10 -4.96
C VAL N 320 -14.73 -37.72 -6.31
N PHE N 321 -15.53 -36.99 -7.09
CA PHE N 321 -16.11 -37.50 -8.38
C PHE N 321 -14.98 -37.73 -9.39
N SER N 322 -13.90 -36.98 -9.26
CA SER N 322 -12.75 -37.08 -10.20
C SER N 322 -12.01 -38.39 -9.94
N TRP N 323 -11.99 -38.87 -8.70
CA TRP N 323 -11.38 -40.18 -8.34
C TRP N 323 -12.24 -41.32 -8.87
N LEU N 324 -13.58 -41.19 -8.78
CA LEU N 324 -14.53 -42.14 -9.39
C LEU N 324 -14.32 -42.15 -10.92
N ALA N 325 -14.36 -40.96 -11.56
CA ALA N 325 -14.09 -40.78 -13.01
C ALA N 325 -12.76 -41.46 -13.36
N THR N 326 -11.75 -41.36 -12.50
CA THR N 326 -10.44 -42.04 -12.71
C THR N 326 -10.64 -43.57 -12.69
N LEU N 327 -11.49 -44.10 -11.79
CA LEU N 327 -11.82 -45.56 -11.69
C LEU N 327 -12.53 -46.03 -12.96
N HIS N 328 -13.43 -45.20 -13.51
CA HIS N 328 -14.26 -45.49 -14.71
C HIS N 328 -13.40 -46.04 -15.84
N GLY N 329 -13.62 -47.30 -16.20
CA GLY N 329 -13.00 -47.94 -17.37
C GLY N 329 -11.61 -48.45 -17.06
N GLY N 330 -11.27 -48.58 -15.78
CA GLY N 330 -9.96 -49.10 -15.38
C GLY N 330 -9.81 -50.59 -15.66
N ASN N 331 -8.58 -51.05 -15.91
CA ASN N 331 -8.11 -52.42 -15.64
C ASN N 331 -7.73 -52.48 -14.16
N ILE N 332 -8.69 -52.76 -13.28
CA ILE N 332 -8.59 -52.56 -11.80
C ILE N 332 -7.81 -53.72 -11.16
N LYS N 333 -6.54 -53.50 -10.83
CA LYS N 333 -5.75 -54.39 -9.95
C LYS N 333 -6.19 -54.14 -8.51
N TRP N 334 -6.67 -55.17 -7.80
CA TRP N 334 -7.12 -55.13 -6.39
C TRP N 334 -5.94 -55.37 -5.44
N SER N 335 -4.86 -54.60 -5.60
CA SER N 335 -3.73 -54.48 -4.65
C SER N 335 -4.24 -54.00 -3.30
N PRO N 336 -3.53 -54.28 -2.19
CA PRO N 336 -3.92 -53.74 -0.88
C PRO N 336 -4.00 -52.20 -0.89
N ALA N 337 -3.10 -51.53 -1.62
CA ALA N 337 -3.05 -50.04 -1.72
C ALA N 337 -4.39 -49.53 -2.26
N MET N 338 -4.90 -50.19 -3.31
CA MET N 338 -6.16 -49.83 -3.99
C MET N 338 -7.36 -49.99 -3.04
N MET N 339 -7.29 -50.90 -2.07
CA MET N 339 -8.38 -51.10 -1.09
C MET N 339 -8.44 -49.92 -0.13
N TRP N 340 -7.27 -49.56 0.42
CA TRP N 340 -7.06 -48.37 1.29
C TRP N 340 -7.62 -47.16 0.56
N ALA N 341 -7.21 -46.99 -0.70
CA ALA N 341 -7.64 -45.88 -1.58
C ALA N 341 -9.18 -45.88 -1.62
N LEU N 342 -9.80 -46.98 -2.03
CA LEU N 342 -11.28 -47.08 -2.15
C LEU N 342 -11.92 -46.82 -0.78
N GLY N 343 -11.33 -47.30 0.31
CA GLY N 343 -11.86 -47.05 1.67
C GLY N 343 -11.89 -45.55 2.00
N PHE N 344 -10.78 -44.87 1.69
CA PHE N 344 -10.63 -43.40 1.82
C PHE N 344 -11.85 -42.71 1.20
N ILE N 345 -12.17 -43.10 -0.03
CA ILE N 345 -13.14 -42.37 -0.88
C ILE N 345 -14.50 -42.48 -0.21
N PHE N 346 -14.95 -43.68 0.17
CA PHE N 346 -16.27 -43.80 0.81
C PHE N 346 -16.24 -43.10 2.18
N LEU N 347 -15.16 -43.34 2.94
CA LEU N 347 -15.07 -42.94 4.38
C LEU N 347 -14.87 -41.44 4.51
N PHE N 348 -13.92 -40.86 3.75
CA PHE N 348 -13.68 -39.39 3.71
C PHE N 348 -15.01 -38.68 3.47
N THR N 349 -15.79 -39.16 2.49
CA THR N 349 -17.09 -38.56 2.09
C THR N 349 -18.01 -38.50 3.32
N VAL N 350 -18.06 -39.60 4.09
CA VAL N 350 -18.90 -39.71 5.33
C VAL N 350 -18.40 -38.66 6.33
N GLY N 351 -17.11 -38.68 6.62
CA GLY N 351 -16.46 -37.71 7.53
C GLY N 351 -16.82 -36.29 7.17
N GLY N 352 -16.68 -35.94 5.89
CA GLY N 352 -16.92 -34.58 5.39
C GLY N 352 -18.39 -34.19 5.46
N LEU N 353 -19.28 -35.15 5.26
CA LEU N 353 -20.74 -34.90 5.24
C LEU N 353 -21.26 -34.60 6.66
N THR N 354 -20.70 -35.22 7.68
CA THR N 354 -20.99 -34.86 9.10
C THR N 354 -20.36 -33.48 9.35
N GLY N 355 -19.29 -33.15 8.61
CA GLY N 355 -18.66 -31.81 8.59
C GLY N 355 -19.60 -30.74 8.05
N ILE N 356 -20.44 -31.09 7.08
CA ILE N 356 -21.48 -30.18 6.53
C ILE N 356 -22.60 -30.05 7.55
N VAL N 357 -22.85 -31.07 8.39
CA VAL N 357 -23.89 -31.00 9.46
C VAL N 357 -23.46 -29.94 10.48
N LEU N 358 -22.21 -30.10 10.95
CA LEU N 358 -21.62 -29.24 11.99
C LEU N 358 -21.53 -27.79 11.48
N ALA N 359 -21.31 -27.60 10.18
CA ALA N 359 -21.11 -26.26 9.54
C ALA N 359 -22.31 -25.35 9.81
N ASN N 360 -23.49 -25.94 10.05
CA ASN N 360 -24.72 -25.19 10.39
C ASN N 360 -24.64 -24.64 11.83
N SER N 361 -24.24 -23.37 11.98
CA SER N 361 -24.24 -22.55 13.23
C SER N 361 -25.47 -22.84 14.10
N SER N 362 -26.63 -22.99 13.44
CA SER N 362 -27.95 -23.35 14.00
C SER N 362 -27.88 -24.65 14.82
N LEU N 363 -27.53 -25.74 14.13
CA LEU N 363 -27.50 -27.12 14.68
C LEU N 363 -26.34 -27.27 15.65
N ASP N 364 -25.20 -26.66 15.33
CA ASP N 364 -23.91 -26.87 16.02
C ASP N 364 -24.01 -26.32 17.44
N ILE N 365 -25.09 -25.59 17.75
CA ILE N 365 -25.39 -25.16 19.13
C ILE N 365 -25.46 -26.41 20.00
N VAL N 366 -26.23 -27.41 19.56
CA VAL N 366 -26.55 -28.64 20.31
C VAL N 366 -25.46 -29.71 20.09
N LEU N 367 -24.71 -29.65 18.98
CA LEU N 367 -23.67 -30.66 18.63
C LEU N 367 -22.28 -30.29 19.12
N HIS N 368 -22.01 -29.01 19.40
CA HIS N 368 -20.67 -28.54 19.84
C HIS N 368 -20.29 -29.27 21.14
N ASP N 369 -19.03 -29.69 21.27
CA ASP N 369 -18.49 -30.27 22.52
C ASP N 369 -19.36 -31.50 22.89
N THR N 370 -19.71 -32.29 21.85
CA THR N 370 -20.41 -33.60 21.92
C THR N 370 -19.61 -34.62 21.10
N TYR N 371 -19.91 -35.91 21.24
CA TYR N 371 -19.16 -36.96 20.50
C TYR N 371 -19.55 -36.97 19.01
N TYR N 372 -20.51 -36.13 18.57
CA TYR N 372 -20.83 -35.99 17.14
C TYR N 372 -19.63 -35.38 16.43
N VAL N 373 -18.88 -34.52 17.15
CA VAL N 373 -17.68 -33.85 16.60
C VAL N 373 -16.51 -34.85 16.60
N VAL N 374 -16.40 -35.67 17.65
CA VAL N 374 -15.30 -36.67 17.79
C VAL N 374 -15.43 -37.69 16.65
N ALA N 375 -16.67 -37.97 16.21
CA ALA N 375 -17.00 -38.85 15.06
C ALA N 375 -16.55 -38.15 13.77
N HIS N 376 -17.02 -36.92 13.55
CA HIS N 376 -16.75 -36.12 12.34
C HIS N 376 -15.26 -36.22 11.98
N PHE N 377 -14.37 -36.03 12.95
CA PHE N 377 -12.93 -35.80 12.67
C PHE N 377 -12.13 -37.10 12.78
N HIS N 378 -12.68 -38.18 13.36
CA HIS N 378 -12.03 -39.53 13.37
C HIS N 378 -12.37 -40.28 12.08
N TYR N 379 -13.49 -39.95 11.46
CA TYR N 379 -13.79 -40.38 10.08
C TYR N 379 -12.75 -39.78 9.13
N VAL N 380 -12.49 -38.48 9.17
CA VAL N 380 -11.64 -37.78 8.16
C VAL N 380 -10.15 -37.91 8.47
N LEU N 381 -9.76 -38.43 9.65
CA LEU N 381 -8.33 -38.52 10.06
C LEU N 381 -7.93 -39.98 10.26
N SER N 382 -8.61 -40.69 11.15
CA SER N 382 -8.34 -42.12 11.50
C SER N 382 -8.73 -43.02 10.32
N MET N 383 -9.77 -42.65 9.57
CA MET N 383 -10.18 -43.36 8.34
C MET N 383 -9.87 -42.52 7.09
N GLY N 384 -9.41 -41.26 7.25
CA GLY N 384 -9.05 -40.42 6.09
C GLY N 384 -7.55 -40.29 5.96
N ALA N 385 -6.95 -39.45 6.78
CA ALA N 385 -5.48 -39.28 6.84
C ALA N 385 -4.80 -40.65 6.84
N VAL N 386 -5.13 -41.50 7.83
CA VAL N 386 -4.46 -42.81 8.12
C VAL N 386 -4.54 -43.73 6.89
N PHE N 387 -5.73 -43.85 6.27
CA PHE N 387 -5.96 -44.69 5.07
C PHE N 387 -5.07 -44.20 3.91
N ALA N 388 -4.90 -42.90 3.71
CA ALA N 388 -4.02 -42.35 2.67
C ALA N 388 -2.55 -42.74 2.93
N ILE N 389 -2.16 -42.83 4.21
CA ILE N 389 -0.78 -43.20 4.64
C ILE N 389 -0.56 -44.69 4.41
N MET N 390 -1.50 -45.52 4.87
CA MET N 390 -1.39 -47.00 4.74
C MET N 390 -1.30 -47.33 3.26
N GLY N 391 -2.19 -46.70 2.47
CA GLY N 391 -2.21 -46.81 1.00
C GLY N 391 -0.89 -46.39 0.41
N GLY N 392 -0.46 -45.17 0.73
CA GLY N 392 0.89 -44.67 0.36
C GLY N 392 1.97 -45.65 0.76
N PHE N 393 1.96 -46.10 2.01
CA PHE N 393 3.02 -46.96 2.60
C PHE N 393 3.15 -48.26 1.81
N VAL N 394 2.08 -49.04 1.68
CA VAL N 394 2.16 -50.40 1.07
C VAL N 394 2.47 -50.26 -0.42
N HIS N 395 2.02 -49.16 -1.05
CA HIS N 395 2.21 -48.93 -2.52
C HIS N 395 3.68 -48.67 -2.79
N TRP N 396 4.32 -47.81 -1.99
CA TRP N 396 5.69 -47.26 -2.26
C TRP N 396 6.77 -47.96 -1.43
N PHE N 397 6.42 -48.82 -0.46
CA PHE N 397 7.40 -49.58 0.37
C PHE N 397 8.44 -50.24 -0.54
N PRO N 398 8.04 -50.91 -1.64
CA PRO N 398 9.01 -51.48 -2.58
C PRO N 398 9.99 -50.49 -3.20
N LEU N 399 9.67 -49.21 -3.30
CA LEU N 399 10.58 -48.14 -3.83
C LEU N 399 11.56 -47.75 -2.72
N PHE N 400 11.04 -47.48 -1.52
CA PHE N 400 11.81 -47.11 -0.30
C PHE N 400 12.71 -48.29 0.11
N SER N 401 12.15 -49.51 0.12
CA SER N 401 12.76 -50.71 0.75
C SER N 401 13.54 -51.53 -0.29
N GLY N 402 13.03 -51.68 -1.51
CA GLY N 402 13.57 -52.59 -2.53
C GLY N 402 13.07 -54.03 -2.36
N TYR N 403 12.29 -54.28 -1.30
CA TYR N 403 11.69 -55.60 -0.92
C TYR N 403 10.17 -55.48 -1.03
N THR N 404 9.45 -56.53 -1.43
CA THR N 404 7.96 -56.46 -1.56
C THR N 404 7.31 -56.96 -0.28
N LEU N 405 6.05 -56.58 -0.07
CA LEU N 405 5.17 -57.05 1.03
C LEU N 405 4.44 -58.31 0.56
N ASN N 406 3.90 -59.08 1.51
CA ASN N 406 2.98 -60.21 1.26
C ASN N 406 1.56 -59.65 1.07
N ASP N 407 1.16 -59.39 -0.17
CA ASP N 407 -0.16 -58.80 -0.51
C ASP N 407 -1.26 -59.45 0.34
N THR N 408 -1.24 -60.78 0.50
CA THR N 408 -2.32 -61.53 1.22
C THR N 408 -2.47 -60.92 2.62
N TRP N 409 -1.37 -60.90 3.36
CA TRP N 409 -1.29 -60.34 4.73
C TRP N 409 -1.82 -58.89 4.71
N ALA N 410 -1.30 -58.05 3.82
CA ALA N 410 -1.66 -56.61 3.69
C ALA N 410 -3.18 -56.45 3.52
N LYS N 411 -3.85 -57.40 2.85
CA LYS N 411 -5.33 -57.45 2.63
C LYS N 411 -6.02 -57.84 3.94
N ILE N 412 -5.45 -58.81 4.66
CA ILE N 412 -5.94 -59.24 5.98
C ILE N 412 -5.90 -58.02 6.91
N HIS N 413 -4.79 -57.28 6.88
CA HIS N 413 -4.53 -56.09 7.76
C HIS N 413 -5.61 -55.05 7.53
N PHE N 414 -5.94 -54.82 6.26
CA PHE N 414 -6.97 -53.86 5.77
C PHE N 414 -8.34 -54.23 6.36
N ALA N 415 -8.74 -55.50 6.21
CA ALA N 415 -10.03 -56.06 6.68
C ALA N 415 -10.21 -55.85 8.19
N ILE N 416 -9.19 -56.17 9.00
CA ILE N 416 -9.25 -56.05 10.48
C ILE N 416 -9.41 -54.57 10.85
N MET N 417 -8.54 -53.70 10.32
CA MET N 417 -8.54 -52.23 10.54
C MET N 417 -9.90 -51.69 10.11
N PHE N 418 -10.38 -52.09 8.93
CA PHE N 418 -11.68 -51.61 8.40
C PHE N 418 -12.79 -51.78 9.46
N VAL N 419 -12.94 -52.99 10.00
CA VAL N 419 -14.00 -53.38 11.01
C VAL N 419 -13.74 -52.64 12.33
N GLY N 420 -12.47 -52.46 12.67
CA GLY N 420 -12.04 -51.81 13.94
C GLY N 420 -12.47 -50.36 13.96
N VAL N 421 -11.91 -49.56 13.04
CA VAL N 421 -12.13 -48.08 12.98
C VAL N 421 -13.62 -47.80 12.92
N ASN N 422 -14.38 -48.57 12.13
CA ASN N 422 -15.83 -48.31 11.96
C ASN N 422 -16.59 -48.67 13.24
N MET N 423 -16.22 -49.77 13.91
CA MET N 423 -16.85 -50.21 15.19
C MET N 423 -16.50 -49.21 16.30
N THR N 424 -15.31 -48.60 16.23
CA THR N 424 -14.72 -47.71 17.27
C THR N 424 -15.38 -46.33 17.26
N PHE N 425 -15.75 -45.81 16.07
CA PHE N 425 -16.17 -44.40 15.84
C PHE N 425 -17.63 -44.29 15.40
N PHE N 426 -18.18 -45.22 14.62
CA PHE N 426 -19.56 -45.05 14.09
C PHE N 426 -20.53 -44.77 15.24
N PRO N 427 -20.55 -45.62 16.29
CA PRO N 427 -21.56 -45.50 17.34
C PRO N 427 -21.51 -44.14 18.03
N GLN N 428 -20.35 -43.45 18.00
CA GLN N 428 -20.19 -42.11 18.62
C GLN N 428 -21.24 -41.13 18.05
N HIS N 429 -21.66 -41.30 16.79
CA HIS N 429 -22.71 -40.43 16.16
C HIS N 429 -23.94 -40.41 17.06
N PHE N 430 -24.27 -41.54 17.67
CA PHE N 430 -25.42 -41.69 18.62
C PHE N 430 -25.04 -40.98 19.93
N LEU N 431 -23.87 -41.30 20.51
CA LEU N 431 -23.35 -40.62 21.73
C LEU N 431 -23.47 -39.10 21.57
N GLY N 432 -23.11 -38.56 20.41
CA GLY N 432 -23.21 -37.11 20.10
C GLY N 432 -24.65 -36.61 20.08
N LEU N 433 -25.53 -37.26 19.31
CA LEU N 433 -26.90 -36.73 19.09
C LEU N 433 -27.65 -36.78 20.42
N SER N 434 -27.47 -37.86 21.17
CA SER N 434 -28.10 -38.12 22.50
C SER N 434 -27.70 -37.02 23.50
N GLY N 435 -26.45 -36.53 23.43
CA GLY N 435 -26.00 -35.33 24.15
C GLY N 435 -24.74 -35.55 24.98
N MET N 436 -24.16 -36.75 24.97
CA MET N 436 -22.93 -37.06 25.73
C MET N 436 -21.79 -36.13 25.31
N PRO N 437 -21.33 -35.20 26.19
CA PRO N 437 -20.24 -34.27 25.86
C PRO N 437 -18.90 -34.95 25.57
N ARG N 438 -17.98 -34.18 24.99
CA ARG N 438 -16.57 -34.54 24.83
C ARG N 438 -15.84 -34.31 26.15
N ARG N 439 -14.72 -35.02 26.33
CA ARG N 439 -13.66 -34.74 27.33
C ARG N 439 -14.19 -35.15 28.71
N TYR N 440 -15.11 -36.13 28.71
CA TYR N 440 -15.70 -36.81 29.89
C TYR N 440 -14.99 -38.14 30.06
N SER N 441 -14.65 -38.43 31.32
CA SER N 441 -14.00 -39.68 31.83
C SER N 441 -15.08 -40.71 32.20
N ASP N 442 -16.30 -40.23 32.44
CA ASP N 442 -17.48 -41.05 32.81
C ASP N 442 -18.73 -40.38 32.26
N TYR N 443 -19.81 -41.16 32.14
CA TYR N 443 -21.08 -40.82 31.43
C TYR N 443 -22.28 -41.32 32.23
N PRO N 444 -23.42 -40.58 32.23
CA PRO N 444 -24.67 -41.09 32.82
C PRO N 444 -25.00 -42.50 32.27
N ASP N 445 -25.69 -43.31 33.07
CA ASP N 445 -25.90 -44.78 32.81
C ASP N 445 -26.32 -45.01 31.35
N ALA N 446 -27.31 -44.25 30.85
CA ALA N 446 -27.93 -44.39 29.52
C ALA N 446 -26.88 -44.62 28.40
N TYR N 447 -25.73 -43.98 28.48
CA TYR N 447 -24.68 -43.99 27.42
C TYR N 447 -23.82 -45.24 27.48
N THR N 448 -24.21 -46.23 28.27
CA THR N 448 -23.31 -47.37 28.57
C THR N 448 -23.13 -48.18 27.29
N MET N 449 -24.24 -48.49 26.61
CA MET N 449 -24.20 -49.43 25.48
C MET N 449 -23.12 -49.01 24.50
N TRP N 450 -23.24 -47.78 23.97
CA TRP N 450 -22.50 -47.29 22.77
C TRP N 450 -21.01 -47.16 23.08
N ASN N 451 -20.67 -46.65 24.27
CA ASN N 451 -19.27 -46.49 24.76
C ASN N 451 -18.60 -47.87 24.84
N THR N 452 -19.36 -48.91 25.19
CA THR N 452 -18.89 -50.31 25.40
C THR N 452 -18.49 -50.94 24.06
N ILE N 453 -19.38 -50.82 23.05
CA ILE N 453 -19.14 -51.26 21.64
C ILE N 453 -17.93 -50.47 21.09
N SER N 454 -17.97 -49.14 21.20
CA SER N 454 -16.89 -48.21 20.76
C SER N 454 -15.52 -48.75 21.19
N SER N 455 -15.34 -49.03 22.49
CA SER N 455 -14.01 -49.34 23.08
C SER N 455 -13.54 -50.72 22.63
N MET N 456 -14.45 -51.68 22.55
CA MET N 456 -14.18 -53.00 21.93
C MET N 456 -13.63 -52.78 20.52
N GLY N 457 -14.15 -51.78 19.82
CA GLY N 457 -13.61 -51.30 18.54
C GLY N 457 -12.10 -51.19 18.61
N SER N 458 -11.59 -50.36 19.50
CA SER N 458 -10.15 -50.00 19.55
C SER N 458 -9.29 -51.26 19.58
N PHE N 459 -9.73 -52.33 20.24
CA PHE N 459 -8.91 -53.56 20.44
C PHE N 459 -8.67 -54.21 19.08
N ILE N 460 -9.71 -54.24 18.23
CA ILE N 460 -9.63 -54.77 16.84
C ILE N 460 -8.55 -53.96 16.13
N SER N 461 -8.71 -52.63 16.17
CA SER N 461 -7.80 -51.63 15.55
C SER N 461 -6.38 -51.88 16.05
N LEU N 462 -6.21 -52.14 17.36
CA LEU N 462 -4.90 -52.52 17.97
C LEU N 462 -4.39 -53.82 17.35
N THR N 463 -5.29 -54.79 17.11
CA THR N 463 -4.94 -56.11 16.52
C THR N 463 -4.39 -55.85 15.12
N ALA N 464 -5.05 -54.96 14.36
CA ALA N 464 -4.60 -54.48 13.03
C ALA N 464 -3.26 -53.73 13.10
N VAL N 465 -3.00 -52.97 14.17
CA VAL N 465 -1.69 -52.26 14.34
C VAL N 465 -0.59 -53.28 14.55
N MET N 466 -0.76 -54.17 15.54
CA MET N 466 0.26 -55.19 15.90
C MET N 466 0.56 -55.99 14.62
N LEU N 467 -0.48 -56.47 13.96
CA LEU N 467 -0.36 -57.33 12.75
C LEU N 467 0.53 -56.64 11.72
N MET N 468 0.33 -55.35 11.46
CA MET N 468 1.12 -54.55 10.48
C MET N 468 2.62 -54.68 10.77
N VAL N 469 3.03 -54.45 12.02
CA VAL N 469 4.46 -54.51 12.47
C VAL N 469 5.06 -55.84 12.00
N PHE N 470 4.29 -56.92 12.16
CA PHE N 470 4.70 -58.28 11.71
C PHE N 470 4.90 -58.26 10.18
N ILE N 471 4.01 -57.59 9.44
CA ILE N 471 3.96 -57.65 7.94
C ILE N 471 5.20 -56.93 7.37
N ILE N 472 5.65 -55.84 8.01
CA ILE N 472 6.89 -55.08 7.65
C ILE N 472 8.11 -55.93 8.00
N TRP N 473 8.05 -56.65 9.13
CA TRP N 473 9.13 -57.60 9.53
C TRP N 473 9.26 -58.66 8.44
N GLU N 474 8.14 -59.35 8.19
CA GLU N 474 8.05 -60.49 7.24
C GLU N 474 8.70 -60.05 5.92
N ALA N 475 8.30 -58.88 5.41
CA ALA N 475 8.80 -58.26 4.16
C ALA N 475 10.34 -58.33 4.14
N PHE N 476 10.95 -57.75 5.18
CA PHE N 476 12.42 -57.57 5.34
C PHE N 476 13.12 -58.92 5.61
N ALA N 477 12.39 -59.91 6.17
CA ALA N 477 12.90 -61.23 6.57
C ALA N 477 13.04 -62.16 5.34
N SER N 478 11.97 -62.32 4.55
CA SER N 478 11.98 -63.12 3.31
C SER N 478 12.89 -62.47 2.27
N LYS N 479 12.89 -61.14 2.16
CA LYS N 479 13.71 -60.37 1.20
C LYS N 479 13.37 -60.77 -0.25
N ARG N 480 12.20 -60.34 -0.75
CA ARG N 480 11.78 -60.39 -2.17
C ARG N 480 12.22 -59.10 -2.89
N GLU N 481 13.40 -59.12 -3.49
CA GLU N 481 13.93 -58.00 -4.31
C GLU N 481 12.92 -57.72 -5.43
N VAL N 482 12.71 -56.45 -5.78
CA VAL N 482 11.72 -56.02 -6.80
C VAL N 482 12.31 -56.34 -8.18
N LEU N 483 11.51 -56.91 -9.09
CA LEU N 483 11.95 -57.45 -10.40
C LEU N 483 11.55 -56.51 -11.54
N THR N 484 10.25 -56.14 -11.61
CA THR N 484 9.66 -55.29 -12.67
C THR N 484 8.51 -54.43 -12.11
N VAL N 485 8.36 -53.21 -12.62
CA VAL N 485 7.27 -52.26 -12.20
C VAL N 485 6.48 -51.82 -13.44
N ASP N 486 5.17 -52.09 -13.42
CA ASP N 486 4.16 -51.60 -14.38
C ASP N 486 4.21 -50.08 -14.47
N LEU N 487 3.94 -49.52 -15.66
CA LEU N 487 3.58 -48.09 -15.84
C LEU N 487 4.67 -47.16 -15.29
N THR N 488 5.94 -47.40 -15.61
CA THR N 488 7.04 -46.50 -15.17
C THR N 488 7.01 -45.25 -16.03
N THR N 489 6.41 -45.30 -17.23
CA THR N 489 6.32 -44.18 -18.21
C THR N 489 5.69 -42.92 -17.61
N THR N 490 4.78 -43.10 -16.64
CA THR N 490 3.89 -42.03 -16.13
C THR N 490 4.10 -41.87 -14.62
N ASN N 491 5.13 -42.51 -14.07
CA ASN N 491 5.39 -42.58 -12.60
C ASN N 491 6.90 -42.65 -12.38
N LEU N 492 7.61 -41.57 -12.70
CA LEU N 492 9.09 -41.43 -12.79
C LEU N 492 9.80 -41.84 -11.48
N GLU N 493 9.14 -41.76 -10.32
CA GLU N 493 9.78 -42.09 -9.03
C GLU N 493 10.34 -43.53 -9.11
N TRP N 494 9.62 -44.40 -9.83
CA TRP N 494 9.95 -45.84 -9.96
C TRP N 494 11.17 -46.04 -10.86
N LEU N 495 11.56 -45.03 -11.64
CA LEU N 495 12.35 -45.24 -12.89
C LEU N 495 13.86 -45.34 -12.62
N ASN N 496 14.28 -45.55 -11.36
CA ASN N 496 15.70 -45.79 -10.98
C ASN N 496 15.80 -47.11 -10.23
N GLY N 497 14.77 -47.96 -10.38
CA GLY N 497 14.63 -49.23 -9.64
C GLY N 497 14.38 -48.98 -8.17
N CYS N 498 14.63 -49.99 -7.34
CA CYS N 498 14.20 -50.01 -5.93
C CYS N 498 15.26 -50.71 -5.09
N PRO N 499 15.86 -50.01 -4.10
CA PRO N 499 15.76 -48.56 -3.99
C PRO N 499 16.60 -47.84 -5.02
N PRO N 500 16.27 -46.56 -5.31
CA PRO N 500 17.08 -45.74 -6.21
C PRO N 500 18.43 -45.39 -5.58
N PRO N 501 19.51 -45.19 -6.36
CA PRO N 501 20.81 -44.83 -5.79
C PRO N 501 20.71 -43.72 -4.73
N TYR N 502 21.81 -43.46 -4.02
CA TYR N 502 21.92 -42.34 -3.06
C TYR N 502 21.62 -41.08 -3.87
N HIS N 503 22.55 -40.73 -4.76
CA HIS N 503 22.41 -39.58 -5.70
C HIS N 503 21.66 -40.07 -6.94
N THR N 504 20.40 -39.65 -7.07
CA THR N 504 19.61 -39.78 -8.32
C THR N 504 19.76 -38.49 -9.14
N PHE N 505 19.54 -38.59 -10.45
CA PHE N 505 19.41 -37.44 -11.37
C PHE N 505 20.69 -36.60 -11.35
N GLU N 506 21.83 -37.20 -10.98
CA GLU N 506 23.18 -36.59 -11.07
C GLU N 506 23.33 -35.94 -12.44
N GLU N 507 22.91 -36.65 -13.47
CA GLU N 507 22.59 -36.08 -14.79
C GLU N 507 21.08 -35.92 -14.87
N PRO N 508 20.57 -34.71 -15.20
CA PRO N 508 19.13 -34.45 -15.16
C PRO N 508 18.41 -35.09 -16.36
N THR N 509 17.09 -35.14 -16.26
CA THR N 509 16.21 -35.65 -17.34
C THR N 509 16.39 -34.75 -18.56
N TYR N 510 16.41 -35.33 -19.76
CA TYR N 510 16.24 -34.59 -21.03
C TYR N 510 14.76 -34.31 -21.24
N VAL N 511 14.35 -33.05 -21.24
CA VAL N 511 12.97 -32.72 -21.66
C VAL N 511 12.99 -31.63 -22.73
N ASN N 512 12.61 -32.02 -23.96
CA ASN N 512 12.41 -31.15 -25.16
C ASN N 512 11.40 -30.05 -24.82
N LEU N 513 11.46 -28.94 -25.57
CA LEU N 513 10.58 -27.74 -25.41
C LEU N 513 9.54 -27.69 -26.54
N LYS N 514 9.97 -27.91 -27.79
CA LYS N 514 9.12 -28.08 -29.00
C LYS N 514 8.57 -26.71 -29.44
N FME O 1 -33.36 -35.69 29.24
CN FME O 1 -33.33 -34.59 29.97
O1 FME O 1 -34.21 -33.75 30.03
CA FME O 1 -32.25 -36.61 29.31
CB FME O 1 -32.12 -37.20 30.72
CG FME O 1 -33.44 -37.70 31.28
SD FME O 1 -33.15 -38.69 32.74
CE FME O 1 -32.30 -40.10 32.01
C FME O 1 -32.31 -37.73 28.29
O FME O 1 -33.32 -37.98 27.65
N ALA O 2 -31.15 -38.39 28.17
CA ALA O 2 -30.98 -39.51 27.27
C ALA O 2 -31.37 -40.80 27.99
N TYR O 3 -31.87 -41.76 27.22
CA TYR O 3 -32.30 -43.11 27.64
C TYR O 3 -31.42 -44.14 26.93
N PRO O 4 -31.29 -45.38 27.44
CA PRO O 4 -30.31 -46.32 26.89
C PRO O 4 -30.63 -46.62 25.42
N MET O 5 -29.58 -46.98 24.67
CA MET O 5 -29.66 -47.34 23.22
C MET O 5 -30.37 -46.23 22.43
N GLN O 6 -30.11 -44.96 22.74
CA GLN O 6 -30.67 -43.81 21.98
C GLN O 6 -29.79 -43.55 20.75
N LEU O 7 -30.41 -43.20 19.63
CA LEU O 7 -29.72 -42.86 18.37
C LEU O 7 -29.78 -41.35 18.14
N GLY O 8 -31.01 -40.80 18.08
CA GLY O 8 -31.28 -39.41 17.68
C GLY O 8 -31.12 -38.42 18.82
N PHE O 9 -31.88 -37.33 18.78
CA PHE O 9 -31.86 -36.23 19.78
C PHE O 9 -32.82 -36.56 20.92
N GLN O 10 -32.51 -36.12 22.15
CA GLN O 10 -33.50 -36.09 23.25
C GLN O 10 -34.73 -35.38 22.69
N ASP O 11 -35.93 -35.78 23.08
CA ASP O 11 -37.19 -35.13 22.63
C ASP O 11 -37.12 -33.65 23.01
N ALA O 12 -37.69 -32.77 22.18
CA ALA O 12 -37.61 -31.30 22.32
C ALA O 12 -38.64 -30.80 23.35
N THR O 13 -38.13 -30.13 24.39
CA THR O 13 -38.90 -29.44 25.46
C THR O 13 -39.23 -28.00 25.06
N SER O 14 -38.53 -27.45 24.05
CA SER O 14 -38.64 -26.04 23.58
C SER O 14 -38.96 -26.03 22.09
N PRO O 15 -39.73 -25.04 21.60
CA PRO O 15 -40.19 -25.04 20.21
C PRO O 15 -38.99 -24.81 19.26
N ILE O 16 -37.91 -24.19 19.75
CA ILE O 16 -36.62 -24.05 19.01
C ILE O 16 -36.02 -25.42 18.76
N MET O 17 -35.89 -26.24 19.80
CA MET O 17 -35.18 -27.55 19.73
C MET O 17 -35.96 -28.49 18.82
N GLU O 18 -37.29 -28.33 18.82
CA GLU O 18 -38.24 -28.98 17.86
C GLU O 18 -37.87 -28.55 16.44
N GLU O 19 -37.69 -27.23 16.23
CA GLU O 19 -37.38 -26.61 14.90
C GLU O 19 -36.06 -27.17 14.34
N LEU O 20 -35.10 -27.50 15.22
CA LEU O 20 -33.76 -28.05 14.85
C LEU O 20 -33.91 -29.53 14.50
N LEU O 21 -34.80 -30.25 15.19
CA LEU O 21 -35.02 -31.72 15.01
C LEU O 21 -35.45 -32.00 13.57
N HIS O 22 -36.31 -31.13 13.04
CA HIS O 22 -36.87 -31.20 11.66
C HIS O 22 -35.83 -30.69 10.66
N PHE O 23 -35.05 -29.68 11.04
CA PHE O 23 -33.92 -29.23 10.19
C PHE O 23 -32.87 -30.35 10.10
N HIS O 24 -32.64 -31.09 11.19
CA HIS O 24 -31.70 -32.24 11.20
C HIS O 24 -32.22 -33.37 10.31
N ASP O 25 -33.53 -33.65 10.38
CA ASP O 25 -34.22 -34.65 9.52
C ASP O 25 -33.96 -34.27 8.07
N HIS O 26 -34.11 -32.99 7.75
CA HIS O 26 -33.91 -32.45 6.38
C HIS O 26 -32.48 -32.76 5.95
N THR O 27 -31.50 -32.26 6.71
CA THR O 27 -30.07 -32.28 6.34
C THR O 27 -29.60 -33.72 6.18
N LEU O 28 -29.98 -34.60 7.11
CA LEU O 28 -29.54 -36.02 7.17
C LEU O 28 -30.07 -36.77 5.94
N MET O 29 -31.36 -36.61 5.66
CA MET O 29 -32.00 -36.99 4.38
C MET O 29 -30.96 -36.79 3.26
N ILE O 30 -30.53 -35.54 3.03
CA ILE O 30 -29.59 -35.16 1.94
C ILE O 30 -28.27 -35.90 2.14
N VAL O 31 -27.78 -35.98 3.38
CA VAL O 31 -26.49 -36.66 3.69
C VAL O 31 -26.56 -38.08 3.13
N PHE O 32 -27.66 -38.80 3.41
CA PHE O 32 -27.88 -40.21 3.02
C PHE O 32 -27.95 -40.35 1.49
N LEU O 33 -28.62 -39.43 0.81
CA LEU O 33 -28.72 -39.35 -0.68
C LEU O 33 -27.31 -39.31 -1.29
N ILE O 34 -26.42 -38.48 -0.74
CA ILE O 34 -25.05 -38.28 -1.29
C ILE O 34 -24.23 -39.51 -0.90
N SER O 35 -24.20 -39.90 0.37
CA SER O 35 -23.39 -41.05 0.84
C SER O 35 -23.78 -42.29 0.03
N SER O 36 -25.06 -42.45 -0.30
CA SER O 36 -25.60 -43.61 -1.06
C SER O 36 -25.20 -43.50 -2.54
N LEU O 37 -25.40 -42.33 -3.15
CA LEU O 37 -25.01 -42.04 -4.54
C LEU O 37 -23.54 -42.44 -4.77
N VAL O 38 -22.66 -42.10 -3.82
CA VAL O 38 -21.19 -42.31 -3.92
C VAL O 38 -20.89 -43.81 -3.85
N LEU O 39 -21.50 -44.53 -2.89
CA LEU O 39 -21.23 -45.96 -2.61
C LEU O 39 -21.65 -46.79 -3.81
N TYR O 40 -22.86 -46.53 -4.31
CA TYR O 40 -23.44 -47.18 -5.52
C TYR O 40 -22.48 -47.01 -6.70
N ILE O 41 -22.15 -45.77 -7.06
CA ILE O 41 -21.28 -45.44 -8.22
C ILE O 41 -19.89 -46.04 -7.98
N ILE O 42 -19.41 -46.09 -6.73
CA ILE O 42 -18.14 -46.79 -6.40
C ILE O 42 -18.27 -48.28 -6.77
N SER O 43 -19.40 -48.91 -6.45
CA SER O 43 -19.64 -50.36 -6.73
C SER O 43 -19.96 -50.57 -8.21
N LEU O 44 -20.47 -49.54 -8.88
CA LEU O 44 -20.72 -49.54 -10.35
C LEU O 44 -19.39 -49.61 -11.11
N MET O 45 -18.45 -48.73 -10.76
CA MET O 45 -17.16 -48.52 -11.47
C MET O 45 -16.33 -49.81 -11.46
N LEU O 46 -16.42 -50.61 -10.40
CA LEU O 46 -15.46 -51.70 -10.07
C LEU O 46 -15.94 -53.07 -10.59
N THR O 47 -17.24 -53.20 -10.87
CA THR O 47 -17.89 -54.49 -11.24
C THR O 47 -18.14 -54.61 -12.75
N THR O 48 -17.26 -54.04 -13.59
CA THR O 48 -17.25 -54.28 -15.06
C THR O 48 -15.85 -54.69 -15.50
N LYS O 49 -15.79 -55.51 -16.55
CA LYS O 49 -14.54 -55.99 -17.21
C LYS O 49 -14.24 -55.10 -18.42
N LEU O 50 -15.20 -54.26 -18.83
CA LEU O 50 -15.04 -53.31 -19.96
C LEU O 50 -14.04 -52.21 -19.57
N THR O 51 -13.20 -51.82 -20.52
CA THR O 51 -12.10 -50.84 -20.31
C THR O 51 -12.20 -49.66 -21.29
N HIS O 52 -11.89 -48.49 -20.75
CA HIS O 52 -11.62 -47.22 -21.45
C HIS O 52 -10.43 -46.58 -20.72
N THR O 53 -9.19 -46.89 -21.11
CA THR O 53 -7.97 -46.37 -20.44
C THR O 53 -7.40 -45.17 -21.18
N SER O 54 -7.81 -44.90 -22.43
CA SER O 54 -7.38 -43.70 -23.22
C SER O 54 -8.00 -42.44 -22.59
N THR O 55 -7.45 -41.28 -22.92
CA THR O 55 -7.70 -39.97 -22.25
C THR O 55 -9.16 -39.54 -22.43
N MET O 56 -9.72 -38.87 -21.42
CA MET O 56 -11.14 -38.42 -21.35
C MET O 56 -11.25 -36.88 -21.36
N ASP O 57 -12.45 -36.34 -21.14
CA ASP O 57 -12.80 -34.92 -21.42
C ASP O 57 -13.86 -34.44 -20.40
N ALA O 58 -13.52 -33.42 -19.61
CA ALA O 58 -14.19 -33.06 -18.34
C ALA O 58 -15.07 -31.81 -18.47
N GLN O 59 -14.74 -30.88 -19.38
CA GLN O 59 -15.42 -29.55 -19.49
C GLN O 59 -16.83 -29.75 -20.06
N GLU O 60 -17.64 -30.57 -19.37
CA GLU O 60 -19.10 -30.79 -19.59
C GLU O 60 -19.69 -31.39 -18.31
N VAL O 61 -19.10 -32.51 -17.87
CA VAL O 61 -19.47 -33.29 -16.66
C VAL O 61 -18.98 -32.58 -15.39
N GLU O 62 -17.95 -31.72 -15.51
CA GLU O 62 -17.46 -30.87 -14.40
C GLU O 62 -18.55 -29.88 -14.02
N THR O 63 -19.32 -29.40 -15.00
CA THR O 63 -20.46 -28.47 -14.79
C THR O 63 -21.46 -29.06 -13.78
N ILE O 64 -21.97 -30.27 -14.05
CA ILE O 64 -23.05 -30.92 -13.25
C ILE O 64 -22.56 -31.10 -11.80
N TRP O 65 -21.43 -31.77 -11.57
CA TRP O 65 -20.93 -32.07 -10.20
C TRP O 65 -20.19 -30.86 -9.61
N THR O 66 -20.51 -29.67 -10.12
CA THR O 66 -20.25 -28.36 -9.47
C THR O 66 -21.62 -27.73 -9.17
N ILE O 67 -22.49 -27.55 -10.17
CA ILE O 67 -23.78 -26.81 -10.03
C ILE O 67 -24.70 -27.55 -9.06
N LEU O 68 -24.70 -28.89 -9.07
CA LEU O 68 -25.66 -29.71 -8.26
C LEU O 68 -25.38 -29.56 -6.77
N PRO O 69 -24.16 -29.86 -6.27
CA PRO O 69 -23.82 -29.57 -4.88
C PRO O 69 -24.26 -28.15 -4.49
N ALA O 70 -23.94 -27.16 -5.33
CA ALA O 70 -24.19 -25.73 -5.08
C ALA O 70 -25.69 -25.50 -4.81
N ILE O 71 -26.58 -26.05 -5.66
CA ILE O 71 -28.05 -26.04 -5.43
C ILE O 71 -28.33 -26.72 -4.07
N ILE O 72 -27.76 -27.91 -3.86
CA ILE O 72 -28.00 -28.79 -2.66
C ILE O 72 -27.56 -28.08 -1.38
N LEU O 73 -26.47 -27.31 -1.43
CA LEU O 73 -25.98 -26.54 -0.26
C LEU O 73 -26.89 -25.35 0.03
N ILE O 74 -27.60 -24.81 -0.97
CA ILE O 74 -28.57 -23.69 -0.75
C ILE O 74 -29.79 -24.22 0.00
N LEU O 75 -30.21 -25.47 -0.28
CA LEU O 75 -31.36 -26.18 0.34
C LEU O 75 -31.06 -26.55 1.80
N ILE O 76 -29.77 -26.60 2.17
CA ILE O 76 -29.30 -26.85 3.56
C ILE O 76 -29.20 -25.49 4.27
N ALA O 77 -28.66 -24.47 3.60
CA ALA O 77 -28.36 -23.16 4.22
C ALA O 77 -29.65 -22.39 4.52
N LEU O 78 -30.57 -22.30 3.55
CA LEU O 78 -31.82 -21.47 3.64
C LEU O 78 -32.51 -21.64 4.99
N PRO O 79 -32.87 -22.88 5.38
CA PRO O 79 -33.56 -23.10 6.65
C PRO O 79 -32.62 -22.88 7.84
N SER O 80 -31.36 -23.34 7.72
CA SER O 80 -30.33 -23.31 8.78
C SER O 80 -30.20 -21.88 9.30
N LEU O 81 -30.30 -20.90 8.41
CA LEU O 81 -30.13 -19.46 8.74
C LEU O 81 -31.47 -18.89 9.19
N ARG O 82 -32.60 -19.37 8.67
CA ARG O 82 -33.94 -18.94 9.19
C ARG O 82 -33.96 -19.16 10.71
N ILE O 83 -33.48 -20.33 11.15
CA ILE O 83 -33.51 -20.79 12.56
C ILE O 83 -32.46 -20.03 13.36
N LEU O 84 -31.26 -19.82 12.80
CA LEU O 84 -30.15 -19.10 13.48
C LEU O 84 -30.63 -17.73 13.93
N TYR O 85 -31.22 -16.96 13.02
CA TYR O 85 -31.74 -15.58 13.24
C TYR O 85 -32.94 -15.66 14.18
N MET O 86 -33.71 -16.72 14.07
CA MET O 86 -34.84 -17.02 14.98
C MET O 86 -34.32 -17.28 16.40
N MET O 87 -33.18 -17.97 16.56
CA MET O 87 -32.59 -18.26 17.90
C MET O 87 -32.09 -16.95 18.55
N ASP O 88 -32.17 -15.82 17.82
CA ASP O 88 -31.81 -14.46 18.29
C ASP O 88 -33.10 -13.69 18.60
N GLU O 89 -33.83 -13.30 17.52
CA GLU O 89 -34.99 -12.35 17.43
C GLU O 89 -35.28 -11.58 18.73
N ILE O 90 -35.89 -10.38 18.60
CA ILE O 90 -36.55 -9.63 19.71
C ILE O 90 -37.42 -10.62 20.47
N ASN O 91 -37.37 -10.60 21.80
CA ASN O 91 -38.04 -11.59 22.67
C ASN O 91 -39.01 -10.86 23.62
N ASN O 92 -38.50 -9.85 24.33
CA ASN O 92 -39.15 -9.23 25.53
C ASN O 92 -39.54 -10.36 26.48
N PRO O 93 -38.58 -10.77 27.34
CA PRO O 93 -38.81 -11.82 28.32
C PRO O 93 -39.49 -11.31 29.59
N SER O 94 -39.95 -12.24 30.42
CA SER O 94 -40.73 -12.01 31.67
C SER O 94 -39.83 -12.14 32.90
N LEU O 95 -38.66 -12.77 32.75
CA LEU O 95 -37.71 -13.09 33.85
C LEU O 95 -36.27 -13.09 33.31
N THR O 96 -35.30 -12.67 34.13
CA THR O 96 -33.84 -12.71 33.83
C THR O 96 -33.09 -13.43 34.96
N VAL O 97 -32.66 -14.66 34.69
CA VAL O 97 -31.80 -15.48 35.59
C VAL O 97 -30.38 -15.53 35.02
N LYS O 98 -29.39 -15.26 35.87
CA LYS O 98 -27.94 -15.40 35.55
C LYS O 98 -27.50 -16.75 36.11
N THR O 99 -26.49 -17.36 35.49
CA THR O 99 -25.71 -18.49 36.05
C THR O 99 -24.23 -18.20 35.84
N MET O 100 -23.41 -18.56 36.82
CA MET O 100 -21.96 -18.31 36.84
C MET O 100 -21.28 -19.67 36.98
N GLY O 101 -20.61 -20.15 35.94
CA GLY O 101 -19.78 -21.35 36.05
C GLY O 101 -18.71 -21.15 37.10
N HIS O 102 -18.47 -22.15 37.95
CA HIS O 102 -17.25 -22.29 38.80
C HIS O 102 -16.71 -23.70 38.63
N GLN O 103 -15.40 -23.90 38.85
CA GLN O 103 -14.78 -25.23 39.10
C GLN O 103 -15.14 -25.64 40.53
N TRP O 104 -16.14 -26.50 40.75
CA TRP O 104 -16.86 -27.25 39.73
C TRP O 104 -18.32 -27.35 40.15
N TYR O 105 -19.06 -26.28 39.96
CA TYR O 105 -20.52 -26.22 40.21
C TYR O 105 -21.10 -25.02 39.47
N TRP O 106 -22.42 -24.93 39.44
CA TRP O 106 -23.14 -23.75 38.88
C TRP O 106 -23.74 -22.97 40.06
N SER O 107 -23.67 -21.64 40.01
CA SER O 107 -24.40 -20.73 40.92
C SER O 107 -25.40 -19.90 40.09
N TYR O 108 -26.68 -19.96 40.45
CA TYR O 108 -27.78 -19.29 39.74
C TYR O 108 -28.17 -18.06 40.58
N GLU O 109 -28.64 -17.00 39.91
CA GLU O 109 -28.95 -15.69 40.56
C GLU O 109 -30.27 -15.16 39.96
N TYR O 110 -31.29 -14.93 40.79
CA TYR O 110 -32.60 -14.36 40.38
C TYR O 110 -32.73 -12.95 40.99
N THR O 111 -32.24 -11.90 40.32
CA THR O 111 -32.05 -10.57 40.95
C THR O 111 -32.93 -9.50 40.29
N ASP O 112 -33.95 -9.88 39.52
CA ASP O 112 -34.99 -8.95 39.00
C ASP O 112 -35.65 -8.17 40.16
N TYR O 113 -36.19 -8.87 41.18
CA TYR O 113 -36.84 -8.28 42.39
C TYR O 113 -35.84 -8.27 43.56
N GLU O 114 -35.88 -9.29 44.43
CA GLU O 114 -34.92 -9.46 45.55
C GLU O 114 -33.61 -10.02 44.99
N ASP O 115 -32.58 -10.16 45.84
CA ASP O 115 -31.25 -10.70 45.46
C ASP O 115 -31.11 -12.13 45.99
N LEU O 116 -31.96 -13.06 45.53
CA LEU O 116 -31.86 -14.51 45.88
C LEU O 116 -30.86 -15.16 44.91
N SER O 117 -29.99 -16.04 45.42
CA SER O 117 -28.98 -16.79 44.62
C SER O 117 -28.44 -17.97 45.42
N PHE O 118 -28.06 -19.06 44.76
CA PHE O 118 -27.67 -20.36 45.38
C PHE O 118 -26.70 -21.13 44.50
N ASP O 119 -26.03 -22.11 45.10
CA ASP O 119 -25.12 -23.05 44.41
C ASP O 119 -25.91 -24.31 44.02
N SER O 120 -25.31 -25.16 43.17
CA SER O 120 -25.94 -26.33 42.51
C SER O 120 -24.88 -27.39 42.15
N TYR O 121 -24.66 -28.32 43.07
CA TYR O 121 -23.64 -29.41 42.99
C TYR O 121 -24.27 -30.74 42.54
N MET O 122 -23.45 -31.55 41.87
CA MET O 122 -23.79 -32.94 41.47
C MET O 122 -23.93 -33.76 42.75
N ILE O 123 -25.12 -34.34 42.97
CA ILE O 123 -25.33 -35.38 44.02
C ILE O 123 -24.31 -36.48 43.76
N PRO O 124 -23.35 -36.74 44.69
CA PRO O 124 -22.35 -37.79 44.50
C PRO O 124 -23.03 -39.16 44.39
N THR O 125 -22.36 -40.14 43.77
CA THR O 125 -22.90 -41.48 43.42
C THR O 125 -23.50 -42.13 44.68
N SER O 126 -22.73 -42.13 45.79
CA SER O 126 -23.07 -42.79 47.07
C SER O 126 -24.38 -42.21 47.65
N GLU O 127 -24.54 -40.89 47.66
CA GLU O 127 -25.70 -40.23 48.33
C GLU O 127 -26.94 -40.22 47.42
N LEU O 128 -26.97 -40.99 46.34
CA LEU O 128 -28.13 -41.00 45.41
C LEU O 128 -29.29 -41.74 46.06
N LYS O 129 -30.46 -41.09 46.17
CA LYS O 129 -31.72 -41.69 46.69
C LYS O 129 -32.28 -42.67 45.65
N PRO O 130 -33.41 -43.37 45.90
CA PRO O 130 -33.93 -44.36 44.94
C PRO O 130 -34.28 -43.77 43.56
N GLY O 131 -33.70 -44.36 42.50
CA GLY O 131 -33.96 -44.02 41.08
C GLY O 131 -33.44 -42.65 40.70
N GLU O 132 -32.54 -42.11 41.52
CA GLU O 132 -31.80 -40.85 41.27
C GLU O 132 -30.67 -41.19 40.30
N LEU O 133 -30.48 -40.36 39.27
CA LEU O 133 -29.62 -40.61 38.08
C LEU O 133 -28.16 -40.30 38.42
N ARG O 134 -27.27 -41.25 38.16
CA ARG O 134 -25.82 -41.07 38.39
C ARG O 134 -25.29 -39.98 37.44
N LEU O 135 -24.62 -38.98 38.03
CA LEU O 135 -23.80 -37.91 37.39
C LEU O 135 -24.68 -36.77 36.87
N LEU O 136 -26.00 -36.86 37.02
CA LEU O 136 -26.96 -35.90 36.40
C LEU O 136 -27.76 -35.14 37.47
N GLU O 137 -27.68 -35.57 38.74
CA GLU O 137 -28.54 -35.06 39.84
C GLU O 137 -27.78 -33.98 40.62
N VAL O 138 -28.47 -32.87 40.91
CA VAL O 138 -27.91 -31.69 41.65
C VAL O 138 -28.60 -31.60 43.02
N ASP O 139 -27.96 -30.93 43.98
CA ASP O 139 -28.61 -30.59 45.28
C ASP O 139 -29.74 -29.60 44.99
N ASN O 140 -29.42 -28.35 44.66
CA ASN O 140 -30.42 -27.29 44.35
C ASN O 140 -30.66 -27.23 42.84
N ARG O 141 -31.92 -27.41 42.41
CA ARG O 141 -32.33 -27.36 40.99
C ARG O 141 -32.72 -25.93 40.60
N VAL O 142 -32.83 -25.69 39.30
CA VAL O 142 -33.07 -24.34 38.72
C VAL O 142 -34.56 -24.26 38.41
N VAL O 143 -35.34 -23.69 39.32
CA VAL O 143 -36.82 -23.60 39.18
C VAL O 143 -37.14 -22.39 38.31
N LEU O 144 -37.79 -22.63 37.16
CA LEU O 144 -38.10 -21.59 36.14
C LEU O 144 -39.54 -21.78 35.69
N PRO O 145 -40.32 -20.69 35.51
CA PRO O 145 -41.72 -20.83 35.11
C PRO O 145 -41.85 -21.29 33.65
N MET O 146 -42.54 -22.40 33.43
CA MET O 146 -42.89 -22.91 32.09
C MET O 146 -43.73 -21.85 31.32
N GLU O 147 -43.70 -21.92 29.99
CA GLU O 147 -44.57 -21.16 29.03
C GLU O 147 -44.26 -19.67 29.08
N MET O 148 -43.10 -19.30 29.63
CA MET O 148 -42.64 -17.89 29.75
C MET O 148 -41.24 -17.80 29.12
N THR O 149 -41.05 -16.83 28.23
CA THR O 149 -39.73 -16.47 27.63
C THR O 149 -38.80 -16.02 28.76
N ILE O 150 -37.74 -16.79 29.01
CA ILE O 150 -36.73 -16.52 30.07
C ILE O 150 -35.42 -16.12 29.38
N ARG O 151 -34.82 -15.01 29.83
CA ARG O 151 -33.42 -14.61 29.49
C ARG O 151 -32.45 -15.23 30.50
N MET O 152 -31.58 -16.12 30.04
CA MET O 152 -30.43 -16.64 30.82
C MET O 152 -29.20 -15.83 30.43
N LEU O 153 -28.42 -15.37 31.42
CA LEU O 153 -27.09 -14.75 31.21
C LEU O 153 -26.03 -15.68 31.80
N VAL O 154 -25.21 -16.26 30.94
CA VAL O 154 -24.05 -17.12 31.34
C VAL O 154 -22.84 -16.23 31.54
N SER O 155 -22.07 -16.52 32.60
CA SER O 155 -20.66 -16.10 32.75
C SER O 155 -19.97 -17.16 33.60
N SER O 156 -18.68 -17.00 33.85
CA SER O 156 -17.87 -17.82 34.79
C SER O 156 -17.07 -16.84 35.65
N GLU O 157 -16.61 -17.30 36.82
CA GLU O 157 -15.78 -16.49 37.73
C GLU O 157 -14.34 -17.00 37.69
N ASP O 158 -14.13 -18.24 37.23
CA ASP O 158 -12.79 -18.85 37.03
C ASP O 158 -12.61 -19.12 35.53
N VAL O 159 -12.53 -20.39 35.13
CA VAL O 159 -12.17 -20.85 33.75
C VAL O 159 -13.41 -20.82 32.87
N LEU O 160 -13.25 -21.19 31.59
CA LEU O 160 -14.37 -21.44 30.65
C LEU O 160 -15.12 -22.67 31.13
N HIS O 161 -16.43 -22.53 31.25
CA HIS O 161 -17.43 -23.64 31.22
C HIS O 161 -18.32 -23.38 30.01
N SER O 162 -19.33 -24.22 29.78
CA SER O 162 -20.45 -23.98 28.85
C SER O 162 -21.73 -24.54 29.47
N TRP O 163 -22.73 -23.68 29.66
CA TRP O 163 -24.05 -24.05 30.23
C TRP O 163 -24.93 -24.63 29.13
N ALA O 164 -24.98 -25.97 29.03
CA ALA O 164 -25.73 -26.72 27.98
C ALA O 164 -26.95 -27.42 28.61
N VAL O 165 -28.07 -27.44 27.87
CA VAL O 165 -29.34 -28.16 28.20
C VAL O 165 -29.91 -28.72 26.90
N PRO O 166 -29.39 -29.89 26.43
CA PRO O 166 -29.72 -30.43 25.11
C PRO O 166 -31.21 -30.58 24.74
N SER O 167 -32.09 -30.59 25.74
CA SER O 167 -33.55 -30.84 25.57
C SER O 167 -34.22 -29.57 25.05
N LEU O 168 -33.74 -28.39 25.45
CA LEU O 168 -34.33 -27.07 25.11
C LEU O 168 -33.51 -26.43 23.98
N GLY O 169 -32.51 -27.15 23.47
CA GLY O 169 -31.66 -26.69 22.35
C GLY O 169 -30.75 -25.56 22.78
N LEU O 170 -30.21 -25.65 24.00
CA LEU O 170 -29.39 -24.60 24.61
C LEU O 170 -27.94 -25.07 24.70
N LYS O 171 -27.00 -24.13 24.50
CA LYS O 171 -25.55 -24.26 24.81
C LYS O 171 -24.90 -22.90 24.57
N THR O 172 -24.31 -22.36 25.63
CA THR O 172 -23.75 -21.01 25.68
C THR O 172 -22.50 -21.05 26.55
N ASP O 173 -21.31 -21.11 25.93
CA ASP O 173 -20.01 -21.04 26.63
C ASP O 173 -20.14 -19.98 27.73
N ALA O 174 -19.67 -20.31 28.93
CA ALA O 174 -19.56 -19.43 30.12
C ALA O 174 -18.13 -18.85 30.17
N ILE O 175 -17.99 -17.55 29.86
CA ILE O 175 -16.66 -16.87 29.73
C ILE O 175 -16.54 -15.81 30.82
N PRO O 176 -15.43 -15.78 31.57
CA PRO O 176 -15.26 -14.81 32.65
C PRO O 176 -15.12 -13.39 32.10
N GLY O 177 -15.75 -12.42 32.77
CA GLY O 177 -15.77 -11.01 32.35
C GLY O 177 -16.73 -10.78 31.20
N ARG O 178 -17.34 -11.85 30.66
CA ARG O 178 -18.22 -11.80 29.46
C ARG O 178 -19.57 -12.41 29.81
N LEU O 179 -20.63 -11.78 29.35
CA LEU O 179 -22.01 -12.01 29.81
C LEU O 179 -22.85 -12.44 28.60
N ASN O 180 -22.74 -13.71 28.20
CA ASN O 180 -23.42 -14.28 27.01
C ASN O 180 -24.89 -14.52 27.33
N GLN O 181 -25.76 -14.31 26.37
CA GLN O 181 -27.24 -14.34 26.54
C GLN O 181 -27.85 -15.35 25.57
N THR O 182 -28.71 -16.22 26.09
CA THR O 182 -29.57 -17.16 25.32
C THR O 182 -30.99 -16.96 25.85
N THR O 183 -32.00 -17.51 25.19
CA THR O 183 -33.42 -17.36 25.63
C THR O 183 -34.03 -18.76 25.71
N LEU O 184 -34.90 -18.97 26.70
CA LEU O 184 -35.24 -20.30 27.29
C LEU O 184 -36.75 -20.37 27.50
N MET O 185 -37.48 -20.92 26.53
CA MET O 185 -38.95 -21.09 26.62
C MET O 185 -39.26 -22.58 26.58
N SER O 186 -39.73 -23.15 27.70
CA SER O 186 -40.08 -24.58 27.83
C SER O 186 -41.57 -24.78 27.58
N SER O 187 -41.96 -25.75 26.74
CA SER O 187 -43.37 -26.06 26.42
C SER O 187 -44.01 -26.80 27.60
N ARG O 188 -43.20 -27.60 28.30
CA ARG O 188 -43.64 -28.65 29.24
C ARG O 188 -42.93 -28.55 30.58
N PRO O 189 -43.59 -28.88 31.70
CA PRO O 189 -42.95 -28.88 33.02
C PRO O 189 -41.99 -30.06 33.23
N GLY O 190 -41.49 -30.21 34.45
CA GLY O 190 -40.67 -31.38 34.83
C GLY O 190 -39.19 -31.06 34.91
N LEU O 191 -38.38 -32.10 35.00
CA LEU O 191 -36.91 -32.02 35.19
C LEU O 191 -36.26 -32.23 33.83
N TYR O 192 -35.35 -31.33 33.46
CA TYR O 192 -34.51 -31.46 32.23
C TYR O 192 -33.05 -31.25 32.61
N TYR O 193 -32.18 -32.09 32.07
CA TYR O 193 -30.77 -32.31 32.51
C TYR O 193 -29.83 -31.93 31.37
N GLY O 194 -28.89 -31.04 31.69
CA GLY O 194 -27.71 -30.71 30.88
C GLY O 194 -26.45 -31.01 31.65
N GLN O 195 -25.28 -30.96 30.99
CA GLN O 195 -23.94 -31.12 31.60
C GLN O 195 -22.97 -30.10 30.98
N CYS O 196 -21.98 -29.67 31.76
CA CYS O 196 -20.98 -28.64 31.36
C CYS O 196 -20.24 -29.08 30.09
N SER O 197 -20.26 -28.23 29.05
CA SER O 197 -19.84 -28.54 27.66
C SER O 197 -18.61 -27.70 27.26
N GLU O 198 -17.70 -27.49 28.21
CA GLU O 198 -16.32 -26.99 27.96
C GLU O 198 -15.45 -27.55 29.09
N ILE O 199 -14.23 -27.90 28.70
CA ILE O 199 -13.23 -28.59 29.57
C ILE O 199 -12.67 -27.56 30.57
N CYS O 200 -12.76 -27.88 31.85
CA CYS O 200 -12.53 -26.95 32.98
C CYS O 200 -11.70 -27.66 34.04
N GLY O 201 -10.75 -28.51 33.62
CA GLY O 201 -9.96 -29.37 34.53
C GLY O 201 -10.70 -30.66 34.86
N SER O 202 -10.37 -31.28 36.01
CA SER O 202 -10.61 -32.72 36.33
C SER O 202 -12.10 -33.03 36.50
N ASN O 203 -12.81 -32.29 37.35
CA ASN O 203 -14.24 -32.55 37.64
C ASN O 203 -15.12 -31.87 36.59
N HIS O 204 -14.61 -31.73 35.36
CA HIS O 204 -15.34 -31.23 34.16
C HIS O 204 -16.57 -32.12 33.96
N SER O 205 -16.32 -33.42 34.07
CA SER O 205 -17.28 -34.52 33.83
C SER O 205 -18.44 -34.51 34.87
N PHE O 206 -18.37 -33.70 35.94
CA PHE O 206 -19.24 -33.81 37.15
C PHE O 206 -19.79 -32.45 37.62
N MET O 207 -20.16 -31.54 36.71
CA MET O 207 -20.92 -30.32 37.10
C MET O 207 -22.14 -30.20 36.19
N PRO O 208 -23.21 -30.96 36.48
CA PRO O 208 -24.40 -30.97 35.63
C PRO O 208 -25.33 -29.80 35.97
N ILE O 209 -26.39 -29.70 35.18
CA ILE O 209 -27.43 -28.64 35.23
C ILE O 209 -28.76 -29.38 35.28
N VAL O 210 -29.65 -28.99 36.19
CA VAL O 210 -31.06 -29.52 36.23
C VAL O 210 -32.02 -28.34 36.24
N LEU O 211 -32.85 -28.23 35.21
CA LEU O 211 -34.00 -27.29 35.17
C LEU O 211 -35.23 -27.98 35.73
N GLU O 212 -36.04 -27.23 36.49
CA GLU O 212 -37.34 -27.70 37.02
C GLU O 212 -38.40 -26.70 36.55
N LEU O 213 -39.11 -27.06 35.49
CA LEU O 213 -40.10 -26.18 34.85
C LEU O 213 -41.44 -26.50 35.51
N VAL O 214 -42.05 -25.49 36.13
CA VAL O 214 -43.27 -25.58 36.98
C VAL O 214 -44.08 -24.32 36.71
N PRO O 215 -45.40 -24.29 37.00
CA PRO O 215 -46.23 -23.14 36.66
C PRO O 215 -45.73 -21.87 37.37
N LEU O 216 -46.00 -20.70 36.78
CA LEU O 216 -45.64 -19.37 37.35
C LEU O 216 -46.00 -19.35 38.84
N LYS O 217 -47.25 -19.69 39.19
CA LYS O 217 -47.82 -19.62 40.56
C LYS O 217 -46.87 -20.29 41.57
N TYR O 218 -46.36 -21.48 41.24
CA TYR O 218 -45.54 -22.34 42.13
C TYR O 218 -44.10 -21.80 42.17
N PHE O 219 -43.60 -21.32 41.03
CA PHE O 219 -42.29 -20.63 40.92
C PHE O 219 -42.26 -19.49 41.95
N GLU O 220 -43.28 -18.61 41.89
CA GLU O 220 -43.43 -17.40 42.75
C GLU O 220 -43.28 -17.82 44.21
N LYS O 221 -43.97 -18.87 44.63
CA LYS O 221 -43.94 -19.34 46.03
C LYS O 221 -42.51 -19.78 46.35
N TRP O 222 -41.88 -20.53 45.44
CA TRP O 222 -40.50 -21.04 45.61
C TRP O 222 -39.52 -19.89 45.86
N SER O 223 -39.71 -18.75 45.18
CA SER O 223 -38.89 -17.53 45.32
C SER O 223 -38.96 -17.07 46.78
N ALA O 224 -40.16 -16.79 47.28
CA ALA O 224 -40.45 -16.39 48.68
C ALA O 224 -39.77 -17.37 49.65
N SER O 225 -40.11 -18.65 49.59
CA SER O 225 -39.63 -19.75 50.48
C SER O 225 -38.11 -19.88 50.44
N MET O 226 -37.44 -19.30 49.44
CA MET O 226 -35.97 -19.32 49.28
C MET O 226 -35.34 -18.01 49.80
N LEU O 227 -36.01 -17.28 50.70
CA LEU O 227 -35.44 -16.06 51.37
C LEU O 227 -34.48 -16.49 52.49
N HIS P 3 30.00 -37.34 -10.91
CA HIS P 3 30.19 -36.02 -11.60
C HIS P 3 28.84 -35.57 -12.20
N GLN P 4 28.29 -34.45 -11.69
CA GLN P 4 26.92 -33.93 -11.97
C GLN P 4 26.93 -33.03 -13.22
N THR P 5 25.90 -33.14 -14.07
CA THR P 5 25.66 -32.27 -15.24
C THR P 5 24.36 -31.46 -15.03
N HIS P 6 24.09 -31.08 -13.78
CA HIS P 6 23.03 -30.10 -13.41
C HIS P 6 23.74 -28.92 -12.74
N ALA P 7 23.00 -27.84 -12.44
CA ALA P 7 23.53 -26.55 -11.94
C ALA P 7 23.39 -26.43 -10.42
N TYR P 8 22.68 -27.34 -9.76
CA TYR P 8 22.32 -27.26 -8.31
C TYR P 8 23.48 -27.74 -7.42
N HIS P 9 23.27 -27.66 -6.10
CA HIS P 9 24.33 -27.79 -5.07
C HIS P 9 24.02 -28.94 -4.11
N MET P 10 24.63 -30.10 -4.36
CA MET P 10 24.68 -31.26 -3.41
C MET P 10 25.59 -30.86 -2.25
N VAL P 11 25.06 -30.84 -1.02
CA VAL P 11 25.71 -30.22 0.17
C VAL P 11 26.47 -31.29 0.97
N ASN P 12 27.73 -30.97 1.34
CA ASN P 12 28.59 -31.82 2.22
C ASN P 12 27.84 -32.05 3.52
N PRO P 13 27.78 -33.29 4.05
CA PRO P 13 27.06 -33.51 5.29
C PRO P 13 27.54 -32.51 6.35
N SER P 14 26.62 -31.88 7.09
CA SER P 14 26.93 -30.93 8.19
C SER P 14 26.34 -31.44 9.48
N PRO P 15 27.05 -31.22 10.62
CA PRO P 15 26.52 -31.49 11.95
C PRO P 15 25.64 -30.34 12.46
N TRP P 16 25.68 -29.20 11.77
CA TRP P 16 25.06 -27.94 12.23
C TRP P 16 23.56 -28.14 12.42
N PRO P 17 22.86 -28.80 11.46
CA PRO P 17 21.44 -29.15 11.64
C PRO P 17 21.14 -29.85 12.97
N LEU P 18 21.98 -30.84 13.36
CA LEU P 18 21.84 -31.61 14.63
C LEU P 18 22.05 -30.69 15.84
N THR P 19 23.14 -29.90 15.83
CA THR P 19 23.52 -28.94 16.90
C THR P 19 22.49 -27.80 16.99
N GLY P 20 22.04 -27.29 15.84
CA GLY P 20 20.95 -26.30 15.75
C GLY P 20 19.65 -26.85 16.31
N ALA P 21 19.38 -28.14 16.11
CA ALA P 21 18.20 -28.82 16.69
C ALA P 21 18.39 -28.87 18.20
N LEU P 22 19.59 -29.25 18.64
CA LEU P 22 19.90 -29.58 20.06
C LEU P 22 19.92 -28.30 20.87
N SER P 23 20.55 -27.25 20.34
CA SER P 23 20.56 -25.88 20.96
C SER P 23 19.12 -25.39 21.17
N ALA P 24 18.19 -25.71 20.26
CA ALA P 24 16.77 -25.34 20.38
C ALA P 24 16.16 -26.04 21.60
N LEU P 25 16.47 -27.31 21.80
CA LEU P 25 16.07 -28.05 23.04
C LEU P 25 16.62 -27.30 24.26
N LEU P 26 17.94 -27.05 24.29
CA LEU P 26 18.61 -26.39 25.43
C LEU P 26 17.85 -25.10 25.74
N MET P 27 17.71 -24.20 24.77
CA MET P 27 17.09 -22.86 24.92
C MET P 27 15.68 -23.02 25.50
N THR P 28 14.91 -23.96 24.98
CA THR P 28 13.49 -24.15 25.39
C THR P 28 13.45 -24.69 26.82
N SER P 29 14.19 -25.79 27.09
CA SER P 29 14.44 -26.33 28.46
C SER P 29 14.87 -25.16 29.37
N GLY P 30 15.90 -24.43 28.94
CA GLY P 30 16.49 -23.29 29.68
C GLY P 30 15.43 -22.29 30.12
N LEU P 31 14.56 -21.90 29.18
CA LEU P 31 13.45 -20.91 29.40
C LEU P 31 12.43 -21.47 30.40
N THR P 32 12.24 -22.80 30.40
CA THR P 32 11.25 -23.55 31.23
C THR P 32 11.75 -23.66 32.68
N MET P 33 13.03 -24.00 32.83
CA MET P 33 13.79 -24.03 34.12
C MET P 33 13.75 -22.62 34.71
N TRP P 34 14.24 -21.62 33.96
CA TRP P 34 14.33 -20.20 34.37
C TRP P 34 12.99 -19.65 34.85
N PHE P 35 11.87 -20.03 34.22
CA PHE P 35 10.52 -19.56 34.60
C PHE P 35 10.04 -20.23 35.90
N HIS P 36 10.31 -21.53 36.10
CA HIS P 36 9.59 -22.40 37.07
C HIS P 36 10.46 -22.83 38.25
N PHE P 37 11.74 -23.14 38.03
CA PHE P 37 12.71 -23.63 39.04
C PHE P 37 13.90 -22.66 39.05
N ASN P 38 13.66 -21.42 39.51
CA ASN P 38 14.53 -20.22 39.30
C ASN P 38 15.99 -20.63 39.07
N SER P 39 16.53 -20.39 37.87
CA SER P 39 17.87 -20.86 37.41
C SER P 39 18.09 -20.54 35.93
N MET P 40 19.33 -20.24 35.52
CA MET P 40 19.65 -19.82 34.13
C MET P 40 20.72 -20.71 33.50
N THR P 41 21.20 -21.75 34.19
CA THR P 41 22.33 -22.61 33.71
C THR P 41 22.06 -23.05 32.26
N LEU P 42 20.98 -23.81 32.05
CA LEU P 42 20.66 -24.43 30.74
C LEU P 42 20.59 -23.34 29.67
N LEU P 43 19.75 -22.34 29.91
CA LEU P 43 19.49 -21.22 28.96
C LEU P 43 20.81 -20.71 28.36
N MET P 44 21.83 -20.47 29.20
CA MET P 44 23.19 -20.03 28.77
C MET P 44 23.66 -20.97 27.66
N ILE P 45 23.76 -22.25 28.01
CA ILE P 45 24.41 -23.29 27.17
C ILE P 45 23.73 -23.28 25.80
N GLY P 46 22.41 -23.08 25.78
CA GLY P 46 21.61 -23.00 24.54
C GLY P 46 22.09 -21.85 23.67
N LEU P 47 21.78 -20.63 24.09
CA LEU P 47 22.26 -19.37 23.46
C LEU P 47 23.69 -19.58 22.95
N THR P 48 24.54 -20.26 23.72
CA THR P 48 25.96 -20.50 23.38
C THR P 48 26.06 -21.41 22.15
N THR P 49 25.44 -22.60 22.24
CA THR P 49 25.41 -23.64 21.19
C THR P 49 24.64 -23.11 19.97
N ASN P 50 23.55 -22.39 20.24
CA ASN P 50 22.80 -21.68 19.18
C ASN P 50 23.78 -20.77 18.42
N MET P 51 24.37 -19.79 19.11
CA MET P 51 25.28 -18.76 18.52
C MET P 51 26.39 -19.46 17.72
N LEU P 52 26.99 -20.50 18.30
CA LEU P 52 28.09 -21.30 17.72
C LEU P 52 27.62 -21.96 16.42
N THR P 53 26.40 -22.54 16.43
CA THR P 53 25.78 -23.23 15.28
C THR P 53 25.63 -22.24 14.12
N MET P 54 25.06 -21.06 14.40
CA MET P 54 24.76 -20.03 13.37
C MET P 54 26.06 -19.52 12.73
N TYR P 55 27.09 -19.23 13.54
CA TYR P 55 28.39 -18.71 13.02
C TYR P 55 28.91 -19.71 11.97
N GLN P 56 28.86 -21.01 12.32
CA GLN P 56 29.57 -22.08 11.60
C GLN P 56 28.78 -22.44 10.33
N TRP P 57 27.45 -22.55 10.45
CA TRP P 57 26.51 -22.82 9.32
C TRP P 57 26.76 -21.79 8.21
N TRP P 58 26.60 -20.50 8.54
CA TRP P 58 26.74 -19.36 7.60
C TRP P 58 28.21 -19.17 7.18
N ARG P 59 29.17 -19.60 8.02
CA ARG P 59 30.58 -19.74 7.59
C ARG P 59 30.60 -20.61 6.32
N ASP P 60 30.07 -21.84 6.44
CA ASP P 60 30.05 -22.88 5.38
C ASP P 60 29.26 -22.37 4.17
N VAL P 61 28.21 -21.58 4.38
CA VAL P 61 27.41 -20.98 3.28
C VAL P 61 28.30 -19.96 2.53
N ILE P 62 29.09 -19.15 3.24
CA ILE P 62 30.03 -18.18 2.60
C ILE P 62 31.15 -18.97 1.88
N ARG P 63 31.58 -20.09 2.46
CA ARG P 63 32.68 -20.93 1.91
C ARG P 63 32.20 -21.55 0.59
N GLU P 64 30.99 -22.10 0.62
CA GLU P 64 30.31 -22.76 -0.53
C GLU P 64 30.17 -21.76 -1.69
N SER P 65 29.82 -20.52 -1.38
CA SER P 65 29.40 -19.50 -2.37
C SER P 65 30.63 -18.80 -2.96
N THR P 66 31.47 -18.20 -2.10
CA THR P 66 32.50 -17.21 -2.49
C THR P 66 33.79 -17.90 -2.90
N PHE P 67 34.16 -18.94 -2.16
CA PHE P 67 35.46 -19.65 -2.31
C PHE P 67 35.29 -20.86 -3.22
N GLN P 68 34.16 -21.57 -3.15
CA GLN P 68 33.95 -22.85 -3.88
C GLN P 68 33.17 -22.64 -5.19
N GLY P 69 32.33 -21.59 -5.30
CA GLY P 69 31.57 -21.22 -6.52
C GLY P 69 30.41 -22.18 -6.83
N HIS P 70 29.67 -22.59 -5.79
CA HIS P 70 28.53 -23.55 -5.86
C HIS P 70 27.23 -22.80 -6.12
N HIS P 71 27.16 -21.54 -5.70
CA HIS P 71 26.08 -20.58 -6.05
C HIS P 71 26.19 -20.25 -7.54
N THR P 72 25.52 -21.07 -8.37
CA THR P 72 25.24 -20.81 -9.80
C THR P 72 24.12 -19.77 -9.87
N PRO P 73 23.56 -19.46 -11.06
CA PRO P 73 22.36 -18.63 -11.12
C PRO P 73 21.15 -19.41 -10.57
N ALA P 74 21.11 -20.72 -10.81
CA ALA P 74 19.98 -21.59 -10.42
C ALA P 74 19.93 -21.71 -8.90
N VAL P 75 21.08 -21.72 -8.24
CA VAL P 75 21.14 -21.88 -6.76
C VAL P 75 20.73 -20.56 -6.11
N GLN P 76 21.18 -19.47 -6.72
CA GLN P 76 20.97 -18.09 -6.26
C GLN P 76 19.46 -17.80 -6.33
N LYS P 77 18.85 -18.13 -7.47
CA LYS P 77 17.38 -18.02 -7.72
C LYS P 77 16.63 -18.70 -6.57
N GLY P 78 17.03 -19.93 -6.22
CA GLY P 78 16.38 -20.74 -5.19
C GLY P 78 16.51 -20.12 -3.81
N LEU P 79 17.63 -19.47 -3.55
CA LEU P 79 17.82 -18.66 -2.31
C LEU P 79 16.81 -17.51 -2.26
N ARG P 80 16.67 -16.76 -3.35
CA ARG P 80 15.82 -15.53 -3.42
C ARG P 80 14.37 -15.86 -3.05
N TYR P 81 13.84 -16.96 -3.58
CA TYR P 81 12.52 -17.51 -3.21
C TYR P 81 12.52 -17.81 -1.71
N GLY P 82 13.46 -18.62 -1.24
CA GLY P 82 13.55 -18.99 0.18
C GLY P 82 13.42 -17.78 1.10
N MET P 83 14.24 -16.74 0.86
CA MET P 83 14.35 -15.56 1.74
C MET P 83 13.00 -14.82 1.79
N ILE P 84 12.32 -14.67 0.65
CA ILE P 84 10.99 -13.97 0.56
C ILE P 84 9.93 -14.81 1.28
N LEU P 85 9.96 -16.14 1.14
CA LEU P 85 8.99 -17.02 1.85
C LEU P 85 9.23 -16.86 3.34
N PHE P 86 10.49 -16.67 3.74
CA PHE P 86 10.86 -16.41 5.15
C PHE P 86 10.19 -15.12 5.60
N ILE P 87 10.47 -14.02 4.91
CA ILE P 87 9.95 -12.66 5.25
C ILE P 87 8.41 -12.74 5.36
N ILE P 88 7.74 -13.50 4.47
CA ILE P 88 6.26 -13.68 4.47
C ILE P 88 5.84 -14.30 5.81
N SER P 89 6.48 -15.40 6.22
CA SER P 89 6.11 -16.13 7.45
C SER P 89 6.30 -15.20 8.65
N GLU P 90 7.31 -14.30 8.56
CA GLU P 90 7.63 -13.25 9.56
C GLU P 90 6.47 -12.25 9.62
N VAL P 91 5.99 -11.77 8.47
CA VAL P 91 4.85 -10.81 8.42
C VAL P 91 3.65 -11.45 9.15
N LEU P 92 3.29 -12.68 8.78
CA LEU P 92 2.12 -13.38 9.36
C LEU P 92 2.30 -13.47 10.89
N PHE P 93 3.53 -13.60 11.38
CA PHE P 93 3.85 -13.70 12.82
C PHE P 93 3.37 -12.42 13.51
N PHE P 94 3.85 -11.27 13.01
CA PHE P 94 3.49 -9.91 13.51
C PHE P 94 1.96 -9.74 13.44
N THR P 95 1.36 -10.25 12.37
CA THR P 95 -0.09 -10.17 12.10
C THR P 95 -0.89 -10.60 13.33
N GLY P 96 -0.37 -11.56 14.11
CA GLY P 96 -0.98 -12.01 15.39
C GLY P 96 -0.95 -10.92 16.45
N PHE P 97 0.15 -10.17 16.54
CA PHE P 97 0.38 -9.13 17.58
C PHE P 97 -0.45 -7.87 17.30
N PHE P 98 -0.64 -7.52 16.03
CA PHE P 98 -1.57 -6.46 15.59
C PHE P 98 -3.00 -6.91 15.88
N TRP P 99 -3.30 -8.18 15.57
CA TRP P 99 -4.63 -8.80 15.81
C TRP P 99 -4.98 -8.52 17.27
N ALA P 100 -4.09 -8.97 18.17
CA ALA P 100 -4.15 -8.73 19.63
C ALA P 100 -4.40 -7.24 19.86
N PHE P 101 -3.55 -6.34 19.31
CA PHE P 101 -3.69 -4.88 19.51
C PHE P 101 -5.11 -4.45 19.15
N TYR P 102 -5.52 -4.63 17.89
CA TYR P 102 -6.79 -4.12 17.32
C TYR P 102 -8.00 -4.75 18.03
N HIS P 103 -7.86 -5.98 18.55
CA HIS P 103 -8.94 -6.71 19.26
C HIS P 103 -9.21 -6.03 20.61
N SER P 104 -8.14 -5.65 21.31
CA SER P 104 -8.18 -4.97 22.63
C SER P 104 -8.57 -3.48 22.47
N SER P 105 -8.01 -2.82 21.46
CA SER P 105 -8.05 -1.34 21.29
C SER P 105 -9.39 -0.89 20.67
N LEU P 106 -10.07 -1.77 19.93
CA LEU P 106 -11.36 -1.46 19.27
C LEU P 106 -12.55 -1.84 20.17
N ALA P 107 -12.31 -2.62 21.22
CA ALA P 107 -13.36 -3.05 22.17
C ALA P 107 -12.83 -2.98 23.60
N PRO P 108 -12.67 -1.77 24.19
CA PRO P 108 -12.31 -1.68 25.59
C PRO P 108 -13.28 -2.49 26.46
N THR P 109 -12.74 -3.47 27.19
CA THR P 109 -13.44 -4.20 28.28
C THR P 109 -13.81 -3.22 29.39
N PRO P 110 -14.87 -3.47 30.18
CA PRO P 110 -15.17 -2.67 31.37
C PRO P 110 -14.06 -2.54 32.42
N GLU P 111 -13.17 -3.53 32.54
CA GLU P 111 -12.05 -3.49 33.53
C GLU P 111 -11.05 -2.39 33.17
N LEU P 112 -11.07 -1.91 31.92
CA LEU P 112 -10.22 -0.81 31.41
C LEU P 112 -10.91 0.56 31.59
N GLY P 113 -12.18 0.57 32.00
CA GLY P 113 -12.97 1.81 32.17
C GLY P 113 -13.79 2.10 30.92
N GLY P 114 -13.72 1.20 29.93
CA GLY P 114 -14.55 1.23 28.72
C GLY P 114 -14.07 2.28 27.74
N CYS P 115 -12.76 2.47 27.68
CA CYS P 115 -12.12 3.55 26.90
C CYS P 115 -10.70 3.13 26.55
N TRP P 116 -10.24 3.50 25.35
CA TRP P 116 -8.83 3.34 24.93
C TRP P 116 -8.23 4.73 24.78
N PRO P 117 -6.99 4.97 25.24
CA PRO P 117 -6.32 4.07 26.19
C PRO P 117 -7.08 3.89 27.50
N PRO P 118 -6.72 2.85 28.28
CA PRO P 118 -7.41 2.57 29.54
C PRO P 118 -7.10 3.64 30.60
N THR P 119 -8.05 3.92 31.50
CA THR P 119 -7.85 4.79 32.69
C THR P 119 -6.58 4.36 33.45
N GLY P 120 -5.70 5.31 33.76
CA GLY P 120 -4.43 5.06 34.45
C GLY P 120 -3.25 5.26 33.51
N ILE P 121 -3.40 4.77 32.28
CA ILE P 121 -2.32 4.75 31.23
C ILE P 121 -2.09 6.18 30.74
N HIS P 122 -0.87 6.68 30.97
CA HIS P 122 -0.33 7.92 30.38
C HIS P 122 0.55 7.55 29.19
N PRO P 123 0.01 7.64 27.95
CA PRO P 123 0.73 7.17 26.76
C PRO P 123 1.91 8.08 26.44
N LEU P 124 2.76 7.65 25.51
CA LEU P 124 3.88 8.49 25.00
C LEU P 124 3.29 9.48 23.97
N ASN P 125 4.01 10.57 23.76
CA ASN P 125 3.75 11.56 22.70
C ASN P 125 4.41 11.04 21.41
N PRO P 126 3.62 10.71 20.38
CA PRO P 126 4.18 10.26 19.11
C PRO P 126 4.85 11.35 18.27
N LEU P 127 4.58 12.64 18.57
CA LEU P 127 5.29 13.80 17.94
C LEU P 127 6.65 14.02 18.62
N GLU P 128 6.95 13.30 19.71
CA GLU P 128 8.27 13.39 20.39
C GLU P 128 9.20 12.37 19.75
N VAL P 129 9.65 11.37 20.52
CA VAL P 129 10.71 10.43 20.06
C VAL P 129 10.16 9.43 19.06
N PRO P 130 8.93 8.90 19.23
CA PRO P 130 8.39 7.97 18.25
C PRO P 130 8.49 8.50 16.81
N LEU P 131 8.31 9.81 16.62
CA LEU P 131 8.51 10.49 15.30
C LEU P 131 9.99 10.43 14.91
N LEU P 132 10.92 10.72 15.84
CA LEU P 132 12.38 10.63 15.60
C LEU P 132 12.75 9.21 15.16
N ASN P 133 12.27 8.20 15.88
CA ASN P 133 12.47 6.77 15.52
C ASN P 133 12.05 6.56 14.06
N THR P 134 10.87 7.06 13.71
CA THR P 134 10.29 6.93 12.35
C THR P 134 11.24 7.55 11.34
N SER P 135 11.67 8.80 11.58
CA SER P 135 12.59 9.52 10.67
C SER P 135 13.90 8.75 10.57
N VAL P 136 14.39 8.20 11.70
CA VAL P 136 15.70 7.50 11.75
C VAL P 136 15.66 6.29 10.82
N LEU P 137 14.66 5.42 10.97
CA LEU P 137 14.52 4.17 10.16
C LEU P 137 14.30 4.50 8.67
N LEU P 138 13.40 5.42 8.36
CA LEU P 138 13.14 5.83 6.96
C LEU P 138 14.49 6.26 6.35
N ALA P 139 15.20 7.18 7.00
CA ALA P 139 16.51 7.70 6.53
C ALA P 139 17.41 6.51 6.15
N SER P 140 17.44 5.49 7.02
CA SER P 140 18.26 4.26 6.89
C SER P 140 17.82 3.48 5.65
N GLY P 141 16.52 3.53 5.34
CA GLY P 141 15.93 2.95 4.12
C GLY P 141 16.51 3.57 2.86
N VAL P 142 16.69 4.90 2.89
CA VAL P 142 17.30 5.69 1.78
C VAL P 142 18.79 5.38 1.70
N SER P 143 19.51 5.30 2.84
CA SER P 143 20.99 5.11 2.91
C SER P 143 21.41 3.73 2.39
N ILE P 144 20.68 2.66 2.74
CA ILE P 144 21.03 1.27 2.30
C ILE P 144 20.82 1.19 0.78
N THR P 145 19.81 1.92 0.27
CA THR P 145 19.46 1.92 -1.18
C THR P 145 20.60 2.55 -1.98
N TRP P 146 21.12 3.67 -1.51
CA TRP P 146 22.38 4.27 -2.01
C TRP P 146 23.47 3.20 -1.97
N ALA P 147 23.59 2.49 -0.85
CA ALA P 147 24.58 1.41 -0.62
C ALA P 147 24.45 0.32 -1.70
N HIS P 148 23.23 0.01 -2.13
CA HIS P 148 22.98 -1.04 -3.15
C HIS P 148 23.31 -0.54 -4.57
N HIS P 149 23.04 0.73 -4.89
CA HIS P 149 23.35 1.34 -6.22
C HIS P 149 24.87 1.55 -6.35
N SER P 150 25.57 1.74 -5.24
CA SER P 150 27.05 1.93 -5.24
C SER P 150 27.71 0.60 -5.61
N LEU P 151 27.27 -0.47 -4.96
CA LEU P 151 27.80 -1.84 -5.15
C LEU P 151 27.64 -2.21 -6.62
N MET P 152 26.44 -2.08 -7.14
CA MET P 152 26.15 -2.45 -8.55
C MET P 152 26.99 -1.61 -9.51
N GLU P 153 27.30 -0.35 -9.17
CA GLU P 153 28.19 0.54 -9.97
C GLU P 153 29.66 0.26 -9.66
N GLY P 154 29.92 -0.44 -8.56
CA GLY P 154 31.26 -0.94 -8.22
C GLY P 154 32.04 0.09 -7.45
N ASP P 155 31.37 0.98 -6.72
CA ASP P 155 32.04 1.99 -5.85
C ASP P 155 32.19 1.42 -4.44
N ARG P 156 33.36 0.85 -4.15
CA ARG P 156 33.67 0.16 -2.87
C ARG P 156 33.57 1.13 -1.70
N LYS P 157 34.06 2.36 -1.90
CA LYS P 157 34.05 3.38 -0.83
C LYS P 157 32.59 3.72 -0.51
N HIS P 158 31.85 4.24 -1.49
CA HIS P 158 30.47 4.75 -1.25
C HIS P 158 29.61 3.61 -0.72
N MET P 159 29.79 2.41 -1.24
CA MET P 159 29.08 1.21 -0.73
C MET P 159 29.30 1.17 0.76
N LEU P 160 30.56 1.22 1.19
CA LEU P 160 30.94 1.09 2.64
C LEU P 160 30.50 2.33 3.43
N GLN P 161 30.50 3.52 2.81
CA GLN P 161 30.05 4.81 3.40
C GLN P 161 28.56 4.73 3.75
N ALA P 162 27.74 4.35 2.77
CA ALA P 162 26.26 4.21 2.86
C ALA P 162 25.89 3.09 3.85
N LEU P 163 26.57 1.93 3.79
CA LEU P 163 26.28 0.76 4.65
C LEU P 163 26.53 1.13 6.12
N PHE P 164 27.60 1.88 6.37
CA PHE P 164 27.97 2.33 7.74
C PHE P 164 26.84 3.21 8.30
N ILE P 165 26.44 4.23 7.52
CA ILE P 165 25.37 5.21 7.89
C ILE P 165 24.12 4.42 8.32
N THR P 166 23.67 3.50 7.47
CA THR P 166 22.52 2.61 7.73
C THR P 166 22.68 2.00 9.12
N ILE P 167 23.79 1.28 9.32
CA ILE P 167 24.09 0.49 10.55
C ILE P 167 24.02 1.42 11.75
N THR P 168 24.59 2.63 11.61
CA THR P 168 24.58 3.69 12.66
C THR P 168 23.13 4.09 12.97
N LEU P 169 22.31 4.30 11.93
CA LEU P 169 20.89 4.73 12.10
C LEU P 169 20.09 3.62 12.81
N GLY P 170 20.42 2.36 12.54
CA GLY P 170 19.84 1.20 13.25
C GLY P 170 20.20 1.20 14.73
N VAL P 171 21.49 1.23 15.03
CA VAL P 171 22.04 1.37 16.41
C VAL P 171 21.31 2.57 17.08
N TYR P 172 21.19 3.70 16.36
CA TYR P 172 20.58 4.94 16.90
C TYR P 172 19.15 4.65 17.32
N PHE P 173 18.35 3.99 16.46
CA PHE P 173 16.95 3.55 16.75
C PHE P 173 16.90 2.72 18.05
N THR P 174 17.75 1.68 18.12
CA THR P 174 17.83 0.72 19.25
C THR P 174 18.00 1.48 20.58
N LEU P 175 18.92 2.45 20.64
CA LEU P 175 19.25 3.20 21.88
C LEU P 175 18.14 4.22 22.17
N LEU P 176 17.55 4.81 21.12
CA LEU P 176 16.37 5.70 21.30
C LEU P 176 15.23 4.89 21.90
N GLN P 177 14.99 3.68 21.38
CA GLN P 177 13.87 2.79 21.79
C GLN P 177 14.19 2.19 23.16
N ALA P 178 15.47 1.87 23.42
CA ALA P 178 15.98 1.43 24.75
C ALA P 178 15.65 2.50 25.81
N SER P 179 15.96 3.76 25.50
CA SER P 179 15.65 4.93 26.36
C SER P 179 14.14 5.02 26.62
N GLU P 180 13.33 5.04 25.56
CA GLU P 180 11.84 5.16 25.64
C GLU P 180 11.28 4.11 26.59
N TYR P 181 11.68 2.85 26.38
CA TYR P 181 11.26 1.68 27.18
C TYR P 181 11.45 2.06 28.64
N TYR P 182 12.66 2.50 29.00
CA TYR P 182 13.01 2.96 30.37
C TYR P 182 12.06 4.11 30.79
N GLU P 183 12.18 5.27 30.15
CA GLU P 183 11.44 6.50 30.56
C GLU P 183 9.93 6.25 30.57
N ALA P 184 9.43 5.19 29.93
CA ALA P 184 7.99 4.94 29.73
C ALA P 184 7.29 4.72 31.08
N PRO P 185 6.23 5.50 31.38
CA PRO P 185 5.50 5.41 32.65
C PRO P 185 4.44 4.29 32.71
N PHE P 186 4.54 3.29 31.83
CA PHE P 186 3.76 2.04 31.91
C PHE P 186 4.73 0.90 31.65
N THR P 187 4.31 -0.32 31.95
CA THR P 187 5.16 -1.54 31.92
C THR P 187 4.39 -2.66 31.22
N ILE P 188 5.06 -3.79 30.94
CA ILE P 188 4.43 -4.99 30.31
C ILE P 188 3.27 -5.43 31.22
N SER P 189 3.44 -5.29 32.54
CA SER P 189 2.45 -5.68 33.58
C SER P 189 1.19 -4.82 33.50
N ASP P 190 1.29 -3.56 33.07
CA ASP P 190 0.21 -2.55 33.26
C ASP P 190 -0.93 -2.80 32.26
N GLY P 191 -1.61 -3.93 32.43
CA GLY P 191 -2.81 -4.30 31.68
C GLY P 191 -2.50 -4.82 30.29
N VAL P 192 -3.54 -5.17 29.56
CA VAL P 192 -3.48 -5.50 28.10
C VAL P 192 -2.75 -4.37 27.36
N TYR P 193 -3.03 -3.08 27.65
CA TYR P 193 -2.40 -1.94 26.93
C TYR P 193 -0.90 -2.15 26.82
N GLY P 194 -0.25 -2.40 27.96
CA GLY P 194 1.20 -2.55 28.08
C GLY P 194 1.68 -3.87 27.50
N SER P 195 0.85 -4.92 27.57
CA SER P 195 1.16 -6.28 27.05
C SER P 195 1.35 -6.19 25.54
N THR P 196 0.37 -5.58 24.87
CA THR P 196 0.34 -5.35 23.40
C THR P 196 1.51 -4.43 23.02
N PHE P 197 1.70 -3.34 23.75
CA PHE P 197 2.75 -2.33 23.46
C PHE P 197 4.11 -3.02 23.40
N PHE P 198 4.50 -3.69 24.48
CA PHE P 198 5.91 -4.07 24.72
C PHE P 198 6.25 -5.38 24.00
N VAL P 199 5.25 -6.23 23.72
CA VAL P 199 5.49 -7.50 22.99
C VAL P 199 5.66 -7.14 21.50
N ALA P 200 4.83 -6.22 21.00
CA ALA P 200 4.77 -5.84 19.57
C ALA P 200 6.01 -5.03 19.20
N THR P 201 6.29 -3.98 19.96
CA THR P 201 7.51 -3.13 19.80
C THR P 201 8.73 -3.94 20.21
N GLY P 202 8.58 -4.84 21.20
CA GLY P 202 9.63 -5.76 21.67
C GLY P 202 10.14 -6.62 20.54
N PHE P 203 9.29 -7.50 20.01
CA PHE P 203 9.62 -8.40 18.88
C PHE P 203 10.18 -7.58 17.72
N HIS P 204 9.70 -6.34 17.54
CA HIS P 204 10.20 -5.41 16.49
C HIS P 204 11.63 -5.00 16.83
N GLY P 205 11.84 -4.58 18.07
CA GLY P 205 13.18 -4.28 18.60
C GLY P 205 14.16 -5.37 18.26
N LEU P 206 13.82 -6.63 18.56
CA LEU P 206 14.69 -7.82 18.38
C LEU P 206 14.98 -7.96 16.88
N HIS P 207 13.98 -7.74 16.02
CA HIS P 207 14.14 -7.79 14.54
C HIS P 207 15.10 -6.68 14.07
N VAL P 208 15.04 -5.50 14.68
CA VAL P 208 15.95 -4.36 14.39
C VAL P 208 17.40 -4.82 14.61
N ILE P 209 17.72 -5.32 15.80
CA ILE P 209 19.10 -5.79 16.16
C ILE P 209 19.53 -6.84 15.14
N ILE P 210 18.71 -7.88 14.95
CA ILE P 210 19.02 -9.02 14.04
C ILE P 210 19.38 -8.43 12.67
N GLY P 211 18.57 -7.46 12.20
CA GLY P 211 18.72 -6.82 10.89
C GLY P 211 20.00 -6.03 10.80
N SER P 212 20.30 -5.27 11.86
CA SER P 212 21.55 -4.47 12.01
C SER P 212 22.72 -5.43 12.05
N THR P 213 22.65 -6.44 12.92
CA THR P 213 23.64 -7.54 13.04
C THR P 213 23.95 -8.08 11.64
N PHE P 214 22.91 -8.39 10.86
CA PHE P 214 23.05 -8.94 9.48
C PHE P 214 23.76 -7.92 8.58
N LEU P 215 23.41 -6.62 8.68
CA LEU P 215 24.04 -5.55 7.86
C LEU P 215 25.53 -5.47 8.20
N ILE P 216 25.86 -5.58 9.49
CA ILE P 216 27.27 -5.61 9.98
C ILE P 216 28.02 -6.73 9.26
N VAL P 217 27.49 -7.94 9.29
CA VAL P 217 28.06 -9.09 8.54
C VAL P 217 28.30 -8.62 7.09
N CYS P 218 27.28 -8.07 6.42
CA CYS P 218 27.43 -7.69 5.00
C CYS P 218 28.59 -6.70 4.87
N PHE P 219 28.75 -5.79 5.85
CA PHE P 219 29.78 -4.71 5.87
C PHE P 219 31.18 -5.33 5.76
N PHE P 220 31.45 -6.33 6.61
CA PHE P 220 32.78 -6.97 6.79
C PHE P 220 33.07 -7.89 5.61
N ARG P 221 32.09 -8.68 5.17
CA ARG P 221 32.17 -9.48 3.91
C ARG P 221 32.54 -8.53 2.78
N GLN P 222 31.94 -7.34 2.73
CA GLN P 222 32.26 -6.30 1.72
C GLN P 222 33.68 -5.82 1.96
N LEU P 223 34.07 -5.53 3.22
CA LEU P 223 35.48 -5.16 3.54
C LEU P 223 36.43 -6.18 2.90
N LYS P 224 36.07 -7.46 2.89
CA LYS P 224 36.94 -8.58 2.45
C LYS P 224 36.68 -8.94 0.97
N PHE P 225 35.98 -8.08 0.22
CA PHE P 225 35.77 -8.14 -1.26
C PHE P 225 35.01 -9.40 -1.70
N HIS P 226 34.16 -9.97 -0.83
CA HIS P 226 33.30 -11.14 -1.10
C HIS P 226 32.41 -10.83 -2.30
N PHE P 227 31.65 -9.73 -2.20
CA PHE P 227 30.62 -9.28 -3.15
C PHE P 227 31.27 -8.73 -4.43
N THR P 228 30.92 -9.31 -5.58
CA THR P 228 31.08 -8.64 -6.90
C THR P 228 29.89 -7.69 -7.10
N SER P 229 29.97 -6.90 -8.17
CA SER P 229 28.94 -5.91 -8.58
C SER P 229 27.69 -6.64 -9.10
N ASN P 230 27.69 -7.96 -9.22
CA ASN P 230 26.52 -8.72 -9.73
C ASN P 230 25.98 -9.64 -8.64
N HIS P 231 26.78 -10.63 -8.28
CA HIS P 231 26.49 -11.63 -7.23
C HIS P 231 26.65 -10.92 -5.89
N HIS P 232 25.57 -10.76 -5.11
CA HIS P 232 25.67 -10.22 -3.73
C HIS P 232 24.41 -10.55 -2.92
N PHE P 233 23.93 -11.80 -2.98
CA PHE P 233 22.61 -12.15 -2.43
C PHE P 233 22.57 -11.82 -0.93
N GLY P 234 23.62 -12.16 -0.19
CA GLY P 234 23.70 -11.87 1.25
C GLY P 234 23.26 -10.44 1.57
N PHE P 235 23.79 -9.48 0.81
CA PHE P 235 23.47 -8.03 0.95
C PHE P 235 22.01 -7.79 0.52
N GLU P 236 21.68 -8.19 -0.70
CA GLU P 236 20.27 -8.16 -1.19
C GLU P 236 19.34 -8.62 -0.08
N ALA P 237 19.61 -9.77 0.55
CA ALA P 237 18.69 -10.40 1.52
C ALA P 237 18.58 -9.49 2.75
N ALA P 238 19.72 -9.02 3.24
CA ALA P 238 19.79 -8.10 4.39
C ALA P 238 18.99 -6.84 4.04
N ALA P 239 19.15 -6.37 2.80
CA ALA P 239 18.46 -5.19 2.25
C ALA P 239 16.94 -5.38 2.36
N TRP P 240 16.45 -6.53 1.90
CA TRP P 240 15.00 -6.89 2.00
C TRP P 240 14.64 -6.99 3.47
N TYR P 241 15.46 -7.68 4.25
CA TYR P 241 15.18 -7.90 5.69
C TYR P 241 15.09 -6.55 6.40
N TRP P 242 15.88 -5.57 5.95
CA TRP P 242 15.96 -4.22 6.56
C TRP P 242 14.73 -3.39 6.21
N HIS P 243 14.20 -3.51 4.99
CA HIS P 243 12.95 -2.82 4.55
C HIS P 243 11.75 -3.46 5.25
N PHE P 244 11.72 -4.78 5.32
CA PHE P 244 10.69 -5.53 6.07
C PHE P 244 10.58 -4.88 7.44
N VAL P 245 11.73 -4.70 8.10
CA VAL P 245 11.83 -4.15 9.48
C VAL P 245 11.28 -2.73 9.50
N ASP P 246 11.61 -1.93 8.46
CA ASP P 246 11.21 -0.51 8.29
C ASP P 246 9.69 -0.38 8.30
N VAL P 247 9.01 -1.25 7.57
CA VAL P 247 7.54 -1.21 7.36
C VAL P 247 6.83 -1.65 8.65
N VAL P 248 7.34 -2.68 9.34
CA VAL P 248 6.75 -3.16 10.64
C VAL P 248 6.74 -1.94 11.57
N TRP P 249 7.81 -1.14 11.56
CA TRP P 249 7.90 0.09 12.40
C TRP P 249 6.76 1.06 12.02
N LEU P 250 6.64 1.40 10.73
CA LEU P 250 5.59 2.34 10.23
C LEU P 250 4.23 1.91 10.80
N PHE P 251 3.92 0.62 10.71
CA PHE P 251 2.60 0.06 11.10
C PHE P 251 2.47 0.13 12.63
N LEU P 252 3.50 -0.27 13.39
CA LEU P 252 3.50 -0.07 14.87
C LEU P 252 3.19 1.40 15.14
N TYR P 253 3.99 2.32 14.58
CA TYR P 253 3.86 3.80 14.74
C TYR P 253 2.40 4.21 14.57
N VAL P 254 1.81 3.89 13.43
CA VAL P 254 0.44 4.34 13.03
C VAL P 254 -0.59 3.68 13.92
N SER P 255 -0.44 2.38 14.17
CA SER P 255 -1.41 1.60 14.99
C SER P 255 -1.30 2.05 16.45
N ILE P 256 -0.18 1.74 17.08
CA ILE P 256 -0.07 1.71 18.56
C ILE P 256 0.22 3.12 19.09
N TYR P 257 1.25 3.76 18.54
CA TYR P 257 1.83 5.04 19.03
C TYR P 257 0.89 6.20 18.70
N TRP P 258 0.43 6.29 17.45
CA TRP P 258 -0.42 7.41 16.95
C TRP P 258 -1.88 7.11 17.28
N TRP P 259 -2.54 6.27 16.47
CA TRP P 259 -4.01 6.02 16.54
C TRP P 259 -4.42 5.67 18.00
N GLY P 260 -3.72 4.72 18.65
CA GLY P 260 -4.05 4.26 20.01
C GLY P 260 -3.54 5.20 21.11
N SER P 261 -4.12 6.40 21.23
CA SER P 261 -3.80 7.41 22.26
C SER P 261 -4.75 8.62 22.17
N SER Q 4 14.79 -64.24 -18.72
CA SER Q 4 14.92 -65.05 -17.47
C SER Q 4 14.74 -64.14 -16.24
N VAL Q 5 15.33 -64.52 -15.10
CA VAL Q 5 15.37 -63.69 -13.85
C VAL Q 5 16.18 -62.42 -14.16
N VAL Q 6 15.49 -61.37 -14.61
CA VAL Q 6 16.05 -60.07 -15.11
C VAL Q 6 17.02 -59.49 -14.06
N LYS Q 7 18.01 -58.71 -14.50
CA LYS Q 7 19.21 -58.28 -13.70
C LYS Q 7 18.96 -56.98 -12.93
N SER Q 8 19.96 -56.52 -12.18
CA SER Q 8 19.89 -55.51 -11.09
C SER Q 8 19.99 -54.07 -11.61
N GLU Q 9 20.68 -53.83 -12.73
CA GLU Q 9 20.66 -52.53 -13.48
C GLU Q 9 19.92 -52.78 -14.80
N ASP Q 10 18.77 -53.45 -14.72
CA ASP Q 10 17.82 -53.71 -15.85
C ASP Q 10 16.54 -52.91 -15.65
N TYR Q 11 16.41 -52.18 -14.54
CA TYR Q 11 15.28 -51.25 -14.29
C TYR Q 11 15.18 -50.27 -15.47
N ALA Q 12 16.29 -50.06 -16.17
CA ALA Q 12 16.44 -49.11 -17.32
C ALA Q 12 16.17 -49.81 -18.66
N LEU Q 13 15.98 -51.12 -18.65
CA LEU Q 13 15.75 -51.88 -19.90
C LEU Q 13 14.26 -52.19 -19.99
N PRO Q 14 13.69 -52.20 -21.21
CA PRO Q 14 12.27 -52.53 -21.38
C PRO Q 14 11.97 -53.87 -20.71
N SER Q 15 10.89 -53.92 -19.90
CA SER Q 15 10.47 -55.11 -19.10
C SER Q 15 9.39 -55.92 -19.84
N TYR Q 16 9.21 -57.17 -19.46
CA TYR Q 16 8.02 -57.97 -19.85
C TYR Q 16 6.93 -57.70 -18.81
N VAL Q 17 5.66 -57.59 -19.25
CA VAL Q 17 4.47 -57.51 -18.35
C VAL Q 17 3.26 -58.14 -19.03
N ASP Q 18 2.50 -58.89 -18.23
CA ASP Q 18 1.16 -59.44 -18.60
C ASP Q 18 0.12 -58.47 -18.04
N ARG Q 19 -0.50 -57.68 -18.93
CA ARG Q 19 -1.54 -56.68 -18.62
C ARG Q 19 -2.59 -56.71 -19.73
N ARG Q 20 -3.86 -56.79 -19.38
CA ARG Q 20 -4.97 -56.77 -20.36
C ARG Q 20 -4.84 -55.54 -21.25
N ASP Q 21 -4.41 -54.41 -20.67
CA ASP Q 21 -4.33 -53.10 -21.36
C ASP Q 21 -2.95 -52.94 -22.03
N TYR Q 22 -2.04 -53.92 -21.91
CA TYR Q 22 -0.75 -53.93 -22.62
C TYR Q 22 -0.55 -55.32 -23.23
N PRO Q 23 -1.35 -55.67 -24.27
CA PRO Q 23 -1.31 -57.01 -24.87
C PRO Q 23 0.07 -57.43 -25.38
N LEU Q 24 0.67 -56.60 -26.24
CA LEU Q 24 1.98 -56.82 -26.93
C LEU Q 24 3.07 -56.06 -26.20
N PRO Q 25 3.70 -56.64 -25.15
CA PRO Q 25 4.71 -55.93 -24.36
C PRO Q 25 5.89 -55.35 -25.18
N ASP Q 26 6.95 -54.92 -24.48
CA ASP Q 26 8.11 -54.22 -25.09
C ASP Q 26 9.19 -55.24 -25.50
N VAL Q 27 9.13 -56.49 -24.99
CA VAL Q 27 10.13 -57.56 -25.28
C VAL Q 27 9.49 -58.95 -25.21
N ALA Q 28 10.10 -59.93 -25.89
CA ALA Q 28 9.79 -61.37 -25.81
C ALA Q 28 10.10 -61.92 -24.41
N HIS Q 29 9.15 -62.65 -23.82
CA HIS Q 29 9.23 -63.29 -22.47
C HIS Q 29 10.51 -64.10 -22.37
N VAL Q 30 10.83 -64.85 -23.44
CA VAL Q 30 12.06 -65.69 -23.55
C VAL Q 30 13.05 -64.95 -24.48
N LYS Q 31 14.30 -64.87 -24.03
CA LYS Q 31 15.38 -64.00 -24.56
C LYS Q 31 16.48 -64.86 -25.19
N ASN Q 32 17.20 -65.64 -24.36
CA ASN Q 32 18.31 -66.50 -24.83
C ASN Q 32 17.72 -67.79 -25.42
N LEU Q 33 17.66 -67.86 -26.75
CA LEU Q 33 17.01 -68.96 -27.52
C LEU Q 33 17.99 -70.14 -27.71
N SER Q 34 17.73 -71.26 -27.02
CA SER Q 34 18.42 -72.58 -27.18
C SER Q 34 18.34 -73.06 -28.65
N ALA Q 35 18.98 -74.19 -28.96
CA ALA Q 35 19.22 -74.74 -30.32
C ALA Q 35 17.91 -75.00 -31.07
N SER Q 36 17.04 -75.83 -30.49
CA SER Q 36 15.72 -76.27 -31.04
C SER Q 36 14.84 -75.04 -31.32
N GLN Q 37 14.74 -74.18 -30.30
CA GLN Q 37 13.88 -72.97 -30.30
C GLN Q 37 14.25 -72.13 -31.54
N LYS Q 38 15.53 -71.75 -31.67
CA LYS Q 38 16.06 -70.98 -32.83
C LYS Q 38 15.55 -71.58 -34.15
N ALA Q 39 15.52 -72.91 -34.26
CA ALA Q 39 15.06 -73.63 -35.48
C ALA Q 39 13.58 -73.31 -35.73
N LEU Q 40 12.74 -73.37 -34.68
CA LEU Q 40 11.29 -73.05 -34.75
C LEU Q 40 11.11 -71.61 -35.24
N LYS Q 41 11.97 -70.69 -34.78
CA LYS Q 41 11.92 -69.24 -35.13
C LYS Q 41 12.35 -69.03 -36.59
N GLU Q 42 13.02 -70.00 -37.21
CA GLU Q 42 13.33 -70.02 -38.67
C GLU Q 42 12.13 -70.62 -39.42
N LYS Q 43 11.49 -71.63 -38.82
CA LYS Q 43 10.32 -72.35 -39.40
C LYS Q 43 9.09 -71.45 -39.33
N GLU Q 44 9.07 -70.53 -38.37
CA GLU Q 44 8.07 -69.43 -38.23
C GLU Q 44 8.11 -68.54 -39.49
N LYS Q 45 9.29 -68.39 -40.12
CA LYS Q 45 9.45 -67.57 -41.35
C LYS Q 45 8.76 -68.28 -42.53
N ALA Q 46 8.44 -69.58 -42.38
CA ALA Q 46 7.69 -70.39 -43.37
C ALA Q 46 6.20 -69.98 -43.36
N SER Q 47 5.39 -70.61 -44.22
CA SER Q 47 3.90 -70.62 -44.14
C SER Q 47 3.48 -71.27 -42.81
N TRP Q 48 2.71 -70.57 -41.96
CA TRP Q 48 2.39 -71.01 -40.57
C TRP Q 48 1.59 -72.32 -40.58
N SER Q 49 1.09 -72.75 -41.74
CA SER Q 49 0.26 -73.96 -41.93
C SER Q 49 1.01 -75.24 -41.52
N SER Q 50 2.29 -75.37 -41.89
CA SER Q 50 3.12 -76.59 -41.74
C SER Q 50 3.51 -76.85 -40.26
N LEU Q 51 2.92 -76.10 -39.32
CA LEU Q 51 3.19 -76.20 -37.87
C LEU Q 51 2.08 -77.02 -37.20
N SER Q 52 2.44 -77.99 -36.35
CA SER Q 52 1.50 -78.72 -35.46
C SER Q 52 0.95 -77.75 -34.42
N ILE Q 53 -0.15 -78.09 -33.75
CA ILE Q 53 -0.65 -77.39 -32.54
C ILE Q 53 0.56 -77.21 -31.59
N ASP Q 54 1.25 -78.31 -31.26
CA ASP Q 54 2.40 -78.31 -30.31
C ASP Q 54 3.36 -77.19 -30.68
N GLU Q 55 3.73 -77.12 -31.97
CA GLU Q 55 4.75 -76.17 -32.50
C GLU Q 55 4.22 -74.71 -32.40
N LYS Q 56 2.91 -74.52 -32.58
CA LYS Q 56 2.25 -73.18 -32.54
C LYS Q 56 2.17 -72.70 -31.09
N VAL Q 57 1.79 -73.58 -30.16
CA VAL Q 57 1.78 -73.28 -28.69
C VAL Q 57 3.19 -72.89 -28.26
N GLU Q 58 4.20 -73.61 -28.72
CA GLU Q 58 5.60 -73.33 -28.31
C GLU Q 58 5.94 -71.91 -28.76
N LEU Q 59 5.77 -71.60 -30.05
CA LEU Q 59 6.00 -70.24 -30.62
C LEU Q 59 5.40 -69.16 -29.71
N TYR Q 60 4.26 -69.44 -29.06
CA TYR Q 60 3.55 -68.50 -28.16
C TYR Q 60 4.36 -68.31 -26.89
N ARG Q 61 4.66 -69.41 -26.18
CA ARG Q 61 5.22 -69.37 -24.79
C ARG Q 61 6.65 -68.81 -24.77
N LEU Q 62 7.27 -68.61 -25.94
CA LEU Q 62 8.55 -67.85 -26.09
C LEU Q 62 8.29 -66.34 -25.99
N LYS Q 63 7.16 -65.89 -26.54
CA LYS Q 63 6.80 -64.46 -26.67
C LYS Q 63 6.10 -63.99 -25.39
N PHE Q 64 5.10 -64.72 -24.93
CA PHE Q 64 4.21 -64.32 -23.82
C PHE Q 64 4.32 -65.35 -22.69
N LYS Q 65 4.51 -64.86 -21.46
CA LYS Q 65 4.48 -65.66 -20.21
C LYS Q 65 3.07 -66.25 -20.04
N GLU Q 66 2.23 -65.61 -19.22
CA GLU Q 66 0.82 -66.01 -19.00
C GLU Q 66 -0.01 -65.76 -20.27
N SER Q 67 -1.05 -66.59 -20.47
CA SER Q 67 -2.13 -66.40 -21.47
C SER Q 67 -3.28 -65.60 -20.86
N PHE Q 68 -4.18 -65.06 -21.68
CA PHE Q 68 -5.22 -64.09 -21.24
C PHE Q 68 -6.14 -64.76 -20.22
N ALA Q 69 -6.37 -66.07 -20.35
CA ALA Q 69 -7.16 -66.87 -19.39
C ALA Q 69 -6.36 -67.05 -18.10
N GLU Q 70 -5.03 -67.20 -18.19
CA GLU Q 70 -4.13 -67.47 -17.04
C GLU Q 70 -4.05 -66.22 -16.17
N MET Q 71 -3.81 -65.06 -16.78
CA MET Q 71 -3.63 -63.78 -16.04
C MET Q 71 -5.01 -63.26 -15.59
N ASN Q 72 -6.09 -63.66 -16.27
CA ASN Q 72 -7.47 -63.22 -15.93
C ASN Q 72 -8.11 -64.19 -14.93
N ARG Q 73 -7.45 -65.29 -14.55
CA ARG Q 73 -8.11 -66.37 -13.75
C ARG Q 73 -8.34 -65.84 -12.33
N SER Q 74 -9.34 -66.36 -11.61
CA SER Q 74 -9.66 -65.95 -10.22
C SER Q 74 -9.03 -66.94 -9.22
N THR Q 75 -8.54 -66.41 -8.09
CA THR Q 75 -7.92 -67.16 -6.97
C THR Q 75 -8.97 -67.32 -5.88
N ASN Q 76 -8.66 -68.10 -4.85
CA ASN Q 76 -9.53 -68.31 -3.66
C ASN Q 76 -9.14 -67.33 -2.55
N GLU Q 77 -8.07 -66.56 -2.76
CA GLU Q 77 -7.44 -65.68 -1.75
C GLU Q 77 -8.50 -65.14 -0.78
N TRP Q 78 -9.60 -64.60 -1.30
CA TRP Q 78 -10.61 -63.93 -0.45
C TRP Q 78 -10.92 -64.79 0.78
N LYS Q 79 -11.05 -66.11 0.60
CA LYS Q 79 -11.35 -67.10 1.68
C LYS Q 79 -10.27 -67.00 2.77
N THR Q 80 -9.02 -67.28 2.41
CA THR Q 80 -7.82 -67.12 3.27
C THR Q 80 -7.90 -65.81 4.05
N VAL Q 81 -8.27 -64.73 3.36
CA VAL Q 81 -8.29 -63.33 3.90
C VAL Q 81 -9.43 -63.20 4.92
N VAL Q 82 -10.68 -63.28 4.49
CA VAL Q 82 -11.86 -63.08 5.39
C VAL Q 82 -11.69 -63.98 6.60
N GLY Q 83 -11.53 -65.30 6.38
CA GLY Q 83 -11.30 -66.30 7.44
C GLY Q 83 -10.23 -65.86 8.42
N ALA Q 84 -9.05 -65.47 7.91
CA ALA Q 84 -7.88 -64.98 8.70
C ALA Q 84 -8.27 -63.72 9.50
N ALA Q 85 -8.93 -62.73 8.87
CA ALA Q 85 -9.42 -61.50 9.53
C ALA Q 85 -10.37 -61.88 10.67
N MET Q 86 -11.27 -62.83 10.44
CA MET Q 86 -12.27 -63.33 11.43
C MET Q 86 -11.53 -64.01 12.61
N PHE Q 87 -10.50 -64.81 12.31
CA PHE Q 87 -9.66 -65.44 13.34
C PHE Q 87 -9.17 -64.35 14.29
N PHE Q 88 -8.35 -63.41 13.79
CA PHE Q 88 -7.71 -62.31 14.57
C PHE Q 88 -8.77 -61.46 15.29
N ILE Q 89 -9.89 -61.15 14.64
CA ILE Q 89 -11.04 -60.43 15.25
C ILE Q 89 -11.51 -61.23 16.47
N GLY Q 90 -11.60 -62.56 16.35
CA GLY Q 90 -11.85 -63.50 17.48
C GLY Q 90 -10.77 -63.40 18.56
N PHE Q 91 -9.49 -63.54 18.17
CA PHE Q 91 -8.31 -63.40 19.07
C PHE Q 91 -8.45 -62.15 19.94
N THR Q 92 -8.96 -61.07 19.35
CA THR Q 92 -9.21 -59.75 20.00
C THR Q 92 -10.23 -59.94 21.13
N ALA Q 93 -11.25 -60.78 20.97
CA ALA Q 93 -12.29 -60.99 22.00
C ALA Q 93 -11.67 -61.61 23.27
N LEU Q 94 -10.58 -62.38 23.13
CA LEU Q 94 -9.76 -62.89 24.26
C LEU Q 94 -9.20 -61.69 25.03
N LEU Q 95 -8.36 -60.88 24.37
CA LEU Q 95 -7.76 -59.66 24.96
C LEU Q 95 -8.83 -58.84 25.69
N LEU Q 96 -10.08 -58.87 25.23
CA LEU Q 96 -11.22 -58.14 25.86
C LEU Q 96 -11.67 -58.90 27.11
N ILE Q 97 -11.61 -60.24 27.09
CA ILE Q 97 -12.00 -61.10 28.26
C ILE Q 97 -10.98 -60.86 29.38
N TRP Q 98 -9.69 -60.96 29.05
CA TRP Q 98 -8.55 -60.63 29.93
C TRP Q 98 -8.79 -59.29 30.66
N GLU Q 99 -9.34 -58.30 29.96
CA GLU Q 99 -9.67 -56.96 30.50
C GLU Q 99 -10.74 -57.07 31.61
N LYS Q 100 -11.88 -57.68 31.32
CA LYS Q 100 -13.07 -57.64 32.22
C LYS Q 100 -12.80 -58.50 33.45
N HIS Q 101 -11.89 -59.46 33.32
CA HIS Q 101 -11.41 -60.33 34.44
C HIS Q 101 -10.45 -59.48 35.29
N TYR Q 102 -9.30 -59.14 34.72
CA TYR Q 102 -8.20 -58.45 35.44
C TYR Q 102 -8.58 -56.98 35.70
N VAL Q 103 -8.71 -56.16 34.65
CA VAL Q 103 -8.57 -54.68 34.72
C VAL Q 103 -9.84 -54.00 35.25
N TYR Q 104 -11.03 -54.34 34.73
CA TYR Q 104 -12.29 -53.66 35.10
C TYR Q 104 -12.78 -54.15 36.46
N GLY Q 105 -12.82 -53.24 37.44
CA GLY Q 105 -13.46 -53.46 38.75
C GLY Q 105 -14.97 -53.50 38.60
N PRO Q 106 -15.73 -53.59 39.72
CA PRO Q 106 -17.19 -53.55 39.67
C PRO Q 106 -17.70 -52.25 39.02
N ILE Q 107 -19.01 -52.21 38.74
CA ILE Q 107 -19.70 -51.05 38.12
C ILE Q 107 -20.64 -50.48 39.17
N PRO Q 108 -21.05 -49.19 39.02
CA PRO Q 108 -21.99 -48.54 39.94
C PRO Q 108 -23.25 -49.33 40.35
N HIS Q 109 -23.61 -49.22 41.63
CA HIS Q 109 -24.79 -49.87 42.27
C HIS Q 109 -26.10 -49.38 41.62
N THR Q 110 -26.00 -48.51 40.60
CA THR Q 110 -27.15 -47.83 39.96
C THR Q 110 -27.63 -48.63 38.75
N PHE Q 111 -26.89 -49.70 38.41
CA PHE Q 111 -27.19 -50.65 37.30
C PHE Q 111 -27.90 -51.88 37.87
N GLU Q 112 -27.96 -52.04 39.19
CA GLU Q 112 -28.50 -53.26 39.84
C GLU Q 112 -30.02 -53.30 39.59
N GLU Q 113 -30.52 -54.49 39.29
CA GLU Q 113 -31.87 -54.78 38.74
C GLU Q 113 -32.91 -53.97 39.51
N GLU Q 114 -32.80 -53.91 40.85
CA GLU Q 114 -33.82 -53.24 41.71
C GLU Q 114 -33.79 -51.73 41.45
N TRP Q 115 -32.59 -51.12 41.43
CA TRP Q 115 -32.38 -49.67 41.21
C TRP Q 115 -32.96 -49.24 39.86
N VAL Q 116 -32.49 -49.87 38.78
CA VAL Q 116 -32.93 -49.60 37.38
C VAL Q 116 -34.47 -49.56 37.35
N ALA Q 117 -35.13 -50.45 38.11
CA ALA Q 117 -36.60 -50.60 38.19
C ALA Q 117 -37.23 -49.35 38.83
N LYS Q 118 -36.55 -48.75 39.81
CA LYS Q 118 -37.01 -47.52 40.52
C LYS Q 118 -36.69 -46.29 39.66
N GLN Q 119 -35.47 -46.25 39.11
CA GLN Q 119 -34.98 -45.22 38.15
C GLN Q 119 -35.98 -45.09 36.99
N THR Q 120 -36.27 -46.20 36.32
CA THR Q 120 -37.27 -46.33 35.22
C THR Q 120 -38.59 -45.69 35.66
N LYS Q 121 -39.11 -46.07 36.84
CA LYS Q 121 -40.40 -45.50 37.33
C LYS Q 121 -40.24 -43.98 37.42
N ARG Q 122 -39.20 -43.51 38.11
CA ARG Q 122 -38.90 -42.06 38.23
C ARG Q 122 -38.93 -41.42 36.83
N MET Q 123 -38.20 -42.00 35.86
CA MET Q 123 -38.10 -41.49 34.47
C MET Q 123 -39.49 -41.43 33.83
N LEU Q 124 -40.38 -42.37 34.17
CA LEU Q 124 -41.76 -42.41 33.64
C LEU Q 124 -42.63 -41.38 34.35
N ASP Q 125 -42.32 -41.05 35.60
CA ASP Q 125 -43.09 -40.07 36.42
C ASP Q 125 -42.77 -38.65 35.95
N MET Q 126 -41.52 -38.38 35.55
CA MET Q 126 -41.05 -37.05 35.07
C MET Q 126 -41.08 -36.97 33.52
N LYS Q 127 -41.59 -38.02 32.86
CA LYS Q 127 -42.05 -38.03 31.44
C LYS Q 127 -40.88 -37.83 30.46
N VAL Q 128 -39.69 -38.35 30.80
CA VAL Q 128 -38.47 -38.38 29.94
C VAL Q 128 -38.87 -38.88 28.54
N ALA Q 129 -38.79 -37.99 27.54
CA ALA Q 129 -39.05 -38.25 26.10
C ALA Q 129 -40.49 -38.69 25.90
N PRO Q 130 -41.47 -37.82 26.20
CA PRO Q 130 -42.89 -38.21 26.14
C PRO Q 130 -43.51 -38.10 24.74
N ILE Q 131 -42.74 -37.74 23.72
CA ILE Q 131 -43.24 -37.64 22.32
C ILE Q 131 -42.87 -38.90 21.55
N GLN Q 132 -41.71 -39.52 21.84
CA GLN Q 132 -41.12 -40.60 21.01
C GLN Q 132 -40.13 -41.51 21.77
N GLY Q 133 -39.18 -40.92 22.48
CA GLY Q 133 -37.94 -41.61 22.92
C GLY Q 133 -38.17 -42.72 23.93
N PHE Q 134 -39.18 -42.58 24.80
CA PHE Q 134 -39.29 -43.38 26.05
C PHE Q 134 -40.72 -43.42 26.61
N SER Q 135 -41.12 -42.41 27.39
CA SER Q 135 -42.40 -42.35 28.13
C SER Q 135 -43.61 -42.33 27.17
N ALA Q 136 -43.35 -42.20 25.86
CA ALA Q 136 -44.37 -42.34 24.78
C ALA Q 136 -44.60 -43.83 24.45
N LYS Q 137 -43.65 -44.70 24.83
CA LYS Q 137 -43.71 -46.17 24.66
C LYS Q 137 -44.24 -46.82 25.95
N TRP Q 138 -45.01 -46.06 26.74
CA TRP Q 138 -45.65 -46.49 28.01
C TRP Q 138 -47.10 -46.01 28.00
N ASP Q 139 -48.02 -46.93 28.28
CA ASP Q 139 -49.45 -46.65 28.61
C ASP Q 139 -49.51 -46.36 30.10
N TYR Q 140 -50.00 -45.18 30.47
CA TYR Q 140 -50.13 -44.72 31.87
C TYR Q 140 -51.40 -45.33 32.48
N ASP Q 141 -52.50 -45.38 31.72
CA ASP Q 141 -53.79 -46.00 32.12
C ASP Q 141 -53.55 -47.47 32.50
N LYS Q 142 -53.33 -48.33 31.50
CA LYS Q 142 -53.19 -49.81 31.69
C LYS Q 142 -51.91 -50.10 32.49
N ASN Q 143 -50.99 -49.13 32.55
CA ASN Q 143 -49.82 -49.10 33.46
C ASN Q 143 -48.86 -50.24 33.06
N GLU Q 144 -48.58 -50.33 31.77
CA GLU Q 144 -47.70 -51.36 31.14
C GLU Q 144 -46.94 -50.70 29.99
N TRP Q 145 -45.92 -51.38 29.46
CA TRP Q 145 -45.22 -50.98 28.20
C TRP Q 145 -46.21 -51.13 27.03
N LYS Q 146 -46.34 -50.10 26.18
CA LYS Q 146 -47.12 -50.14 24.92
C LYS Q 146 -46.59 -51.30 24.07
N LYS Q 147 -47.48 -52.25 23.73
CA LYS Q 147 -47.19 -53.49 22.97
C LYS Q 147 -47.45 -53.22 21.49
N HIS R 5 -15.08 -34.50 -34.19
CA HIS R 5 -13.92 -35.43 -34.03
C HIS R 5 -13.68 -36.16 -35.35
N GLU R 6 -14.42 -37.23 -35.63
CA GLU R 6 -14.30 -38.11 -36.84
C GLU R 6 -15.32 -39.25 -36.75
N THR R 7 -15.99 -39.62 -37.86
CA THR R 7 -17.00 -40.71 -37.91
C THR R 7 -16.35 -42.05 -37.57
N ASP R 8 -17.18 -43.08 -37.35
CA ASP R 8 -16.78 -44.50 -37.20
C ASP R 8 -15.89 -44.89 -38.39
N GLU R 9 -16.34 -44.66 -39.63
CA GLU R 9 -15.56 -44.96 -40.87
C GLU R 9 -14.14 -44.40 -40.74
N GLU R 10 -14.02 -43.09 -40.48
CA GLU R 10 -12.74 -42.30 -40.47
C GLU R 10 -11.76 -42.94 -39.48
N PHE R 11 -12.25 -43.30 -38.29
CA PHE R 11 -11.48 -43.99 -37.22
C PHE R 11 -11.00 -45.35 -37.77
N ASP R 12 -11.94 -46.17 -38.26
CA ASP R 12 -11.66 -47.55 -38.79
C ASP R 12 -10.70 -47.48 -39.98
N ALA R 13 -10.98 -46.58 -40.93
CA ALA R 13 -10.19 -46.33 -42.16
C ALA R 13 -8.72 -46.09 -41.80
N ARG R 14 -8.47 -45.25 -40.79
CA ARG R 14 -7.10 -44.86 -40.34
C ARG R 14 -6.31 -46.08 -39.84
N TRP R 15 -6.97 -46.98 -39.09
CA TRP R 15 -6.33 -48.13 -38.40
C TRP R 15 -6.03 -49.25 -39.40
N VAL R 16 -6.92 -49.44 -40.38
CA VAL R 16 -6.65 -50.31 -41.56
C VAL R 16 -5.38 -49.77 -42.25
N THR R 17 -5.36 -48.48 -42.62
CA THR R 17 -4.22 -47.77 -43.28
C THR R 17 -2.94 -47.82 -42.44
N TYR R 18 -3.08 -47.77 -41.10
CA TYR R 18 -1.96 -47.87 -40.14
C TYR R 18 -1.33 -49.27 -40.22
N PHE R 19 -2.16 -50.30 -40.08
CA PHE R 19 -1.74 -51.73 -40.01
C PHE R 19 -1.39 -52.26 -41.41
N ASN R 20 -1.95 -51.66 -42.47
CA ASN R 20 -1.69 -52.13 -43.86
C ASN R 20 -0.60 -51.27 -44.48
N LYS R 21 0.16 -50.53 -43.67
CA LYS R 21 1.43 -49.91 -44.13
C LYS R 21 2.34 -51.05 -44.56
N PRO R 22 2.96 -50.98 -45.78
CA PRO R 22 3.67 -52.12 -46.35
C PRO R 22 4.92 -52.56 -45.56
N ASP R 23 5.63 -51.58 -44.99
CA ASP R 23 6.97 -51.74 -44.39
C ASP R 23 6.93 -51.50 -42.86
N ILE R 24 5.75 -51.59 -42.23
CA ILE R 24 5.56 -51.41 -40.76
C ILE R 24 6.55 -52.31 -40.00
N ASP R 25 6.99 -51.90 -38.81
CA ASP R 25 7.98 -52.64 -37.98
C ASP R 25 7.43 -52.90 -36.57
N ALA R 26 7.98 -53.91 -35.88
CA ALA R 26 7.39 -54.57 -34.71
C ALA R 26 7.03 -53.54 -33.63
N TRP R 27 7.69 -52.38 -33.60
CA TRP R 27 7.38 -51.29 -32.64
C TRP R 27 6.00 -50.69 -32.94
N GLU R 28 5.79 -50.31 -34.20
CA GLU R 28 4.53 -49.67 -34.66
C GLU R 28 3.36 -50.64 -34.44
N LEU R 29 3.58 -51.95 -34.60
CA LEU R 29 2.53 -52.99 -34.40
C LEU R 29 2.05 -52.96 -32.95
N ARG R 30 2.97 -53.12 -31.99
CA ARG R 30 2.67 -53.24 -30.54
C ARG R 30 2.08 -51.91 -30.05
N LYS R 31 2.67 -50.78 -30.46
CA LYS R 31 2.16 -49.41 -30.19
C LYS R 31 0.72 -49.32 -30.70
N GLY R 32 0.49 -49.78 -31.93
CA GLY R 32 -0.81 -49.70 -32.63
C GLY R 32 -1.90 -50.46 -31.90
N MET R 33 -1.65 -51.73 -31.59
CA MET R 33 -2.61 -52.57 -30.80
C MET R 33 -2.75 -51.98 -29.39
N ASN R 34 -1.63 -51.71 -28.71
CA ASN R 34 -1.63 -51.17 -27.32
C ASN R 34 -2.47 -49.88 -27.22
N THR R 35 -2.44 -49.01 -28.23
CA THR R 35 -3.24 -47.76 -28.26
C THR R 35 -4.73 -48.12 -28.38
N LEU R 36 -5.02 -49.08 -29.26
CA LEU R 36 -6.37 -49.39 -29.76
C LEU R 36 -7.18 -50.09 -28.67
N VAL R 37 -6.52 -50.88 -27.82
CA VAL R 37 -7.15 -51.64 -26.69
C VAL R 37 -7.68 -50.64 -25.67
N GLY R 38 -7.14 -49.41 -25.68
CA GLY R 38 -7.50 -48.36 -24.71
C GLY R 38 -8.85 -47.75 -25.00
N TYR R 39 -9.35 -47.87 -26.23
CA TYR R 39 -10.61 -47.20 -26.64
C TYR R 39 -11.80 -48.00 -26.13
N ASP R 40 -12.93 -47.33 -25.88
CA ASP R 40 -14.20 -48.00 -25.48
C ASP R 40 -14.86 -48.59 -26.74
N LEU R 41 -14.34 -49.71 -27.21
CA LEU R 41 -14.84 -50.44 -28.39
C LEU R 41 -14.07 -51.74 -28.57
N VAL R 42 -14.69 -52.70 -29.25
CA VAL R 42 -13.97 -53.81 -29.91
C VAL R 42 -13.72 -53.38 -31.35
N PRO R 43 -12.51 -53.57 -31.88
CA PRO R 43 -12.19 -53.10 -33.20
C PRO R 43 -12.96 -53.95 -34.21
N GLU R 44 -13.50 -53.32 -35.25
CA GLU R 44 -14.05 -53.96 -36.47
C GLU R 44 -13.10 -55.06 -36.98
N PRO R 45 -13.63 -56.18 -37.52
CA PRO R 45 -12.78 -57.30 -37.92
C PRO R 45 -11.77 -56.88 -39.00
N LYS R 46 -12.19 -55.92 -39.84
CA LYS R 46 -11.39 -55.41 -41.00
C LYS R 46 -10.08 -54.82 -40.45
N ILE R 47 -10.14 -54.13 -39.31
CA ILE R 47 -8.91 -53.68 -38.58
C ILE R 47 -8.10 -54.92 -38.20
N ILE R 48 -8.67 -55.79 -37.35
CA ILE R 48 -8.00 -57.04 -36.89
C ILE R 48 -7.40 -57.77 -38.10
N ASP R 49 -8.09 -57.79 -39.24
CA ASP R 49 -7.60 -58.40 -40.50
C ASP R 49 -6.24 -57.79 -40.86
N ALA R 50 -6.18 -56.46 -41.04
CA ALA R 50 -4.96 -55.70 -41.41
C ALA R 50 -3.83 -56.04 -40.44
N ALA R 51 -4.13 -56.00 -39.13
CA ALA R 51 -3.18 -56.24 -38.03
C ALA R 51 -2.63 -57.68 -38.07
N LEU R 52 -3.47 -58.67 -38.38
CA LEU R 52 -3.02 -60.08 -38.52
C LEU R 52 -2.08 -60.19 -39.73
N ARG R 53 -2.46 -59.63 -40.87
CA ARG R 53 -1.61 -59.62 -42.09
C ARG R 53 -0.27 -58.95 -41.76
N ALA R 54 -0.29 -57.85 -41.01
CA ALA R 54 0.93 -57.17 -40.52
C ALA R 54 1.79 -58.15 -39.68
N CYS R 55 1.17 -58.98 -38.85
CA CYS R 55 1.86 -59.98 -38.00
C CYS R 55 2.60 -60.99 -38.89
N ARG R 56 1.98 -61.35 -40.03
CA ARG R 56 2.52 -62.33 -41.02
C ARG R 56 3.71 -61.70 -41.74
N ARG R 57 3.64 -60.41 -42.07
CA ARG R 57 4.74 -59.66 -42.73
C ARG R 57 5.96 -59.63 -41.80
N LEU R 58 5.72 -59.75 -40.48
CA LEU R 58 6.78 -59.67 -39.44
C LEU R 58 7.04 -61.07 -38.85
N ASN R 59 6.57 -62.12 -39.51
CA ASN R 59 6.85 -63.54 -39.12
C ASN R 59 6.69 -63.69 -37.61
N ASP R 60 5.62 -63.11 -37.07
CA ASP R 60 5.27 -63.16 -35.63
C ASP R 60 3.88 -63.76 -35.49
N PHE R 61 3.82 -65.07 -35.25
CA PHE R 61 2.57 -65.86 -35.11
C PHE R 61 1.99 -65.64 -33.71
N ALA R 62 2.87 -65.67 -32.70
CA ALA R 62 2.51 -65.56 -31.26
C ALA R 62 1.63 -64.32 -31.05
N SER R 63 1.94 -63.21 -31.73
CA SER R 63 1.21 -61.91 -31.61
C SER R 63 -0.20 -62.04 -32.20
N ALA R 64 -0.33 -62.56 -33.42
CA ALA R 64 -1.63 -62.77 -34.13
C ALA R 64 -2.59 -63.51 -33.20
N VAL R 65 -2.10 -64.51 -32.47
CA VAL R 65 -2.87 -65.32 -31.48
C VAL R 65 -3.33 -64.40 -30.32
N ARG R 66 -2.40 -63.60 -29.77
CA ARG R 66 -2.65 -62.64 -28.65
C ARG R 66 -3.71 -61.63 -29.08
N ILE R 67 -3.57 -61.06 -30.28
CA ILE R 67 -4.49 -60.04 -30.87
C ILE R 67 -5.93 -60.57 -30.80
N LEU R 68 -6.11 -61.88 -31.00
CA LEU R 68 -7.43 -62.56 -30.89
C LEU R 68 -7.85 -62.64 -29.40
N GLU R 69 -6.93 -63.01 -28.50
CA GLU R 69 -7.24 -63.03 -27.04
C GLU R 69 -7.85 -61.67 -26.66
N VAL R 70 -7.20 -60.56 -27.06
CA VAL R 70 -7.54 -59.18 -26.60
C VAL R 70 -8.88 -58.75 -27.19
N VAL R 71 -9.20 -59.20 -28.40
CA VAL R 71 -10.55 -58.99 -29.01
C VAL R 71 -11.61 -59.65 -28.09
N LYS R 72 -11.36 -60.86 -27.58
CA LYS R 72 -12.31 -61.58 -26.69
C LYS R 72 -12.36 -60.84 -25.35
N ASP R 73 -11.19 -60.54 -24.79
CA ASP R 73 -11.06 -59.80 -23.51
C ASP R 73 -11.81 -58.47 -23.60
N LYS R 74 -11.64 -57.75 -24.72
CA LYS R 74 -12.19 -56.38 -24.92
C LYS R 74 -13.72 -56.39 -24.92
N ALA R 75 -14.34 -57.51 -25.29
CA ALA R 75 -15.81 -57.65 -25.36
C ALA R 75 -16.33 -57.90 -23.95
N GLY R 76 -15.49 -58.48 -23.09
CA GLY R 76 -15.79 -58.83 -21.69
C GLY R 76 -17.06 -59.68 -21.57
N PRO R 77 -18.18 -59.11 -21.07
CA PRO R 77 -19.41 -59.86 -20.84
C PRO R 77 -20.20 -60.14 -22.12
N HIS R 78 -20.06 -59.27 -23.10
CA HIS R 78 -20.80 -59.33 -24.39
C HIS R 78 -20.25 -60.53 -25.19
N LYS R 79 -20.84 -61.71 -24.96
CA LYS R 79 -20.33 -63.06 -25.33
C LYS R 79 -20.43 -63.30 -26.84
N GLU R 80 -21.25 -62.53 -27.57
CA GLU R 80 -21.54 -62.80 -29.01
C GLU R 80 -20.66 -61.93 -29.92
N ILE R 81 -19.79 -61.09 -29.36
CA ILE R 81 -18.87 -60.22 -30.13
C ILE R 81 -17.75 -61.08 -30.72
N TYR R 82 -17.00 -61.79 -29.88
CA TYR R 82 -15.85 -62.64 -30.26
C TYR R 82 -16.28 -63.68 -31.31
N PRO R 83 -17.31 -64.52 -31.05
CA PRO R 83 -17.76 -65.51 -32.02
C PRO R 83 -17.94 -64.87 -33.41
N TYR R 84 -18.73 -63.79 -33.47
CA TYR R 84 -18.99 -62.99 -34.70
C TYR R 84 -17.69 -62.50 -35.37
N VAL R 85 -16.70 -62.05 -34.57
CA VAL R 85 -15.40 -61.55 -35.11
C VAL R 85 -14.67 -62.74 -35.73
N ILE R 86 -14.57 -63.86 -35.01
CA ILE R 86 -13.89 -65.08 -35.54
C ILE R 86 -14.47 -65.37 -36.92
N GLN R 87 -15.79 -65.20 -37.08
CA GLN R 87 -16.53 -65.61 -38.29
C GLN R 87 -16.10 -64.74 -39.48
N GLU R 88 -15.86 -63.45 -39.27
CA GLU R 88 -15.54 -62.51 -40.37
C GLU R 88 -14.07 -62.70 -40.80
N LEU R 89 -13.24 -63.23 -39.90
CA LEU R 89 -11.76 -63.40 -40.12
C LEU R 89 -11.45 -64.83 -40.61
N ARG R 90 -12.48 -65.68 -40.75
CA ARG R 90 -12.32 -67.14 -41.02
C ARG R 90 -11.59 -67.34 -42.35
N PRO R 91 -11.76 -66.46 -43.38
CA PRO R 91 -10.84 -66.44 -44.52
C PRO R 91 -9.38 -66.35 -44.06
N THR R 92 -9.00 -65.23 -43.45
CA THR R 92 -7.59 -64.87 -43.15
C THR R 92 -6.99 -65.91 -42.20
N LEU R 93 -7.75 -66.37 -41.21
CA LEU R 93 -7.24 -67.36 -40.21
C LEU R 93 -6.71 -68.58 -40.96
N ASN R 94 -7.44 -69.03 -41.99
CA ASN R 94 -7.11 -70.22 -42.82
C ASN R 94 -6.01 -69.88 -43.82
N GLU R 95 -6.12 -68.75 -44.52
CA GLU R 95 -5.15 -68.27 -45.54
C GLU R 95 -3.74 -68.16 -44.91
N LEU R 96 -3.61 -67.46 -43.78
CA LEU R 96 -2.32 -67.24 -43.08
C LEU R 96 -2.07 -68.43 -42.14
N GLY R 97 -3.08 -69.27 -41.94
CA GLY R 97 -2.99 -70.50 -41.14
C GLY R 97 -2.77 -70.16 -39.67
N ILE R 98 -3.70 -69.42 -39.09
CA ILE R 98 -3.66 -68.90 -37.69
C ILE R 98 -4.74 -69.61 -36.86
N SER R 99 -4.32 -70.40 -35.87
CA SER R 99 -5.23 -71.11 -34.95
C SER R 99 -5.87 -70.11 -33.99
N THR R 100 -7.14 -70.32 -33.64
CA THR R 100 -7.81 -69.56 -32.56
C THR R 100 -7.09 -69.93 -31.25
N PRO R 101 -7.01 -68.99 -30.28
CA PRO R 101 -6.67 -69.34 -28.90
C PRO R 101 -7.36 -70.59 -28.34
N GLU R 102 -8.55 -70.93 -28.83
CA GLU R 102 -9.35 -72.12 -28.38
C GLU R 102 -8.81 -73.38 -29.07
N GLU R 103 -8.44 -73.27 -30.34
CA GLU R 103 -7.81 -74.34 -31.16
C GLU R 103 -6.41 -74.69 -30.62
N LEU R 104 -5.81 -73.83 -29.79
CA LEU R 104 -4.49 -74.05 -29.13
C LEU R 104 -4.69 -74.38 -27.64
N GLY R 105 -5.95 -74.42 -27.17
CA GLY R 105 -6.34 -74.71 -25.78
C GLY R 105 -5.73 -73.74 -24.78
N LEU R 106 -5.72 -72.44 -25.10
CA LEU R 106 -5.21 -71.34 -24.24
C LEU R 106 -6.39 -70.53 -23.66
N ASP R 107 -7.62 -70.97 -23.90
CA ASP R 107 -8.86 -70.32 -23.38
C ASP R 107 -9.26 -70.97 -22.05
N LYS R 108 -8.68 -72.13 -21.70
CA LYS R 108 -9.04 -72.93 -20.49
C LYS R 108 -8.01 -72.65 -19.37
N VAL R 109 -8.50 -72.39 -18.16
CA VAL R 109 -7.71 -71.99 -16.97
C VAL R 109 -6.37 -72.72 -17.01
N ALA S 1 34.18 11.74 -6.08
CA ALA S 1 32.78 11.21 -6.13
C ALA S 1 32.68 10.01 -7.10
N SER S 2 33.73 9.18 -7.18
CA SER S 2 33.82 7.98 -8.06
C SER S 2 34.74 6.92 -7.43
N GLY S 3 35.33 6.04 -8.25
CA GLY S 3 36.21 4.93 -7.82
C GLY S 3 35.60 3.58 -8.15
N GLY S 4 36.42 2.53 -8.19
CA GLY S 4 36.00 1.11 -8.36
C GLY S 4 36.10 0.36 -7.04
N GLY S 5 36.75 -0.81 -7.03
CA GLY S 5 37.09 -1.58 -5.80
C GLY S 5 36.13 -2.71 -5.50
N VAL S 6 35.10 -2.89 -6.33
CA VAL S 6 34.22 -4.09 -6.28
C VAL S 6 34.62 -4.95 -7.47
N PRO S 7 34.99 -6.23 -7.24
CA PRO S 7 35.44 -7.08 -8.33
C PRO S 7 34.25 -7.41 -9.24
N THR S 8 34.51 -7.84 -10.48
CA THR S 8 33.48 -8.35 -11.42
C THR S 8 33.44 -9.88 -11.32
N ASP S 9 32.48 -10.55 -11.96
CA ASP S 9 32.36 -12.03 -11.99
C ASP S 9 33.46 -12.55 -12.93
N GLU S 10 33.50 -12.02 -14.15
CA GLU S 10 34.69 -12.03 -15.06
C GLU S 10 35.97 -12.21 -14.23
N GLU S 11 36.19 -11.39 -13.20
CA GLU S 11 37.41 -11.35 -12.35
C GLU S 11 37.45 -12.50 -11.33
N GLN S 12 36.40 -12.69 -10.51
CA GLN S 12 36.50 -13.39 -9.20
C GLN S 12 35.47 -14.53 -9.05
N ALA S 13 34.62 -14.79 -10.05
CA ALA S 13 33.74 -15.98 -10.09
C ALA S 13 34.61 -17.23 -10.09
N THR S 14 34.16 -18.31 -9.45
CA THR S 14 34.97 -19.55 -9.37
C THR S 14 34.09 -20.80 -9.47
N GLY S 15 34.73 -21.96 -9.46
CA GLY S 15 34.07 -23.27 -9.50
C GLY S 15 32.94 -23.27 -10.50
N LEU S 16 31.89 -24.04 -10.20
CA LEU S 16 30.79 -24.31 -11.15
C LEU S 16 30.32 -22.96 -11.73
N GLU S 17 30.09 -21.96 -10.88
CA GLU S 17 29.55 -20.63 -11.30
C GLU S 17 30.37 -20.12 -12.49
N ARG S 18 31.70 -20.12 -12.36
CA ARG S 18 32.66 -19.64 -13.40
C ARG S 18 32.43 -20.42 -14.69
N GLU S 19 32.26 -21.74 -14.55
CA GLU S 19 32.05 -22.71 -15.66
C GLU S 19 30.79 -22.31 -16.42
N VAL S 20 29.70 -22.15 -15.68
CA VAL S 20 28.33 -21.86 -16.22
C VAL S 20 28.40 -20.54 -16.98
N MET S 21 29.03 -19.53 -16.36
CA MET S 21 29.29 -18.19 -16.95
C MET S 21 30.13 -18.35 -18.22
N LEU S 22 31.31 -18.97 -18.11
CA LEU S 22 32.27 -19.11 -19.22
C LEU S 22 31.60 -19.85 -20.39
N ALA S 23 30.90 -20.95 -20.11
CA ALA S 23 30.16 -21.75 -21.12
C ALA S 23 29.08 -20.88 -21.77
N ALA S 24 28.22 -20.28 -20.95
CA ALA S 24 27.09 -19.41 -21.38
C ALA S 24 27.56 -18.41 -22.44
N ARG S 25 28.84 -18.02 -22.41
CA ARG S 25 29.41 -17.01 -23.34
C ARG S 25 29.51 -17.61 -24.75
N LYS S 26 29.85 -18.90 -24.87
CA LYS S 26 29.98 -19.62 -26.17
C LYS S 26 28.61 -20.12 -26.63
N GLY S 27 27.57 -19.95 -25.81
CA GLY S 27 26.23 -20.52 -26.04
C GLY S 27 26.27 -22.03 -26.02
N GLN S 28 26.91 -22.60 -25.00
CA GLN S 28 26.85 -24.04 -24.65
C GLN S 28 26.06 -24.15 -23.35
N ASP S 29 25.32 -25.23 -23.14
CA ASP S 29 24.67 -25.50 -21.83
C ASP S 29 25.08 -26.89 -21.33
N PRO S 30 26.33 -27.05 -20.83
CA PRO S 30 26.79 -28.33 -20.27
C PRO S 30 26.05 -28.82 -19.02
N TYR S 31 25.54 -27.93 -18.15
CA TYR S 31 24.87 -28.27 -16.87
C TYR S 31 23.36 -27.98 -16.90
N ASN S 32 22.77 -28.02 -18.10
CA ASN S 32 21.30 -28.16 -18.38
C ASN S 32 20.50 -27.05 -17.67
N ILE S 33 20.99 -25.82 -17.74
CA ILE S 33 20.26 -24.62 -17.24
C ILE S 33 19.05 -24.34 -18.16
N LEU S 34 19.23 -24.53 -19.47
CA LEU S 34 18.21 -24.27 -20.51
C LEU S 34 17.49 -25.57 -20.91
N ALA S 35 16.43 -25.43 -21.69
CA ALA S 35 15.69 -26.55 -22.29
C ALA S 35 16.13 -26.70 -23.74
N PRO S 36 16.43 -27.94 -24.21
CA PRO S 36 16.79 -28.16 -25.61
C PRO S 36 15.65 -27.82 -26.58
N LYS S 37 16.00 -27.26 -27.75
CA LYS S 37 15.08 -27.04 -28.89
C LYS S 37 14.76 -28.39 -29.53
N ALA S 38 13.49 -28.74 -29.65
CA ALA S 38 13.04 -29.97 -30.34
C ALA S 38 13.44 -29.86 -31.82
N THR S 39 13.92 -30.97 -32.38
CA THR S 39 14.13 -31.14 -33.84
C THR S 39 12.76 -31.43 -34.45
N SER S 40 12.71 -32.02 -35.65
CA SER S 40 11.46 -32.52 -36.28
C SER S 40 11.09 -33.86 -35.66
N GLY S 41 12.03 -34.50 -34.94
CA GLY S 41 11.80 -35.80 -34.29
C GLY S 41 11.30 -36.81 -35.30
N THR S 42 12.21 -37.35 -36.10
CA THR S 42 11.98 -38.37 -37.15
C THR S 42 13.21 -39.27 -37.20
N LYS S 43 13.20 -40.32 -38.02
CA LYS S 43 14.32 -41.29 -38.16
C LYS S 43 15.58 -40.55 -38.66
N GLU S 44 15.40 -39.55 -39.54
CA GLU S 44 16.45 -38.74 -40.25
C GLU S 44 16.94 -37.56 -39.40
N ASP S 45 16.00 -36.90 -38.70
CA ASP S 45 16.24 -35.69 -37.85
C ASP S 45 15.78 -35.99 -36.43
N PRO S 46 16.43 -36.94 -35.70
CA PRO S 46 16.12 -37.18 -34.29
C PRO S 46 16.52 -36.03 -33.37
N ASN S 47 15.97 -36.05 -32.14
CA ASN S 47 16.39 -35.14 -31.05
C ASN S 47 17.68 -35.71 -30.48
N LEU S 48 18.75 -34.92 -30.47
CA LEU S 48 20.08 -35.35 -29.98
C LEU S 48 20.11 -35.14 -28.46
N VAL S 49 20.12 -36.23 -27.68
CA VAL S 49 20.16 -36.21 -26.19
C VAL S 49 21.60 -36.42 -25.72
N PRO S 50 22.41 -35.36 -25.45
CA PRO S 50 23.73 -35.54 -24.86
C PRO S 50 23.60 -36.20 -23.48
N SER S 51 24.38 -37.26 -23.24
CA SER S 51 24.56 -37.86 -21.90
C SER S 51 26.06 -37.94 -21.61
N ILE S 52 26.48 -37.87 -20.34
CA ILE S 52 27.86 -38.24 -19.92
C ILE S 52 28.05 -39.75 -20.16
N THR S 53 27.05 -40.57 -19.83
CA THR S 53 27.21 -42.06 -19.89
C THR S 53 26.40 -42.64 -21.05
N ASN S 54 25.88 -43.85 -20.83
CA ASN S 54 25.34 -44.80 -21.83
C ASN S 54 23.83 -44.62 -21.95
N LYS S 55 23.26 -43.77 -21.10
CA LYS S 55 21.79 -43.61 -21.01
C LYS S 55 21.41 -42.40 -20.15
N ARG S 56 20.24 -41.85 -20.44
CA ARG S 56 19.66 -40.66 -19.78
C ARG S 56 18.15 -40.86 -19.79
N ILE S 57 17.44 -40.37 -18.77
CA ILE S 57 15.96 -40.37 -18.77
C ILE S 57 15.51 -39.23 -19.70
N VAL S 58 14.69 -39.54 -20.72
CA VAL S 58 13.99 -38.52 -21.53
C VAL S 58 12.60 -38.34 -20.93
N GLY S 59 12.24 -37.10 -20.61
CA GLY S 59 10.85 -36.65 -20.52
C GLY S 59 10.38 -36.25 -21.90
N CYS S 60 9.23 -36.76 -22.33
CA CYS S 60 8.55 -36.31 -23.57
C CYS S 60 7.19 -35.69 -23.22
N ILE S 61 6.98 -34.45 -23.68
CA ILE S 61 5.69 -33.72 -23.64
C ILE S 61 5.10 -33.81 -25.05
N CYS S 62 4.42 -34.93 -25.31
CA CYS S 62 4.05 -35.44 -26.65
C CYS S 62 3.24 -34.38 -27.40
N GLU S 63 2.57 -33.51 -26.66
CA GLU S 63 1.80 -32.35 -27.18
C GLU S 63 1.77 -31.25 -26.12
N GLU S 64 2.41 -30.12 -26.41
CA GLU S 64 2.23 -28.81 -25.72
C GLU S 64 0.83 -28.79 -25.08
N ASP S 65 0.75 -28.46 -23.79
CA ASP S 65 -0.50 -28.39 -22.98
C ASP S 65 -0.97 -29.80 -22.59
N ASN S 66 -0.13 -30.84 -22.77
CA ASN S 66 -0.25 -32.14 -22.06
C ASN S 66 0.21 -31.92 -20.61
N SER S 67 -0.58 -32.39 -19.65
CA SER S 67 -0.30 -32.29 -18.19
C SER S 67 0.57 -33.47 -17.76
N THR S 68 0.78 -34.44 -18.63
CA THR S 68 1.50 -35.70 -18.28
C THR S 68 2.71 -35.89 -19.20
N VAL S 69 3.88 -35.78 -18.59
CA VAL S 69 5.20 -36.06 -19.21
C VAL S 69 5.37 -37.59 -19.28
N ILE S 70 5.81 -38.10 -20.44
CA ILE S 70 6.13 -39.54 -20.68
C ILE S 70 7.63 -39.74 -20.47
N TRP S 71 8.03 -40.49 -19.44
CA TRP S 71 9.48 -40.73 -19.16
C TRP S 71 9.89 -42.12 -19.64
N PHE S 72 11.13 -42.23 -20.06
CA PHE S 72 11.72 -43.53 -20.45
C PHE S 72 13.24 -43.37 -20.54
N TRP S 73 13.95 -44.36 -20.02
CA TRP S 73 15.41 -44.57 -20.23
C TRP S 73 15.74 -44.63 -21.71
N LEU S 74 16.61 -43.71 -22.17
CA LEU S 74 17.19 -43.68 -23.53
C LEU S 74 18.60 -44.26 -23.47
N HIS S 75 18.92 -45.24 -24.33
CA HIS S 75 20.23 -45.96 -24.33
C HIS S 75 21.06 -45.60 -25.56
N LYS S 76 22.39 -45.64 -25.37
CA LYS S 76 23.42 -45.50 -26.44
C LYS S 76 23.10 -46.54 -27.51
N GLY S 77 23.40 -46.24 -28.76
CA GLY S 77 23.03 -47.07 -29.91
C GLY S 77 21.99 -46.37 -30.74
N GLU S 78 20.93 -47.08 -31.12
CA GLU S 78 20.10 -46.66 -32.27
C GLU S 78 18.87 -45.87 -31.79
N ALA S 79 18.38 -44.98 -32.65
CA ALA S 79 17.31 -44.02 -32.32
C ALA S 79 16.10 -44.77 -31.74
N GLN S 80 15.85 -44.61 -30.43
CA GLN S 80 14.63 -45.07 -29.71
C GLN S 80 13.50 -44.02 -29.85
N ARG S 81 12.25 -44.46 -29.61
CA ARG S 81 11.02 -43.70 -29.91
C ARG S 81 10.15 -43.60 -28.64
N CYS S 82 9.51 -42.46 -28.40
CA CYS S 82 8.61 -42.25 -27.24
C CYS S 82 7.47 -43.28 -27.20
N PRO S 83 7.28 -44.04 -26.09
CA PRO S 83 6.26 -45.10 -26.06
C PRO S 83 4.84 -44.58 -26.35
N SER S 84 4.67 -43.25 -26.40
CA SER S 84 3.38 -42.53 -26.51
C SER S 84 3.15 -42.02 -27.93
N CYS S 85 3.96 -41.04 -28.37
CA CYS S 85 3.84 -40.34 -29.67
C CYS S 85 4.83 -40.90 -30.71
N GLY S 86 5.86 -41.62 -30.25
CA GLY S 86 6.92 -42.17 -31.11
C GLY S 86 7.58 -41.09 -31.95
N THR S 87 8.02 -39.99 -31.32
CA THR S 87 9.07 -39.09 -31.88
C THR S 87 10.40 -39.71 -31.48
N HIS S 88 11.40 -39.59 -32.35
CA HIS S 88 12.71 -40.31 -32.29
C HIS S 88 13.70 -39.54 -31.40
N TYR S 89 14.43 -40.26 -30.54
CA TYR S 89 15.54 -39.72 -29.70
C TYR S 89 16.82 -40.48 -30.02
N LYS S 90 17.98 -39.84 -29.86
CA LYS S 90 19.31 -40.48 -30.03
C LYS S 90 20.31 -39.89 -29.03
N LEU S 91 20.93 -40.74 -28.20
CA LEU S 91 21.96 -40.30 -27.22
C LEU S 91 23.19 -39.88 -28.02
N VAL S 92 23.84 -38.79 -27.65
CA VAL S 92 25.07 -38.26 -28.32
C VAL S 92 26.11 -38.02 -27.25
N PRO S 93 26.50 -39.07 -26.50
CA PRO S 93 27.41 -38.94 -25.37
C PRO S 93 28.45 -37.80 -25.41
N HIS S 94 28.52 -37.05 -24.30
CA HIS S 94 29.77 -36.62 -23.62
C HIS S 94 30.11 -35.15 -23.93
N GLN S 95 31.41 -34.88 -24.07
CA GLN S 95 32.13 -33.59 -23.83
C GLN S 95 32.16 -33.35 -22.31
N LEU S 96 32.04 -32.09 -21.88
CA LEU S 96 32.08 -31.61 -20.46
C LEU S 96 33.53 -31.34 -20.02
N ALA S 97 34.32 -32.37 -19.66
CA ALA S 97 35.73 -32.25 -19.18
C ALA S 97 36.71 -32.87 -20.20
N HIS S 98 37.94 -32.35 -20.30
CA HIS S 98 39.03 -32.81 -21.22
C HIS S 98 40.12 -33.56 -20.44
N ALA T 1 2.56 10.39 -5.36
CA ALA T 1 3.10 11.77 -5.59
C ALA T 1 4.58 11.69 -6.06
N SER T 2 5.02 12.66 -6.86
CA SER T 2 6.44 12.85 -7.28
C SER T 2 7.30 13.36 -6.11
N ALA T 3 6.65 13.93 -5.07
CA ALA T 3 7.21 14.55 -3.84
C ALA T 3 7.31 16.07 -4.02
N ALA T 4 8.04 16.49 -5.07
CA ALA T 4 8.15 17.86 -5.65
C ALA T 4 9.60 18.16 -6.05
N LYS T 5 10.26 17.28 -6.80
CA LYS T 5 11.76 17.19 -6.78
C LYS T 5 12.31 16.83 -8.17
N GLY T 6 13.12 15.76 -8.29
CA GLY T 6 14.23 15.67 -9.28
C GLY T 6 14.20 14.46 -10.21
N ASP T 7 15.26 13.62 -10.15
CA ASP T 7 15.92 12.89 -11.28
C ASP T 7 14.94 11.94 -12.02
N HIS T 8 15.29 10.64 -12.13
CA HIS T 8 14.66 9.54 -12.93
C HIS T 8 15.19 9.49 -14.37
N GLY T 9 15.89 10.55 -14.83
CA GLY T 9 16.51 10.66 -16.16
C GLY T 9 17.94 10.12 -16.18
N GLY T 10 18.47 9.69 -15.02
CA GLY T 10 19.76 8.99 -14.87
C GLY T 10 19.92 8.34 -13.50
N TPO T 11 19.29 7.16 -13.31
CA TPO T 11 19.25 6.48 -12.03
CB TPO T 11 18.12 5.42 -11.96
CG2 TPO T 11 18.54 4.01 -12.29
OG1 TPO T 11 17.58 5.40 -10.59
P TPO T 11 16.78 6.66 -9.96
O1P TPO T 11 17.53 7.04 -8.70
O2P TPO T 11 16.82 7.75 -11.01
O3P TPO T 11 15.36 6.18 -9.68
C TPO T 11 20.63 5.90 -11.69
O TPO T 11 21.11 4.98 -12.35
N GLY T 12 21.24 6.48 -10.65
CA GLY T 12 22.49 5.97 -10.12
C GLY T 12 22.56 6.13 -8.61
N ALA T 13 23.67 5.68 -8.04
CA ALA T 13 24.06 5.91 -6.63
C ALA T 13 23.96 7.41 -6.33
N ARG T 14 24.56 8.25 -7.18
CA ARG T 14 24.68 9.72 -6.96
C ARG T 14 23.33 10.32 -6.57
N THR T 15 22.25 9.79 -7.16
CA THR T 15 20.86 10.26 -6.92
C THR T 15 20.44 9.86 -5.50
N TRP T 16 20.83 8.66 -5.08
CA TRP T 16 20.42 8.15 -3.74
C TRP T 16 21.33 8.74 -2.67
N ARG T 17 22.55 9.05 -3.05
CA ARG T 17 23.53 9.77 -2.19
C ARG T 17 22.97 11.16 -1.88
N PHE T 18 22.56 11.87 -2.93
CA PHE T 18 21.84 13.17 -2.87
C PHE T 18 20.72 13.11 -1.83
N LEU T 19 19.73 12.23 -2.01
CA LEU T 19 18.59 12.09 -1.06
C LEU T 19 19.12 11.79 0.35
N THR T 20 20.12 10.91 0.50
CA THR T 20 20.65 10.50 1.81
C THR T 20 21.05 11.73 2.64
N PHE T 21 21.83 12.62 2.04
CA PHE T 21 22.39 13.84 2.68
C PHE T 21 21.45 15.05 2.50
N GLY T 22 20.58 15.03 1.48
CA GLY T 22 19.76 16.19 1.07
C GLY T 22 18.42 16.26 1.79
N LEU T 23 17.90 15.11 2.24
CA LEU T 23 16.51 14.96 2.70
C LEU T 23 16.50 14.12 4.00
N ALA T 24 16.81 12.83 3.88
CA ALA T 24 16.80 11.84 4.99
C ALA T 24 17.55 12.41 6.19
N LEU T 25 18.85 12.65 6.06
CA LEU T 25 19.70 12.99 7.23
C LEU T 25 19.30 14.35 7.78
N PRO T 26 19.03 15.39 6.96
CA PRO T 26 18.43 16.62 7.49
C PRO T 26 17.12 16.39 8.27
N SER T 27 16.31 15.39 7.89
CA SER T 27 15.08 15.02 8.64
C SER T 27 15.44 14.50 10.02
N VAL T 28 16.41 13.60 10.09
CA VAL T 28 16.89 13.00 11.37
C VAL T 28 17.43 14.11 12.27
N ALA T 29 17.99 15.17 11.67
CA ALA T 29 18.56 16.34 12.38
C ALA T 29 17.43 17.23 12.90
N LEU T 30 16.42 17.47 12.07
CA LEU T 30 15.21 18.27 12.42
C LEU T 30 14.37 17.54 13.48
N CYS T 31 14.13 16.24 13.28
CA CYS T 31 13.38 15.37 14.21
C CYS T 31 14.19 15.17 15.49
N THR T 32 15.53 15.23 15.42
CA THR T 32 16.41 15.20 16.63
C THR T 32 16.30 16.56 17.32
N LEU T 33 16.37 17.67 16.56
CA LEU T 33 16.29 19.06 17.11
C LEU T 33 14.95 19.24 17.83
N ASN T 34 13.84 18.97 17.14
CA ASN T 34 12.48 19.03 17.73
C ASN T 34 12.48 18.37 19.12
N SER T 35 13.05 17.17 19.25
CA SER T 35 12.92 16.28 20.43
C SER T 35 13.73 16.80 21.62
N TRP T 36 15.03 17.10 21.42
CA TRP T 36 15.96 17.57 22.50
C TRP T 36 15.72 19.07 22.70
N LEU T 37 14.44 19.43 22.78
CA LEU T 37 13.84 20.78 22.75
C LEU T 37 12.34 20.58 23.00
N HIS T 38 12.00 19.69 23.95
CA HIS T 38 10.66 19.06 24.15
C HIS T 38 10.67 18.08 25.34
N SER T 39 11.73 17.28 25.52
CA SER T 39 11.92 16.40 26.71
C SER T 39 12.33 17.25 27.91
N GLY T 40 11.54 17.19 28.98
CA GLY T 40 11.70 17.98 30.22
C GLY T 40 10.87 17.36 31.34
N HIS T 41 11.50 16.49 32.14
CA HIS T 41 10.86 15.54 33.08
C HIS T 41 9.43 15.99 33.45
N ARG T 42 8.41 15.36 32.86
CA ARG T 42 6.99 15.60 33.20
C ARG T 42 6.69 14.99 34.58
N GLU T 43 5.85 15.66 35.37
CA GLU T 43 5.38 15.18 36.70
C GLU T 43 5.09 13.68 36.59
N ARG T 44 5.41 12.91 37.63
CA ARG T 44 5.03 11.47 37.70
C ARG T 44 3.55 11.39 38.07
N PRO T 45 2.80 10.44 37.46
CA PRO T 45 1.34 10.38 37.62
C PRO T 45 0.81 9.85 38.97
N ALA T 46 -0.05 10.65 39.61
CA ALA T 46 -0.68 10.31 40.91
C ALA T 46 -0.97 8.80 40.95
N PHE T 47 -0.18 8.04 41.69
CA PHE T 47 -0.40 6.59 41.90
C PHE T 47 -1.82 6.38 42.41
N ILE T 48 -2.61 5.60 41.69
CA ILE T 48 -3.92 5.02 42.13
C ILE T 48 -3.78 3.51 42.03
N PRO T 49 -4.21 2.72 43.05
CA PRO T 49 -4.06 1.26 42.97
C PRO T 49 -5.17 0.65 42.09
N TYR T 50 -5.26 1.08 40.83
CA TYR T 50 -6.19 0.55 39.79
C TYR T 50 -5.88 -0.94 39.57
N HIS T 51 -6.88 -1.80 39.68
CA HIS T 51 -6.69 -3.28 39.77
C HIS T 51 -6.33 -3.85 38.40
N HIS T 52 -6.54 -3.09 37.31
CA HIS T 52 -6.24 -3.51 35.92
C HIS T 52 -4.83 -3.09 35.47
N LEU T 53 -3.97 -2.64 36.40
CA LEU T 53 -2.53 -2.31 36.15
C LEU T 53 -1.70 -3.10 37.16
N ARG T 54 -0.38 -2.88 37.21
CA ARG T 54 0.58 -3.57 38.12
C ARG T 54 0.16 -5.04 38.30
N ILE T 55 -0.07 -5.74 37.19
CA ILE T 55 -0.64 -7.13 37.22
C ILE T 55 0.47 -8.12 37.57
N ARG T 56 0.20 -8.98 38.56
CA ARG T 56 1.15 -9.96 39.16
C ARG T 56 0.43 -11.30 39.37
N THR T 57 0.28 -12.10 38.31
CA THR T 57 -0.25 -13.48 38.37
C THR T 57 0.82 -14.43 38.90
N LYS T 58 2.09 -14.07 38.75
CA LYS T 58 3.22 -14.96 39.08
C LYS T 58 4.48 -14.12 39.26
N PRO T 59 5.26 -14.28 40.36
CA PRO T 59 6.61 -13.76 40.43
C PRO T 59 7.31 -13.64 39.07
N PHE T 60 7.75 -12.43 38.71
CA PHE T 60 8.79 -12.22 37.68
C PHE T 60 9.97 -13.08 38.09
N SER T 61 10.70 -13.63 37.12
CA SER T 61 11.72 -14.69 37.29
C SER T 61 13.10 -14.04 37.44
N TRP T 62 13.17 -12.96 38.23
CA TRP T 62 14.41 -12.17 38.48
C TRP T 62 14.16 -11.17 39.60
N GLY T 63 15.25 -10.68 40.21
CA GLY T 63 15.20 -9.72 41.32
C GLY T 63 14.20 -10.17 42.36
N ASP T 64 13.50 -9.22 43.01
CA ASP T 64 12.53 -9.54 44.10
C ASP T 64 11.25 -10.12 43.47
N GLY T 65 11.22 -10.30 42.15
CA GLY T 65 10.11 -10.96 41.43
C GLY T 65 8.89 -10.06 41.29
N ASN T 66 9.07 -8.76 41.57
CA ASN T 66 8.01 -7.72 41.65
C ASN T 66 8.48 -6.46 40.92
N HIS T 67 9.57 -6.56 40.14
CA HIS T 67 10.21 -5.44 39.40
C HIS T 67 10.32 -5.84 37.93
N THR T 68 9.63 -5.10 37.06
CA THR T 68 9.63 -5.24 35.58
C THR T 68 11.04 -4.99 35.06
N PHE T 69 11.46 -5.68 34.00
CA PHE T 69 12.87 -5.79 33.50
C PHE T 69 13.50 -4.39 33.29
N PHE T 70 12.69 -3.37 32.95
CA PHE T 70 13.11 -1.97 32.68
C PHE T 70 12.48 -1.02 33.72
N HIS T 71 12.42 -1.43 34.98
CA HIS T 71 11.77 -0.68 36.09
C HIS T 71 12.42 0.71 36.18
N ASN T 72 11.58 1.75 36.38
CA ASN T 72 11.99 3.17 36.53
C ASN T 72 11.29 3.76 37.77
N PRO T 73 11.98 3.86 38.94
CA PRO T 73 11.32 4.25 40.20
C PRO T 73 10.75 5.68 40.15
N ARG T 74 11.45 6.55 39.42
CA ARG T 74 11.01 7.91 39.00
C ARG T 74 9.53 7.89 38.58
N VAL T 75 9.08 6.86 37.82
CA VAL T 75 7.80 6.90 37.04
C VAL T 75 6.98 5.59 37.11
N ASN T 76 7.57 4.45 37.47
CA ASN T 76 6.85 3.15 37.49
C ASN T 76 6.63 2.69 38.93
N PRO T 77 5.38 2.74 39.45
CA PRO T 77 5.08 2.16 40.75
C PRO T 77 5.14 0.63 40.81
N LEU T 78 5.07 0.06 42.02
CA LEU T 78 4.73 -1.36 42.27
C LEU T 78 3.27 -1.40 42.73
N PRO T 79 2.63 -2.59 42.90
CA PRO T 79 1.21 -2.64 43.24
C PRO T 79 0.83 -1.81 44.48
N THR T 80 1.81 -1.57 45.35
CA THR T 80 1.65 -0.93 46.68
C THR T 80 2.35 0.44 46.72
N GLY T 81 2.28 1.21 45.64
CA GLY T 81 2.76 2.61 45.58
C GLY T 81 4.13 2.70 44.93
N TYR T 82 4.61 3.94 44.71
CA TYR T 82 5.96 4.23 44.19
C TYR T 82 7.02 3.73 45.20
N GLU T 83 8.27 3.60 44.76
CA GLU T 83 9.48 3.49 45.63
C GLU T 83 10.06 4.90 45.83
N LYS T 84 9.93 5.46 47.05
CA LYS T 84 10.17 6.90 47.40
C LYS T 84 9.05 7.76 46.78
N LYS U 7 -43.81 5.33 39.52
CA LYS U 7 -44.79 5.79 38.49
C LYS U 7 -44.13 5.74 37.11
N ILE U 8 -44.76 5.00 36.17
CA ILE U 8 -44.24 4.53 34.85
C ILE U 8 -43.29 3.33 35.10
N LYS U 9 -43.17 2.87 36.37
CA LYS U 9 -42.30 1.74 36.84
C LYS U 9 -42.95 0.42 36.44
N ASN U 10 -43.57 -0.31 37.38
CA ASN U 10 -44.49 -1.43 37.08
C ASN U 10 -43.75 -2.50 36.24
N TYR U 11 -42.76 -3.18 36.83
CA TYR U 11 -41.57 -3.75 36.16
C TYR U 11 -41.46 -5.28 36.34
N GLN U 12 -41.19 -6.01 35.25
CA GLN U 12 -40.90 -7.47 35.23
C GLN U 12 -39.39 -7.69 35.34
N THR U 13 -38.67 -7.48 34.23
CA THR U 13 -37.19 -7.52 34.12
C THR U 13 -36.74 -6.46 33.11
N ALA U 14 -35.44 -6.35 32.82
CA ALA U 14 -34.90 -5.41 31.80
C ALA U 14 -35.53 -5.76 30.45
N PRO U 15 -36.02 -4.77 29.69
CA PRO U 15 -36.59 -5.05 28.37
C PRO U 15 -35.49 -5.32 27.34
N PHE U 16 -35.85 -5.42 26.06
CA PHE U 16 -34.90 -5.44 24.94
C PHE U 16 -34.29 -4.04 24.82
N ASP U 17 -32.96 -3.95 24.67
CA ASP U 17 -32.27 -2.67 24.34
C ASP U 17 -31.57 -2.83 22.99
N SER U 18 -32.02 -2.09 21.96
CA SER U 18 -31.49 -2.14 20.58
C SER U 18 -30.04 -1.62 20.55
N ARG U 19 -29.63 -0.90 21.59
CA ARG U 19 -28.22 -0.46 21.81
C ARG U 19 -27.31 -1.66 22.09
N PHE U 20 -27.86 -2.77 22.61
CA PHE U 20 -27.10 -4.01 22.95
C PHE U 20 -27.84 -5.22 22.38
N PRO U 21 -27.81 -5.41 21.05
CA PRO U 21 -28.75 -6.29 20.37
C PRO U 21 -28.26 -7.74 20.16
N ASN U 22 -27.06 -8.05 20.63
CA ASN U 22 -26.36 -9.33 20.33
C ASN U 22 -26.24 -10.16 21.61
N GLN U 23 -25.77 -11.41 21.48
CA GLN U 23 -25.57 -12.36 22.60
C GLN U 23 -24.64 -11.77 23.68
N ASN U 24 -23.70 -10.90 23.29
CA ASN U 24 -22.74 -10.28 24.23
C ASN U 24 -23.41 -9.09 24.93
N GLN U 25 -23.68 -9.21 26.23
CA GLN U 25 -24.42 -8.21 27.04
C GLN U 25 -23.47 -7.51 28.03
N THR U 26 -22.23 -7.95 28.14
CA THR U 26 -21.17 -7.27 28.94
C THR U 26 -21.49 -5.77 28.99
N ARG U 27 -21.54 -5.15 27.82
CA ARG U 27 -21.75 -3.69 27.60
C ARG U 27 -23.00 -3.19 28.39
N ASN U 28 -24.16 -3.84 28.21
CA ASN U 28 -25.49 -3.42 28.75
C ASN U 28 -25.49 -3.39 30.29
N CYS U 29 -24.91 -4.40 30.93
CA CYS U 29 -24.68 -4.43 32.40
C CYS U 29 -23.92 -3.17 32.80
N TRP U 30 -22.77 -2.95 32.16
CA TRP U 30 -21.75 -1.92 32.53
C TRP U 30 -22.29 -0.51 32.28
N GLN U 31 -23.01 -0.30 31.17
CA GLN U 31 -23.62 1.01 30.83
C GLN U 31 -24.65 1.39 31.90
N ASN U 32 -25.53 0.44 32.23
CA ASN U 32 -26.69 0.70 33.13
C ASN U 32 -26.18 0.90 34.55
N TYR U 33 -25.02 0.35 34.90
CA TYR U 33 -24.40 0.54 36.23
C TYR U 33 -23.79 1.95 36.30
N LEU U 34 -23.08 2.36 35.24
CA LEU U 34 -22.47 3.71 35.13
C LEU U 34 -23.57 4.76 35.23
N ASP U 35 -24.49 4.75 34.26
CA ASP U 35 -25.63 5.71 34.15
C ASP U 35 -26.19 5.98 35.56
N PHE U 36 -26.69 4.95 36.24
CA PHE U 36 -27.26 5.07 37.61
C PHE U 36 -26.34 5.89 38.51
N HIS U 37 -25.11 5.43 38.76
CA HIS U 37 -24.19 6.10 39.70
C HIS U 37 -23.86 7.52 39.18
N ARG U 38 -23.84 7.72 37.86
CA ARG U 38 -23.73 9.07 37.24
C ARG U 38 -24.98 9.90 37.58
N CYS U 39 -26.15 9.26 37.51
CA CYS U 39 -27.45 9.86 37.92
C CYS U 39 -27.46 10.04 39.44
N GLU U 40 -27.28 8.97 40.22
CA GLU U 40 -27.36 8.93 41.71
C GLU U 40 -26.67 10.17 42.27
N LYS U 41 -25.43 10.42 41.84
CA LYS U 41 -24.57 11.49 42.40
C LYS U 41 -25.06 12.85 41.91
N ALA U 42 -25.46 12.96 40.63
CA ALA U 42 -25.91 14.21 39.99
C ALA U 42 -27.05 14.84 40.81
N MET U 43 -27.98 14.03 41.32
CA MET U 43 -29.09 14.47 42.21
C MET U 43 -28.50 14.88 43.57
N THR U 44 -27.90 13.94 44.30
CA THR U 44 -27.25 14.13 45.62
C THR U 44 -26.53 15.49 45.69
N ALA U 45 -25.75 15.83 44.66
CA ALA U 45 -24.82 16.99 44.64
C ALA U 45 -25.45 18.22 43.96
N LYS U 46 -26.73 18.14 43.55
CA LYS U 46 -27.49 19.29 42.97
C LYS U 46 -28.95 19.27 43.47
N GLY U 47 -29.16 18.91 44.75
CA GLY U 47 -30.46 19.00 45.46
C GLY U 47 -31.63 18.52 44.61
N GLY U 48 -32.03 17.25 44.74
CA GLY U 48 -33.18 16.63 44.06
C GLY U 48 -33.62 15.33 44.70
N ASP U 49 -34.22 14.42 43.91
CA ASP U 49 -34.64 13.06 44.36
C ASP U 49 -34.07 12.01 43.38
N VAL U 50 -33.66 10.87 43.94
CA VAL U 50 -32.88 9.80 43.24
C VAL U 50 -33.83 8.75 42.66
N SER U 51 -35.15 8.92 42.86
CA SER U 51 -36.22 8.02 42.35
C SER U 51 -36.48 8.27 40.87
N VAL U 52 -35.61 9.03 40.19
CA VAL U 52 -35.55 9.14 38.69
C VAL U 52 -34.44 8.19 38.19
N CYS U 53 -33.35 8.08 38.94
CA CYS U 53 -32.20 7.16 38.67
C CYS U 53 -32.53 5.70 38.96
N GLU U 54 -33.78 5.41 39.35
CA GLU U 54 -34.21 4.07 39.84
C GLU U 54 -34.18 3.08 38.68
N TRP U 55 -34.74 3.47 37.53
CA TRP U 55 -34.77 2.67 36.26
C TRP U 55 -33.45 1.92 36.07
N TYR U 56 -32.34 2.66 36.02
CA TYR U 56 -30.97 2.16 35.77
C TYR U 56 -30.55 1.17 36.87
N ARG U 57 -30.91 1.46 38.11
CA ARG U 57 -30.55 0.63 39.30
C ARG U 57 -31.13 -0.76 39.11
N ARG U 58 -32.40 -0.85 38.69
CA ARG U 58 -33.10 -2.14 38.44
C ARG U 58 -32.43 -2.84 37.25
N VAL U 59 -32.28 -2.15 36.12
CA VAL U 59 -31.79 -2.76 34.85
C VAL U 59 -30.45 -3.42 35.15
N TYR U 60 -29.52 -2.70 35.79
CA TYR U 60 -28.15 -3.20 36.08
C TYR U 60 -28.23 -4.35 37.09
N LYS U 61 -29.14 -4.26 38.07
CA LYS U 61 -29.36 -5.31 39.11
C LYS U 61 -29.77 -6.63 38.45
N SER U 62 -30.70 -6.58 37.49
CA SER U 62 -31.25 -7.75 36.76
C SER U 62 -30.15 -8.45 35.95
N LEU U 63 -29.32 -7.67 35.23
CA LEU U 63 -28.39 -8.14 34.18
C LEU U 63 -26.99 -8.43 34.75
N CYS U 64 -26.49 -7.59 35.66
CA CYS U 64 -25.08 -7.68 36.15
C CYS U 64 -24.97 -8.84 37.12
N PRO U 65 -23.96 -9.72 36.97
CA PRO U 65 -23.62 -10.68 38.02
C PRO U 65 -23.34 -10.00 39.36
N ILE U 66 -23.77 -10.59 40.46
CA ILE U 66 -23.59 -10.05 41.85
C ILE U 66 -22.10 -9.73 42.07
N SER U 67 -21.21 -10.68 41.78
CA SER U 67 -19.75 -10.57 42.05
C SER U 67 -19.12 -9.46 41.20
N TRP U 68 -19.83 -8.98 40.16
CA TRP U 68 -19.42 -7.81 39.33
C TRP U 68 -19.90 -6.54 40.04
N VAL U 69 -21.21 -6.43 40.30
CA VAL U 69 -21.80 -5.27 41.04
C VAL U 69 -20.99 -5.09 42.32
N SER U 70 -20.96 -6.13 43.15
CA SER U 70 -20.09 -6.24 44.36
C SER U 70 -18.72 -5.58 44.11
N THR U 71 -17.94 -6.08 43.13
CA THR U 71 -16.52 -5.67 42.85
C THR U 71 -16.44 -4.19 42.44
N TRP U 72 -17.38 -3.71 41.63
CA TRP U 72 -17.45 -2.28 41.19
C TRP U 72 -17.79 -1.38 42.38
N ASP U 73 -18.81 -1.77 43.18
CA ASP U 73 -19.26 -1.05 44.42
C ASP U 73 -18.08 -0.90 45.37
N ASP U 74 -17.35 -1.97 45.67
CA ASP U 74 -16.14 -1.95 46.54
C ASP U 74 -15.09 -1.03 45.91
N ARG U 75 -14.92 -1.09 44.59
CA ARG U 75 -13.88 -0.30 43.87
C ARG U 75 -14.21 1.20 43.92
N ARG U 76 -15.47 1.57 43.69
CA ARG U 76 -15.91 2.99 43.78
C ARG U 76 -15.55 3.55 45.17
N ALA U 77 -16.05 2.91 46.23
CA ALA U 77 -15.76 3.24 47.64
C ALA U 77 -14.24 3.31 47.90
N GLU U 78 -13.44 2.46 47.24
CA GLU U 78 -11.95 2.43 47.36
C GLU U 78 -11.31 3.53 46.49
N GLY U 79 -12.02 3.99 45.44
CA GLY U 79 -11.57 5.05 44.51
C GLY U 79 -10.72 4.51 43.36
N THR U 80 -10.92 3.24 42.98
CA THR U 80 -10.13 2.53 41.94
C THR U 80 -11.07 2.05 40.83
N PHE U 81 -12.24 2.69 40.69
CA PHE U 81 -13.26 2.36 39.67
C PHE U 81 -12.94 3.05 38.37
N PRO U 82 -12.64 2.31 37.28
CA PRO U 82 -11.88 2.84 36.15
C PRO U 82 -12.75 3.63 35.17
N GLY U 83 -14.07 3.61 35.36
CA GLY U 83 -15.06 4.31 34.52
C GLY U 83 -15.34 5.72 35.03
N LYS U 84 -15.25 6.71 34.15
CA LYS U 84 -15.73 8.10 34.37
C LYS U 84 -17.11 8.04 35.05
N ILE U 85 -17.25 8.68 36.21
CA ILE U 85 -18.58 9.09 36.76
C ILE U 85 -18.49 10.60 37.04
N THR V 2 -27.98 -70.18 -38.98
CA THR V 2 -27.50 -69.33 -40.12
C THR V 2 -26.17 -68.68 -39.72
N ALA V 3 -25.74 -67.63 -40.43
CA ALA V 3 -24.60 -66.76 -40.07
C ALA V 3 -24.95 -65.94 -38.81
N LEU V 4 -23.91 -65.42 -38.12
CA LEU V 4 -24.02 -64.51 -36.94
C LEU V 4 -24.22 -63.07 -37.42
N ALA V 5 -25.14 -62.34 -36.81
CA ALA V 5 -25.42 -60.93 -37.11
C ALA V 5 -24.43 -60.07 -36.31
N LYS V 6 -24.10 -58.87 -36.82
CA LYS V 6 -23.14 -57.91 -36.23
C LYS V 6 -23.75 -57.24 -34.99
N PRO V 7 -23.10 -57.34 -33.82
CA PRO V 7 -23.54 -56.64 -32.62
C PRO V 7 -22.92 -55.25 -32.49
N GLN V 8 -23.56 -54.37 -31.69
CA GLN V 8 -22.99 -53.08 -31.22
C GLN V 8 -21.61 -53.39 -30.63
N MET V 9 -20.55 -52.82 -31.21
CA MET V 9 -19.15 -53.13 -30.83
C MET V 9 -18.44 -51.89 -30.26
N ARG V 10 -19.10 -50.73 -30.20
CA ARG V 10 -18.47 -49.46 -29.75
C ARG V 10 -19.33 -48.81 -28.67
N GLY V 11 -18.66 -48.14 -27.73
CA GLY V 11 -19.31 -47.40 -26.64
C GLY V 11 -19.96 -48.34 -25.66
N LEU V 12 -19.35 -49.50 -25.41
CA LEU V 12 -19.93 -50.56 -24.56
C LEU V 12 -19.95 -50.12 -23.09
N LEU V 13 -18.87 -49.47 -22.62
CA LEU V 13 -18.77 -49.02 -21.21
C LEU V 13 -19.78 -47.88 -21.00
N ALA V 14 -19.85 -46.97 -21.97
CA ALA V 14 -20.75 -45.78 -21.96
C ALA V 14 -22.23 -46.21 -21.93
N ARG V 15 -22.58 -47.29 -22.63
CA ARG V 15 -23.92 -47.92 -22.57
C ARG V 15 -24.18 -48.37 -21.13
N ARG V 16 -23.23 -49.10 -20.53
CA ARG V 16 -23.37 -49.63 -19.15
C ARG V 16 -23.64 -48.47 -18.19
N LEU V 17 -22.97 -47.34 -18.39
CA LEU V 17 -23.04 -46.17 -17.46
C LEU V 17 -24.39 -45.46 -17.61
N ARG V 18 -24.80 -45.08 -18.83
CA ARG V 18 -26.06 -44.31 -19.08
C ARG V 18 -27.23 -45.01 -18.40
N PHE V 19 -27.27 -46.35 -18.47
CA PHE V 19 -28.29 -47.20 -17.81
C PHE V 19 -28.19 -46.99 -16.30
N HIS V 20 -27.04 -47.36 -15.71
CA HIS V 20 -26.86 -47.48 -14.25
C HIS V 20 -26.87 -46.11 -13.55
N ILE V 21 -26.27 -45.08 -14.15
CA ILE V 21 -26.29 -43.68 -13.60
C ILE V 21 -27.75 -43.30 -13.37
N VAL V 22 -28.68 -43.79 -14.20
CA VAL V 22 -30.14 -43.53 -14.05
C VAL V 22 -30.65 -44.33 -12.83
N GLY V 23 -30.28 -45.60 -12.70
CA GLY V 23 -30.68 -46.45 -11.56
C GLY V 23 -29.92 -46.13 -10.28
N ALA V 24 -28.95 -45.21 -10.32
CA ALA V 24 -28.15 -44.75 -9.16
C ALA V 24 -28.81 -43.50 -8.57
N PHE V 25 -29.20 -42.54 -9.41
CA PHE V 25 -30.03 -41.38 -9.00
C PHE V 25 -31.26 -41.96 -8.29
N MET V 26 -31.97 -42.87 -8.97
CA MET V 26 -33.22 -43.54 -8.45
C MET V 26 -32.96 -44.13 -7.06
N VAL V 27 -32.04 -45.10 -6.93
CA VAL V 27 -31.72 -45.81 -5.66
C VAL V 27 -31.52 -44.77 -4.56
N SER V 28 -30.57 -43.84 -4.76
CA SER V 28 -30.17 -42.79 -3.79
C SER V 28 -31.40 -41.98 -3.35
N LEU V 29 -32.25 -41.65 -4.32
CA LEU V 29 -33.40 -40.71 -4.16
C LEU V 29 -34.50 -41.34 -3.29
N GLY V 30 -34.68 -42.66 -3.41
CA GLY V 30 -35.67 -43.44 -2.64
C GLY V 30 -35.13 -43.71 -1.26
N PHE V 31 -33.87 -44.12 -1.19
CA PHE V 31 -33.09 -44.30 0.06
C PHE V 31 -33.36 -43.11 0.97
N ALA V 32 -33.46 -41.92 0.39
CA ALA V 32 -33.67 -40.63 1.09
C ALA V 32 -35.16 -40.34 1.26
N THR V 33 -36.02 -40.72 0.30
CA THR V 33 -37.49 -40.55 0.38
C THR V 33 -38.04 -41.47 1.47
N PHE V 34 -37.48 -42.68 1.56
CA PHE V 34 -37.79 -43.68 2.62
C PHE V 34 -37.53 -43.05 3.98
N TYR V 35 -36.50 -42.19 4.11
CA TYR V 35 -36.19 -41.50 5.38
C TYR V 35 -37.27 -40.43 5.64
N LYS V 36 -37.76 -39.76 4.60
CA LYS V 36 -38.80 -38.71 4.78
C LYS V 36 -40.06 -39.33 5.38
N PHE V 37 -40.71 -40.30 4.71
CA PHE V 37 -41.98 -40.95 5.17
C PHE V 37 -41.74 -41.58 6.55
N ALA V 38 -40.71 -42.43 6.65
CA ALA V 38 -40.51 -43.37 7.78
C ALA V 38 -39.89 -42.67 8.99
N VAL V 39 -39.46 -41.41 8.86
CA VAL V 39 -38.89 -40.60 9.99
C VAL V 39 -39.43 -39.17 9.93
N ALA V 40 -38.91 -38.33 9.03
CA ALA V 40 -39.04 -36.87 9.09
C ALA V 40 -40.52 -36.46 9.21
N GLU V 41 -41.44 -37.24 8.64
CA GLU V 41 -42.91 -36.96 8.66
C GLU V 41 -43.55 -37.64 9.88
N LYS V 42 -43.23 -38.92 10.12
CA LYS V 42 -43.58 -39.68 11.35
C LYS V 42 -43.35 -38.79 12.57
N ARG V 43 -42.25 -38.03 12.57
CA ARG V 43 -41.80 -37.15 13.69
C ARG V 43 -42.55 -35.81 13.66
N LYS V 44 -42.78 -35.20 12.49
CA LYS V 44 -43.56 -33.94 12.40
C LYS V 44 -44.93 -34.20 13.01
N LYS V 45 -45.53 -35.32 12.61
CA LYS V 45 -46.85 -35.85 13.03
C LYS V 45 -46.83 -36.07 14.55
N ALA V 46 -45.96 -36.97 15.04
CA ALA V 46 -45.82 -37.33 16.48
C ALA V 46 -45.77 -36.09 17.39
N TYR V 47 -45.16 -34.98 16.95
CA TYR V 47 -45.03 -33.74 17.76
C TYR V 47 -46.35 -32.95 17.67
N ALA V 48 -46.93 -32.82 16.48
CA ALA V 48 -48.20 -32.10 16.25
C ALA V 48 -49.39 -32.87 16.87
N ASP V 49 -49.34 -34.20 16.88
CA ASP V 49 -50.35 -35.11 17.52
C ASP V 49 -50.30 -34.92 19.04
N PHE V 50 -49.12 -35.11 19.62
CA PHE V 50 -48.85 -34.93 21.08
C PHE V 50 -49.51 -33.65 21.58
N TYR V 51 -49.11 -32.50 21.02
CA TYR V 51 -49.38 -31.16 21.61
C TYR V 51 -50.84 -30.79 21.36
N ARG V 52 -51.51 -31.38 20.36
CA ARG V 52 -52.88 -30.95 19.94
C ARG V 52 -53.87 -31.12 21.09
N ASN V 53 -53.75 -32.23 21.83
CA ASN V 53 -54.59 -32.56 23.03
C ASN V 53 -53.68 -32.68 24.24
N TYR V 54 -53.04 -31.58 24.63
CA TYR V 54 -52.05 -31.52 25.74
C TYR V 54 -52.42 -30.35 26.66
N ASP V 55 -52.21 -30.58 27.96
CA ASP V 55 -52.56 -29.65 29.07
C ASP V 55 -51.34 -29.66 30.01
N SER V 56 -50.60 -28.55 30.06
CA SER V 56 -49.34 -28.40 30.83
C SER V 56 -49.61 -28.49 32.34
N MET V 57 -50.68 -27.83 32.81
CA MET V 57 -51.18 -27.90 34.20
C MET V 57 -51.48 -29.35 34.58
N LYS V 58 -52.44 -29.97 33.89
CA LYS V 58 -52.80 -31.41 34.01
C LYS V 58 -51.52 -32.25 34.12
N ASP V 59 -50.58 -32.03 33.19
CA ASP V 59 -49.29 -32.77 33.09
C ASP V 59 -48.43 -32.45 34.32
N PHE V 60 -48.47 -31.19 34.78
CA PHE V 60 -47.78 -30.71 36.01
C PHE V 60 -48.44 -31.30 37.25
N GLU V 61 -49.78 -31.29 37.27
CA GLU V 61 -50.64 -31.87 38.35
C GLU V 61 -50.18 -33.32 38.57
N GLU V 62 -50.17 -34.10 37.48
CA GLU V 62 -49.76 -35.53 37.44
C GLU V 62 -48.34 -35.70 38.02
N MET V 63 -47.40 -34.81 37.67
CA MET V 63 -45.96 -34.90 38.05
C MET V 63 -45.78 -34.59 39.54
N ARG V 64 -46.39 -33.49 40.03
CA ARG V 64 -46.33 -33.05 41.45
C ARG V 64 -46.72 -34.23 42.36
N LYS V 65 -47.85 -34.87 42.06
CA LYS V 65 -48.47 -35.95 42.88
C LYS V 65 -47.53 -37.17 42.98
N ALA V 66 -46.52 -37.28 42.12
CA ALA V 66 -45.52 -38.38 42.14
C ALA V 66 -44.29 -37.98 42.99
N GLY V 67 -44.19 -36.69 43.34
CA GLY V 67 -43.15 -36.13 44.23
C GLY V 67 -41.81 -35.93 43.54
N ILE V 68 -41.80 -35.77 42.20
CA ILE V 68 -40.56 -35.59 41.39
C ILE V 68 -39.88 -34.28 41.84
N PHE V 69 -40.70 -33.26 42.11
CA PHE V 69 -40.30 -31.84 42.18
C PHE V 69 -39.60 -31.52 43.50
N GLN V 70 -38.76 -30.48 43.45
CA GLN V 70 -38.15 -29.77 44.59
C GLN V 70 -39.11 -28.67 45.08
N SER V 71 -39.80 -27.97 44.15
CA SER V 71 -40.51 -26.68 44.37
C SER V 71 -42.03 -26.85 44.46
N ALA V 72 -42.51 -28.08 44.64
CA ALA V 72 -43.95 -28.41 44.53
C ALA V 72 -44.19 -29.80 45.13
N LYS V 73 -44.70 -29.82 46.37
CA LYS V 73 -45.21 -31.03 47.06
C LYS V 73 -46.74 -31.06 46.86
N PHE W 1 42.30 -2.45 3.50
CA PHE W 1 42.28 -3.93 3.32
C PHE W 1 42.59 -4.30 1.86
N GLU W 2 43.04 -5.55 1.64
CA GLU W 2 43.34 -6.11 0.29
C GLU W 2 42.51 -7.37 0.02
N ASN W 3 42.54 -7.85 -1.22
CA ASN W 3 41.63 -8.89 -1.76
C ASN W 3 42.27 -10.28 -1.60
N ARG W 4 41.94 -10.98 -0.52
CA ARG W 4 42.53 -12.29 -0.17
C ARG W 4 41.63 -13.43 -0.65
N VAL W 5 40.71 -13.15 -1.57
CA VAL W 5 39.59 -14.08 -1.92
C VAL W 5 40.18 -15.23 -2.74
N ALA W 6 40.90 -14.93 -3.83
CA ALA W 6 41.48 -15.92 -4.77
C ALA W 6 42.25 -17.00 -4.00
N GLU W 7 42.98 -16.60 -2.95
CA GLU W 7 43.79 -17.51 -2.09
C GLU W 7 42.86 -18.37 -1.24
N LYS W 8 41.75 -17.79 -0.75
CA LYS W 8 40.76 -18.49 0.10
C LYS W 8 39.96 -19.46 -0.78
N GLN W 9 39.71 -19.06 -2.03
CA GLN W 9 39.13 -19.94 -3.08
C GLN W 9 40.00 -21.21 -3.12
N LYS W 10 41.27 -21.04 -3.48
CA LYS W 10 42.27 -22.13 -3.65
C LYS W 10 42.36 -23.00 -2.38
N LEU W 11 42.22 -22.44 -1.18
CA LEU W 11 42.31 -23.23 0.09
C LEU W 11 41.06 -24.13 0.24
N PHE W 12 39.91 -23.67 -0.25
CA PHE W 12 38.60 -24.33 -0.03
C PHE W 12 38.23 -25.22 -1.23
N GLN W 13 38.97 -25.12 -2.34
CA GLN W 13 38.76 -25.96 -3.55
C GLN W 13 39.86 -27.03 -3.68
N GLU W 14 40.70 -27.18 -2.65
CA GLU W 14 41.86 -28.11 -2.63
C GLU W 14 41.33 -29.54 -2.44
N ASP W 15 41.53 -30.40 -3.45
CA ASP W 15 41.09 -31.82 -3.50
C ASP W 15 41.69 -32.59 -2.32
N ASN W 16 40.89 -32.94 -1.32
CA ASN W 16 41.39 -33.70 -0.13
C ASN W 16 40.26 -34.45 0.58
N GLY W 17 39.08 -34.61 -0.06
CA GLY W 17 37.90 -35.30 0.50
C GLY W 17 37.60 -34.85 1.93
N LEU W 18 37.76 -33.56 2.23
CA LEU W 18 37.36 -32.96 3.54
C LEU W 18 36.05 -32.21 3.35
N PRO W 19 35.06 -32.41 4.25
CA PRO W 19 33.82 -31.64 4.20
C PRO W 19 34.13 -30.14 4.34
N VAL W 20 33.17 -29.28 4.00
CA VAL W 20 33.39 -27.80 3.94
C VAL W 20 33.62 -27.30 5.37
N HIS W 21 32.95 -27.90 6.35
CA HIS W 21 32.93 -27.43 7.76
C HIS W 21 34.28 -27.65 8.47
N LEU W 22 35.25 -28.31 7.81
CA LEU W 22 36.60 -28.59 8.39
C LEU W 22 37.71 -28.21 7.40
N LYS W 23 37.36 -27.78 6.18
CA LYS W 23 38.34 -27.59 5.09
C LYS W 23 39.34 -26.50 5.50
N GLY W 24 38.86 -25.47 6.21
CA GLY W 24 39.66 -24.34 6.72
C GLY W 24 40.98 -24.78 7.33
N GLY W 25 40.98 -25.84 8.16
CA GLY W 25 42.19 -26.39 8.81
C GLY W 25 41.90 -26.79 10.24
N ALA W 26 42.73 -26.33 11.19
CA ALA W 26 42.80 -26.85 12.57
C ALA W 26 41.68 -26.29 13.47
N THR W 27 41.36 -24.99 13.35
CA THR W 27 40.38 -24.28 14.22
C THR W 27 39.00 -24.90 14.03
N ASP W 28 38.59 -25.05 12.77
CA ASP W 28 37.33 -25.74 12.35
C ASP W 28 37.05 -26.91 13.29
N ASN W 29 38.07 -27.77 13.45
CA ASN W 29 38.05 -29.07 14.17
C ASN W 29 37.83 -28.83 15.65
N ILE W 30 38.55 -27.86 16.23
CA ILE W 30 38.39 -27.39 17.63
C ILE W 30 36.94 -26.90 17.84
N LEU W 31 36.49 -25.98 16.97
CA LEU W 31 35.22 -25.23 17.12
C LEU W 31 34.02 -26.18 17.00
N TYR W 32 34.08 -27.10 16.02
CA TYR W 32 33.16 -28.25 15.84
C TYR W 32 33.09 -29.07 17.14
N ARG W 33 34.26 -29.54 17.60
CA ARG W 33 34.41 -30.47 18.76
C ARG W 33 33.80 -29.83 20.02
N VAL W 34 34.05 -28.53 20.22
CA VAL W 34 33.53 -27.75 21.38
C VAL W 34 32.00 -27.73 21.28
N THR W 35 31.49 -27.13 20.20
CA THR W 35 30.05 -27.03 19.87
C THR W 35 29.34 -28.33 20.21
N MET W 36 29.91 -29.46 19.80
CA MET W 36 29.25 -30.79 19.90
C MET W 36 29.27 -31.25 21.36
N THR W 37 30.43 -31.11 22.02
CA THR W 37 30.65 -31.42 23.46
C THR W 37 29.58 -30.71 24.29
N LEU W 38 29.44 -29.39 24.07
CA LEU W 38 28.48 -28.48 24.76
C LEU W 38 27.03 -28.88 24.47
N CYS W 39 26.75 -29.33 23.23
CA CYS W 39 25.40 -29.76 22.79
C CYS W 39 25.01 -31.01 23.59
N LEU W 40 25.81 -32.07 23.47
CA LEU W 40 25.63 -33.38 24.16
C LEU W 40 25.67 -33.18 25.68
N GLY W 41 26.65 -32.40 26.19
CA GLY W 41 26.74 -32.00 27.60
C GLY W 41 25.47 -31.31 28.07
N GLY W 42 25.06 -30.26 27.34
CA GLY W 42 23.78 -29.58 27.56
C GLY W 42 22.66 -30.60 27.55
N THR W 43 22.62 -31.44 26.50
CA THR W 43 21.52 -32.40 26.23
C THR W 43 21.36 -33.37 27.41
N LEU W 44 22.45 -33.90 27.98
CA LEU W 44 22.39 -34.82 29.15
C LEU W 44 21.90 -34.01 30.36
N TYR W 45 22.60 -32.94 30.69
CA TYR W 45 22.20 -32.04 31.80
C TYR W 45 20.69 -31.77 31.70
N SER W 46 20.16 -31.49 30.50
CA SER W 46 18.72 -31.15 30.29
C SER W 46 17.87 -32.38 30.59
N LEU W 47 18.32 -33.55 30.12
CA LEU W 47 17.63 -34.85 30.34
C LEU W 47 17.61 -35.15 31.84
N TYR W 48 18.76 -35.01 32.50
CA TYR W 48 18.89 -35.14 33.97
C TYR W 48 17.79 -34.31 34.66
N CYS W 49 17.60 -33.06 34.22
CA CYS W 49 16.67 -32.06 34.85
C CYS W 49 15.23 -32.53 34.71
N LEU W 50 14.87 -33.12 33.56
CA LEU W 50 13.58 -33.84 33.30
C LEU W 50 13.40 -34.85 34.44
N GLY W 51 14.43 -35.65 34.71
CA GLY W 51 14.49 -36.58 35.85
C GLY W 51 14.06 -35.90 37.13
N TRP W 52 14.67 -34.75 37.45
CA TRP W 52 14.46 -34.05 38.73
C TRP W 52 12.98 -33.61 38.85
N ALA W 53 12.44 -32.93 37.85
CA ALA W 53 11.12 -32.25 37.93
C ALA W 53 9.96 -33.25 37.85
N SER W 54 10.24 -34.50 37.46
CA SER W 54 9.21 -35.55 37.23
C SER W 54 8.79 -36.18 38.56
N PHE W 55 9.76 -36.52 39.41
CA PHE W 55 9.55 -36.93 40.84
C PHE W 55 9.34 -35.68 41.69
N PRO W 56 8.25 -35.57 42.51
CA PRO W 56 7.99 -34.38 43.33
C PRO W 56 8.85 -34.31 44.60
N HIS W 57 8.56 -33.39 45.52
CA HIS W 57 9.43 -33.08 46.70
C HIS W 57 8.61 -32.73 47.96
N LYS W 58 8.79 -33.51 49.05
CA LYS W 58 8.19 -33.30 50.40
C LYS W 58 8.82 -32.08 51.07
N ALA X 6 -1.94 -77.00 -11.32
CA ALA X 6 -0.88 -77.19 -10.28
C ALA X 6 -1.17 -76.31 -9.06
N PRO X 7 -2.09 -76.73 -8.14
CA PRO X 7 -2.74 -75.82 -7.18
C PRO X 7 -1.84 -75.06 -6.18
N ASP X 8 -2.36 -73.93 -5.66
CA ASP X 8 -1.68 -72.93 -4.78
C ASP X 8 -2.24 -73.00 -3.35
N PHE X 9 -1.71 -72.15 -2.45
CA PHE X 9 -1.99 -72.14 -0.98
C PHE X 9 -3.50 -72.05 -0.71
N HIS X 10 -4.20 -71.16 -1.44
CA HIS X 10 -5.62 -70.78 -1.20
C HIS X 10 -6.51 -71.92 -1.69
N ASP X 11 -6.23 -72.45 -2.88
CA ASP X 11 -6.85 -73.69 -3.41
C ASP X 11 -6.80 -74.78 -2.34
N LYS X 12 -5.65 -74.96 -1.68
CA LYS X 12 -5.40 -76.03 -0.66
C LYS X 12 -6.22 -75.78 0.61
N TYR X 13 -5.96 -74.67 1.33
CA TYR X 13 -6.45 -74.43 2.72
C TYR X 13 -7.44 -73.26 2.80
N GLY X 14 -7.86 -72.68 1.67
CA GLY X 14 -8.83 -71.58 1.65
C GLY X 14 -9.99 -71.84 2.57
N ASN X 15 -10.83 -72.80 2.19
CA ASN X 15 -12.10 -73.17 2.90
C ASN X 15 -11.79 -73.56 4.36
N ALA X 16 -10.67 -74.24 4.60
CA ALA X 16 -10.19 -74.58 5.95
C ALA X 16 -10.25 -73.34 6.84
N VAL X 17 -9.50 -72.29 6.45
CA VAL X 17 -9.34 -71.01 7.21
C VAL X 17 -10.71 -70.35 7.37
N LEU X 18 -11.41 -70.11 6.26
CA LEU X 18 -12.76 -69.52 6.23
C LEU X 18 -13.63 -70.17 7.30
N ALA X 19 -13.73 -71.50 7.26
CA ALA X 19 -14.52 -72.33 8.20
C ALA X 19 -14.05 -72.09 9.63
N SER X 20 -12.75 -72.29 9.87
CA SER X 20 -12.13 -72.25 11.23
C SER X 20 -12.27 -70.85 11.84
N GLY X 21 -11.64 -69.85 11.21
CA GLY X 21 -11.75 -68.43 11.60
C GLY X 21 -13.20 -68.00 11.80
N ALA X 22 -14.06 -68.22 10.80
CA ALA X 22 -15.48 -67.82 10.86
C ALA X 22 -16.07 -68.31 12.18
N THR X 23 -15.74 -69.55 12.57
CA THR X 23 -16.31 -70.23 13.76
C THR X 23 -15.67 -69.65 15.01
N PHE X 24 -14.33 -69.69 15.10
CA PHE X 24 -13.56 -69.23 16.30
C PHE X 24 -14.08 -67.86 16.70
N CYS X 25 -14.06 -66.94 15.74
CA CYS X 25 -14.57 -65.54 15.83
C CYS X 25 -15.97 -65.48 16.44
N VAL X 26 -16.96 -66.12 15.81
CA VAL X 26 -18.40 -66.04 16.24
C VAL X 26 -18.54 -66.69 17.62
N ALA X 27 -17.83 -67.79 17.86
CA ALA X 27 -17.84 -68.52 19.16
C ALA X 27 -17.39 -67.57 20.26
N VAL X 28 -16.09 -67.25 20.29
CA VAL X 28 -15.39 -66.56 21.42
C VAL X 28 -16.02 -65.18 21.65
N TRP X 29 -16.52 -64.52 20.60
CA TRP X 29 -17.20 -63.21 20.73
C TRP X 29 -18.52 -63.39 21.49
N VAL X 30 -19.44 -64.16 20.90
CA VAL X 30 -20.80 -64.39 21.46
C VAL X 30 -20.70 -65.02 22.87
N TYR X 31 -19.55 -65.64 23.21
CA TYR X 31 -19.24 -66.04 24.61
C TYR X 31 -19.14 -64.75 25.45
N MET X 32 -18.06 -63.99 25.24
CA MET X 32 -17.72 -62.71 25.93
C MET X 32 -18.97 -61.84 26.09
N ALA X 33 -19.80 -61.74 25.05
CA ALA X 33 -21.10 -61.06 25.10
C ALA X 33 -21.80 -61.35 26.44
N THR X 34 -22.16 -62.61 26.68
CA THR X 34 -23.13 -63.04 27.72
C THR X 34 -22.42 -63.66 28.94
N GLN X 35 -21.29 -64.33 28.71
CA GLN X 35 -20.70 -65.33 29.66
C GLN X 35 -19.64 -64.71 30.56
N ILE X 36 -19.54 -63.38 30.66
CA ILE X 36 -18.63 -62.71 31.63
C ILE X 36 -19.34 -61.49 32.20
N GLY X 37 -20.66 -61.58 32.38
CA GLY X 37 -21.50 -60.63 33.11
C GLY X 37 -21.13 -59.16 32.89
N ILE X 38 -20.89 -58.75 31.64
CA ILE X 38 -20.79 -57.31 31.23
C ILE X 38 -22.21 -56.74 31.21
N GLU X 39 -22.44 -55.58 31.84
CA GLU X 39 -23.74 -54.88 31.79
C GLU X 39 -23.75 -53.99 30.56
N TRP X 40 -24.36 -54.48 29.47
CA TRP X 40 -24.62 -53.73 28.23
C TRP X 40 -25.63 -52.61 28.52
N ASN X 41 -26.43 -52.74 29.58
CA ASN X 41 -27.45 -51.74 29.95
C ASN X 41 -28.24 -51.36 28.69
N PRO X 42 -29.00 -52.32 28.12
CA PRO X 42 -29.84 -52.04 26.95
C PRO X 42 -31.18 -51.42 27.35
N SER X 43 -32.04 -51.10 26.37
CA SER X 43 -33.31 -50.38 26.60
C SER X 43 -34.10 -51.08 27.69
N PRO X 44 -34.39 -50.41 28.83
CA PRO X 44 -35.21 -50.99 29.89
C PRO X 44 -36.68 -51.13 29.44
N VAL X 45 -36.98 -50.64 28.24
CA VAL X 45 -38.33 -50.71 27.60
C VAL X 45 -38.64 -52.18 27.26
N GLY X 46 -39.78 -52.67 27.75
CA GLY X 46 -40.34 -54.01 27.47
C GLY X 46 -39.49 -55.15 27.99
N ARG X 47 -38.81 -54.97 29.12
CA ARG X 47 -38.15 -56.08 29.87
C ARG X 47 -37.96 -55.74 31.35
N VAL X 48 -38.14 -54.48 31.77
CA VAL X 48 -38.11 -54.07 33.21
C VAL X 48 -39.53 -53.68 33.62
N THR X 49 -40.06 -54.33 34.65
CA THR X 49 -41.28 -53.88 35.37
C THR X 49 -40.86 -52.79 36.35
N PRO X 50 -41.36 -51.55 36.18
CA PRO X 50 -40.88 -50.42 37.00
C PRO X 50 -41.39 -50.46 38.44
N LYS X 51 -40.48 -50.71 39.39
CA LYS X 51 -40.73 -50.69 40.86
C LYS X 51 -40.82 -49.23 41.33
N GLU X 52 -41.46 -48.97 42.46
CA GLU X 52 -41.67 -47.60 43.01
C GLU X 52 -40.35 -47.04 43.55
N TRP X 53 -40.23 -45.71 43.73
CA TRP X 53 -38.96 -45.08 44.16
C TRP X 53 -39.07 -44.31 45.49
N ARG X 54 -40.22 -43.77 45.89
CA ARG X 54 -40.23 -42.86 47.08
C ARG X 54 -41.16 -43.40 48.18
N HIS Y 2 32.11 -43.04 -0.66
CA HIS Y 2 30.68 -43.34 -1.03
C HIS Y 2 30.06 -44.32 -0.03
N TYR Y 3 28.73 -44.31 0.07
CA TYR Y 3 27.90 -45.14 1.01
C TYR Y 3 27.39 -46.39 0.28
N GLU Y 4 26.74 -47.28 1.06
CA GLU Y 4 26.19 -48.58 0.61
C GLU Y 4 24.84 -48.37 -0.10
N GLU Y 5 24.72 -48.83 -1.34
CA GLU Y 5 23.48 -48.73 -2.18
C GLU Y 5 22.93 -50.14 -2.42
N GLY Y 6 21.62 -50.34 -2.24
CA GLY Y 6 20.91 -51.56 -2.68
C GLY Y 6 19.90 -52.01 -1.64
N PRO Y 7 18.94 -52.90 -2.01
CA PRO Y 7 17.97 -53.44 -1.05
C PRO Y 7 18.63 -53.82 0.29
N GLY Y 8 18.20 -53.23 1.41
CA GLY Y 8 18.76 -53.50 2.75
C GLY Y 8 19.91 -52.57 3.16
N LYS Y 9 20.63 -52.01 2.18
CA LYS Y 9 21.87 -51.21 2.39
C LYS Y 9 21.56 -49.74 2.75
N ASN Y 10 20.36 -49.24 2.44
CA ASN Y 10 20.04 -47.79 2.48
C ASN Y 10 19.22 -47.44 3.74
N ILE Y 11 19.38 -48.18 4.83
CA ILE Y 11 18.59 -48.00 6.09
C ILE Y 11 19.54 -47.93 7.27
N PRO Y 12 19.16 -47.21 8.34
CA PRO Y 12 20.01 -47.09 9.52
C PRO Y 12 20.09 -48.40 10.33
N PHE Y 13 19.24 -49.38 10.03
CA PHE Y 13 19.31 -50.74 10.65
C PHE Y 13 19.79 -51.75 9.60
N SER Y 14 20.25 -52.90 10.10
CA SER Y 14 20.70 -54.07 9.31
C SER Y 14 19.59 -55.12 9.24
N VAL Y 15 19.40 -55.68 8.05
CA VAL Y 15 18.40 -56.77 7.81
C VAL Y 15 19.14 -58.07 7.48
N GLU Y 16 20.45 -57.99 7.23
CA GLU Y 16 21.47 -59.07 7.44
C GLU Y 16 20.82 -60.32 8.06
N ASN Y 17 20.30 -60.21 9.28
CA ASN Y 17 19.86 -61.37 10.09
C ASN Y 17 18.43 -61.17 10.61
N LYS Y 18 17.53 -62.07 10.18
CA LYS Y 18 16.05 -61.90 10.25
C LYS Y 18 15.55 -61.98 11.70
N TRP Y 19 16.35 -62.53 12.62
CA TRP Y 19 15.98 -62.63 14.06
C TRP Y 19 16.58 -61.44 14.81
N ARG Y 20 17.85 -61.11 14.51
CA ARG Y 20 18.44 -59.83 14.98
C ARG Y 20 17.36 -58.76 14.73
N LEU Y 21 16.78 -58.75 13.52
CA LEU Y 21 15.74 -57.77 13.14
C LEU Y 21 14.54 -57.87 14.10
N LEU Y 22 13.90 -59.04 14.19
CA LEU Y 22 12.65 -59.24 14.99
C LEU Y 22 12.80 -58.57 16.37
N ALA Y 23 13.96 -58.71 17.00
CA ALA Y 23 14.29 -58.18 18.35
C ALA Y 23 14.31 -56.64 18.30
N MET Y 24 15.11 -56.08 17.39
CA MET Y 24 15.21 -54.62 17.10
C MET Y 24 13.79 -54.06 16.99
N MET Y 25 13.01 -54.57 16.04
CA MET Y 25 11.65 -54.10 15.73
C MET Y 25 10.72 -54.34 16.93
N THR Y 26 10.95 -55.37 17.75
CA THR Y 26 10.17 -55.60 18.99
C THR Y 26 10.38 -54.43 19.95
N LEU Y 27 11.63 -54.08 20.22
CA LEU Y 27 12.02 -53.02 21.19
C LEU Y 27 11.52 -51.66 20.72
N PHE Y 28 12.04 -51.21 19.56
CA PHE Y 28 11.59 -50.00 18.82
C PHE Y 28 10.10 -49.76 19.05
N PHE Y 29 9.24 -50.52 18.37
CA PHE Y 29 7.76 -50.36 18.43
C PHE Y 29 7.27 -50.63 19.86
N GLY Y 30 7.86 -51.59 20.58
CA GLY Y 30 7.40 -52.00 21.93
C GLY Y 30 7.38 -50.83 22.89
N SER Y 31 8.46 -50.04 22.89
CA SER Y 31 8.73 -48.90 23.79
C SER Y 31 7.76 -47.76 23.49
N GLY Y 32 7.64 -47.39 22.21
CA GLY Y 32 6.62 -46.44 21.76
C GLY Y 32 5.28 -46.75 22.40
N PHE Y 33 4.70 -47.90 22.08
CA PHE Y 33 3.38 -48.38 22.58
C PHE Y 33 3.41 -48.46 24.10
N ALA Y 34 4.59 -48.77 24.69
CA ALA Y 34 4.81 -48.99 26.14
C ALA Y 34 4.65 -47.69 26.94
N ALA Y 35 5.16 -46.58 26.41
CA ALA Y 35 5.43 -45.30 27.11
C ALA Y 35 4.18 -44.72 27.79
N PRO Y 36 3.05 -44.54 27.09
CA PRO Y 36 1.87 -43.91 27.70
C PRO Y 36 1.37 -44.63 28.97
N PHE Y 37 1.55 -45.95 29.00
CA PHE Y 37 1.24 -46.81 30.17
C PHE Y 37 2.14 -46.42 31.34
N PHE Y 38 3.46 -46.37 31.13
CA PHE Y 38 4.46 -46.12 32.19
C PHE Y 38 4.41 -44.64 32.61
N ILE Y 39 3.98 -43.76 31.71
CA ILE Y 39 3.64 -42.34 32.01
C ILE Y 39 2.47 -42.32 33.03
N VAL Y 40 1.42 -43.07 32.74
CA VAL Y 40 0.18 -43.17 33.57
C VAL Y 40 0.50 -43.86 34.90
N ARG Y 41 1.30 -44.93 34.88
CA ARG Y 41 1.85 -45.58 36.11
C ARG Y 41 2.49 -44.48 36.94
N HIS Y 42 3.52 -43.85 36.35
CA HIS Y 42 4.38 -42.82 37.00
C HIS Y 42 3.53 -41.71 37.62
N GLN Y 43 2.43 -41.30 36.97
CA GLN Y 43 1.62 -40.13 37.40
C GLN Y 43 0.69 -40.47 38.57
N LEU Y 44 0.47 -41.76 38.87
CA LEU Y 44 -0.39 -42.25 39.99
C LEU Y 44 0.44 -42.47 41.27
N LEU Y 45 1.76 -42.71 41.15
CA LEU Y 45 2.67 -42.95 42.30
C LEU Y 45 3.52 -41.70 42.60
N LYS Y 46 3.32 -40.61 41.86
CA LYS Y 46 3.79 -39.24 42.24
C LYS Y 46 3.19 -38.92 43.61
N LYS Y 47 1.86 -39.08 43.72
CA LYS Y 47 1.07 -39.06 44.98
C LYS Y 47 -0.32 -39.62 44.66
N ILE Z 1 3.33 -55.71 -9.72
CA ILE Z 1 4.74 -55.63 -9.21
C ILE Z 1 5.26 -57.07 -9.06
N THR Z 2 6.01 -57.55 -10.03
CA THR Z 2 6.68 -58.87 -9.99
C THR Z 2 7.97 -58.72 -9.18
N ALA Z 3 8.36 -59.77 -8.46
CA ALA Z 3 9.54 -59.81 -7.57
C ALA Z 3 10.29 -61.12 -7.79
N LYS Z 4 11.61 -61.10 -7.59
CA LYS Z 4 12.49 -62.30 -7.57
C LYS Z 4 12.01 -63.18 -6.40
N PRO Z 5 12.52 -64.42 -6.24
CA PRO Z 5 11.99 -65.33 -5.22
C PRO Z 5 12.71 -65.05 -3.91
N ALA Z 6 11.98 -65.10 -2.81
CA ALA Z 6 12.51 -64.80 -1.46
C ALA Z 6 13.96 -65.32 -1.39
N LYS Z 7 14.93 -64.45 -1.10
CA LYS Z 7 16.37 -64.85 -0.97
C LYS Z 7 16.59 -65.62 0.34
N THR Z 8 15.72 -65.43 1.35
CA THR Z 8 15.76 -66.15 2.65
C THR Z 8 14.34 -66.46 3.09
N PRO Z 9 13.59 -67.31 2.35
CA PRO Z 9 12.16 -67.53 2.59
C PRO Z 9 11.85 -67.78 4.07
N THR Z 10 10.79 -67.13 4.58
CA THR Z 10 10.27 -67.29 5.96
C THR Z 10 9.22 -68.40 5.94
N SER Z 11 9.46 -69.50 6.69
CA SER Z 11 8.65 -70.75 6.69
C SER Z 11 7.35 -70.52 7.48
N PRO Z 12 6.24 -71.20 7.14
CA PRO Z 12 5.01 -71.07 7.92
C PRO Z 12 5.41 -71.11 9.41
N LYS Z 13 6.20 -72.13 9.76
CA LYS Z 13 6.84 -72.32 11.09
C LYS Z 13 7.24 -70.93 11.64
N GLU Z 14 8.24 -70.30 11.02
CA GLU Z 14 8.90 -69.07 11.54
C GLU Z 14 7.84 -68.00 11.78
N GLN Z 15 7.18 -67.56 10.71
CA GLN Z 15 6.12 -66.52 10.74
C GLN Z 15 5.40 -66.59 12.09
N ALA Z 16 4.89 -67.77 12.46
CA ALA Z 16 4.11 -68.01 13.71
C ALA Z 16 4.91 -67.49 14.91
N ILE Z 17 6.22 -67.75 14.98
CA ILE Z 17 7.11 -67.16 16.02
C ILE Z 17 7.00 -65.64 15.91
N GLY Z 18 7.46 -65.08 14.79
CA GLY Z 18 7.39 -63.63 14.52
C GLY Z 18 6.09 -63.03 15.06
N LEU Z 19 4.96 -63.50 14.57
CA LEU Z 19 3.62 -62.94 14.92
C LEU Z 19 3.45 -62.95 16.44
N SER Z 20 3.87 -64.05 17.09
CA SER Z 20 3.68 -64.29 18.55
C SER Z 20 4.58 -63.34 19.34
N VAL Z 21 5.85 -63.26 18.93
CA VAL Z 21 6.86 -62.33 19.54
C VAL Z 21 6.25 -60.92 19.49
N THR Z 22 5.93 -60.46 18.28
CA THR Z 22 5.44 -59.09 17.99
C THR Z 22 4.17 -58.79 18.79
N PHE Z 23 3.27 -59.76 18.95
CA PHE Z 23 2.01 -59.61 19.70
C PHE Z 23 2.28 -59.52 21.21
N LEU Z 24 3.33 -60.20 21.68
CA LEU Z 24 3.67 -60.23 23.12
C LEU Z 24 4.39 -58.92 23.47
N SER Z 25 5.31 -58.47 22.61
CA SER Z 25 6.09 -57.22 22.78
C SER Z 25 5.13 -56.05 23.06
N PHE Z 26 3.99 -56.01 22.38
CA PHE Z 26 2.93 -55.00 22.65
C PHE Z 26 2.21 -55.36 23.96
N LEU Z 27 1.69 -56.59 24.05
CA LEU Z 27 0.62 -57.01 25.00
C LEU Z 27 1.15 -57.16 26.43
N LEU Z 28 2.38 -57.64 26.63
CA LEU Z 28 2.94 -57.87 28.00
C LEU Z 28 3.19 -56.54 28.70
N PRO Z 29 4.10 -55.67 28.21
CA PRO Z 29 4.36 -54.39 28.87
C PRO Z 29 3.11 -53.65 29.36
N ALA Z 30 2.13 -53.47 28.47
CA ALA Z 30 0.88 -52.72 28.74
C ALA Z 30 -0.02 -53.51 29.70
N GLY Z 31 -0.02 -54.83 29.61
CA GLY Z 31 -0.90 -55.70 30.43
C GLY Z 31 -0.48 -55.69 31.88
N TRP Z 32 0.84 -55.74 32.09
CA TRP Z 32 1.49 -55.59 33.41
C TRP Z 32 0.89 -54.37 34.10
N VAL Z 33 1.06 -53.20 33.50
CA VAL Z 33 0.65 -51.90 34.07
C VAL Z 33 -0.83 -51.96 34.42
N LEU Z 34 -1.66 -52.39 33.46
CA LEU Z 34 -3.15 -52.47 33.60
C LEU Z 34 -3.57 -53.44 34.70
N TYR Z 35 -2.82 -54.53 34.87
CA TYR Z 35 -3.08 -55.57 35.91
C TYR Z 35 -2.90 -54.96 37.31
N HIS Z 36 -1.96 -54.00 37.46
CA HIS Z 36 -1.53 -53.40 38.74
C HIS Z 36 -2.19 -52.02 38.98
N LEU Z 37 -3.30 -51.70 38.31
CA LEU Z 37 -3.96 -50.36 38.37
C LEU Z 37 -4.60 -50.15 39.74
N ASP Z 38 -5.45 -51.10 40.15
CA ASP Z 38 -6.01 -51.23 41.53
C ASP Z 38 -4.89 -50.92 42.54
N ASN Z 39 -3.71 -51.50 42.31
CA ASN Z 39 -2.55 -51.55 43.25
C ASN Z 39 -1.69 -50.27 43.15
N TYR Z 40 -1.98 -49.36 42.20
CA TYR Z 40 -1.31 -48.04 42.04
C TYR Z 40 -2.20 -46.90 42.56
N LYS Z 41 -3.53 -47.06 42.51
CA LYS Z 41 -4.53 -46.03 42.87
C LYS Z 41 -4.54 -45.78 44.38
N LYS Z 42 -4.71 -46.85 45.18
CA LYS Z 42 -4.68 -46.85 46.67
C LYS Z 42 -3.27 -46.44 47.13
N SER Z 43 -2.90 -45.16 46.88
CA SER Z 43 -1.57 -44.55 47.12
C SER Z 43 -1.73 -43.23 47.87
FE HEA AA . -1.34 43.96 -7.39
CHA HEA AA . -3.71 43.36 -4.98
CHB HEA AA . -1.33 47.29 -6.63
CHC HEA AA . 0.97 44.55 -9.94
CHD HEA AA . -0.74 40.61 -7.58
NA HEA AA . -2.39 45.14 -6.06
C1A HEA AA . -3.27 44.74 -5.13
C2A HEA AA . -3.76 45.81 -4.23
C3A HEA AA . -3.03 46.94 -4.77
C4A HEA AA . -2.21 46.43 -5.85
CMA HEA AA . -3.06 48.30 -4.23
OMA HEA AA . -2.12 49.03 -4.51
CAA HEA AA . -4.73 45.78 -3.09
CBA HEA AA . -6.15 46.12 -3.47
CGA HEA AA . -6.95 46.09 -2.21
O1A HEA AA . -7.73 47.00 -1.92
O2A HEA AA . -6.71 45.06 -1.42
NB HEA AA . -0.37 45.64 -8.17
C1B HEA AA . -0.49 46.91 -7.76
C2B HEA AA . 0.30 47.90 -8.53
C3B HEA AA . 1.01 47.08 -9.54
C4B HEA AA . 0.50 45.73 -9.21
CMB HEA AA . 0.38 49.40 -8.30
NC HEA AA . -0.09 42.78 -8.56
C1C HEA AA . 0.77 43.15 -9.53
C2C HEA AA . 1.54 42.01 -10.14
C3C HEA AA . 0.99 40.87 -9.41
C4C HEA AA . 0.03 41.46 -8.48
CMC HEA AA . 2.57 42.02 -11.23
CAC HEA AA . 1.28 39.44 -9.49
CBC HEA AA . 2.19 38.97 -10.30
ND HEA AA . -2.12 42.28 -6.47
C1D HEA AA . -1.77 41.02 -6.65
C2D HEA AA . -2.48 40.02 -5.85
C3D HEA AA . -3.37 40.87 -5.07
C4D HEA AA . -3.07 42.21 -5.57
CMD HEA AA . -2.31 38.52 -5.86
CAD HEA AA . -4.44 40.52 -4.06
CBD HEA AA . -5.77 40.50 -4.83
CGD HEA AA . -6.99 40.37 -3.94
O1D HEA AA . -7.85 39.53 -4.18
O2D HEA AA . -7.10 41.19 -2.88
C11 HEA AA . 1.92 47.49 -10.64
O11 HEA AA . 1.79 48.89 -10.98
C12 HEA AA . 3.34 47.15 -10.31
C13 HEA AA . 4.20 47.47 -11.53
C14 HEA AA . 4.43 46.25 -12.40
C15 HEA AA . 4.01 46.20 -13.66
C16 HEA AA . 4.25 45.01 -14.54
C17 HEA AA . 5.11 45.36 -15.76
C18 HEA AA . 5.26 44.12 -16.61
C19 HEA AA . 4.51 43.90 -17.71
C20 HEA AA . 4.74 42.65 -18.52
C21 HEA AA . 5.57 42.98 -19.76
C22 HEA AA . 5.62 41.78 -20.68
C23 HEA AA . 6.62 41.50 -21.53
C24 HEA AA . 7.87 42.33 -21.72
C25 HEA AA . 6.50 40.27 -22.36
C26 HEA AA . 3.25 47.34 -14.25
C27 HEA AA . 3.48 44.87 -18.16
FE HEA BA . 4.32 34.96 0.91
CHA HEA BA . 1.08 35.66 1.84
CHB HEA BA . 5.11 33.94 4.07
CHC HEA BA . 7.40 33.84 -0.16
CHD HEA BA . 3.48 35.67 -2.41
NA HEA BA . 3.25 34.84 2.68
C1A HEA BA . 1.96 35.11 2.89
C2A HEA BA . 1.46 34.88 4.27
C3A HEA BA . 2.67 34.39 4.91
C4A HEA BA . 3.71 34.39 3.85
CMA HEA BA . 2.81 33.91 6.30
OMA HEA BA . 3.80 33.26 6.58
CAA HEA BA . 0.08 35.08 4.85
CBA HEA BA . -0.13 36.46 5.46
CGA HEA BA . -1.60 36.60 5.77
O1A HEA BA . -1.93 36.96 6.89
O2A HEA BA . -2.51 36.32 4.85
NB HEA BA . 5.97 34.08 1.81
C1B HEA BA . 6.16 33.76 3.08
C2B HEA BA . 7.44 33.15 3.42
C3B HEA BA . 8.11 33.11 2.16
C4B HEA BA . 7.11 33.70 1.26
CMB HEA BA . 8.00 32.65 4.71
NC HEA BA . 5.28 34.80 -0.96
C1C HEA BA . 6.50 34.31 -1.22
C2C HEA BA . 6.93 34.28 -2.63
C3C HEA BA . 5.75 34.83 -3.29
C4C HEA BA . 4.81 35.11 -2.17
CMC HEA BA . 8.21 33.79 -3.24
CAC HEA BA . 5.50 35.10 -4.76
CBC HEA BA . 6.38 34.90 -5.71
ND HEA BA . 2.63 35.61 -0.12
C1D HEA BA . 2.45 35.83 -1.42
C2D HEA BA . 1.09 36.24 -1.81
C3D HEA BA . 0.38 36.24 -0.55
C4D HEA BA . 1.41 35.85 0.42
CMD HEA BA . 0.55 36.59 -3.16
CAD HEA BA . -1.03 36.62 -0.30
CBD HEA BA . -2.02 35.53 -0.60
CGD HEA BA . -3.29 36.33 -0.54
O1D HEA BA . -3.84 36.56 0.49
O2D HEA BA . -3.75 36.84 -1.65
C11 HEA BA . 9.45 32.60 1.86
O11 HEA BA . 9.38 31.82 0.66
C12 HEA BA . 10.44 33.76 1.72
C13 HEA BA . 11.87 33.21 1.80
C14 HEA BA . 12.89 34.27 1.43
C15 HEA BA . 13.65 34.92 2.35
C16 HEA BA . 14.64 35.95 1.85
C17 HEA BA . 15.88 35.26 1.30
C18 HEA BA . 16.57 34.44 2.37
C19 HEA BA . 17.59 34.86 3.13
C20 HEA BA . 18.14 33.89 4.16
C21 HEA BA . 18.29 34.49 5.56
C22 HEA BA . 16.97 34.98 6.14
C23 HEA BA . 16.54 34.72 7.41
C24 HEA BA . 17.33 33.87 8.38
C25 HEA BA . 15.22 35.26 7.92
C26 HEA BA . 13.57 34.65 3.82
C27 HEA BA . 18.19 36.22 3.00
CU CU CA . 1.63 30.43 1.56
MG MG DA . -8.33 37.37 5.51
NA NA EA . -11.06 55.74 -1.89
CA1 TGL FA . 28.81 51.95 -13.72
CA2 TGL FA . 27.87 51.29 -12.71
CA3 TGL FA . 26.51 51.95 -12.54
CA4 TGL FA . 25.79 51.50 -11.27
CA5 TGL FA . 24.41 50.91 -11.49
CA6 TGL FA . 23.69 50.42 -10.23
CA7 TGL FA . 22.46 49.56 -10.50
CA8 TGL FA . 21.47 49.44 -9.33
CA9 TGL FA . 21.27 48.03 -8.81
OA1 TGL FA . 29.96 52.22 -13.46
CB1 TGL FA . 27.56 53.81 -17.44
CB2 TGL FA . 26.05 54.06 -17.30
CB3 TGL FA . 25.33 53.21 -16.27
CB4 TGL FA . 24.63 54.02 -15.17
CB5 TGL FA . 23.16 53.69 -14.95
CB6 TGL FA . 22.52 54.38 -13.75
CB7 TGL FA . 21.49 53.53 -13.02
CB8 TGL FA . 20.47 54.31 -12.20
CB9 TGL FA . 19.88 53.54 -11.02
C10 TGL FA . 18.46 53.92 -10.63
C11 TGL FA . 18.33 55.14 -9.71
C12 TGL FA . 17.47 56.27 -10.25
C13 TGL FA . 17.28 57.44 -9.29
C14 TGL FA . 17.09 58.80 -9.95
OB1 TGL FA . 28.38 54.70 -17.32
OG1 TGL FA . 28.26 52.17 -14.91
CG1 TGL FA . 28.48 51.17 -15.93
CG2 TGL FA . 28.97 51.78 -17.24
OG2 TGL FA . 27.88 52.55 -17.84
CG3 TGL FA . 30.27 52.55 -17.10
OG3 TGL FA . 31.34 51.93 -17.87
CC1 TGL FA . 31.90 50.80 -17.45
CC2 TGL FA . 32.14 50.76 -15.95
CC3 TGL FA . 32.49 49.40 -15.42
CC4 TGL FA . 32.23 49.27 -13.92
CC5 TGL FA . 33.20 50.06 -13.04
CC6 TGL FA . 32.66 50.43 -11.66
CC7 TGL FA . 33.65 50.20 -10.52
CC8 TGL FA . 33.62 51.24 -9.40
CC9 TGL FA . 34.97 51.87 -9.06
C15 TGL FA . 35.20 52.16 -7.59
C16 TGL FA . 34.34 53.28 -7.00
C17 TGL FA . 34.64 53.61 -5.54
C18 TGL FA . 34.03 52.65 -4.52
C19 TGL FA . 34.98 52.19 -3.41
OC1 TGL FA . 32.26 49.92 -18.19
C20 TGL FA . 20.04 47.81 -7.93
C21 TGL FA . 20.15 48.31 -6.49
C22 TGL FA . 20.72 47.33 -5.47
C23 TGL FA . 22.25 47.25 -5.43
C24 TGL FA . 23.01 48.58 -5.62
C25 TGL FA . 24.51 48.55 -5.30
C26 TGL FA . 25.42 49.29 -6.28
C27 TGL FA . 26.72 49.79 -5.68
C28 TGL FA . 27.70 50.42 -6.67
C29 TGL FA . 15.92 59.62 -9.42
C30 TGL FA . 16.17 60.34 -8.10
C31 TGL FA . 15.13 61.37 -7.71
C32 TGL FA . 14.43 61.08 -6.39
C33 TGL FA . 34.57 50.90 -2.69
C34 TGL FA . 35.45 50.50 -1.52
C35 TGL FA . 36.29 49.26 -1.71
C36 TGL FA . 37.36 49.36 -2.79
P PGV GA . 0.96 15.01 -29.36
C01 PGV GA . 0.77 13.02 -25.31
C02 PGV GA . -0.34 12.88 -26.33
C03 PGV GA . 0.14 13.06 -27.75
C04 PGV GA . 3.00 13.66 -30.40
C05 PGV GA . 3.36 12.47 -31.28
C06 PGV GA . 2.28 11.39 -31.31
O01 PGV GA . -1.37 13.90 -26.21
O02 PGV GA . -2.96 12.42 -26.70
O03 PGV GA . 0.23 13.04 -23.96
O04 PGV GA . 0.22 10.80 -23.83
O05 PGV GA . 4.59 11.92 -30.82
O06 PGV GA . 2.43 10.50 -32.42
O11 PGV GA . 0.69 14.40 -27.89
O12 PGV GA . 1.56 13.80 -30.23
O13 PGV GA . 1.93 16.14 -29.17
O14 PGV GA . -0.40 15.26 -29.94
C1 PGV GA . -2.65 13.53 -26.38
C2 PGV GA . -3.61 14.66 -26.09
C3 PGV GA . -4.87 14.58 -26.90
C4 PGV GA . -5.94 15.60 -26.50
C5 PGV GA . -7.35 15.20 -26.93
C6 PGV GA . -8.34 16.33 -27.17
C7 PGV GA . -9.18 16.70 -25.95
C8 PGV GA . -8.96 18.10 -25.43
C9 PGV GA . -10.24 18.91 -25.25
C10 PGV GA . -10.62 19.14 -23.82
C11 PGV GA . -9.96 20.36 -23.24
C12 PGV GA . -10.12 20.79 -22.02
C13 PGV GA . -10.96 20.16 -20.96
C14 PGV GA . -11.55 21.14 -20.00
C15 PGV GA . -13.05 21.27 -20.09
C16 PGV GA . -13.72 21.56 -18.78
C17 PGV GA . -15.19 21.20 -18.78
C18 PGV GA . -15.97 21.85 -17.66
C19 PGV GA . 0.06 11.88 -23.32
C20 PGV GA . -0.31 12.08 -21.88
C21 PGV GA . -1.42 13.07 -21.67
C22 PGV GA . -2.78 12.50 -22.04
C23 PGV GA . -3.91 13.41 -21.67
C24 PGV GA . -5.05 13.43 -22.66
C25 PGV GA . -5.75 14.77 -22.82
C26 PGV GA . -6.29 15.34 -21.52
C27 PGV GA . -7.38 16.35 -21.69
C28 PGV GA . -8.16 16.61 -20.40
C29 PGV GA . -7.30 16.88 -19.19
C30 PGV GA . -8.06 17.11 -17.91
C31 PGV GA . -7.19 17.18 -16.67
C32 PGV GA . -7.57 16.22 -15.57
C33 PGV GA . -7.04 16.61 -14.22
C34 PGV GA . -7.74 17.79 -13.59
C CMO HA . 2.74 32.84 1.06
O CMO HA . 3.18 32.78 0.02
CU1 CUA IA . -17.87 42.42 7.06
CU2 CUA IA . -15.66 42.80 5.56
C1 CHD JA . 24.15 19.91 4.77
C2 CHD JA . 25.55 20.42 5.10
C3 CHD JA . 25.61 21.92 5.10
O3 CHD JA . 26.97 22.34 5.34
C4 CHD JA . 25.13 22.45 3.77
C5 CHD JA . 23.72 21.96 3.41
C6 CHD JA . 23.24 22.60 2.08
C7 CHD JA . 23.79 21.95 0.81
O7 CHD JA . 25.14 22.41 0.59
C8 CHD JA . 23.74 20.41 0.86
C9 CHD JA . 24.35 19.85 2.17
C10 CHD JA . 23.58 20.41 3.43
C11 CHD JA . 24.48 18.32 2.14
C12 CHD JA . 25.03 17.70 0.84
O12 CHD JA . 26.43 17.96 0.72
C13 CHD JA . 24.28 18.24 -0.38
C14 CHD JA . 24.40 19.77 -0.35
C15 CHD JA . 23.93 20.21 -1.73
C16 CHD JA . 24.28 19.03 -2.66
C17 CHD JA . 24.92 17.93 -1.77
C18 CHD JA . 22.82 17.76 -0.36
C19 CHD JA . 22.11 19.98 3.41
C20 CHD JA . 24.78 16.51 -2.37
C21 CHD JA . 25.56 15.45 -1.58
C22 CHD JA . 25.18 16.49 -3.86
C23 CHD JA . 26.64 16.17 -4.16
O25 CHD JA . 27.29 16.12 -6.45
C24 CHD JA . 26.83 15.45 -5.49
O26 CHD JA . 26.51 14.23 -5.56
C1 CHD KA . 0.62 19.42 13.52
C2 CHD KA . -0.13 19.60 14.83
C3 CHD KA . -0.03 18.36 15.68
O3 CHD KA . -0.80 18.54 16.88
C4 CHD KA . -0.56 17.17 14.91
C5 CHD KA . 0.10 16.97 13.54
C6 CHD KA . -0.51 15.76 12.81
C7 CHD KA . -1.85 15.97 12.11
O7 CHD KA . -2.94 15.83 13.06
C8 CHD KA . -1.90 17.31 11.35
C9 CHD KA . -1.39 18.49 12.20
C10 CHD KA . 0.08 18.25 12.66
C11 CHD KA . -1.60 19.85 11.51
C12 CHD KA . -3.00 20.08 10.90
O12 CHD KA . -3.97 20.26 11.96
C13 CHD KA . -3.39 18.92 9.97
C14 CHD KA . -3.28 17.61 10.78
C15 CHD KA . -3.93 16.57 9.88
C16 CHD KA . -5.08 17.34 9.19
C17 CHD KA . -4.88 18.84 9.57
C18 CHD KA . -2.47 18.94 8.72
C19 CHD KA . 1.05 18.11 11.47
C20 CHD KA . -5.45 19.75 8.48
C21 CHD KA . -4.95 21.20 8.57
C22 CHD KA . -6.98 19.70 8.56
C23 CHD KA . -7.72 20.07 7.29
O25 CHD KA . -9.64 20.61 8.62
C24 CHD KA . -9.22 20.05 7.56
O26 CHD KA . -9.94 19.45 6.73
O OH LA . 4.01 -5.14 -23.22
P PGV MA . 0.64 2.16 -29.95
C01 PGV MA . -0.09 5.85 -28.29
C02 PGV MA . -1.10 5.09 -29.11
C03 PGV MA . -0.52 4.51 -30.37
C04 PGV MA . 1.57 1.51 -32.39
C05 PGV MA . 1.60 0.13 -33.03
C06 PGV MA . 2.83 -0.10 -33.88
O01 PGV MA . -2.22 5.99 -29.41
O02 PGV MA . -3.73 4.49 -28.75
O03 PGV MA . -0.70 6.16 -27.01
O04 PGV MA . -0.69 8.30 -27.60
O05 PGV MA . 0.43 -0.05 -33.83
O06 PGV MA . 3.63 -1.17 -33.37
O11 PGV MA . 0.71 3.75 -30.15
O12 PGV MA . 0.45 1.57 -31.44
O13 PGV MA . -0.68 1.84 -29.33
O14 PGV MA . 1.90 1.69 -29.26
C1 PGV MA . -3.47 5.59 -29.17
C2 PGV MA . -4.55 6.61 -29.41
C3 PGV MA . -5.92 6.18 -28.96
C4 PGV MA . -6.32 6.73 -27.59
C5 PGV MA . -7.82 6.76 -27.33
C6 PGV MA . -8.23 7.17 -25.93
C7 PGV MA . -9.71 7.06 -25.61
C8 PGV MA . -10.15 7.80 -24.36
C9 PGV MA . -11.66 8.01 -24.22
C10 PGV MA . -12.07 9.38 -23.76
C11 PGV MA . -13.39 9.81 -24.33
C12 PGV MA . -14.19 10.81 -23.99
C13 PGV MA . -14.04 11.83 -22.90
C14 PGV MA . -15.29 12.64 -22.67
C15 PGV MA . -16.46 11.85 -22.08
C16 PGV MA . -17.60 11.56 -23.04
C17 PGV MA . -18.06 10.11 -23.10
C18 PGV MA . -19.52 9.90 -22.79
C19 PGV MA . -0.94 7.44 -26.78
C20 PGV MA . -1.59 7.64 -25.44
C21 PGV MA . -2.93 8.33 -25.52
C22 PGV MA . -3.44 8.84 -24.18
C23 PGV MA . -4.82 8.38 -23.84
C24 PGV MA . -5.38 8.92 -22.53
C25 PGV MA . -6.85 9.24 -22.61
C26 PGV MA . -7.50 9.52 -21.29
C27 PGV MA . -8.84 10.25 -21.40
C28 PGV MA . -9.21 11.06 -20.19
C29 PGV MA . -9.92 12.35 -20.49
C30 PGV MA . -10.89 12.81 -19.43
C31 PGV MA . -10.31 13.02 -18.03
C32 PGV MA . -11.33 13.38 -16.96
C33 PGV MA . -11.87 14.79 -17.07
C34 PGV MA . -13.08 15.06 -16.20
P PGV NA . -10.92 18.68 13.79
C01 PGV NA . -9.88 16.91 9.47
C02 PGV NA . -10.47 16.45 10.78
C03 PGV NA . -11.35 17.51 11.43
C04 PGV NA . -13.10 19.33 15.15
C05 PGV NA . -12.42 20.06 16.28
C06 PGV NA . -11.79 19.14 17.32
O01 PGV NA . -9.38 16.04 11.68
O02 PGV NA . -10.73 14.82 12.97
O03 PGV NA . -9.08 15.83 8.92
O04 PGV NA . -10.30 15.20 7.16
O05 PGV NA . -13.36 20.93 16.90
O06 PGV NA . -10.76 19.78 18.06
O11 PGV NA . -10.61 18.49 12.22
O12 PGV NA . -12.34 19.42 13.91
O13 PGV NA . -11.07 17.33 14.44
O14 PGV NA . -9.86 19.63 14.31
C1 PGV NA . -9.62 15.07 12.59
C2 PGV NA . -8.45 14.29 13.16
C3 PGV NA . -7.11 14.96 13.05
C4 PGV NA . -5.96 13.97 13.20
C5 PGV NA . -6.01 12.78 12.25
C6 PGV NA . -6.32 13.12 10.80
C7 PGV NA . -6.28 11.94 9.83
C8 PGV NA . -5.59 12.20 8.52
C9 PGV NA . -4.07 11.97 8.55
C10 PGV NA . -3.35 12.24 7.26
C11 PGV NA . -2.47 13.46 7.32
C12 PGV NA . -1.21 13.54 7.71
C13 PGV NA . -0.22 12.44 7.93
C14 PGV NA . 1.10 12.66 7.23
C15 PGV NA . 1.73 11.40 6.61
C16 PGV NA . 2.18 11.54 5.15
C17 PGV NA . 1.29 10.87 4.12
C18 PGV NA . 1.91 10.74 2.75
C19 PGV NA . -9.25 15.56 7.62
C20 PGV NA . -7.98 15.73 6.81
C21 PGV NA . -8.01 15.04 5.47
C22 PGV NA . -6.63 14.85 4.87
C23 PGV NA . -5.90 16.14 4.46
C24 PGV NA . -4.44 16.22 4.87
C25 PGV NA . -3.50 16.76 3.80
C26 PGV NA . -2.81 15.69 2.97
C27 PGV NA . -3.41 15.48 1.58
C28 PGV NA . -2.39 15.20 0.47
C29 PGV NA . -2.03 13.73 0.25
C30 PGV NA . -1.72 13.34 -1.21
C31 PGV NA . -0.93 12.04 -1.38
C32 PGV NA . -1.64 10.93 -2.15
C33 PGV NA . -2.22 9.79 -1.32
C34 PGV NA . -2.33 8.46 -2.04
C1 CDL OA . -7.05 5.10 -40.14
O1 CDL OA . -6.87 5.19 -38.72
CA2 CDL OA . -7.59 6.43 -40.61
OA2 CDL OA . -8.49 6.30 -41.74
PA1 CDL OA . -10.09 6.35 -41.53
OA3 CDL OA . -10.39 6.53 -40.06
OA4 CDL OA . -10.68 7.32 -42.52
OA5 CDL OA . -10.52 4.86 -41.96
CA3 CDL OA . -11.78 4.65 -42.68
CA4 CDL OA . -12.94 4.76 -41.71
OA6 CDL OA . -13.54 3.44 -41.51
CA5 CDL OA . -12.89 2.54 -40.75
OA7 CDL OA . -11.94 1.92 -41.17
C11 CDL OA . -13.47 2.37 -39.36
C12 CDL OA . -12.91 3.28 -38.33
C13 CDL OA . -13.66 4.60 -38.23
C14 CDL OA . -14.33 4.84 -36.91
C15 CDL OA . -15.84 4.73 -36.94
C16 CDL OA . -16.55 5.75 -36.08
C17 CDL OA . -16.13 5.76 -34.62
C18 CDL OA . -16.88 6.77 -33.75
C19 CDL OA . -17.68 6.15 -32.62
C20 CDL OA . -19.08 6.73 -32.45
C21 CDL OA . -20.05 5.79 -31.78
C22 CDL OA . -21.38 6.41 -31.43
C23 CDL OA . -21.35 7.31 -30.22
C24 CDL OA . -22.70 7.90 -29.85
C25 CDL OA . -22.65 9.33 -29.35
C26 CDL OA . -22.59 10.39 -30.42
C27 CDL OA . -23.93 10.77 -31.02
CA6 CDL OA . -14.01 5.72 -42.17
OA8 CDL OA . -14.62 6.33 -41.01
CA7 CDL OA . -15.29 7.46 -41.20
OA9 CDL OA . -15.15 8.15 -42.17
C31 CDL OA . -16.24 7.73 -40.06
C32 CDL OA . -15.98 9.02 -39.34
C33 CDL OA . -17.02 9.32 -38.27
C34 CDL OA . -16.55 10.19 -37.12
C35 CDL OA . -17.20 9.88 -35.79
C36 CDL OA . -16.81 10.80 -34.65
C37 CDL OA . -17.79 10.85 -33.50
C38 CDL OA . -18.61 12.12 -33.43
C39 CDL OA . -19.93 12.00 -32.67
C40 CDL OA . -21.18 12.14 -33.52
C41 CDL OA . -21.50 10.92 -34.38
C42 CDL OA . -22.74 11.07 -35.25
C43 CDL OA . -22.50 10.89 -36.75
C44 CDL OA . -22.50 9.45 -37.23
C45 CDL OA . -21.15 8.94 -37.68
C46 CDL OA . -21.03 7.42 -37.80
C47 CDL OA . -20.66 6.72 -36.50
CB2 CDL OA . -7.91 3.90 -40.49
OB2 CDL OA . -7.26 2.62 -40.20
PB2 CDL OA . -8.13 1.27 -40.04
OB3 CDL OA . -7.26 0.07 -39.76
OB4 CDL OA . -9.13 1.19 -41.17
OB5 CDL OA . -8.98 1.56 -38.71
CB3 CDL OA . -8.28 1.73 -37.45
CB4 CDL OA . -9.09 2.57 -36.49
OB6 CDL OA . -8.52 3.91 -36.51
CB5 CDL OA . -9.32 4.93 -36.85
OB7 CDL OA . -9.94 4.97 -37.89
C51 CDL OA . -9.35 5.99 -35.80
C52 CDL OA . -9.56 5.47 -34.42
C53 CDL OA . -10.12 6.53 -33.49
C54 CDL OA . -9.68 6.41 -32.06
C55 CDL OA . -10.21 7.49 -31.18
C56 CDL OA . -11.35 7.06 -30.29
C57 CDL OA . -12.32 8.17 -29.95
C58 CDL OA . -12.60 8.34 -28.48
C59 CDL OA . -12.98 9.75 -28.09
C60 CDL OA . -14.15 10.32 -28.86
C61 CDL OA . -15.50 9.88 -28.35
C62 CDL OA . -16.49 9.46 -29.42
C63 CDL OA . -17.13 8.10 -29.18
C64 CDL OA . -18.26 8.09 -28.16
C65 CDL OA . -17.84 7.73 -26.75
C66 CDL OA . -18.98 7.38 -25.79
C67 CDL OA . -20.04 8.44 -25.67
CB6 CDL OA . -9.09 2.06 -35.07
OB8 CDL OA . -10.42 1.59 -34.74
CB7 CDL OA . -11.04 2.19 -33.73
OB9 CDL OA . -10.47 2.55 -32.73
C71 CDL OA . -12.53 2.34 -33.99
C72 CDL OA . -13.17 3.50 -33.29
C73 CDL OA . -13.65 3.18 -31.87
C74 CDL OA . -15.15 3.31 -31.65
C75 CDL OA . -15.55 3.91 -30.31
C76 CDL OA . -16.72 3.23 -29.63
C77 CDL OA . -17.07 3.78 -28.27
C78 CDL OA . -18.05 2.95 -27.45
C79 CDL OA . -18.76 3.73 -26.35
C80 CDL OA . -19.55 2.87 -25.38
C81 CDL OA . -20.05 3.63 -24.16
C82 CDL OA . -19.55 3.09 -22.84
C83 CDL OA . -20.20 1.79 -22.43
C84 CDL OA . -21.16 1.90 -21.26
C85 CDL OA . -22.55 2.39 -21.64
C86 CDL OA . -23.61 1.33 -21.70
C87 CDL OA . -24.92 1.81 -22.29
C1 CHD PA . -18.18 -12.52 -29.13
C2 CHD PA . -19.12 -13.07 -28.05
C3 CHD PA . -18.75 -14.47 -27.60
O3 CHD PA . -19.32 -15.45 -28.50
C4 CHD PA . -17.25 -14.65 -27.54
C5 CHD PA . -16.50 -13.31 -27.45
C6 CHD PA . -15.02 -13.54 -27.10
C7 CHD PA . -14.18 -14.07 -28.26
O7 CHD PA . -14.52 -15.45 -28.52
C8 CHD PA . -14.33 -13.19 -29.50
C9 CHD PA . -15.80 -12.90 -29.88
C10 CHD PA . -16.70 -12.41 -28.71
C11 CHD PA . -15.84 -11.98 -31.12
C12 CHD PA . -15.09 -12.55 -32.33
O12 CHD PA . -15.77 -13.73 -32.79
C13 CHD PA . -13.62 -12.88 -31.99
C14 CHD PA . -13.63 -13.78 -30.72
C15 CHD PA . -12.19 -14.24 -30.59
C16 CHD PA . -11.75 -14.47 -32.06
C17 CHD PA . -12.85 -13.83 -32.96
C18 CHD PA . -12.83 -11.57 -31.80
C19 CHD PA . -16.39 -10.94 -28.36
C20 CHD PA . -12.27 -13.32 -34.30
C21 CHD PA . -13.17 -12.33 -35.02
C22 CHD PA . -11.93 -14.51 -35.21
C23 CHD PA . -10.47 -14.93 -35.18
O25 CHD PA . -10.03 -12.79 -36.17
C24 CHD PA . -9.56 -13.92 -35.86
O26 CHD PA . -8.38 -14.25 -36.07
P PSC QA . 43.78 27.96 -4.78
N PSC QA . 47.96 28.49 -5.02
C01 PSC QA . 40.81 28.72 -3.09
C02 PSC QA . 41.48 30.08 -3.18
C03 PSC QA . 42.98 29.98 -3.22
C04 PSC QA . 45.75 28.71 -6.37
C05 PSC QA . 46.93 27.86 -5.94
C06 PSC QA . 47.60 28.27 -3.59
C07 PSC QA . 48.07 29.96 -5.28
C08 PSC QA . 49.28 27.86 -5.28
O01 PSC QA . 41.02 30.95 -2.09
O02 PSC QA . 42.27 30.43 -0.31
O03 PSC QA . 40.23 28.43 -4.39
O04 PSC QA . 38.48 27.07 -4.25
O11 PSC QA . 43.42 29.51 -4.54
O12 PSC QA . 44.52 27.97 -6.20
O13 PSC QA . 42.52 27.18 -5.02
O14 PSC QA . 44.74 27.50 -3.70
C1 PSC QA . 41.19 30.59 -0.80
C2 PSC QA . 39.89 30.43 -0.03
C3 PSC QA . 40.05 30.63 1.46
C4 PSC QA . 38.73 30.79 2.20
C5 PSC QA . 38.79 31.71 3.42
C6 PSC QA . 37.53 31.74 4.25
C7 PSC QA . 36.73 33.04 4.18
C8 PSC QA . 35.40 32.94 3.45
C9 PSC QA . 34.35 33.90 3.94
C10 PSC QA . 33.05 33.63 4.02
C11 PSC QA . 31.98 34.59 4.45
C12 PSC QA . 30.58 34.01 4.53
C13 PSC QA . 29.46 34.69 4.80
C14 PSC QA . 28.08 34.11 4.98
C15 PSC QA . 27.13 35.00 5.76
C16 PSC QA . 25.73 34.42 5.99
C17 PSC QA . 24.92 35.11 7.08
C18 PSC QA . 23.62 34.44 7.46
C19 PSC QA . 38.93 28.17 -4.40
C20 PSC QA . 38.12 29.43 -4.60
C21 PSC QA . 38.30 30.45 -3.50
C22 PSC QA . 37.01 31.17 -3.14
C23 PSC QA . 36.27 30.58 -1.97
C24 PSC QA . 35.13 31.41 -1.46
C25 PSC QA . 34.25 31.96 -2.54
C26 PSC QA . 32.91 32.46 -2.06
C27 PSC QA . 32.99 33.67 -1.18
C28 PSC QA . 31.65 34.22 -0.79
C29 PSC QA . 31.23 35.46 -1.54
C30 PSC QA . 30.45 36.45 -0.72
C31 PSC QA . 29.04 36.01 -0.41
C32 PSC QA . 28.80 35.66 1.03
C33 PSC QA . 27.35 35.39 1.36
C34 PSC QA . 26.83 36.08 2.61
ZN ZN RA . 36.56 19.33 -22.77
P PEK SA . -29.71 12.02 -7.32
N PEK SA . -32.06 8.24 -6.30
C01 PEK SA . -27.12 13.75 -9.65
C02 PEK SA . -26.61 12.33 -9.44
C03 PEK SA . -27.26 11.63 -8.27
C04 PEK SA . -30.00 9.54 -6.50
C05 PEK SA . -31.39 9.47 -5.93
O01 PEK SA . -25.17 12.39 -9.24
O02 PEK SA . -24.75 11.38 -11.20
O03 PEK SA . -26.44 14.28 -10.81
O04 PEK SA . -27.41 16.29 -10.65
O11 PEK SA . -28.71 11.58 -8.50
O12 PEK SA . -29.44 10.86 -6.25
O13 PEK SA . -29.20 13.31 -6.74
O14 PEK SA . -31.12 11.96 -7.88
C1 PEK SA . -24.38 12.05 -10.27
C2 PEK SA . -22.99 12.61 -10.14
C3 PEK SA . -22.79 13.92 -10.88
C4 PEK SA . -22.09 14.96 -10.02
C5 PEK SA . -21.60 16.14 -10.79
C6 PEK SA . -20.48 16.20 -11.51
C7 PEK SA . -19.55 15.06 -11.81
C8 PEK SA . -19.02 15.13 -13.22
C9 PEK SA . -19.58 14.59 -14.28
C10 PEK SA . -20.76 13.67 -14.26
C11 PEK SA . -21.11 13.18 -15.62
C12 PEK SA . -22.33 12.87 -16.06
C13 PEK SA . -23.54 12.57 -15.23
C14 PEK SA . -24.09 11.22 -15.54
C15 PEK SA . -23.47 10.06 -15.34
C16 PEK SA . -22.14 9.89 -14.66
C17 PEK SA . -22.15 8.79 -13.64
C18 PEK SA . -22.06 7.39 -14.22
C19 PEK SA . -22.88 6.35 -13.51
C20 PEK SA . -24.30 6.29 -14.02
C21 PEK SA . -26.86 15.44 -11.30
C22 PEK SA . -26.51 15.57 -12.75
C23 PEK SA . -26.04 16.92 -13.10
C24 PEK SA . -25.58 17.00 -14.53
C25 PEK SA . -24.57 18.09 -14.79
C26 PEK SA . -23.18 17.60 -15.06
C27 PEK SA . -22.17 18.03 -14.02
C28 PEK SA . -21.87 19.51 -14.01
C29 PEK SA . -20.53 19.88 -13.42
C30 PEK SA . -19.38 19.77 -14.38
C31 PEK SA . -18.06 20.24 -13.82
C32 PEK SA . -16.88 19.82 -14.66
C33 PEK SA . -15.55 20.25 -14.08
C34 PEK SA . -14.39 19.38 -14.50
C35 PEK SA . -13.24 20.14 -15.12
C36 PEK SA . -12.17 19.24 -15.71
C37 PEK SA . -11.08 18.89 -14.74
C38 PEK SA . -10.07 20.00 -14.55
C1 DMU TA . -29.72 15.47 -20.06
C2 DMU TA . -31.18 15.36 -19.60
C3 DMU TA . -31.86 16.69 -19.30
C4 DMU TA . -30.97 17.86 -19.75
O5 DMU TA . -29.66 17.77 -19.16
C6 DMU TA . -28.92 16.54 -19.29
O7 DMU TA . -33.13 16.66 -19.97
O16 DMU TA . -27.64 16.79 -19.93
C18 DMU TA . -26.50 16.73 -19.06
C19 DMU TA . -25.20 17.04 -19.82
C22 DMU TA . -24.00 17.10 -18.87
C25 DMU TA . -22.72 17.54 -19.58
C28 DMU TA . -21.44 17.17 -18.81
C31 DMU TA . -20.32 18.21 -18.92
C34 DMU TA . -18.98 17.60 -19.28
C37 DMU TA . -18.43 16.72 -18.17
C40 DMU TA . -17.04 16.22 -18.54
C43 DMU TA . -15.95 17.14 -18.01
O49 DMU TA . -29.70 15.74 -21.47
O55 DMU TA . -31.27 14.53 -18.44
C57 DMU TA . -31.51 19.22 -19.34
O61 DMU TA . -32.45 19.75 -20.29
C5 DMU TA . -35.38 16.52 -19.01
C7 DMU TA . -36.67 17.30 -18.75
C8 DMU TA . -36.80 18.56 -19.64
C9 DMU TA . -35.98 18.38 -20.92
O1 DMU TA . -34.61 18.38 -20.51
C10 DMU TA . -34.23 17.45 -19.47
O2 DMU TA . -38.16 18.80 -19.96
O3 DMU TA . -35.00 15.80 -17.83
O4 DMU TA . -36.74 17.64 -17.37
C11 DMU TA . -36.24 19.40 -22.05
O6 DMU TA . -36.42 20.74 -21.59
P PEK UA . -11.12 -24.44 -22.55
N PEK UA . -9.86 -22.22 -26.10
C01 PEK UA . -13.67 -21.79 -19.78
C02 PEK UA . -13.71 -22.38 -21.18
C03 PEK UA . -13.33 -23.85 -21.19
C04 PEK UA . -9.69 -24.36 -24.81
C05 PEK UA . -9.04 -23.39 -25.78
O01 PEK UA . -12.82 -21.60 -22.03
O02 PEK UA . -13.03 -21.70 -24.27
O03 PEK UA . -14.94 -21.16 -19.50
O04 PEK UA . -15.25 -22.41 -17.67
O11 PEK UA . -12.70 -24.22 -22.46
O12 PEK UA . -10.69 -23.74 -23.94
O13 PEK UA . -10.48 -23.68 -21.41
O14 PEK UA . -10.87 -25.93 -22.67
C1 PEK UA . -13.26 -21.14 -23.23
C2 PEK UA . -14.01 -19.83 -23.16
C3 PEK UA . -15.09 -19.67 -24.22
C4 PEK UA . -16.05 -18.51 -23.90
C5 PEK UA . -16.99 -18.83 -22.78
C6 PEK UA . -17.39 -18.02 -21.81
C7 PEK UA . -17.04 -16.57 -21.68
C8 PEK UA . -17.52 -15.99 -20.38
C9 PEK UA . -18.22 -14.87 -20.25
C10 PEK UA . -18.56 -14.18 -18.95
C11 PEK UA . -18.47 -12.68 -19.06
C12 PEK UA . -18.79 -11.80 -18.12
C13 PEK UA . -19.41 -12.09 -16.77
C14 PEK UA . -20.42 -11.07 -16.34
C15 PEK UA . -21.70 -11.31 -16.10
C16 PEK UA . -22.78 -10.30 -15.88
C17 PEK UA . -24.16 -10.84 -16.09
C18 PEK UA . -24.74 -11.60 -14.89
C19 PEK UA . -26.24 -11.83 -14.96
C20 PEK UA . -27.04 -10.97 -14.00
C21 PEK UA . -15.49 -21.41 -18.30
C22 PEK UA . -16.46 -20.33 -17.87
C23 PEK UA . -16.82 -20.40 -16.41
C24 PEK UA . -17.25 -19.06 -15.84
C25 PEK UA . -17.13 -18.97 -14.33
C26 PEK UA . -18.43 -18.61 -13.62
C27 PEK UA . -19.32 -19.79 -13.31
C28 PEK UA . -19.22 -20.27 -11.87
C29 PEK UA . -19.95 -21.56 -11.60
C30 PEK UA . -20.31 -21.77 -10.14
C31 PEK UA . -19.12 -22.06 -9.24
C32 PEK UA . -19.24 -21.51 -7.84
C33 PEK UA . -18.53 -22.33 -6.78
C34 PEK UA . -17.03 -22.21 -6.78
C35 PEK UA . -16.45 -21.44 -5.62
C36 PEK UA . -14.96 -21.62 -5.42
C37 PEK UA . -14.24 -20.40 -4.89
C38 PEK UA . -12.73 -20.57 -4.96
C1 CDL VA . -25.76 -10.32 6.08
O1 CDL VA . -25.59 -9.13 5.31
CA2 CDL VA . -26.63 -10.00 7.27
OA2 CDL VA . -27.60 -8.97 6.91
PA1 CDL VA . -28.98 -8.87 7.73
OA3 CDL VA . -28.75 -9.29 9.15
OA4 CDL VA . -29.60 -7.52 7.46
OA5 CDL VA . -29.91 -9.99 7.04
CA3 CDL VA . -31.17 -10.41 7.65
CA4 CDL VA . -31.50 -11.82 7.20
OA6 CDL VA . -30.81 -12.10 5.95
CA5 CDL VA . -30.01 -13.18 5.89
OA7 CDL VA . -30.45 -14.29 6.03
C11 CDL VA . -28.54 -12.88 5.65
C12 CDL VA . -27.76 -14.05 5.10
C13 CDL VA . -26.25 -13.79 5.05
C14 CDL VA . -25.42 -15.02 4.70
C15 CDL VA . -24.18 -14.74 3.88
C16 CDL VA . -24.37 -14.88 2.38
C17 CDL VA . -23.48 -15.91 1.71
C18 CDL VA . -22.15 -15.38 1.20
C19 CDL VA . -20.95 -16.29 1.43
C20 CDL VA . -19.91 -16.27 0.32
C21 CDL VA . -18.46 -16.21 0.77
C22 CDL VA . -17.45 -16.52 -0.35
C23 CDL VA . -16.13 -15.79 -0.27
C24 CDL VA . -15.38 -15.70 -1.59
C25 CDL VA . -14.78 -17.00 -2.07
C26 CDL VA . -14.67 -17.14 -3.57
C27 CDL VA . -13.27 -17.37 -4.08
CA6 CDL VA . -32.97 -12.08 6.97
OA8 CDL VA . -33.43 -13.01 7.97
CA7 CDL VA . -34.15 -14.05 7.57
OA9 CDL VA . -35.35 -14.08 7.65
C31 CDL VA . -33.29 -15.16 7.02
C32 CDL VA . -33.31 -15.27 5.50
C33 CDL VA . -32.35 -16.33 4.95
C34 CDL VA . -31.59 -15.91 3.71
C35 CDL VA . -30.93 -17.06 2.95
C36 CDL VA . -29.50 -16.79 2.49
C37 CDL VA . -28.80 -17.99 1.84
C38 CDL VA . -27.39 -17.73 1.31
C39 CDL VA . -26.36 -18.83 1.62
C40 CDL VA . -25.70 -19.44 0.39
C41 CDL VA . -24.57 -20.43 0.71
C42 CDL VA . -24.22 -21.40 -0.42
C43 CDL VA . -24.15 -20.78 -1.80
C44 CDL VA . -23.30 -21.54 -2.81
C45 CDL VA . -23.53 -21.12 -4.26
C46 CDL VA . -22.31 -21.08 -5.17
C47 CDL VA . -22.46 -20.23 -6.43
CB2 CDL VA . -24.40 -10.89 6.45
OB2 CDL VA . -23.80 -11.66 5.35
PB2 CDL VA . -23.01 -10.90 4.16
OB3 CDL VA . -22.45 -9.64 4.78
OB4 CDL VA . -23.94 -10.79 2.98
OB5 CDL VA . -21.79 -11.87 3.74
CB3 CDL VA . -20.41 -11.58 4.15
CB4 CDL VA . -19.44 -11.31 3.02
OB6 CDL VA . -19.44 -12.40 2.05
CB5 CDL VA . -20.23 -12.28 0.96
OB7 CDL VA . -21.40 -12.02 1.07
C51 CDL VA . -19.60 -12.53 -0.40
C52 CDL VA . -18.10 -12.60 -0.41
C53 CDL VA . -17.56 -13.05 -1.76
C54 CDL VA . -16.10 -12.77 -1.99
C55 CDL VA . -15.78 -11.40 -2.51
C56 CDL VA . -14.33 -11.22 -2.86
C57 CDL VA . -14.02 -9.98 -3.64
C58 CDL VA . -14.56 -8.71 -3.04
C59 CDL VA . -14.30 -8.53 -1.56
C60 CDL VA . -12.89 -8.10 -1.21
C61 CDL VA . -12.76 -7.51 0.17
C62 CDL VA . -12.95 -6.01 0.23
C63 CDL VA . -11.75 -5.20 -0.23
C64 CDL VA . -11.43 -3.99 0.62
C65 CDL VA . -10.72 -4.29 1.93
C66 CDL VA . -9.45 -3.50 2.18
C67 CDL VA . -8.60 -4.05 3.31
CB6 CDL VA . -18.01 -11.11 3.49
OB8 CDL VA . -17.11 -11.03 2.36
CB7 CDL VA . -15.83 -10.72 2.62
OB9 CDL VA . -15.48 -9.62 2.98
C71 CDL VA . -14.92 -11.90 2.37
C72 CDL VA . -13.59 -11.55 1.74
C73 CDL VA . -12.96 -12.72 0.99
C74 CDL VA . -11.48 -12.58 0.68
C75 CDL VA . -11.16 -11.84 -0.61
C76 CDL VA . -11.10 -12.70 -1.86
C77 CDL VA . -11.03 -11.91 -3.18
C78 CDL VA . -11.26 -12.74 -4.44
C79 CDL VA . -12.07 -12.07 -5.54
C80 CDL VA . -11.38 -10.92 -6.25
C81 CDL VA . -10.51 -11.34 -7.42
C82 CDL VA . -9.12 -10.73 -7.44
C83 CDL VA . -7.99 -11.71 -7.17
C84 CDL VA . -6.58 -11.15 -7.36
C85 CDL VA . -5.47 -12.20 -7.24
C86 CDL VA . -4.04 -11.69 -7.39
C87 CDL VA . -2.99 -12.78 -7.44
C1 CHD WA . -16.52 -23.50 -13.59
C2 CHD WA . -17.06 -24.28 -14.78
C3 CHD WA . -17.53 -25.67 -14.39
O3 CHD WA . -17.70 -26.45 -15.60
C4 CHD WA . -16.57 -26.40 -13.47
C5 CHD WA . -15.85 -25.56 -12.41
C6 CHD WA . -14.70 -26.40 -11.77
C7 CHD WA . -13.48 -26.56 -12.71
O7 CHD WA . -13.77 -27.43 -13.83
C8 CHD WA . -13.00 -25.22 -13.26
C9 CHD WA . -14.16 -24.44 -13.93
C10 CHD WA . -15.33 -24.19 -12.92
C11 CHD WA . -13.66 -23.17 -14.66
C12 CHD WA . -12.41 -23.37 -15.53
O12 CHD WA . -12.72 -24.14 -16.71
C13 CHD WA . -11.28 -24.04 -14.75
C14 CHD WA . -11.84 -25.38 -14.22
C15 CHD WA . -10.63 -26.16 -13.75
C16 CHD WA . -9.48 -25.64 -14.63
C17 CHD WA . -10.07 -24.56 -15.58
C18 CHD WA . -10.79 -23.10 -13.63
C19 CHD WA . -14.88 -23.31 -11.72
C20 CHD WA . -9.03 -23.55 -16.10
C21 CHD WA . -9.61 -22.64 -17.19
C22 CHD WA . -7.73 -24.24 -16.57
C23 CHD WA . -7.64 -24.56 -18.07
O25 CHD WA . -6.13 -26.08 -19.13
C24 CHD WA . -6.26 -24.96 -18.56
O26 CHD WA . -5.31 -24.17 -18.39
P PEK XA . 13.19 -11.04 -9.62
N PEK XA . 9.48 -14.25 -11.11
C01 PEK XA . 10.51 -9.08 -7.06
C02 PEK XA . 11.94 -8.64 -6.77
C03 PEK XA . 12.95 -9.08 -7.80
C04 PEK XA . 11.48 -12.81 -10.65
C05 PEK XA . 10.67 -14.04 -10.28
O01 PEK XA . 12.33 -9.14 -5.47
O02 PEK XA . 13.27 -7.48 -4.35
O03 PEK XA . 10.19 -10.25 -6.27
O04 PEK XA . 9.83 -11.68 -7.95
O11 PEK XA . 12.36 -9.87 -8.88
O12 PEK XA . 12.23 -12.33 -9.50
O13 PEK XA . 13.30 -10.72 -11.08
O14 PEK XA . 14.45 -11.31 -8.83
C1 PEK XA . 12.38 -8.29 -4.43
C2 PEK XA . 11.24 -8.43 -3.45
C3 PEK XA . 11.69 -8.85 -2.04
C4 PEK XA . 10.84 -8.22 -0.93
C5 PEK XA . 11.31 -6.85 -0.53
C6 PEK XA . 10.87 -6.13 0.49
C7 PEK XA . 9.76 -6.49 1.44
C8 PEK XA . 9.38 -5.38 2.37
C9 PEK XA . 8.36 -5.37 3.18
C10 PEK XA . 7.26 -6.40 3.27
C11 PEK XA . 6.04 -5.86 3.98
C12 PEK XA . 5.05 -6.56 4.54
C13 PEK XA . 3.97 -6.01 5.48
C14 PEK XA . 4.38 -5.75 6.92
C15 PEK XA . 3.58 -5.67 7.98
C16 PEK XA . 2.09 -5.83 7.94
C17 PEK XA . 1.43 -5.82 9.31
C18 PEK XA . -0.02 -5.36 9.31
C19 PEK XA . -1.05 -6.45 9.50
C20 PEK XA . -2.35 -5.95 10.07
C21 PEK XA . 9.53 -11.25 -6.87
C22 PEK XA . 8.41 -11.79 -6.03
C23 PEK XA . 7.99 -13.17 -6.45
C24 PEK XA . 7.57 -14.06 -5.28
C25 PEK XA . 7.99 -15.50 -5.43
C26 PEK XA . 7.51 -16.41 -4.32
C27 PEK XA . 6.01 -16.58 -4.26
C28 PEK XA . 5.54 -17.96 -3.83
C29 PEK XA . 4.39 -17.97 -2.84
C30 PEK XA . 3.31 -18.98 -3.14
C31 PEK XA . 2.49 -18.69 -4.38
C32 PEK XA . 1.61 -17.46 -4.30
C33 PEK XA . 0.65 -17.30 -5.47
C34 PEK XA . -0.01 -15.93 -5.59
C35 PEK XA . -1.40 -15.96 -6.20
C36 PEK XA . -2.51 -16.11 -5.19
C37 PEK XA . -3.84 -16.56 -5.74
C38 PEK XA . -4.98 -16.52 -4.74
CA1 TGL YA . 11.69 52.45 10.76
CA2 TGL YA . 11.62 52.95 9.32
CA3 TGL YA . 12.64 52.33 8.40
CA4 TGL YA . 12.73 53.04 7.05
CA5 TGL YA . 13.79 52.49 6.11
CA6 TGL YA . 14.45 53.52 5.22
CA7 TGL YA . 14.23 53.33 3.72
CA8 TGL YA . 13.91 54.61 2.96
CA9 TGL YA . 13.48 54.41 1.51
OA1 TGL YA . 12.39 52.91 11.62
CB1 TGL YA . 8.55 49.58 10.79
CB2 TGL YA . 8.99 49.58 9.33
CB3 TGL YA . 9.01 48.22 8.68
CB4 TGL YA . 9.86 48.15 7.40
CB5 TGL YA . 10.13 46.75 6.88
CB6 TGL YA . 11.03 46.69 5.65
CB7 TGL YA . 12.46 46.23 5.93
CB8 TGL YA . 13.42 46.28 4.74
CB9 TGL YA . 13.76 47.67 4.24
C10 TGL YA . 15.16 47.82 3.68
C11 TGL YA . 16.24 48.05 4.72
C12 TGL YA . 17.60 48.41 4.16
C13 TGL YA . 18.63 48.81 5.19
C14 TGL YA . 19.76 49.66 4.64
OB1 TGL YA . 8.56 48.59 11.47
OG1 TGL YA . 10.87 51.42 10.96
CG1 TGL YA . 10.33 51.23 12.28
CG2 TGL YA . 8.85 51.58 12.24
OG2 TGL YA . 8.08 50.76 11.28
CG3 TGL YA . 8.22 51.57 13.62
OG3 TGL YA . 8.53 52.83 14.26
CC1 TGL YA . 8.06 53.06 15.47
CC2 TGL YA . 8.71 54.26 16.10
CC3 TGL YA . 8.53 55.56 15.31
CC4 TGL YA . 9.34 56.73 15.88
CC5 TGL YA . 9.07 58.09 15.24
CC6 TGL YA . 10.28 58.80 14.67
CC7 TGL YA . 9.99 59.80 13.53
CC8 TGL YA . 10.65 59.48 12.18
CC9 TGL YA . 10.51 60.56 11.11
C15 TGL YA . 9.69 60.18 9.87
C16 TGL YA . 10.42 59.33 8.82
C17 TGL YA . 9.77 59.29 7.44
C18 TGL YA . 10.03 57.99 6.63
C19 TGL YA . 10.15 58.17 5.12
OC1 TGL YA . 7.23 52.36 15.99
C20 TGL YA . 13.38 55.68 0.69
C21 TGL YA . 12.02 55.94 0.06
C22 TGL YA . 11.59 54.96 -1.01
C23 TGL YA . 12.53 54.84 -2.20
C24 TGL YA . 13.63 53.78 -2.08
C25 TGL YA . 13.23 52.47 -1.42
C26 TGL YA . 14.37 51.48 -1.21
C27 TGL YA . 13.95 50.21 -0.51
C28 TGL YA . 14.60 50.01 0.84
C29 TGL YA . 19.38 51.11 4.32
C30 TGL YA . 19.51 51.49 2.86
C31 TGL YA . 18.86 52.80 2.45
C32 TGL YA . 17.95 52.69 1.24
C33 TGL YA . 9.23 57.27 4.29
C34 TGL YA . 9.64 57.07 2.83
C35 TGL YA . 8.47 57.04 1.83
C36 TGL YA . 8.82 56.68 0.40
C1A SAC ZA . 67.72 56.45 -8.59
C2A SAC ZA . 66.99 57.77 -8.61
OAC SAC ZA . 68.39 56.13 -7.62
N SAC ZA . 67.57 55.66 -9.67
CA SAC ZA . 68.34 54.45 -9.91
C SAC ZA . 69.27 54.11 -8.71
O SAC ZA . 69.30 52.93 -8.33
CB SAC ZA . 69.16 54.59 -11.19
OG SAC ZA . 68.46 54.06 -12.30
C1 CHD AB . -17.69 30.06 -44.62
C2 CHD AB . -17.42 30.23 -46.10
C3 CHD AB . -18.17 29.19 -46.92
O3 CHD AB . -17.81 29.31 -48.31
C4 CHD AB . -17.83 27.79 -46.44
C5 CHD AB . -18.03 27.59 -44.93
C6 CHD AB . -17.66 26.16 -44.52
C7 CHD AB . -16.15 25.90 -44.50
O7 CHD AB . -15.66 25.82 -45.86
C8 CHD AB . -15.39 26.97 -43.70
C9 CHD AB . -15.78 28.41 -44.12
C10 CHD AB . -17.32 28.67 -44.05
C11 CHD AB . -14.93 29.44 -43.35
C12 CHD AB . -13.41 29.22 -43.46
O12 CHD AB . -13.03 29.43 -44.83
C13 CHD AB . -13.02 27.80 -43.00
C14 CHD AB . -13.87 26.80 -43.81
C15 CHD AB . -13.26 25.44 -43.46
C16 CHD AB . -11.78 25.74 -43.17
C17 CHD AB . -11.60 27.28 -43.39
C18 CHD AB . -13.29 27.66 -41.48
C19 CHD AB . -17.84 28.61 -42.60
C20 CHD AB . -10.28 27.83 -42.81
C21 CHD AB . -9.15 26.80 -42.77
C22 CHD AB . -10.45 28.49 -41.41
C23 CHD AB . -9.25 29.35 -40.90
O25 CHD AB . -10.12 31.43 -40.12
C24 CHD AB . -9.51 30.38 -39.81
O26 CHD AB . -9.07 30.16 -38.65
CA1 TGL BB . -1.24 41.63 -34.55
CA2 TGL BB . -0.63 42.59 -33.56
CA3 TGL BB . 0.78 42.27 -33.18
CA4 TGL BB . 1.55 43.48 -32.74
CA5 TGL BB . 2.96 43.19 -32.34
CA6 TGL BB . 3.37 43.86 -31.07
CA7 TGL BB . 4.82 43.68 -30.73
CA8 TGL BB . 5.04 42.83 -29.51
CA9 TGL BB . 6.49 42.59 -29.20
OA1 TGL BB . -1.51 41.91 -35.69
CB1 TGL BB . -1.90 36.21 -34.23
CB2 TGL BB . -1.48 35.71 -32.85
CB3 TGL BB . -1.89 36.58 -31.70
CB4 TGL BB . -2.49 35.80 -30.54
CB5 TGL BB . -2.32 36.43 -29.18
CB6 TGL BB . -2.60 37.90 -29.12
CB7 TGL BB . -3.22 38.38 -27.84
CB8 TGL BB . -4.72 38.53 -27.89
CB9 TGL BB . -5.41 38.37 -26.55
C10 TGL BB . -6.91 38.58 -26.60
C11 TGL BB . -7.72 37.43 -26.04
C12 TGL BB . -9.20 37.57 -26.27
C13 TGL BB . -9.85 38.71 -25.50
C14 TGL BB . -10.62 39.73 -26.35
OB1 TGL BB . -2.07 35.40 -35.10
OG1 TGL BB . -1.49 40.44 -34.01
CG1 TGL BB . -0.54 39.38 -34.28
CG2 TGL BB . -1.15 38.35 -35.20
OG2 TGL BB . -2.10 37.54 -34.41
CG3 TGL BB . -1.79 38.97 -36.44
OG3 TGL BB . -0.81 39.76 -37.15
CC1 TGL BB . -1.13 40.26 -38.35
CC2 TGL BB . 0.01 41.08 -38.97
CC3 TGL BB . 0.77 40.37 -40.07
CC4 TGL BB . 0.45 40.89 -41.46
CC5 TGL BB . -1.02 40.77 -41.85
CC6 TGL BB . -1.78 42.09 -41.93
CC7 TGL BB . -3.21 42.07 -41.39
CC8 TGL BB . -3.62 43.31 -40.59
CC9 TGL BB . -4.95 43.23 -39.89
C15 TGL BB . -5.14 44.21 -38.74
C16 TGL BB . -5.21 43.56 -37.37
C17 TGL BB . -5.61 44.49 -36.22
C18 TGL BB . -4.75 44.36 -34.96
C19 TGL BB . -5.51 44.36 -33.63
OC1 TGL BB . -2.22 40.11 -38.85
C20 TGL BB . 6.76 42.39 -27.72
C21 TGL BB . 6.43 41.01 -27.20
C22 TGL BB . 7.02 39.88 -28.01
C23 TGL BB . 8.43 40.11 -28.47
C24 TGL BB . 9.35 38.98 -28.16
C25 TGL BB . 9.46 37.99 -29.26
C26 TGL BB . 10.48 38.36 -30.27
C27 TGL BB . 10.33 37.61 -31.54
C28 TGL BB . 10.61 36.13 -31.41
C29 TGL BB . -9.84 40.97 -26.80
C30 TGL BB . -10.52 42.31 -26.47
C31 TGL BB . -9.93 43.55 -27.13
C32 TGL BB . -10.35 44.87 -26.51
C33 TGL BB . -5.15 43.19 -32.72
C34 TGL BB . -5.80 43.20 -31.35
C35 TGL BB . -5.54 41.96 -30.52
C36 TGL BB . -6.56 41.68 -29.43
P PGV CB . 24.63 52.52 -29.95
C01 PGV CB . 22.61 56.77 -31.07
C02 PGV CB . 23.52 55.61 -30.70
C03 PGV CB . 22.84 54.26 -30.87
C04 PGV CB . 25.95 50.60 -31.24
C05 PGV CB . 25.41 50.14 -32.57
C06 PGV CB . 25.09 48.66 -32.60
O01 PGV CB . 24.08 55.84 -29.35
O02 PGV CB . 24.29 54.62 -27.46
O03 PGV CB . 23.23 57.57 -32.11
O04 PGV CB . 22.50 58.05 -34.18
O05 PGV CB . 26.37 50.45 -33.58
O06 PGV CB . 24.58 48.26 -33.87
O11 PGV CB . 23.81 53.21 -31.15
O12 PGV CB . 24.82 50.99 -30.40
O13 PGV CB . 23.74 52.48 -28.73
O14 PGV CB . 25.97 53.18 -29.86
C1 PGV CB . 23.59 55.23 -28.24
C2 PGV CB . 22.15 55.45 -27.94
C3 PGV CB . 21.93 56.49 -26.91
C4 PGV CB . 20.61 57.21 -27.08
C5 PGV CB . 19.68 57.09 -25.91
C6 PGV CB . 18.60 58.15 -25.85
C7 PGV CB . 18.60 58.96 -24.58
C8 PGV CB . 17.38 59.82 -24.38
C9 PGV CB . 17.65 61.15 -23.68
C10 PGV CB . 16.62 62.21 -23.93
C11 PGV CB . 15.72 62.47 -22.76
C12 PGV CB . 14.59 63.14 -22.82
C13 PGV CB . 14.05 63.80 -24.05
C14 PGV CB . 14.85 65.01 -24.50
C15 PGV CB . 14.10 66.34 -24.45
C16 PGV CB . 14.90 67.51 -23.89
C17 PGV CB . 14.08 68.52 -23.11
C18 PGV CB . 14.01 69.89 -23.75
C19 PGV CB . 22.42 58.20 -32.99
C20 PGV CB . 21.45 59.14 -32.30
C21 PGV CB . 20.02 58.73 -32.45
C22 PGV CB . 19.31 58.61 -31.10
C23 PGV CB . 18.89 59.92 -30.46
C24 PGV CB . 17.58 59.88 -29.65
C25 PGV CB . 16.92 61.23 -29.41
C26 PGV CB . 15.96 61.28 -28.24
C27 PGV CB . 14.53 61.71 -28.57
C28 PGV CB . 13.69 62.10 -27.37
C29 PGV CB . 12.25 62.47 -27.67
C30 PGV CB . 11.48 63.09 -26.51
C31 PGV CB . 9.96 63.26 -26.74
C32 PGV CB . 9.11 63.55 -25.47
C33 PGV CB . 7.60 63.24 -25.57
C34 PGV CB . 6.78 63.58 -24.33
C1 DMU DB . -9.34 63.00 -22.67
C2 DMU DB . -10.19 64.08 -23.31
C3 DMU DB . -10.27 65.30 -22.39
C4 DMU DB . -8.88 65.86 -22.19
O5 DMU DB . -7.83 64.88 -22.03
C6 DMU DB . -8.13 63.48 -21.86
O7 DMU DB . -11.00 66.39 -22.94
O16 DMU DB . -7.04 62.61 -22.27
C18 DMU DB . -5.70 63.11 -22.08
C19 DMU DB . -4.92 62.21 -21.14
C22 DMU DB . -4.31 63.04 -20.01
C25 DMU DB . -3.62 62.16 -18.98
C28 DMU DB . -4.52 61.01 -18.50
C31 DMU DB . -4.06 60.46 -17.15
C34 DMU DB . -3.64 59.00 -17.20
C37 DMU DB . -4.84 58.10 -17.00
C40 DMU DB . -4.43 56.66 -16.74
C43 DMU DB . -4.01 56.43 -15.30
O49 DMU DB . -8.86 62.18 -23.73
O55 DMU DB . -11.49 63.52 -23.56
C57 DMU DB . -8.95 66.78 -20.97
O61 DMU DB . -7.69 67.44 -20.82
C5 DMU DB . -12.93 66.11 -24.34
C7 DMU DB . -12.94 67.43 -25.19
C8 DMU DB . -12.99 68.74 -24.40
C9 DMU DB . -12.42 68.67 -22.99
O1 DMU DB . -12.88 67.49 -22.31
C10 DMU DB . -12.41 66.29 -22.91
O2 DMU DB . -12.20 69.65 -25.17
O3 DMU DB . -14.18 65.37 -24.31
O4 DMU DB . -14.00 67.50 -26.16
C11 DMU DB . -12.80 69.88 -22.13
O6 DMU DB . -11.82 69.98 -21.09
FE HEA EB . -8.32 -39.75 18.56
CHA HEA EB . -9.82 -37.48 20.69
CHB HEA EB . -10.16 -42.36 19.90
CHC HEA EB . -6.71 -41.98 16.53
CHD HEA EB . -6.99 -37.11 16.72
NA HEA EB . -9.75 -39.89 20.06
C1A HEA EB . -10.25 -38.89 20.80
C2A HEA EB . -11.29 -39.28 21.78
C3A HEA EB . -11.37 -40.70 21.49
C4A HEA EB . -10.40 -41.00 20.43
CMA HEA EB . -12.31 -41.63 22.13
OMA HEA EB . -12.47 -42.72 21.60
CAA HEA EB . -12.11 -38.45 22.72
CBA HEA EB . -11.63 -38.21 24.14
CGA HEA EB . -12.71 -37.33 24.76
O1A HEA EB . -13.37 -37.68 25.76
O2A HEA EB . -12.98 -36.17 24.12
NB HEA EB . -8.41 -41.84 18.29
C1B HEA EB . -9.16 -42.75 18.91
C2B HEA EB . -8.91 -44.15 18.47
C3B HEA EB . -7.86 -44.01 17.44
C4B HEA EB . -7.66 -42.56 17.47
CMB HEA EB . -9.54 -45.44 18.92
NC HEA EB . -7.06 -39.58 16.92
C1C HEA EB . -6.53 -40.56 16.22
C2C HEA EB . -5.74 -40.16 15.04
C3C HEA EB . -5.85 -38.71 15.11
C4C HEA EB . -6.68 -38.46 16.29
CMC HEA EB . -5.00 -41.02 14.07
CAC HEA EB . -5.26 -37.68 14.22
CBC HEA EB . -4.61 -37.97 13.11
ND HEA EB . -8.37 -37.66 18.71
C1D HEA EB . -7.78 -36.74 17.91
C2D HEA EB . -8.00 -35.32 18.30
C3D HEA EB . -8.84 -35.46 19.49
C4D HEA EB . -9.00 -36.91 19.63
CMD HEA EB . -7.50 -34.07 17.65
CAD HEA EB . -9.41 -34.36 20.35
CBD HEA EB . -8.50 -33.94 21.52
CGD HEA EB . -9.34 -33.08 22.45
O1D HEA EB . -8.83 -32.13 23.02
O2D HEA EB . -10.63 -33.35 22.69
C11 HEA EB . -7.10 -45.01 16.65
O11 HEA EB . -6.86 -46.13 17.51
C12 HEA EB . -7.75 -45.42 15.33
C13 HEA EB . -6.89 -46.44 14.55
C14 HEA EB . -5.61 -45.87 13.98
C15 HEA EB . -4.41 -45.97 14.57
C16 HEA EB . -3.21 -45.36 13.94
C17 HEA EB . -2.76 -46.34 12.87
C18 HEA EB . -1.63 -45.73 12.10
C19 HEA EB . -0.35 -45.94 12.44
C20 HEA EB . 0.75 -45.31 11.63
C21 HEA EB . 1.57 -46.42 10.99
C22 HEA EB . 2.78 -45.79 10.38
C23 HEA EB . 3.31 -46.15 9.20
C24 HEA EB . 2.75 -47.26 8.34
C25 HEA EB . 4.53 -45.43 8.68
C26 HEA EB . -4.19 -46.66 15.88
C27 HEA EB . 0.03 -46.80 13.61
FE HEA FB . -13.96 -30.67 10.33
CHA HEA FB . -14.40 -29.85 13.66
CHB HEA FB . -16.63 -28.72 9.46
CHC HEA FB . -13.28 -31.24 7.00
CHD HEA FB . -11.01 -32.27 11.23
NA HEA FB . -15.31 -29.51 11.39
C1A HEA FB . -15.33 -29.27 12.71
C2A HEA FB . -16.37 -28.35 13.21
C3A HEA FB . -17.03 -28.00 11.96
C4A HEA FB . -16.30 -28.77 10.90
CMA HEA FB . -18.18 -27.05 11.85
OMA HEA FB . -18.56 -26.70 10.74
CAA HEA FB . -16.62 -27.85 14.63
CBA HEA FB . -17.84 -28.42 15.37
CGA HEA FB . -17.75 -27.95 16.80
O1A HEA FB . -18.76 -27.61 17.39
O2A HEA FB . -16.57 -27.88 17.43
NB HEA FB . -14.82 -30.11 8.54
C1B HEA FB . -15.89 -29.35 8.36
C2B HEA FB . -16.25 -29.11 6.95
C3B HEA FB . -15.25 -29.87 6.22
C4B HEA FB . -14.43 -30.43 7.30
CMB HEA FB . -17.37 -28.34 6.33
NC HEA FB . -12.44 -31.62 9.29
C1C HEA FB . -12.31 -31.75 7.95
C2C HEA FB . -11.06 -32.43 7.52
C3C HEA FB . -10.41 -32.72 8.81
C4C HEA FB . -11.33 -32.17 9.81
CMC HEA FB . -10.61 -32.75 6.12
CAC HEA FB . -9.15 -33.42 9.15
CBC HEA FB . -8.41 -33.98 8.21
ND HEA FB . -12.92 -31.04 12.13
C1D HEA FB . -11.76 -31.68 12.32
C2D HEA FB . -11.23 -31.75 13.71
C3D HEA FB . -12.24 -31.01 14.44
C4D HEA FB . -13.21 -30.64 13.37
CMD HEA FB . -9.98 -32.39 14.27
CAD HEA FB . -12.25 -30.80 15.94
CBD HEA FB . -12.43 -29.37 16.42
CGD HEA FB . -12.09 -29.38 17.89
O1D HEA FB . -12.76 -28.68 18.64
O2D HEA FB . -11.08 -30.10 18.37
C11 HEA FB . -15.16 -29.98 4.75
O11 HEA FB . -13.79 -29.88 4.29
C12 HEA FB . -15.82 -31.29 4.32
C13 HEA FB . -15.52 -31.61 2.83
C14 HEA FB . -16.08 -32.93 2.33
C15 HEA FB . -17.38 -33.17 2.04
C16 HEA FB . -17.75 -34.54 1.51
C17 HEA FB . -17.22 -34.78 0.09
C18 HEA FB . -17.97 -33.88 -0.88
C19 HEA FB . -18.91 -34.29 -1.76
C20 HEA FB . -19.58 -33.26 -2.66
C21 HEA FB . -21.11 -33.10 -2.49
C22 HEA FB . -21.55 -32.83 -1.06
C23 HEA FB . -22.55 -31.99 -0.72
C24 HEA FB . -23.36 -31.20 -1.74
C25 HEA FB . -22.90 -31.82 0.73
C26 HEA FB . -18.47 -32.15 2.21
C27 HEA FB . -19.31 -35.74 -1.93
CU CU GB . -12.37 -25.66 10.84
MG MG HB . -17.06 -25.52 23.70
NA NA IB . -15.83 -44.56 32.45
CA1 TGL JB . -12.97 -59.16 -5.98
CA2 TGL JB . -13.88 -58.44 -4.98
CA3 TGL JB . -13.18 -57.89 -3.77
CA4 TGL JB . -14.01 -56.85 -3.01
CA5 TGL JB . -13.33 -56.26 -1.79
CA6 TGL JB . -13.91 -54.93 -1.31
CA7 TGL JB . -12.88 -53.96 -0.74
CA8 TGL JB . -13.44 -52.91 0.20
CA9 TGL JB . -13.73 -51.57 -0.45
OA1 TGL JB . -13.25 -59.39 -7.13
CB1 TGL JB . -9.28 -61.27 -3.90
CB2 TGL JB . -9.21 -60.76 -2.47
CB3 TGL JB . -10.46 -60.06 -2.03
CB4 TGL JB . -10.61 -60.02 -0.51
CB5 TGL JB . -11.07 -58.69 0.03
CB6 TGL JB . -11.85 -58.75 1.33
CB7 TGL JB . -12.08 -57.40 1.99
CB8 TGL JB . -12.82 -57.45 3.30
CB9 TGL JB . -13.48 -56.16 3.73
C10 TGL JB . -14.16 -56.22 5.07
C11 TGL JB . -15.28 -57.26 5.19
C12 TGL JB . -14.97 -58.46 6.09
C13 TGL JB . -16.18 -59.25 6.54
C14 TGL JB . -15.99 -60.06 7.81
OB1 TGL JB . -9.53 -62.41 -4.18
OG1 TGL JB . -11.82 -59.52 -5.42
CG1 TGL JB . -11.12 -60.62 -6.03
CG2 TGL JB . -9.64 -60.28 -6.11
OG2 TGL JB . -8.99 -60.31 -4.80
CG3 TGL JB . -8.89 -61.17 -7.09
OG3 TGL JB . -8.95 -60.57 -8.40
CC1 TGL JB . -9.82 -61.08 -9.27
CC2 TGL JB . -10.72 -60.02 -9.87
CC3 TGL JB . -10.17 -59.32 -11.11
CC4 TGL JB . -10.97 -58.08 -11.51
CC5 TGL JB . -12.47 -58.17 -11.26
CC6 TGL JB . -13.31 -57.11 -11.95
CC7 TGL JB . -14.61 -57.62 -12.55
CC8 TGL JB . -15.57 -58.29 -11.56
CC9 TGL JB . -16.91 -58.69 -12.15
C15 TGL JB . -17.76 -59.59 -11.25
C16 TGL JB . -19.03 -58.95 -10.70
C17 TGL JB . -20.32 -59.66 -11.08
C18 TGL JB . -21.59 -58.82 -10.95
C19 TGL JB . -22.48 -58.79 -12.20
OC1 TGL JB . -9.87 -62.26 -9.53
C20 TGL JB . -14.41 -50.55 0.44
C21 TGL JB . -15.88 -50.79 0.68
C22 TGL JB . -16.82 -50.09 -0.28
C23 TGL JB . -16.87 -50.66 -1.70
C24 TGL JB . -17.61 -51.98 -1.85
C25 TGL JB . -17.90 -52.41 -3.29
C26 TGL JB . -17.31 -53.74 -3.71
C27 TGL JB . -17.66 -54.23 -5.11
C28 TGL JB . -17.30 -55.69 -5.37
C29 TGL JB . -16.16 -59.27 9.12
C30 TGL JB . -17.18 -59.85 10.12
C31 TGL JB . -16.86 -59.65 11.61
C32 TGL JB . -18.04 -59.54 12.56
C33 TGL JB . -22.97 -57.40 -12.61
C34 TGL JB . -23.78 -57.35 -13.89
C35 TGL JB . -24.45 -56.01 -14.15
C36 TGL JB . -24.71 -55.68 -15.60
P PGV KB . 21.28 -24.99 3.29
C01 PGV KB . 18.12 -21.82 3.22
C02 PGV KB . 19.56 -21.71 3.71
C03 PGV KB . 20.55 -22.48 2.86
C04 PGV KB . 22.29 -24.86 0.87
C05 PGV KB . 23.43 -24.35 0.04
C06 PGV KB . 23.86 -22.94 0.42
O01 PGV KB . 19.72 -22.22 5.06
O02 PGV KB . 20.69 -20.39 5.90
O03 PGV KB . 17.30 -20.77 3.81
O04 PGV KB . 17.71 -19.34 2.13
O05 PGV KB . 23.09 -24.42 -1.34
O06 PGV KB . 25.24 -22.74 0.16
O11 PGV KB . 20.19 -23.88 2.87
O12 PGV KB . 22.53 -24.77 2.30
O13 PGV KB . 20.72 -26.35 2.99
O14 PGV KB . 21.65 -24.64 4.70
C1 PGV KB . 19.96 -21.33 6.04
C2 PGV KB . 19.22 -21.65 7.31
C3 PGV KB . 20.01 -21.38 8.56
C4 PGV KB . 19.38 -22.00 9.80
C5 PGV KB . 19.61 -21.23 11.08
C6 PGV KB . 20.13 -22.06 12.23
C7 PGV KB . 19.73 -21.59 13.61
C8 PGV KB . 18.35 -22.03 14.05
C9 PGV KB . 18.35 -22.94 15.28
C10 PGV KB . 17.24 -22.68 16.23
C11 PGV KB . 15.90 -23.03 15.67
C12 PGV KB . 14.76 -22.78 16.24
C13 PGV KB . 14.55 -22.00 17.51
C14 PGV KB . 13.12 -21.94 17.92
C15 PGV KB . 12.82 -20.93 19.02
C16 PGV KB . 13.44 -21.28 20.37
C17 PGV KB . 14.11 -20.13 21.09
C18 PGV KB . 13.18 -19.39 22.02
C19 PGV KB . 17.13 -19.62 3.15
C20 PGV KB . 16.19 -18.69 3.84
C21 PGV KB . 15.65 -19.23 5.13
C22 PGV KB . 16.45 -18.79 6.34
C23 PGV KB . 15.85 -19.30 7.65
C24 PGV KB . 16.53 -18.78 8.90
C25 PGV KB . 16.50 -19.76 10.07
C26 PGV KB . 15.96 -19.17 11.36
C27 PGV KB . 15.30 -20.20 12.26
C28 PGV KB . 14.15 -19.67 13.08
C29 PGV KB . 12.87 -19.43 12.28
C30 PGV KB . 12.02 -18.29 12.81
C31 PGV KB . 10.54 -18.47 12.58
C32 PGV KB . 9.76 -17.19 12.57
C33 PGV KB . 8.31 -17.35 12.19
C34 PGV KB . 7.39 -17.54 13.35
CA1 TGL LB . -30.11 -44.45 11.96
CA2 TGL LB . -28.87 -45.32 11.90
CA3 TGL LB . -28.13 -45.22 10.59
CA4 TGL LB . -27.52 -46.55 10.15
CA5 TGL LB . -26.80 -46.49 8.82
CA6 TGL LB . -26.66 -47.83 8.11
CA7 TGL LB . -25.24 -48.37 8.00
CA8 TGL LB . -24.57 -48.69 9.33
CA9 TGL LB . -25.20 -49.84 10.11
OA1 TGL LB . -31.22 -44.88 12.11
CB1 TGL LB . -28.72 -40.76 13.40
CB2 TGL LB . -27.27 -41.20 13.19
CB3 TGL LB . -26.86 -41.28 11.74
CB4 TGL LB . -25.43 -40.82 11.46
CB5 TGL LB . -25.20 -40.35 10.04
CB6 TGL LB . -23.95 -40.86 9.38
CB7 TGL LB . -23.97 -40.78 7.87
CB8 TGL LB . -23.33 -41.97 7.16
CB9 TGL LB . -24.31 -43.02 6.65
C10 TGL LB . -23.70 -44.12 5.80
C11 TGL LB . -24.72 -45.11 5.25
C12 TGL LB . -25.01 -44.97 3.76
C13 TGL LB . -25.99 -45.98 3.20
C14 TGL LB . -25.34 -47.28 2.74
OB1 TGL LB . -29.09 -39.69 13.00
OG1 TGL LB . -29.84 -43.15 11.82
CG1 TGL LB . -30.89 -42.21 12.15
CG2 TGL LB . -30.87 -41.97 13.65
OG2 TGL LB . -29.53 -41.59 14.11
CG3 TGL LB . -31.95 -40.99 14.11
OG3 TGL LB . -33.23 -41.69 14.13
CC1 TGL LB . -34.22 -41.24 14.90
CC2 TGL LB . -35.38 -42.22 14.95
CC3 TGL LB . -35.02 -43.59 15.53
CC4 TGL LB . -36.17 -44.61 15.40
CC5 TGL LB . -36.05 -45.84 16.29
CC6 TGL LB . -35.99 -47.17 15.54
CC7 TGL LB . -35.43 -48.34 16.33
CC8 TGL LB . -34.29 -49.09 15.67
CC9 TGL LB . -33.58 -50.12 16.55
C15 TGL LB . -32.09 -49.87 16.81
C16 TGL LB . -31.18 -49.99 15.59
C17 TGL LB . -29.74 -50.39 15.88
C18 TGL LB . -28.70 -49.74 14.97
C19 TGL LB . -27.41 -50.53 14.80
OC1 TGL LB . -34.23 -40.19 15.47
C20 TGL LB . -24.42 -51.13 10.06
C21 TGL LB . -23.58 -51.42 11.29
C22 TGL LB . -22.54 -50.36 11.63
C23 TGL LB . -21.13 -50.67 11.17
C24 TGL LB . -20.88 -50.39 9.70
C25 TGL LB . -20.70 -48.93 9.35
C26 TGL LB . -20.54 -48.64 7.87
C27 TGL LB . -20.16 -47.23 7.55
C28 TGL LB . -21.31 -46.26 7.63
C29 TGL LB . -25.13 -48.35 3.82
C30 TGL LB . -23.68 -48.62 4.21
C31 TGL LB . -23.15 -50.01 3.88
C32 TGL LB . -21.64 -50.11 3.86
C33 TGL LB . -26.19 -49.91 15.46
C34 TGL LB . -24.88 -50.55 15.07
C35 TGL LB . -23.72 -50.22 16.00
C36 TGL LB . -22.34 -50.47 15.40
C1 CHD MB . 32.64 -37.61 25.50
C2 CHD MB . 33.73 -38.68 25.40
C3 CHD MB . 35.15 -38.12 25.43
O3 CHD MB . 35.73 -38.15 24.12
C4 CHD MB . 35.21 -36.71 26.00
C5 CHD MB . 34.20 -35.69 25.45
C6 CHD MB . 34.90 -34.57 24.65
C7 CHD MB . 35.16 -34.85 23.17
O7 CHD MB . 36.29 -35.74 23.03
C8 CHD MB . 33.91 -35.41 22.48
C9 CHD MB . 33.26 -36.60 23.22
C10 CHD MB . 32.96 -36.32 24.73
C11 CHD MB . 32.04 -37.12 22.43
C12 CHD MB . 32.33 -37.47 20.97
O12 CHD MB . 33.16 -38.64 20.94
C13 CHD MB . 32.99 -36.30 20.20
C14 CHD MB . 34.21 -35.83 21.04
C15 CHD MB . 34.91 -34.83 20.13
C16 CHD MB . 34.61 -35.33 18.70
C17 CHD MB . 33.74 -36.61 18.87
C18 CHD MB . 31.95 -35.16 20.05
C19 CHD MB . 31.73 -35.40 24.89
C20 CHD MB . 33.03 -37.07 17.56
C21 CHD MB . 33.69 -36.56 16.28
C22 CHD MB . 31.53 -36.72 17.55
C23 CHD MB . 30.76 -37.24 16.34
O25 CHD MB . 28.78 -36.55 17.46
C24 CHD MB . 29.25 -37.10 16.45
O26 CHD MB . 28.54 -37.55 15.52
C CMO NB . -12.95 -28.22 10.56
O CMO NB . -12.42 -29.19 10.29
CU1 CUA OB . -17.27 -26.67 33.93
CU2 CUA OB . -16.63 -28.53 32.02
O OH PB . 21.75 -6.38 -6.55
C1 CHD QB . -19.26 -11.17 8.35
C2 CHD QB . -20.40 -10.55 9.14
C3 CHD QB . -20.78 -9.21 8.56
O3 CHD QB . -21.90 -8.64 9.27
C4 CHD QB . -19.58 -8.30 8.61
C5 CHD QB . -18.41 -8.87 7.80
C6 CHD QB . -17.22 -7.88 7.76
C7 CHD QB . -16.36 -7.85 9.02
O7 CHD QB . -17.01 -7.12 10.09
C8 CHD QB . -16.01 -9.25 9.51
C9 CHD QB . -17.25 -10.17 9.62
C10 CHD QB . -17.99 -10.29 8.24
C11 CHD QB . -16.92 -11.53 10.27
C12 CHD QB . -16.14 -11.41 11.58
O12 CHD QB . -17.00 -10.81 12.58
C13 CHD QB . -14.85 -10.59 11.40
C14 CHD QB . -15.28 -9.20 10.84
C15 CHD QB . -14.03 -8.32 10.96
C16 CHD QB . -13.21 -8.97 12.09
C17 CHD QB . -14.10 -10.10 12.67
C18 CHD QB . -13.89 -11.35 10.46
C19 CHD QB . -17.08 -10.94 7.19
C20 CHD QB . -13.30 -11.08 13.54
C21 CHD QB . -13.98 -12.44 13.72
C22 CHD QB . -13.04 -10.43 14.90
C23 CHD QB . -11.80 -10.95 15.59
O25 CHD QB . -12.83 -10.57 17.72
C24 CHD QB . -11.74 -10.68 17.08
O26 CHD QB . -10.60 -10.58 17.60
P PEK RB . 8.91 -2.75 31.43
N PEK RB . 10.16 1.61 32.16
C01 PEK RB . 9.68 -5.85 29.62
C02 PEK RB . 10.04 -4.76 28.66
C03 PEK RB . 9.36 -3.44 28.93
C04 PEK RB . 8.98 -0.16 30.93
C05 PEK RB . 9.01 0.70 32.15
O01 PEK RB . 9.70 -5.26 27.34
O02 PEK RB . 11.83 -5.60 26.76
O03 PEK RB . 10.83 -6.72 29.66
O04 PEK RB . 9.86 -8.27 30.93
O11 PEK RB . 9.89 -2.88 30.16
O12 PEK RB . 8.19 -1.34 31.20
O13 PEK RB . 7.83 -3.79 31.36
O14 PEK RB . 9.77 -2.64 32.66
C1 PEK RB . 10.66 -5.80 26.60
C2 PEK RB . 10.09 -6.70 25.54
C3 PEK RB . 9.61 -8.04 26.06
C4 PEK RB . 8.71 -8.77 25.07
C5 PEK RB . 8.93 -10.25 25.04
C6 PEK RB . 9.54 -10.95 24.10
C7 PEK RB . 10.28 -10.41 22.91
C8 PEK RB . 11.57 -11.15 22.69
C9 PEK RB . 12.76 -10.83 23.17
C10 PEK RB . 13.07 -9.64 24.04
C11 PEK RB . 13.89 -10.02 25.23
C12 PEK RB . 14.53 -9.19 26.07
C13 PEK RB . 14.65 -7.70 25.94
C14 PEK RB . 16.06 -7.26 25.62
C15 PEK RB . 16.50 -6.89 24.43
C16 PEK RB . 15.69 -6.83 23.16
C17 PEK RB . 14.75 -5.67 23.10
C18 PEK RB . 15.45 -4.31 23.05
C19 PEK RB . 14.50 -3.14 22.99
C20 PEK RB . 14.99 -2.04 22.09
C21 PEK RB . 10.63 -7.97 30.06
C22 PEK RB . 11.51 -8.92 29.30
C23 PEK RB . 12.04 -10.03 30.15
C24 PEK RB . 12.58 -11.17 29.32
C25 PEK RB . 11.52 -12.13 28.83
C26 PEK RB . 11.91 -12.95 27.63
C27 PEK RB . 11.32 -14.34 27.62
C28 PEK RB . 11.41 -15.04 26.30
C29 PEK RB . 10.09 -15.29 25.61
C30 PEK RB . 10.18 -15.29 24.12
C31 PEK RB . 9.45 -16.42 23.45
C32 PEK RB . 10.14 -16.93 22.20
C33 PEK RB . 9.21 -17.56 21.18
C34 PEK RB . 8.96 -16.70 19.97
C35 PEK RB . 8.68 -17.47 18.72
C36 PEK RB . 9.90 -18.12 18.12
C37 PEK RB . 9.69 -18.57 16.70
C38 PEK RB . 8.40 -19.33 16.50
P PGV SB . 26.49 -14.26 -1.74
C01 PGV SB . 23.88 -16.48 0.51
C02 PGV SB . 25.05 -15.69 1.04
C03 PGV SB . 26.33 -15.95 0.28
C04 PGV SB . 28.64 -14.88 -3.18
C05 PGV SB . 29.71 -13.96 -3.76
C06 PGV SB . 30.17 -14.36 -5.15
O01 PGV SB . 25.27 -16.07 2.44
O02 PGV SB . 25.49 -13.95 3.23
O03 PGV SB . 22.68 -16.03 1.17
O04 PGV SB . 22.39 -17.94 2.30
O05 PGV SB . 30.79 -13.91 -2.84
O06 PGV SB . 31.58 -14.56 -5.22
O11 PGV SB . 26.14 -15.71 -1.14
O12 PGV SB . 28.08 -14.32 -1.96
O13 PGV SB . 26.21 -13.26 -0.66
O14 PGV SB . 25.83 -14.15 -3.09
C1 PGV SB . 25.44 -15.14 3.41
C2 PGV SB . 25.59 -15.82 4.74
C3 PGV SB . 25.59 -14.87 5.90
C4 PGV SB . 24.20 -14.57 6.45
C5 PGV SB . 24.18 -14.32 7.93
C6 PGV SB . 22.91 -13.73 8.48
C7 PGV SB . 23.11 -13.06 9.81
C8 PGV SB . 21.87 -12.85 10.62
C9 PGV SB . 22.12 -12.12 11.93
C10 PGV SB . 21.72 -12.88 13.17
C11 PGV SB . 21.76 -12.06 14.43
C12 PGV SB . 21.33 -12.39 15.62
C13 PGV SB . 20.51 -13.61 15.94
C14 PGV SB . 20.63 -14.05 17.36
C15 PGV SB . 20.01 -13.09 18.36
C16 PGV SB . 20.99 -12.19 19.08
C17 PGV SB . 20.54 -10.76 19.27
C18 PGV SB . 21.23 -10.04 20.40
C19 PGV SB . 22.27 -16.73 2.23
C20 PGV SB . 21.67 -15.81 3.28
C21 PGV SB . 20.83 -16.52 4.33
C22 PGV SB . 19.74 -15.63 4.93
C23 PGV SB . 19.98 -15.22 6.35
C24 PGV SB . 18.85 -14.43 6.98
C25 PGV SB . 18.28 -15.06 8.23
C26 PGV SB . 17.58 -14.11 9.20
C27 PGV SB . 17.60 -14.59 10.63
C28 PGV SB . 16.37 -14.28 11.42
C29 PGV SB . 16.13 -15.19 12.60
C30 PGV SB . 15.38 -14.57 13.76
C31 PGV SB . 13.94 -15.04 13.92
C32 PGV SB . 13.16 -14.32 15.00
C33 PGV SB . 12.79 -15.12 16.21
C34 PGV SB . 11.35 -14.94 16.63
C1 CDL TB . 36.40 -18.11 5.74
O1 CDL TB . 35.13 -18.69 5.99
CA2 CDL TB . 37.46 -18.90 6.48
OA2 CDL TB . 37.89 -18.19 7.67
PA1 CDL TB . 37.17 -18.51 9.08
OA3 CDL TB . 35.75 -18.94 8.81
OA4 CDL TB . 38.11 -19.41 9.84
OA5 CDL TB . 37.09 -17.07 9.80
CA3 CDL TB . 38.27 -16.22 9.93
CA4 CDL TB . 38.37 -15.61 11.31
OA6 CDL TB . 38.89 -14.24 11.24
CA5 CDL TB . 38.13 -13.25 10.72
OA7 CDL TB . 38.40 -12.73 9.66
C11 CDL TB . 36.98 -12.77 11.57
C12 CDL TB . 35.71 -13.52 11.35
C13 CDL TB . 35.16 -14.15 12.61
C14 CDL TB . 34.53 -13.16 13.57
C15 CDL TB . 34.44 -13.63 14.99
C16 CDL TB . 33.10 -14.23 15.37
C17 CDL TB . 32.02 -13.21 15.67
C18 CDL TB . 31.45 -13.27 17.09
C19 CDL TB . 31.75 -12.05 17.96
C20 CDL TB . 32.91 -12.23 18.93
C21 CDL TB . 33.09 -11.09 19.91
C22 CDL TB . 31.90 -10.81 20.81
C23 CDL TB . 31.32 -12.04 21.50
C24 CDL TB . 30.27 -11.72 22.54
C25 CDL TB . 29.21 -12.81 22.73
C26 CDL TB . 29.29 -13.56 24.06
C27 CDL TB . 28.73 -12.80 25.23
CA6 CDL TB . 39.26 -16.40 12.25
OA8 CDL TB . 38.73 -16.35 13.59
CA7 CDL TB . 38.54 -17.50 14.25
OA9 CDL TB . 39.01 -18.56 13.88
C31 CDL TB . 37.74 -17.31 15.51
C32 CDL TB . 36.40 -17.99 15.50
C33 CDL TB . 35.59 -17.75 16.78
C34 CDL TB . 34.09 -17.71 16.58
C35 CDL TB . 33.31 -17.27 17.80
C36 CDL TB . 31.80 -17.26 17.64
C37 CDL TB . 31.02 -16.60 18.78
C38 CDL TB . 30.33 -17.57 19.72
C39 CDL TB . 30.12 -17.07 21.15
C40 CDL TB . 31.35 -17.12 22.05
C41 CDL TB . 31.79 -18.52 22.49
C42 CDL TB . 33.23 -18.61 23.00
C43 CDL TB . 34.31 -18.35 21.95
C44 CDL TB . 35.14 -17.08 22.17
C45 CDL TB . 35.88 -16.57 20.94
C46 CDL TB . 36.39 -15.15 21.02
C47 CDL TB . 35.32 -14.09 20.93
CB2 CDL TB . 36.36 -16.63 6.09
OB2 CDL TB . 37.58 -15.92 5.66
PB2 CDL TB . 37.59 -14.30 5.57
OB3 CDL TB . 37.20 -13.87 4.18
OB4 CDL TB . 38.85 -13.75 6.17
OB5 CDL TB . 36.43 -13.90 6.61
CB3 CDL TB . 35.11 -13.67 6.10
CB4 CDL TB . 34.11 -13.74 7.22
OB6 CDL TB . 33.44 -15.03 7.16
CB5 CDL TB . 33.42 -15.79 8.26
OB7 CDL TB . 34.40 -16.28 8.76
C51 CDL TB . 32.03 -15.92 8.82
C52 CDL TB . 31.39 -14.60 9.05
C53 CDL TB . 30.40 -14.59 10.19
C54 CDL TB . 29.02 -14.98 9.79
C55 CDL TB . 28.25 -15.65 10.89
C56 CDL TB . 27.80 -14.75 11.99
C57 CDL TB . 26.33 -14.86 12.25
C58 CDL TB . 25.79 -13.84 13.21
C59 CDL TB . 25.30 -14.43 14.50
C60 CDL TB . 26.39 -14.88 15.43
C61 CDL TB . 26.01 -14.84 16.89
C62 CDL TB . 26.99 -14.12 17.79
C63 CDL TB . 27.14 -12.63 17.54
C64 CDL TB . 25.84 -11.85 17.35
C65 CDL TB . 24.82 -12.01 18.44
C66 CDL TB . 25.15 -11.33 19.75
C67 CDL TB . 24.51 -12.00 20.95
CB6 CDL TB . 33.14 -12.58 7.19
OB8 CDL TB . 33.47 -11.69 8.27
CB7 CDL TB . 32.46 -11.25 9.02
OB9 CDL TB . 31.31 -11.46 8.77
C71 CDL TB . 32.94 -10.48 10.22
C72 CDL TB . 32.41 -11.02 11.52
C73 CDL TB . 31.04 -10.48 11.89
C74 CDL TB . 30.55 -10.97 13.23
C75 CDL TB . 29.15 -10.53 13.61
C76 CDL TB . 29.09 -9.29 14.47
C77 CDL TB . 28.11 -9.36 15.62
C78 CDL TB . 27.94 -8.05 16.36
C79 CDL TB . 26.60 -7.88 17.04
C80 CDL TB . 26.33 -6.45 17.48
C81 CDL TB . 24.99 -6.25 18.16
C82 CDL TB . 24.10 -5.18 17.53
C83 CDL TB . 24.46 -3.76 17.89
C84 CDL TB . 23.42 -3.04 18.74
C85 CDL TB . 23.45 -3.39 20.22
C86 CDL TB . 23.12 -2.27 21.19
C87 CDL TB . 22.72 -2.74 22.57
C1 CHD UB . 34.91 5.19 9.80
C2 CHD UB . 34.13 6.21 10.63
C3 CHD UB . 33.62 7.31 9.75
O3 CHD UB . 34.70 7.92 9.00
C4 CHD UB . 32.61 6.73 8.82
C5 CHD UB . 33.10 5.56 7.95
C6 CHD UB . 33.49 6.08 6.56
C7 CHD UB . 33.65 4.90 5.59
O7 CHD UB . 33.98 5.41 4.28
C8 CHD UB . 34.69 3.90 6.10
C9 CHD UB . 35.28 4.29 7.48
C10 CHD UB . 34.19 4.60 8.57
C11 CHD UB . 36.34 3.27 7.93
C12 CHD UB . 37.46 2.99 6.90
O12 CHD UB . 38.32 4.14 6.81
C13 CHD UB . 36.88 2.61 5.52
C14 CHD UB . 35.84 3.69 5.12
C15 CHD UB . 35.52 3.37 3.67
C16 CHD UB . 36.86 2.88 3.10
C17 CHD UB . 37.82 2.65 4.29
C18 CHD UB . 36.25 1.20 5.65
C19 CHD UB . 33.50 3.30 9.02
C20 CHD UB . 38.81 1.50 4.01
C21 CHD UB . 39.54 1.00 5.25
C22 CHD UB . 39.80 1.93 2.91
C23 CHD UB . 39.37 1.57 1.50
O25 CHD UB . 40.21 -0.62 1.91
C24 CHD UB . 39.84 0.21 1.04
O26 CHD UB . 39.83 -0.02 -0.17
C1 DMU VB . 1.11 -59.25 32.17
C2 DMU VB . 1.34 -60.10 33.42
C3 DMU VB . 0.01 -60.59 34.00
C4 DMU VB . -0.62 -61.38 32.86
O5 DMU VB . -1.11 -60.45 31.90
C6 DMU VB . -0.18 -59.50 31.34
O7 DMU VB . 0.22 -61.45 35.13
O16 DMU VB . 0.24 -59.79 29.98
C18 DMU VB . -0.52 -60.73 29.20
C19 DMU VB . -1.14 -60.04 27.98
C22 DMU VB . -2.56 -59.61 28.37
C25 DMU VB . -3.24 -58.77 27.30
C28 DMU VB . -3.50 -57.36 27.83
C31 DMU VB . -4.75 -56.70 27.24
C34 DMU VB . -4.46 -55.60 26.21
C37 DMU VB . -4.63 -54.20 26.80
C40 DMU VB . -3.87 -53.17 25.97
C43 DMU VB . -4.66 -51.88 25.85
O49 DMU VB . 2.25 -59.43 31.32
O55 DMU VB . 2.09 -59.33 34.37
C57 DMU VB . -1.70 -62.36 33.33
O61 DMU VB . -2.66 -61.67 34.14
C5 DMU VB . 1.59 -60.96 37.09
C7 DMU VB . 2.03 -62.43 37.25
C8 DMU VB . 0.95 -63.32 37.90
C9 DMU VB . -0.48 -63.02 37.42
O1 DMU VB . -0.75 -61.62 37.26
C10 DMU VB . 0.19 -60.89 36.45
O2 DMU VB . 1.20 -64.69 37.59
O3 DMU VB . 1.58 -60.24 38.34
O4 DMU VB . 3.27 -62.49 37.99
C11 DMU VB . -1.47 -63.58 38.44
O6 DMU VB . -2.79 -63.52 37.89
P PSC WB . -15.80 -42.54 -29.09
N PSC WB . -15.49 -43.47 -32.98
C01 PSC WB . -15.26 -39.70 -25.72
C02 PSC WB . -16.32 -40.77 -25.60
C03 PSC WB . -16.73 -41.33 -26.94
C04 PSC WB . -14.23 -43.87 -30.75
C05 PSC WB . -14.36 -43.08 -32.03
C06 PSC WB . -16.79 -42.99 -32.45
C07 PSC WB . -15.55 -44.94 -33.17
C08 PSC WB . -15.25 -42.83 -34.30
O01 PSC WB . -17.48 -40.21 -24.93
O02 PSC WB . -17.90 -42.15 -23.93
O03 PSC WB . -14.13 -40.08 -24.92
O04 PSC WB . -13.15 -38.17 -24.34
O11 PSC WB . -15.60 -41.94 -27.61
O12 PSC WB . -14.34 -43.00 -29.59
O13 PSC WB . -16.23 -41.38 -29.94
O14 PSC WB . -16.66 -43.76 -28.98
C1 PSC WB . -18.24 -41.02 -24.16
C2 PSC WB . -19.47 -40.37 -23.59
C3 PSC WB . -20.30 -39.57 -24.57
C4 PSC WB . -21.21 -38.56 -23.90
C5 PSC WB . -22.31 -39.16 -23.05
C6 PSC WB . -22.71 -38.35 -21.83
C7 PSC WB . -23.13 -39.17 -20.61
C8 PSC WB . -22.17 -39.11 -19.44
C9 PSC WB . -22.85 -39.16 -18.10
C10 PSC WB . -22.47 -38.54 -16.99
C11 PSC WB . -23.15 -38.66 -15.66
C12 PSC WB . -22.65 -37.81 -14.54
C13 PSC WB . -22.93 -38.00 -13.25
C14 PSC WB . -22.64 -37.05 -12.12
C15 PSC WB . -23.39 -37.35 -10.84
C16 PSC WB . -22.91 -36.57 -9.61
C17 PSC WB . -24.00 -35.79 -8.89
C18 PSC WB . -23.51 -34.89 -7.78
C19 PSC WB . -13.70 -39.19 -24.03
C20 PSC WB . -13.95 -39.65 -22.60
C21 PSC WB . -15.30 -40.26 -22.32
C22 PSC WB . -16.41 -39.25 -22.10
C23 PSC WB . -16.31 -38.48 -20.80
C24 PSC WB . -17.26 -38.94 -19.72
C25 PSC WB . -16.81 -40.19 -18.98
C26 PSC WB . -16.71 -40.03 -17.48
C27 PSC WB . -18.04 -39.98 -16.78
C28 PSC WB . -17.93 -39.96 -15.28
C29 PSC WB . -17.55 -41.27 -14.67
C30 PSC WB . -18.52 -41.80 -13.66
C31 PSC WB . -18.40 -41.15 -12.32
C32 PSC WB . -19.68 -40.56 -11.79
C33 PSC WB . -19.52 -39.84 -10.48
C34 PSC WB . -20.78 -39.12 -10.05
ZN ZN XB . 6.12 -38.32 -26.83
P PEK YB . 31.84 15.21 -2.15
N PEK YB . 33.56 10.99 -1.95
C01 PEK YB . 28.84 15.42 1.82
C02 PEK YB . 30.28 15.52 1.38
C03 PEK YB . 30.41 16.04 -0.05
C04 PEK YB . 33.26 13.16 -3.14
C05 PEK YB . 34.22 12.10 -2.66
O01 PEK YB . 30.88 14.21 1.48
O02 PEK YB . 32.45 14.60 3.05
O03 PEK YB . 28.78 15.31 3.27
O04 PEK YB . 28.21 17.40 3.80
O11 PEK YB . 31.71 15.71 -0.62
O12 PEK YB . 32.56 13.76 -2.01
O13 PEK YB . 30.46 15.01 -2.71
O14 PEK YB . 32.80 16.10 -2.88
C1 PEK YB . 31.60 13.88 2.58
C2 PEK YB . 31.24 12.52 3.13
C3 PEK YB . 31.03 12.51 4.63
C4 PEK YB . 30.53 11.17 5.15
C5 PEK YB . 31.26 10.68 6.36
C6 PEK YB . 30.71 10.30 7.49
C7 PEK YB . 29.25 10.10 7.74
C8 PEK YB . 28.45 11.36 8.00
C9 PEK YB . 27.48 11.49 8.90
C10 PEK YB . 27.15 10.50 10.00
C11 PEK YB . 25.80 10.62 10.64
C12 PEK YB . 25.18 9.66 11.31
C13 PEK YB . 23.86 9.78 12.02
C14 PEK YB . 23.97 9.86 13.53
C15 PEK YB . 23.03 10.32 14.35
C16 PEK YB . 23.27 10.81 15.75
C17 PEK YB . 22.73 12.22 15.98
C18 PEK YB . 23.69 13.15 16.73
C19 PEK YB . 23.04 14.18 17.61
C20 PEK YB . 22.89 13.73 19.04
C21 PEK YB . 28.05 16.21 3.91
C22 PEK YB . 27.01 15.55 4.79
C23 PEK YB . 26.55 16.41 5.94
C24 PEK YB . 25.49 15.74 6.81
C25 PEK YB . 24.06 16.22 6.57
C26 PEK YB . 23.30 16.64 7.83
C27 PEK YB . 23.34 18.15 8.15
C28 PEK YB . 21.98 18.81 8.37
C29 PEK YB . 22.04 20.33 8.55
C30 PEK YB . 20.76 20.99 9.08
C31 PEK YB . 20.09 21.99 8.15
C32 PEK YB . 18.64 21.67 7.79
C33 PEK YB . 18.22 22.12 6.40
C34 PEK YB . 16.74 22.01 6.10
C35 PEK YB . 16.40 21.66 4.67
C36 PEK YB . 14.94 21.32 4.43
C37 PEK YB . 14.55 19.85 4.56
C38 PEK YB . 14.44 19.12 3.24
C1 DMU ZB . 20.76 -10.49 32.65
C2 DMU ZB . 20.84 -10.99 34.09
C3 DMU ZB . 19.70 -10.57 35.00
C4 DMU ZB . 18.59 -11.37 34.31
O5 DMU ZB . 18.34 -10.83 32.99
C6 DMU ZB . 19.40 -10.91 32.01
O7 DMU ZB . 19.98 -10.92 36.37
O16 DMU ZB . 19.41 -12.21 31.34
C18 DMU ZB . 18.21 -12.54 30.58
C19 DMU ZB . 18.48 -13.51 29.41
C22 DMU ZB . 17.26 -13.70 28.49
C25 DMU ZB . 17.49 -14.62 27.27
C28 DMU ZB . 16.76 -14.16 25.98
C31 DMU ZB . 16.55 -15.28 24.96
C34 DMU ZB . 16.44 -14.79 23.51
C37 DMU ZB . 15.11 -15.19 22.85
C40 DMU ZB . 15.20 -15.20 21.34
C43 DMU ZB . 13.89 -15.63 20.68
O49 DMU ZB . 21.91 -10.92 31.90
O55 DMU ZB . 21.93 -11.82 34.59
C57 DMU ZB . 17.28 -11.44 35.10
O61 DMU ZB . 17.49 -12.29 36.23
C5 DMU ZB . 19.78 -8.99 37.88
C7 DMU ZB . 19.30 -8.53 39.27
C8 DMU ZB . 19.21 -9.69 40.29
C9 DMU ZB . 19.80 -10.99 39.73
O1 DMU ZB . 19.12 -11.31 38.52
C10 DMU ZB . 19.19 -10.34 37.44
O2 DMU ZB . 19.87 -9.33 41.52
O3 DMU ZB . 19.38 -8.02 36.90
O4 DMU ZB . 18.05 -7.83 39.16
C11 DMU ZB . 19.72 -12.15 40.75
O6 DMU ZB . 20.51 -13.28 40.33
P PEK AC . 9.98 2.83 -18.46
N PEK AC . 12.94 4.88 -15.00
C01 PEK AC . 8.42 1.14 -15.33
C02 PEK AC . 7.51 0.72 -16.46
C03 PEK AC . 7.98 1.17 -17.83
C04 PEK AC . 12.12 3.63 -17.01
C05 PEK AC . 12.55 4.95 -16.42
O01 PEK AC . 6.17 1.26 -16.26
O02 PEK AC . 5.09 -0.58 -15.66
O03 PEK AC . 7.85 2.27 -14.62
O04 PEK AC . 7.99 4.02 -16.00
O11 PEK AC . 9.42 1.44 -17.85
O12 PEK AC . 10.65 3.57 -17.19
O13 PEK AC . 11.05 2.47 -19.46
O14 PEK AC . 8.84 3.70 -18.89
C1 PEK AC . 5.29 0.59 -15.49
C2 PEK AC . 4.60 1.45 -14.42
C3 PEK AC . 3.20 1.93 -14.79
C4 PEK AC . 2.52 2.76 -13.68
C5 PEK AC . 1.08 2.38 -13.44
C6 PEK AC . 0.24 2.95 -12.57
C7 PEK AC . -1.18 2.49 -12.30
C8 PEK AC . -1.58 2.48 -10.84
C9 PEK AC . -2.27 3.42 -10.20
C10 PEK AC . -2.61 3.39 -8.73
C11 PEK AC . -3.10 4.67 -8.09
C12 PEK AC . -3.39 4.83 -6.79
C13 PEK AC . -3.95 6.08 -6.13
C14 PEK AC . -5.47 6.12 -5.99
C15 PEK AC . -6.17 6.75 -5.05
C16 PEK AC . -5.64 7.49 -3.85
C17 PEK AC . -6.56 8.54 -3.35
C18 PEK AC . -6.82 8.49 -1.84
C19 PEK AC . -5.99 9.44 -0.98
C20 PEK AC . -6.70 9.95 0.26
C21 PEK AC . 8.27 3.49 -14.97
C22 PEK AC . 9.12 4.12 -13.88
C23 PEK AC . 9.57 5.52 -14.19
C24 PEK AC . 8.45 6.55 -14.12
C25 PEK AC . 8.91 7.97 -13.89
C26 PEK AC . 7.79 8.99 -13.85
C27 PEK AC . 7.65 9.73 -12.54
C28 PEK AC . 8.37 11.06 -12.49
C29 PEK AC . 7.81 12.03 -11.48
C30 PEK AC . 8.55 13.34 -11.39
C31 PEK AC . 9.95 13.24 -10.81
C32 PEK AC . 10.01 12.88 -9.34
C33 PEK AC . 11.34 12.31 -8.89
C34 PEK AC . 11.28 11.49 -7.61
C35 PEK AC . 12.62 11.29 -6.94
C36 PEK AC . 13.09 12.49 -6.14
C37 PEK AC . 12.98 12.38 -4.64
C38 PEK AC . 11.61 12.67 -4.09
C1 CDL BC . 3.70 20.17 19.57
O1 CDL BC . 4.39 18.93 19.71
CA2 CDL BC . 2.64 20.24 20.64
OA2 CDL BC . 3.27 20.61 21.90
PA1 CDL BC . 2.43 20.54 23.26
OA3 CDL BC . 0.98 20.45 22.89
OA4 CDL BC . 3.04 19.46 24.12
OA5 CDL BC . 2.73 21.95 23.99
CA3 CDL BC . 4.05 22.23 24.57
CA4 CDL BC . 4.61 23.49 23.94
OA6 CDL BC . 5.62 23.12 22.94
CA5 CDL BC . 5.75 23.91 21.85
OA7 CDL BC . 6.06 25.07 21.94
C11 CDL BC . 5.47 23.22 20.54
C12 CDL BC . 6.25 23.78 19.36
C13 CDL BC . 6.87 22.70 18.49
C14 CDL BC . 7.26 23.15 17.10
C15 CDL BC . 7.84 22.05 16.22
C16 CDL BC . 9.20 22.36 15.62
C17 CDL BC . 9.67 21.40 14.55
C18 CDL BC . 8.78 21.33 13.33
C19 CDL BC . 9.50 21.27 11.99
C20 CDL BC . 9.24 20.01 11.19
C21 CDL BC . 8.65 20.22 9.80
C22 CDL BC . 9.50 19.68 8.66
C23 CDL BC . 9.00 18.41 8.03
C24 CDL BC . 9.94 17.78 7.01
C25 CDL BC . 11.39 18.25 7.09
C26 CDL BC . 12.35 17.57 6.16
C27 CDL BC . 11.98 17.66 4.70
CA6 CDL BC . 5.24 24.44 24.94
OA8 CDL BC . 5.11 25.78 24.41
CA7 CDL BC . 5.97 26.70 24.86
OA9 CDL BC . 5.84 27.23 25.92
C31 CDL BC . 7.06 27.00 23.87
C32 CDL BC . 8.11 25.91 23.71
C33 CDL BC . 9.02 26.14 22.50
C34 CDL BC . 9.34 24.91 21.66
C35 CDL BC . 10.45 25.16 20.64
C36 CDL BC . 10.22 24.62 19.22
C37 CDL BC . 10.53 25.60 18.09
C38 CDL BC . 11.51 25.12 17.02
C39 CDL BC . 11.18 25.55 15.59
C40 CDL BC . 12.36 26.13 14.79
C41 CDL BC . 12.33 25.82 13.30
C42 CDL BC . 13.69 25.93 12.60
C43 CDL BC . 14.69 24.83 12.97
C44 CDL BC . 15.94 24.78 12.10
C45 CDL BC . 17.04 23.84 12.62
C46 CDL BC . 17.95 23.22 11.56
C47 CDL BC . 19.11 22.39 12.11
CB2 CDL BC . 3.13 20.32 18.17
OB2 CDL BC . 4.17 20.54 17.17
PB2 CDL BC . 5.08 19.30 16.70
OB3 CDL BC . 4.17 18.13 16.45
OB4 CDL BC . 6.20 19.17 17.70
OB5 CDL BC . 5.73 19.70 15.29
CB3 CDL BC . 5.12 19.26 14.04
CB4 CDL BC . 5.58 17.89 13.55
OB6 CDL BC . 6.94 18.01 13.02
CB5 CDL BC . 7.98 17.70 13.80
OB7 CDL BC . 7.90 17.73 15.00
C51 CDL BC . 9.28 17.32 13.10
C52 CDL BC . 9.11 16.71 11.72
C53 CDL BC . 10.36 16.82 10.87
C54 CDL BC . 10.57 15.75 9.81
C55 CDL BC . 9.32 15.00 9.37
C56 CDL BC . 9.58 13.93 8.35
C57 CDL BC . 10.15 12.67 8.93
C58 CDL BC . 9.24 11.47 8.82
C59 CDL BC . 7.90 11.61 9.51
C60 CDL BC . 6.73 11.07 8.70
C61 CDL BC . 5.64 10.39 9.50
C62 CDL BC . 4.46 9.91 8.66
C63 CDL BC . 4.45 8.43 8.30
C64 CDL BC . 3.25 7.65 8.83
C65 CDL BC . 2.16 7.39 7.80
C66 CDL BC . 2.51 6.40 6.71
C67 CDL BC . 1.40 5.47 6.26
CB6 CDL BC . 4.66 17.30 12.50
OB8 CDL BC . 5.41 16.83 11.36
CB7 CDL BC . 4.76 16.08 10.47
OB9 CDL BC . 4.66 14.88 10.57
C71 CDL BC . 4.15 16.92 9.36
C72 CDL BC . 4.02 16.20 8.03
C73 CDL BC . 5.32 16.18 7.24
C74 CDL BC . 5.29 15.37 5.95
C75 CDL BC . 6.31 14.25 5.86
C76 CDL BC . 7.67 14.63 5.29
C77 CDL BC . 8.41 13.52 4.53
C78 CDL BC . 9.70 13.05 5.20
C79 CDL BC . 10.50 12.04 4.41
C80 CDL BC . 11.12 10.95 5.26
C81 CDL BC . 12.46 10.42 4.77
C82 CDL BC . 12.53 10.08 3.29
C83 CDL BC . 11.38 9.24 2.75
C84 CDL BC . 11.65 8.61 1.40
C85 CDL BC . 11.93 9.60 0.26
C86 CDL BC . 12.48 8.98 -1.01
C87 CDL BC . 11.80 9.44 -2.28
P PGV CC . -16.20 -6.38 17.93
C01 PGV CC . -12.97 -6.73 15.68
C02 PGV CC . -13.41 -5.42 16.30
C03 PGV CC . -13.67 -5.58 17.79
C04 PGV CC . -18.05 -6.14 19.83
C05 PGV CC . -19.28 -7.02 19.99
C06 PGV CC . -20.57 -6.32 19.63
O01 PGV CC . -14.58 -4.91 15.57
O02 PGV CC . -15.32 -3.00 16.49
O03 PGV CC . -11.94 -6.44 14.70
O04 PGV CC . -10.28 -6.83 16.12
O05 PGV CC . -19.36 -7.48 21.34
O06 PGV CC . -21.70 -7.16 19.88
O11 PGV CC . -14.63 -6.64 18.10
O12 PGV CC . -16.92 -6.89 19.28
O13 PGV CC . -16.46 -4.91 17.93
O14 PGV CC . -16.67 -7.23 16.76
C1 PGV CC . -14.85 -3.58 15.54
C2 PGV CC . -14.58 -2.81 14.27
C3 PGV CC . -15.74 -2.74 13.31
C4 PGV CC . -15.49 -3.46 11.98
C5 PGV CC . -14.15 -3.16 11.35
C6 PGV CC . -13.07 -4.17 11.66
C7 PGV CC . -11.65 -3.66 11.54
C8 PGV CC . -10.67 -4.64 10.93
C9 PGV CC . -10.97 -5.00 9.47
C10 PGV CC . -10.75 -6.45 9.09
C11 PGV CC . -11.59 -6.90 7.93
C12 PGV CC . -11.30 -7.86 7.07
C13 PGV CC . -11.99 -8.10 5.76
C14 PGV CC . -11.07 -8.55 4.66
C15 PGV CC . -9.93 -7.58 4.33
C16 PGV CC . -8.55 -8.02 4.81
C17 PGV CC . -7.47 -6.94 4.76
C18 PGV CC . -6.24 -7.24 5.60
C19 PGV CC . -10.69 -6.75 15.00
C20 PGV CC . -9.85 -6.92 13.76
C21 PGV CC . -8.74 -7.94 13.88
C22 PGV CC . -8.22 -8.40 12.52
C23 PGV CC . -8.69 -9.79 12.08
C24 PGV CC . -8.82 -9.98 10.58
C25 PGV CC . -8.18 -11.23 10.01
C26 PGV CC . -7.15 -10.99 8.93
C27 PGV CC . -5.69 -11.20 9.34
C28 PGV CC . -4.80 -11.86 8.30
C29 PGV CC . -4.26 -10.93 7.20
C30 PGV CC . -2.81 -11.16 6.77
C31 PGV CC . -2.31 -10.23 5.66
C32 PGV CC . -1.10 -9.36 6.01
C33 PGV CC . -1.13 -7.94 5.46
C34 PGV CC . 0.10 -7.55 4.66
C1A SAC DC . -29.35 -73.91 -38.04
C2A SAC DC . -30.80 -73.69 -38.27
OAC SAC DC . -28.94 -74.54 -37.05
N SAC DC . -28.51 -73.41 -38.95
CA SAC DC . -27.05 -73.51 -38.88
C SAC DC . -26.39 -72.55 -39.89
O SAC DC . -25.41 -71.86 -39.52
CB SAC DC . -26.57 -74.94 -39.14
OG SAC DC . -25.15 -75.01 -39.16
CA1 TGL EC . 17.50 -48.96 15.51
CA2 TGL EC . 16.04 -49.23 15.72
CA3 TGL EC . 15.24 -49.16 14.46
CA4 TGL EC . 14.36 -50.38 14.26
CA5 TGL EC . 13.82 -50.50 12.86
CA6 TGL EC . 12.33 -50.65 12.76
CA7 TGL EC . 11.84 -50.97 11.38
CA8 TGL EC . 10.61 -50.24 10.95
CA9 TGL EC . 10.45 -50.08 9.46
OA1 TGL EC . 18.34 -49.82 15.38
CB1 TGL EC . 19.13 -43.86 14.74
CB2 TGL EC . 18.03 -43.03 15.34
CB3 TGL EC . 16.70 -43.12 14.64
CB4 TGL EC . 15.88 -41.85 14.75
CB5 TGL EC . 14.38 -42.05 14.78
CB6 TGL EC . 13.88 -42.76 16.02
CB7 TGL EC . 12.67 -42.13 16.66
CB8 TGL EC . 12.91 -41.62 18.06
CB9 TGL EC . 11.69 -40.97 18.69
C10 TGL EC . 11.85 -40.70 20.18
C11 TGL EC . 11.70 -39.25 20.58
C12 TGL EC . 12.49 -38.86 21.82
C13 TGL EC . 12.05 -39.54 23.11
C14 TGL EC . 13.15 -40.33 23.81
OB1 TGL EC . 19.87 -43.42 13.89
OG1 TGL EC . 17.78 -47.65 15.51
CG1 TGL EC . 18.25 -47.07 14.27
CG2 TGL EC . 19.53 -46.29 14.53
OG2 TGL EC . 19.23 -45.09 15.33
CG3 TGL EC . 20.60 -47.11 15.25
OG3 TGL EC . 20.58 -48.48 14.78
CC1 TGL EC . 21.74 -49.09 14.48
CC2 TGL EC . 21.54 -50.57 14.20
CC3 TGL EC . 22.56 -51.17 13.25
CC4 TGL EC . 23.97 -51.27 13.83
CC5 TGL EC . 24.29 -52.57 14.56
CC6 TGL EC . 23.44 -52.87 15.79
CC7 TGL EC . 23.53 -51.86 16.93
CC8 TGL EC . 22.44 -52.00 18.00
CC9 TGL EC . 22.07 -50.70 18.71
C15 TGL EC . 20.83 -50.78 19.61
C16 TGL EC . 19.67 -49.90 19.15
C17 TGL EC . 18.51 -49.79 20.14
C18 TGL EC . 17.13 -49.96 19.53
C19 TGL EC . 16.03 -49.21 20.23
OC1 TGL EC . 22.80 -48.51 14.47
C20 TGL EC . 9.20 -49.37 9.05
C21 TGL EC . 9.21 -47.89 9.34
C22 TGL EC . 9.41 -47.01 8.12
C23 TGL EC . 10.69 -47.27 7.37
C24 TGL EC . 10.53 -48.21 6.21
C25 TGL EC . 10.62 -47.55 4.88
C26 TGL EC . 11.55 -48.24 3.95
C27 TGL EC . 12.99 -48.00 4.29
C28 TGL EC . 13.54 -46.78 3.62
C29 TGL EC . 12.65 -41.42 24.76
C30 TGL EC . 13.64 -42.56 25.02
C31 TGL EC . 13.23 -43.94 24.56
C32 TGL EC . 12.50 -44.75 25.61
C33 TGL EC . 15.87 -47.79 19.77
C34 TGL EC . 14.78 -47.02 20.49
C35 TGL EC . 14.66 -45.56 20.09
C36 TGL EC . 13.90 -44.73 21.10
P PGV FC . 4.62 -66.41 -3.55
C01 PGV FC . 2.97 -68.24 0.46
C02 PGV FC . 2.59 -67.59 -0.86
C03 PGV FC . 3.36 -66.31 -1.18
C04 PGV FC . 6.56 -65.56 -5.16
C05 PGV FC . 7.95 -64.94 -5.18
C06 PGV FC . 8.56 -64.70 -3.81
O01 PGV FC . 1.16 -67.33 -0.88
O02 PGV FC . 0.24 -65.35 -1.37
O03 PGV FC . 4.18 -69.04 0.32
O04 PGV FC . 4.57 -71.25 0.03
O05 PGV FC . 7.89 -63.70 -5.87
O06 PGV FC . 9.40 -65.79 -3.40
O11 PGV FC . 4.57 -66.64 -1.95
O12 PGV FC . 6.17 -66.05 -3.84
O13 PGV FC . 3.79 -65.21 -3.88
O14 PGV FC . 4.37 -67.72 -4.23
C1 PGV FC . 0.69 -66.10 -0.55
C2 PGV FC . 0.74 -65.80 0.91
C3 PGV FC . -0.03 -66.77 1.75
C4 PGV FC . 0.03 -66.46 3.23
C5 PGV FC . -1.16 -65.69 3.76
C6 PGV FC . -1.36 -65.80 5.26
C7 PGV FC . -2.62 -66.55 5.67
C8 PGV FC . -2.56 -67.24 7.01
C9 PGV FC . -3.77 -67.07 7.91
C10 PGV FC . -3.49 -67.33 9.36
C11 PGV FC . -4.74 -67.49 10.18
C12 PGV FC . -4.98 -68.38 11.13
C13 PGV FC . -4.07 -69.47 11.65
C14 PGV FC . -4.74 -70.46 12.58
C15 PGV FC . -3.83 -71.01 13.68
C16 PGV FC . -4.44 -72.08 14.56
C17 PGV FC . -3.93 -72.12 15.99
C18 PGV FC . -3.73 -73.51 16.56
C19 PGV FC . 4.21 -70.32 0.73
C20 PGV FC . 3.79 -70.51 2.16
C21 PGV FC . 4.60 -69.71 3.14
C22 PGV FC . 3.74 -68.78 4.00
C23 PGV FC . 2.67 -69.48 4.83
C24 PGV FC . 2.05 -68.63 5.93
C25 PGV FC . 1.57 -69.39 7.16
C26 PGV FC . 0.95 -68.52 8.22
C27 PGV FC . 1.34 -68.82 9.65
C28 PGV FC . 0.34 -68.30 10.68
C29 PGV FC . 0.66 -68.65 12.12
C30 PGV FC . -0.50 -68.46 13.10
C31 PGV FC . -0.06 -68.44 14.57
C32 PGV FC . -1.16 -68.10 15.58
C33 PGV FC . -0.65 -67.67 16.95
C34 PGV FC . 0.19 -68.71 17.66
#